data_9AZQ
#
_entry.id   9AZQ
#
_cell.length_a   1.00
_cell.length_b   1.00
_cell.length_c   1.00
_cell.angle_alpha   90.00
_cell.angle_beta   90.00
_cell.angle_gamma   90.00
#
_symmetry.space_group_name_H-M   'P 1'
#
loop_
_entity.id
_entity.type
_entity.pdbx_description
1 polymer 'Actin, alpha skeletal muscle'
2 polymer 'Inverted formin-2'
3 polymer 'Inverted formin-2'
4 non-polymer "ADENOSINE-5'-DIPHOSPHATE"
5 non-polymer 'MAGNESIUM ION'
#
loop_
_entity_poly.entity_id
_entity_poly.type
_entity_poly.pdbx_seq_one_letter_code
_entity_poly.pdbx_strand_id
1 'polypeptide(L)'
;TTALVCDNGSGLVKAGFAGDDAPRAVFPSIVGRPRHQGVMVGMGQKDSYVGDEAQSKRGILTLKYPIE(HIC)GIITNWD
DMEKIWHHTFYNELRVAPEEHPTLLTEAPLNPKANREKMTQIMFETFNVPAMYVAIQAVLSLYASGRTTGIVLDSGDGVT
HNVPIYEGYALPHAIMRLDLAGRDLTDYLMKILTERGYSFVTTAEREIVRDIKEKLCYVALDFENEMATAASSSSLEKSY
ELPDGQVITIGNERFRCPETLFQPSFIGMESAGIHETTYNSIMKCDIDIRKDLYANNVMSGGTTMYPGIADRMQKEITAL
APSTMKIKIIAPPERKYSVWIGGSILASLSTFQQMWITKQEYDEAGPSIVHRKCF
;
A,B,C,D,E,F,I
2 'polypeptide(L)' VPSHRRVNPPTLRMKKLNWQKLPSNVAREHNSMWASLSSPDAEAVEPDFSSIERLFSFPA G
3 'polypeptide(L)'
;KEPKEITFLDAKKSLNLNIFLKQFKCSNEEVAAMIRAGDTTKFDVEVLKQLLKLLPEKHEIENLRAFTEERAKLASADHF
YLLLLAIPCYQLRIECMLLCEGAAAVLDMVRPKAQLVLAACESLLTSRQLPIFCQLILRIGNFLNYGSHTGDADGFKIST
LLKLTETKSQQNRVTLLHHVLEEAEKSHPDLLQLPRDLEQPSQAAGINLEIIRSEASSNLKKLLETERKVSASVAEVQEQ
YTERLQASISAFRALDELFEAIEQKQRELADYLCEDAQQLSLEDTFSTMKAFRDLFLRALKENKDRKEQAAKAERRKQQL
AEE
;
H
#
# COMPACT_ATOMS: atom_id res chain seq x y z
N THR A 1 41.45 72.73 44.44
CA THR A 1 41.47 72.62 45.88
C THR A 1 42.08 71.29 46.31
N THR A 2 43.17 71.37 47.07
CA THR A 2 43.91 70.17 47.47
C THR A 2 43.17 69.46 48.59
N ALA A 3 43.00 68.14 48.44
CA ALA A 3 42.38 67.32 49.46
C ALA A 3 43.38 67.01 50.58
N LEU A 4 42.87 66.41 51.64
CA LEU A 4 43.67 66.11 52.82
C LEU A 4 43.60 64.62 53.12
N VAL A 5 44.75 64.02 53.43
CA VAL A 5 44.85 62.61 53.80
C VAL A 5 45.31 62.55 55.24
N CYS A 6 44.51 61.95 56.11
CA CYS A 6 44.78 61.89 57.55
C CYS A 6 44.56 60.47 58.04
N ASP A 7 45.62 59.67 58.04
CA ASP A 7 45.59 58.35 58.65
C ASP A 7 45.62 58.53 60.16
N ASN A 8 44.45 58.37 60.78
CA ASN A 8 44.33 58.47 62.23
C ASN A 8 44.49 57.08 62.84
N GLY A 9 45.74 56.61 62.83
CA GLY A 9 46.06 55.32 63.38
C GLY A 9 46.03 55.32 64.89
N SER A 10 46.05 54.10 65.44
CA SER A 10 45.90 53.89 66.88
C SER A 10 47.12 54.38 67.65
N GLY A 11 48.30 54.02 67.17
CA GLY A 11 49.53 54.59 67.68
C GLY A 11 49.89 55.93 67.06
N LEU A 12 50.11 55.99 65.75
CA LEU A 12 50.68 57.18 65.14
C LEU A 12 49.74 57.79 64.10
N VAL A 13 49.40 59.05 64.31
CA VAL A 13 48.65 59.83 63.34
C VAL A 13 49.61 60.38 62.29
N LYS A 14 49.30 60.10 61.02
CA LYS A 14 50.08 60.57 59.89
C LYS A 14 49.16 61.36 58.97
N ALA A 15 49.41 62.65 58.82
CA ALA A 15 48.50 63.52 58.08
C ALA A 15 49.27 64.41 57.10
N GLY A 16 48.53 64.93 56.13
CA GLY A 16 49.09 65.89 55.21
C GLY A 16 48.19 66.08 54.00
N PHE A 17 48.80 66.64 52.95
CA PHE A 17 48.09 67.05 51.75
C PHE A 17 48.06 65.93 50.72
N ALA A 18 47.13 66.06 49.77
CA ALA A 18 47.07 65.12 48.67
C ALA A 18 48.16 65.42 47.65
N GLY A 19 48.63 64.36 46.97
CA GLY A 19 49.62 64.49 45.94
C GLY A 19 51.06 64.41 46.40
N ASP A 20 51.32 64.38 47.69
CA ASP A 20 52.67 64.34 48.21
C ASP A 20 53.10 62.91 48.50
N ASP A 21 54.42 62.70 48.55
CA ASP A 21 54.96 61.37 48.85
C ASP A 21 55.03 61.13 50.35
N ALA A 22 55.81 61.92 51.05
CA ALA A 22 55.93 61.75 52.49
C ALA A 22 54.78 62.48 53.21
N PRO A 23 54.27 61.91 54.31
CA PRO A 23 53.26 62.62 55.11
C PRO A 23 53.83 63.85 55.78
N ARG A 24 53.00 64.89 55.87
CA ARG A 24 53.48 66.21 56.31
C ARG A 24 53.70 66.24 57.82
N ALA A 25 52.83 65.60 58.59
CA ALA A 25 52.99 65.54 60.03
C ALA A 25 52.77 64.13 60.53
N VAL A 26 53.76 63.59 61.22
CA VAL A 26 53.65 62.29 61.88
C VAL A 26 53.88 62.50 63.36
N PHE A 27 52.91 62.13 64.18
CA PHE A 27 53.03 62.28 65.62
C PHE A 27 52.16 61.23 66.29
N PRO A 28 52.56 60.74 67.47
CA PRO A 28 51.71 59.77 68.18
C PRO A 28 50.46 60.43 68.74
N SER A 29 49.35 59.70 68.63
CA SER A 29 48.06 60.16 69.13
C SER A 29 48.05 59.94 70.64
N ILE A 30 48.48 60.95 71.37
CA ILE A 30 48.53 60.91 72.83
C ILE A 30 48.01 62.22 73.37
N VAL A 31 47.38 62.14 74.55
CA VAL A 31 46.96 63.32 75.28
C VAL A 31 47.57 63.25 76.68
N GLY A 32 48.39 64.22 77.02
CA GLY A 32 49.02 64.29 78.31
C GLY A 32 48.31 65.27 79.23
N ARG A 33 48.19 64.89 80.49
CA ARG A 33 47.53 65.73 81.49
C ARG A 33 48.35 65.70 82.77
N PRO A 34 48.50 66.83 83.46
CA PRO A 34 49.40 66.87 84.62
C PRO A 34 48.85 66.14 85.83
N ARG A 35 49.75 65.41 86.50
CA ARG A 35 49.41 64.65 87.69
C ARG A 35 50.08 65.19 88.95
N HIS A 36 51.03 66.10 88.81
CA HIS A 36 51.72 66.71 89.94
C HIS A 36 51.31 68.16 90.09
N GLN A 37 51.63 68.73 91.23
CA GLN A 37 51.25 70.11 91.53
C GLN A 37 52.17 71.08 90.82
N GLY A 38 51.58 71.98 90.03
CA GLY A 38 52.34 73.05 89.42
C GLY A 38 52.41 74.24 90.34
N VAL A 39 53.53 74.36 91.07
CA VAL A 39 53.63 75.36 92.11
C VAL A 39 53.93 76.74 91.52
N MET A 40 54.56 76.78 90.36
CA MET A 40 54.87 78.05 89.73
C MET A 40 53.63 78.60 89.04
N VAL A 41 53.31 79.87 89.34
CA VAL A 41 52.15 80.50 88.72
C VAL A 41 52.51 80.92 87.30
N GLY A 42 51.52 80.89 86.41
CA GLY A 42 51.71 81.27 85.02
C GLY A 42 52.51 80.27 84.21
N MET A 43 53.60 80.77 83.60
CA MET A 43 54.64 80.05 82.81
C MET A 43 54.08 79.14 81.71
N GLY A 44 52.93 79.53 81.15
CA GLY A 44 52.29 78.76 80.08
C GLY A 44 51.76 77.40 80.51
N GLN A 45 51.14 77.33 81.68
CA GLN A 45 50.67 76.06 82.23
C GLN A 45 49.35 75.70 81.56
N LYS A 46 49.39 74.78 80.62
CA LYS A 46 48.21 74.29 79.94
C LYS A 46 47.63 73.10 80.67
N ASP A 47 46.29 72.97 80.63
CA ASP A 47 45.63 71.87 81.30
C ASP A 47 45.80 70.54 80.59
N SER A 48 46.14 70.55 79.31
CA SER A 48 46.35 69.31 78.57
C SER A 48 47.43 69.54 77.53
N TYR A 49 48.10 68.45 77.15
CA TYR A 49 49.18 68.50 76.18
C TYR A 49 49.00 67.41 75.14
N VAL A 50 49.29 67.77 73.90
CA VAL A 50 48.98 66.94 72.73
C VAL A 50 50.26 66.70 71.93
N GLY A 51 50.58 65.43 71.71
CA GLY A 51 51.58 65.07 70.72
C GLY A 51 53.02 65.15 71.17
N ASP A 52 53.85 65.82 70.37
CA ASP A 52 55.28 65.88 70.66
C ASP A 52 55.59 66.78 71.84
N GLU A 53 54.72 67.76 72.11
CA GLU A 53 54.81 68.52 73.35
C GLU A 53 54.51 67.64 74.55
N ALA A 54 53.57 66.70 74.39
CA ALA A 54 53.33 65.72 75.44
C ALA A 54 54.46 64.70 75.52
N GLN A 55 55.12 64.43 74.40
CA GLN A 55 56.27 63.54 74.40
C GLN A 55 57.47 64.16 75.10
N SER A 56 57.63 65.49 74.97
CA SER A 56 58.78 66.17 75.56
C SER A 56 58.66 66.26 77.08
N LYS A 57 57.46 66.60 77.57
CA LYS A 57 57.23 66.81 78.98
C LYS A 57 56.54 65.62 79.65
N ARG A 58 56.86 64.40 79.19
CA ARG A 58 56.10 63.21 79.57
C ARG A 58 56.36 62.73 80.99
N GLY A 59 57.37 63.27 81.68
CA GLY A 59 57.63 62.85 83.04
C GLY A 59 56.60 63.33 84.03
N ILE A 60 55.94 64.44 83.73
CA ILE A 60 54.98 65.04 84.66
C ILE A 60 53.57 64.98 84.08
N LEU A 61 53.36 64.11 83.10
CA LEU A 61 52.04 63.99 82.48
C LEU A 61 51.63 62.53 82.44
N THR A 62 50.41 62.26 82.89
CA THR A 62 49.76 61.01 82.58
C THR A 62 49.31 61.03 81.12
N LEU A 63 49.64 59.98 80.38
CA LEU A 63 49.36 59.92 78.96
C LEU A 63 48.17 59.02 78.69
N LYS A 64 47.32 59.43 77.76
CA LYS A 64 46.14 58.69 77.37
C LYS A 64 46.11 58.52 75.87
N TYR A 65 45.75 57.31 75.44
CA TYR A 65 45.57 57.04 74.02
C TYR A 65 44.10 57.16 73.66
N PRO A 66 43.71 58.02 72.73
CA PRO A 66 42.29 58.10 72.34
C PRO A 66 41.81 56.90 71.54
N ILE A 67 42.69 56.23 70.79
CA ILE A 67 42.30 55.14 69.92
C ILE A 67 42.88 53.84 70.45
N GLU A 68 42.01 52.87 70.72
CA GLU A 68 42.46 51.56 71.17
C GLU A 68 41.82 50.46 70.33
N GLY A 70 41.71 50.42 67.11
CA GLY A 70 40.95 51.07 66.06
C GLY A 70 39.63 51.67 66.51
N ILE A 71 39.44 51.75 67.83
CA ILE A 71 38.19 52.24 68.41
C ILE A 71 38.50 53.49 69.21
N ILE A 72 37.80 54.57 68.91
CA ILE A 72 37.95 55.83 69.64
C ILE A 72 37.04 55.76 70.86
N THR A 73 37.64 55.80 72.05
CA THR A 73 36.86 55.80 73.28
C THR A 73 36.56 57.22 73.75
N ASN A 74 37.59 58.01 73.99
CA ASN A 74 37.43 59.39 74.42
C ASN A 74 37.37 60.27 73.17
N TRP A 75 36.16 60.73 72.84
CA TRP A 75 35.97 61.49 71.61
C TRP A 75 36.46 62.92 71.74
N ASP A 76 36.51 63.44 72.96
CA ASP A 76 37.04 64.78 73.18
C ASP A 76 38.55 64.83 72.97
N ASP A 77 39.24 63.75 73.35
CA ASP A 77 40.66 63.63 73.09
C ASP A 77 40.93 63.53 71.60
N MET A 78 40.08 62.81 70.88
CA MET A 78 40.19 62.71 69.42
C MET A 78 39.87 64.05 68.73
N GLU A 79 38.97 64.83 69.34
CA GLU A 79 38.70 66.18 68.86
C GLU A 79 39.90 67.08 69.07
N LYS A 80 40.63 66.88 70.17
CA LYS A 80 41.83 67.68 70.41
C LYS A 80 42.97 67.29 69.48
N ILE A 81 43.08 65.99 69.14
CA ILE A 81 44.03 65.52 68.12
C ILE A 81 43.71 66.14 66.76
N TRP A 82 42.42 66.17 66.40
CA TRP A 82 42.01 66.71 65.11
C TRP A 82 42.19 68.23 65.06
N HIS A 83 41.90 68.92 66.16
CA HIS A 83 42.08 70.37 66.20
C HIS A 83 43.55 70.75 66.19
N HIS A 84 44.40 69.92 66.83
CA HIS A 84 45.83 70.18 66.82
C HIS A 84 46.43 69.91 65.45
N THR A 85 45.97 68.86 64.76
CA THR A 85 46.55 68.61 63.45
C THR A 85 45.96 69.51 62.37
N PHE A 86 44.79 70.12 62.62
CA PHE A 86 44.27 71.08 61.66
C PHE A 86 44.88 72.46 61.85
N TYR A 87 45.14 72.83 63.11
CA TYR A 87 45.48 74.22 63.36
C TYR A 87 46.95 74.43 63.74
N ASN A 88 47.56 73.47 64.43
CA ASN A 88 48.93 73.63 64.83
C ASN A 88 49.91 72.92 63.89
N GLU A 89 49.54 71.73 63.42
CA GLU A 89 50.45 70.99 62.56
C GLU A 89 50.36 71.45 61.11
N LEU A 90 49.21 71.27 60.47
CA LEU A 90 49.07 71.65 59.07
C LEU A 90 48.70 73.11 58.89
N ARG A 91 48.06 73.70 59.93
CA ARG A 91 47.73 75.13 60.04
C ARG A 91 46.83 75.60 58.90
N VAL A 92 45.78 74.82 58.63
CA VAL A 92 44.86 75.09 57.53
C VAL A 92 43.43 75.15 58.06
N ALA A 93 42.59 75.80 57.29
CA ALA A 93 41.17 75.83 57.58
C ALA A 93 40.53 74.51 57.16
N PRO A 94 39.76 73.84 58.02
CA PRO A 94 39.07 72.62 57.60
C PRO A 94 37.84 72.87 56.75
N GLU A 95 37.39 74.11 56.63
CA GLU A 95 36.14 74.43 55.94
C GLU A 95 36.32 74.55 54.44
N GLU A 96 37.55 74.54 53.95
CA GLU A 96 37.81 74.65 52.52
C GLU A 96 38.31 73.37 51.89
N HIS A 97 38.96 72.50 52.67
CA HIS A 97 39.61 71.35 52.06
C HIS A 97 38.85 70.07 52.36
N PRO A 98 38.65 69.20 51.38
CA PRO A 98 38.14 67.86 51.67
C PRO A 98 39.18 67.02 52.39
N THR A 99 38.72 66.12 53.24
CA THR A 99 39.60 65.34 54.09
C THR A 99 39.14 63.90 54.15
N LEU A 100 40.01 62.98 53.75
CA LEU A 100 39.72 61.56 53.82
C LEU A 100 40.29 60.98 55.12
N LEU A 101 39.54 60.06 55.72
CA LEU A 101 39.95 59.41 56.94
C LEU A 101 40.04 57.91 56.72
N THR A 102 41.00 57.28 57.40
CA THR A 102 41.19 55.84 57.31
C THR A 102 40.36 55.12 58.36
N GLU A 103 40.31 53.80 58.24
CA GLU A 103 39.46 52.99 59.09
C GLU A 103 39.98 51.56 59.10
N ALA A 104 39.99 50.96 60.27
CA ALA A 104 40.22 49.53 60.37
C ALA A 104 39.01 48.77 59.85
N PRO A 105 39.21 47.59 59.25
CA PRO A 105 38.07 46.74 58.89
C PRO A 105 37.40 46.17 60.14
N LEU A 106 36.10 45.88 59.98
CA LEU A 106 35.18 45.42 61.04
C LEU A 106 35.12 46.40 62.21
N ASN A 107 35.17 47.70 61.90
CA ASN A 107 34.98 48.73 62.92
C ASN A 107 33.52 48.71 63.36
N PRO A 108 33.24 48.94 64.64
CA PRO A 108 31.88 49.32 65.06
C PRO A 108 31.41 50.58 64.35
N LYS A 109 30.12 50.55 63.97
CA LYS A 109 29.58 51.52 63.03
C LYS A 109 29.40 52.89 63.66
N ALA A 110 29.20 52.93 64.98
CA ALA A 110 28.97 54.20 65.68
C ALA A 110 30.23 55.06 65.73
N ASN A 111 31.41 54.43 65.64
CA ASN A 111 32.66 55.16 65.48
C ASN A 111 32.69 55.92 64.16
N ARG A 112 32.21 55.27 63.09
CA ARG A 112 32.12 55.92 61.77
C ARG A 112 31.06 57.00 61.77
N GLU A 113 29.94 56.76 62.47
CA GLU A 113 28.86 57.74 62.57
C GLU A 113 29.30 58.99 63.33
N LYS A 114 30.02 58.80 64.44
CA LYS A 114 30.51 59.94 65.21
C LYS A 114 31.64 60.66 64.51
N MET A 115 32.47 59.93 63.74
CA MET A 115 33.50 60.55 62.93
C MET A 115 32.90 61.42 61.83
N THR A 116 31.84 60.92 61.19
CA THR A 116 31.12 61.68 60.16
C THR A 116 30.43 62.90 60.76
N GLN A 117 29.85 62.75 61.95
CA GLN A 117 29.15 63.84 62.62
C GLN A 117 30.11 64.93 63.09
N ILE A 118 31.26 64.54 63.65
CA ILE A 118 32.25 65.52 64.12
C ILE A 118 32.93 66.20 62.94
N MET A 119 33.21 65.44 61.87
CA MET A 119 33.88 66.02 60.71
C MET A 119 32.92 66.87 59.87
N PHE A 120 31.62 66.66 60.01
CA PHE A 120 30.67 67.54 59.34
C PHE A 120 30.06 68.60 60.23
N GLU A 121 30.37 68.62 61.53
CA GLU A 121 29.84 69.67 62.39
C GLU A 121 30.93 70.49 63.05
N THR A 122 31.86 69.86 63.78
CA THR A 122 32.86 70.61 64.53
C THR A 122 33.93 71.18 63.61
N PHE A 123 34.41 70.37 62.69
CA PHE A 123 35.41 70.80 61.72
C PHE A 123 34.83 70.62 60.33
N ASN A 124 33.60 71.13 60.13
CA ASN A 124 32.77 70.96 58.95
C ASN A 124 33.40 71.20 57.58
N VAL A 125 33.38 70.14 56.77
CA VAL A 125 34.18 70.05 55.56
C VAL A 125 33.29 70.29 54.34
N PRO A 126 33.86 70.68 53.19
CA PRO A 126 33.11 70.49 51.94
C PRO A 126 32.79 69.04 51.63
N ALA A 127 33.72 68.12 51.90
CA ALA A 127 33.54 66.71 51.57
C ALA A 127 34.44 65.87 52.47
N MET A 128 34.06 64.61 52.66
CA MET A 128 34.89 63.65 53.38
C MET A 128 34.58 62.25 52.87
N TYR A 129 35.46 61.30 53.22
CA TYR A 129 35.31 59.91 52.83
C TYR A 129 36.04 59.02 53.83
N VAL A 130 35.48 57.85 54.08
CA VAL A 130 36.05 56.86 55.00
C VAL A 130 36.54 55.68 54.17
N ALA A 131 37.82 55.34 54.33
CA ALA A 131 38.46 54.33 53.52
C ALA A 131 39.15 53.29 54.40
N ILE A 132 39.51 52.17 53.77
CA ILE A 132 40.13 51.03 54.43
C ILE A 132 41.62 51.04 54.10
N GLN A 133 42.44 50.75 55.12
CA GLN A 133 43.90 50.90 55.05
C GLN A 133 44.53 49.90 54.10
N ALA A 134 43.91 48.71 53.94
CA ALA A 134 44.48 47.68 53.09
C ALA A 134 44.34 48.03 51.62
N VAL A 135 43.26 48.75 51.27
CA VAL A 135 43.05 49.21 49.89
C VAL A 135 44.09 50.27 49.54
N LEU A 136 44.41 51.14 50.51
CA LEU A 136 45.46 52.12 50.32
C LEU A 136 46.84 51.48 50.26
N SER A 137 47.04 50.39 51.00
CA SER A 137 48.31 49.67 50.94
C SER A 137 48.49 48.97 49.60
N LEU A 138 47.39 48.46 49.04
CA LEU A 138 47.46 47.86 47.71
C LEU A 138 47.59 48.93 46.63
N TYR A 139 47.06 50.13 46.88
CA TYR A 139 47.28 51.25 45.96
C TYR A 139 48.73 51.71 45.97
N ALA A 140 49.33 51.77 47.15
CA ALA A 140 50.72 52.19 47.26
C ALA A 140 51.67 51.11 46.79
N SER A 141 51.24 49.85 46.83
CA SER A 141 51.97 48.79 46.15
C SER A 141 51.92 48.96 44.63
N GLY A 142 50.80 49.48 44.11
CA GLY A 142 50.65 49.73 42.71
C GLY A 142 50.01 48.59 41.93
N ARG A 143 50.01 47.38 42.48
CA ARG A 143 49.35 46.26 41.85
C ARG A 143 47.86 46.28 42.19
N THR A 144 47.12 45.34 41.60
CA THR A 144 45.67 45.29 41.74
C THR A 144 45.21 44.13 42.61
N THR A 145 45.74 42.95 42.37
CA THR A 145 45.39 41.79 43.19
C THR A 145 46.33 41.67 44.38
N GLY A 146 46.02 40.72 45.25
CA GLY A 146 46.85 40.38 46.38
C GLY A 146 46.10 40.39 47.69
N ILE A 147 46.74 39.80 48.70
CA ILE A 147 46.25 39.82 50.06
C ILE A 147 47.17 40.73 50.87
N VAL A 148 46.57 41.68 51.58
CA VAL A 148 47.29 42.69 52.32
C VAL A 148 47.23 42.33 53.80
N LEU A 149 48.40 42.17 54.40
CA LEU A 149 48.55 42.02 55.85
C LEU A 149 48.97 43.38 56.38
N ASP A 150 48.05 44.08 57.04
CA ASP A 150 48.39 45.34 57.67
C ASP A 150 48.40 45.19 59.18
N SER A 151 49.41 45.76 59.81
CA SER A 151 49.48 45.72 61.27
C SER A 151 50.05 47.06 61.73
N GLY A 152 49.18 47.88 62.33
CA GLY A 152 49.60 49.11 62.98
C GLY A 152 49.97 48.86 64.42
N ASP A 153 49.63 49.82 65.28
CA ASP A 153 49.85 49.63 66.70
C ASP A 153 48.64 49.01 67.40
N GLY A 154 47.46 49.04 66.78
CA GLY A 154 46.30 48.43 67.40
C GLY A 154 45.64 47.29 66.65
N VAL A 155 45.63 47.32 65.33
CA VAL A 155 44.83 46.42 64.51
C VAL A 155 45.75 45.62 63.61
N THR A 156 45.57 44.30 63.57
CA THR A 156 46.25 43.48 62.59
C THR A 156 45.21 42.76 61.75
N HIS A 157 45.12 43.12 60.47
CA HIS A 157 44.07 42.57 59.62
C HIS A 157 44.61 42.08 58.29
N ASN A 158 43.99 41.02 57.79
CA ASN A 158 44.28 40.45 56.48
C ASN A 158 43.09 40.68 55.57
N VAL A 159 43.32 41.36 54.45
CA VAL A 159 42.26 41.62 53.47
C VAL A 159 42.70 41.11 52.11
N PRO A 160 42.01 40.11 51.54
CA PRO A 160 42.31 39.72 50.15
C PRO A 160 41.48 40.48 49.12
N ILE A 161 42.14 41.03 48.11
CA ILE A 161 41.48 41.74 47.02
C ILE A 161 41.98 41.17 45.71
N TYR A 162 41.06 40.70 44.87
CA TYR A 162 41.41 40.18 43.55
C TYR A 162 40.77 41.05 42.48
N GLU A 163 41.63 41.68 41.66
CA GLU A 163 41.27 42.52 40.51
C GLU A 163 40.34 43.68 40.90
N GLY A 164 40.60 44.27 42.05
CA GLY A 164 39.74 45.33 42.53
C GLY A 164 38.43 44.87 43.12
N TYR A 165 38.32 43.59 43.47
CA TYR A 165 37.11 43.05 44.07
C TYR A 165 37.50 42.42 45.40
N ALA A 166 37.19 43.10 46.50
CA ALA A 166 37.45 42.56 47.81
C ALA A 166 36.47 41.45 48.16
N LEU A 167 36.94 40.47 48.91
CA LEU A 167 36.07 39.42 49.40
C LEU A 167 35.75 39.71 50.85
N PRO A 168 34.52 40.13 51.18
CA PRO A 168 34.24 40.57 52.55
C PRO A 168 34.14 39.42 53.54
N HIS A 169 33.79 38.22 53.07
CA HIS A 169 33.71 37.08 53.96
C HIS A 169 35.10 36.56 54.35
N ALA A 170 36.12 36.83 53.54
CA ALA A 170 37.45 36.33 53.81
C ALA A 170 38.34 37.32 54.57
N ILE A 171 37.82 38.49 54.92
CA ILE A 171 38.61 39.47 55.65
C ILE A 171 38.73 39.04 57.11
N MET A 172 39.97 38.99 57.61
CA MET A 172 40.22 38.54 58.96
C MET A 172 40.82 39.66 59.80
N ARG A 173 40.44 39.69 61.07
CA ARG A 173 40.81 40.74 62.01
C ARG A 173 41.34 40.11 63.29
N LEU A 174 42.45 40.65 63.80
CA LEU A 174 43.01 40.19 65.05
C LEU A 174 43.55 41.39 65.82
N ASP A 175 43.17 41.47 67.10
CA ASP A 175 43.66 42.51 68.01
C ASP A 175 44.94 42.02 68.65
N LEU A 176 46.01 42.06 67.88
CA LEU A 176 47.34 41.72 68.39
C LEU A 176 48.33 42.56 67.61
N ALA A 177 48.81 43.64 68.20
CA ALA A 177 49.68 44.57 67.51
C ALA A 177 50.61 45.21 68.53
N GLY A 178 51.19 46.35 68.14
CA GLY A 178 52.45 46.81 68.71
C GLY A 178 52.38 47.27 70.16
N ARG A 179 51.20 47.72 70.60
CA ARG A 179 51.03 48.09 72.00
C ARG A 179 51.02 46.84 72.88
N ASP A 180 50.46 45.74 72.38
CA ASP A 180 50.50 44.48 73.10
C ASP A 180 51.91 43.89 73.11
N LEU A 181 52.67 44.14 72.04
CA LEU A 181 54.09 43.75 72.01
C LEU A 181 54.89 44.53 73.03
N THR A 182 54.57 45.83 73.17
CA THR A 182 55.23 46.68 74.16
C THR A 182 54.87 46.25 75.58
N ASP A 183 53.62 45.84 75.80
CA ASP A 183 53.18 45.36 77.11
C ASP A 183 53.80 44.00 77.44
N TYR A 184 53.99 43.14 76.44
CA TYR A 184 54.67 41.87 76.69
C TYR A 184 56.15 42.07 76.96
N LEU A 185 56.76 43.08 76.32
CA LEU A 185 58.15 43.44 76.62
C LEU A 185 58.27 44.02 78.02
N MET A 186 57.28 44.81 78.45
CA MET A 186 57.21 45.31 79.82
C MET A 186 57.01 44.18 80.83
N LYS A 187 56.30 43.13 80.42
CA LYS A 187 56.16 41.95 81.27
C LYS A 187 57.47 41.19 81.40
N ILE A 188 58.21 41.03 80.29
CA ILE A 188 59.39 40.18 80.35
C ILE A 188 60.67 40.92 80.71
N LEU A 189 60.64 42.26 80.84
CA LEU A 189 61.84 42.97 81.27
C LEU A 189 62.14 42.79 82.76
N THR A 190 61.19 42.30 83.55
CA THR A 190 61.41 42.09 84.97
C THR A 190 62.17 40.81 85.29
N GLU A 191 62.48 39.98 84.28
CA GLU A 191 63.34 38.82 84.50
C GLU A 191 64.76 39.25 84.85
N ARG A 192 65.23 40.32 84.22
CA ARG A 192 66.51 40.94 84.54
C ARG A 192 66.37 42.04 85.58
N GLY A 193 65.20 42.17 86.20
CA GLY A 193 64.98 43.16 87.22
C GLY A 193 64.67 44.55 86.71
N TYR A 194 64.55 44.74 85.41
CA TYR A 194 64.25 46.05 84.86
C TYR A 194 62.76 46.30 85.01
N SER A 195 62.39 47.20 85.92
CA SER A 195 60.99 47.44 86.26
C SER A 195 60.48 48.68 85.54
N PHE A 196 59.38 48.53 84.82
CA PHE A 196 58.73 49.63 84.11
C PHE A 196 57.23 49.46 84.27
N VAL A 197 56.58 50.41 84.95
CA VAL A 197 55.16 50.30 85.23
C VAL A 197 54.35 51.47 84.67
N THR A 198 55.00 52.61 84.43
CA THR A 198 54.24 53.81 84.13
C THR A 198 53.99 53.97 82.64
N THR A 199 53.14 54.94 82.32
CA THR A 199 52.82 55.24 80.92
C THR A 199 53.98 55.95 80.22
N ALA A 200 54.78 56.72 80.97
CA ALA A 200 55.94 57.35 80.39
C ALA A 200 57.04 56.32 80.11
N GLU A 201 57.09 55.26 80.90
CA GLU A 201 58.01 54.16 80.65
C GLU A 201 57.62 53.33 79.45
N ARG A 202 56.34 53.38 79.05
CA ARG A 202 55.85 52.63 77.89
C ARG A 202 56.48 53.14 76.59
N GLU A 203 56.75 54.45 76.52
CA GLU A 203 57.44 55.01 75.36
C GLU A 203 58.90 54.58 75.33
N ILE A 204 59.52 54.41 76.50
CA ILE A 204 60.89 53.93 76.60
C ILE A 204 60.99 52.48 76.15
N VAL A 205 60.04 51.65 76.60
CA VAL A 205 59.97 50.24 76.19
C VAL A 205 59.61 50.13 74.70
N ARG A 206 58.80 51.06 74.18
CA ARG A 206 58.52 51.14 72.75
C ARG A 206 59.76 51.51 71.95
N ASP A 207 60.60 52.40 72.47
CA ASP A 207 61.85 52.76 71.80
C ASP A 207 62.85 51.60 71.82
N ILE A 208 62.85 50.83 72.91
CA ILE A 208 63.69 49.63 73.02
C ILE A 208 63.23 48.58 72.01
N LYS A 209 61.91 48.42 71.86
CA LYS A 209 61.34 47.51 70.89
C LYS A 209 61.60 47.96 69.45
N GLU A 210 61.61 49.28 69.23
CA GLU A 210 61.90 49.82 67.90
C GLU A 210 63.36 49.66 67.53
N LYS A 211 64.26 49.83 68.49
CA LYS A 211 65.69 49.84 68.19
C LYS A 211 66.30 48.44 68.20
N LEU A 212 65.97 47.63 69.20
CA LEU A 212 66.78 46.44 69.47
C LEU A 212 66.12 45.14 69.01
N CYS A 213 64.79 45.10 68.98
CA CYS A 213 64.09 43.85 68.73
C CYS A 213 64.14 43.45 67.25
N TYR A 214 64.10 42.14 67.00
CA TYR A 214 64.21 41.59 65.66
C TYR A 214 63.54 40.23 65.64
N VAL A 215 63.03 39.86 64.47
CA VAL A 215 62.32 38.58 64.30
C VAL A 215 63.35 37.49 64.05
N ALA A 216 63.32 36.44 64.87
CA ALA A 216 64.15 35.27 64.66
C ALA A 216 63.63 34.45 63.49
N LEU A 217 64.57 33.91 62.71
CA LEU A 217 64.20 33.00 61.62
C LEU A 217 63.72 31.67 62.18
N ASP A 218 64.38 31.17 63.21
CA ASP A 218 63.92 30.01 63.96
C ASP A 218 63.90 30.40 65.43
N PHE A 219 62.82 30.02 66.13
CA PHE A 219 62.71 30.35 67.54
C PHE A 219 63.61 29.46 68.39
N GLU A 220 63.65 28.17 68.08
CA GLU A 220 64.30 27.18 68.94
C GLU A 220 65.81 27.28 68.85
N ASN A 221 66.34 27.48 67.64
CA ASN A 221 67.78 27.58 67.45
C ASN A 221 68.33 28.88 68.01
N GLU A 222 67.57 29.97 67.88
CA GLU A 222 67.97 31.24 68.48
C GLU A 222 67.88 31.20 70.00
N MET A 223 66.89 30.46 70.54
CA MET A 223 66.79 30.29 71.98
C MET A 223 67.93 29.46 72.54
N ALA A 224 68.33 28.41 71.81
CA ALA A 224 69.48 27.60 72.22
C ALA A 224 70.78 28.36 72.05
N THR A 225 70.84 29.26 71.05
CA THR A 225 72.02 30.09 70.85
C THR A 225 72.18 31.11 71.97
N ALA A 226 71.07 31.74 72.37
CA ALA A 226 71.12 32.72 73.45
C ALA A 226 71.32 32.06 74.81
N ALA A 227 70.79 30.84 74.99
CA ALA A 227 71.06 30.09 76.21
C ALA A 227 72.49 29.57 76.25
N SER A 228 73.09 29.34 75.08
CA SER A 228 74.46 28.86 75.03
C SER A 228 75.46 29.97 75.31
N SER A 229 75.44 31.01 74.49
CA SER A 229 76.45 32.06 74.55
C SER A 229 75.79 33.43 74.56
N SER A 230 76.52 34.41 75.05
CA SER A 230 76.07 35.80 75.10
C SER A 230 76.50 36.58 73.88
N SER A 231 76.20 36.04 72.69
CA SER A 231 76.54 36.70 71.44
C SER A 231 75.47 37.66 70.97
N LEU A 232 74.21 37.41 71.33
CA LEU A 232 73.09 38.21 70.88
C LEU A 232 72.75 39.34 71.84
N GLU A 233 73.53 39.52 72.91
CA GLU A 233 73.21 40.51 73.93
C GLU A 233 73.53 41.92 73.43
N LYS A 234 72.57 42.82 73.64
CA LYS A 234 72.72 44.21 73.23
C LYS A 234 72.41 45.11 74.40
N SER A 235 73.18 46.20 74.51
CA SER A 235 73.00 47.19 75.55
C SER A 235 72.33 48.44 75.01
N TYR A 236 71.71 49.19 75.91
CA TYR A 236 71.03 50.42 75.56
C TYR A 236 71.03 51.35 76.76
N GLU A 237 71.28 52.63 76.51
CA GLU A 237 71.32 53.61 77.59
C GLU A 237 69.97 54.30 77.73
N LEU A 238 69.46 54.34 78.95
CA LEU A 238 68.24 55.06 79.28
C LEU A 238 68.55 56.55 79.33
N PRO A 239 67.53 57.42 79.18
CA PRO A 239 67.77 58.88 79.27
C PRO A 239 68.23 59.39 80.64
N ASP A 240 68.09 58.63 81.72
CA ASP A 240 68.67 59.04 82.98
C ASP A 240 70.15 58.67 83.11
N GLY A 241 70.72 57.96 82.14
CA GLY A 241 72.09 57.54 82.17
C GLY A 241 72.31 56.08 82.51
N GLN A 242 71.27 55.38 82.95
CA GLN A 242 71.39 53.94 83.22
C GLN A 242 71.46 53.16 81.91
N VAL A 243 72.21 52.07 81.93
CA VAL A 243 72.40 51.21 80.77
C VAL A 243 71.86 49.83 81.11
N ILE A 244 70.92 49.35 80.30
CA ILE A 244 70.40 48.01 80.43
C ILE A 244 71.02 47.16 79.33
N THR A 245 70.96 45.84 79.51
CA THR A 245 71.47 44.90 78.52
C THR A 245 70.53 43.70 78.47
N ILE A 246 70.06 43.37 77.27
CA ILE A 246 69.09 42.30 77.09
C ILE A 246 69.67 41.27 76.12
N GLY A 247 69.18 40.04 76.25
CA GLY A 247 69.67 38.93 75.46
C GLY A 247 68.66 38.38 74.48
N ASN A 248 67.99 37.29 74.87
CA ASN A 248 67.03 36.60 74.01
C ASN A 248 65.75 37.38 73.76
N GLU A 249 65.46 38.39 74.60
CA GLU A 249 64.20 39.12 74.58
C GLU A 249 64.04 40.01 73.36
N ARG A 250 65.10 40.23 72.58
CA ARG A 250 65.01 40.86 71.27
C ARG A 250 64.18 40.04 70.30
N PHE A 251 64.17 38.71 70.43
CA PHE A 251 63.29 37.90 69.60
C PHE A 251 62.17 37.22 70.36
N ARG A 252 62.15 37.30 71.69
CA ARG A 252 61.03 36.74 72.44
C ARG A 252 59.78 37.60 72.29
N CYS A 253 59.96 38.92 72.16
CA CYS A 253 58.81 39.80 71.98
C CYS A 253 58.12 39.68 70.61
N PRO A 254 58.82 39.68 69.45
CA PRO A 254 58.05 39.49 68.20
C PRO A 254 57.67 38.05 67.89
N GLU A 255 58.02 37.08 68.75
CA GLU A 255 57.55 35.72 68.56
C GLU A 255 56.05 35.60 68.84
N THR A 256 55.50 36.50 69.65
CA THR A 256 54.08 36.47 69.98
C THR A 256 53.18 36.85 68.82
N LEU A 257 53.72 37.51 67.79
CA LEU A 257 52.99 37.68 66.54
C LEU A 257 52.76 36.34 65.86
N PHE A 258 53.75 35.46 65.91
CA PHE A 258 53.60 34.12 65.38
C PHE A 258 53.11 33.10 66.41
N GLN A 259 53.18 33.44 67.70
CA GLN A 259 52.72 32.52 68.75
C GLN A 259 51.89 33.30 69.76
N PRO A 260 50.58 33.46 69.50
CA PRO A 260 49.74 34.28 70.38
C PRO A 260 49.39 33.64 71.74
N SER A 261 49.79 32.39 71.99
CA SER A 261 49.49 31.75 73.27
C SER A 261 50.37 32.24 74.42
N PHE A 262 51.41 33.03 74.13
CA PHE A 262 52.23 33.63 75.20
C PHE A 262 51.45 34.66 76.00
N ILE A 263 50.59 35.43 75.34
CA ILE A 263 49.73 36.38 76.04
C ILE A 263 48.34 35.79 76.27
N GLY A 264 48.19 34.48 76.12
CA GLY A 264 46.94 33.83 76.41
C GLY A 264 45.87 33.98 75.35
N MET A 265 46.22 34.34 74.13
CA MET A 265 45.26 34.46 73.06
C MET A 265 45.13 33.11 72.35
N GLU A 266 43.90 32.63 72.23
CA GLU A 266 43.63 31.32 71.64
C GLU A 266 43.75 31.33 70.12
N SER A 267 43.71 32.50 69.50
CA SER A 267 43.78 32.63 68.05
C SER A 267 45.16 32.25 67.52
N ALA A 268 45.20 31.90 66.24
CA ALA A 268 46.41 31.38 65.62
C ALA A 268 47.32 32.52 65.19
N GLY A 269 48.46 32.16 64.59
CA GLY A 269 49.44 33.14 64.17
C GLY A 269 49.02 33.89 62.92
N ILE A 270 49.80 34.93 62.61
CA ILE A 270 49.47 35.82 61.50
C ILE A 270 49.73 35.14 60.16
N HIS A 271 50.73 34.24 60.11
CA HIS A 271 50.92 33.43 58.91
C HIS A 271 49.80 32.40 58.76
N GLU A 272 49.32 31.88 59.89
CA GLU A 272 48.19 30.96 59.87
C GLU A 272 46.90 31.70 59.53
N THR A 273 46.79 32.96 59.96
CA THR A 273 45.68 33.81 59.58
C THR A 273 45.71 34.13 58.09
N THR A 274 46.90 34.33 57.54
CA THR A 274 47.05 34.60 56.11
C THR A 274 46.69 33.37 55.28
N TYR A 275 47.14 32.19 55.72
CA TYR A 275 46.82 30.95 55.03
C TYR A 275 45.34 30.61 55.15
N ASN A 276 44.73 30.92 56.29
CA ASN A 276 43.28 30.71 56.44
C ASN A 276 42.49 31.71 55.62
N SER A 277 43.02 32.93 55.44
CA SER A 277 42.33 33.91 54.63
C SER A 277 42.43 33.60 53.14
N ILE A 278 43.57 33.05 52.72
CA ILE A 278 43.72 32.61 51.34
C ILE A 278 42.86 31.36 51.07
N MET A 279 42.81 30.45 52.05
CA MET A 279 42.00 29.23 51.89
C MET A 279 40.51 29.52 52.01
N LYS A 280 40.13 30.64 52.63
CA LYS A 280 38.72 31.02 52.66
C LYS A 280 38.26 31.58 51.32
N CYS A 281 39.19 32.02 50.48
CA CYS A 281 38.86 32.58 49.19
C CYS A 281 38.49 31.49 48.19
N ASP A 282 38.06 31.92 47.02
CA ASP A 282 37.87 31.02 45.89
C ASP A 282 39.21 30.52 45.39
N ILE A 283 39.20 29.33 44.78
CA ILE A 283 40.42 28.56 44.56
C ILE A 283 41.26 29.16 43.42
N ASP A 284 40.61 29.65 42.36
CA ASP A 284 41.30 30.00 41.12
C ASP A 284 42.11 31.29 41.22
N ILE A 285 41.91 32.07 42.27
CA ILE A 285 42.72 33.26 42.49
C ILE A 285 43.87 33.02 43.46
N ARG A 286 43.94 31.81 44.06
CA ARG A 286 44.85 31.53 45.16
C ARG A 286 46.31 31.56 44.73
N LYS A 287 46.56 31.16 43.48
CA LYS A 287 47.89 31.25 42.87
C LYS A 287 48.37 32.70 42.77
N ASP A 288 47.45 33.63 42.53
CA ASP A 288 47.83 35.03 42.56
C ASP A 288 47.98 35.53 43.99
N LEU A 289 47.32 34.87 44.94
CA LEU A 289 47.41 35.31 46.33
C LEU A 289 48.74 34.90 46.96
N TYR A 290 49.32 33.79 46.51
CA TYR A 290 50.61 33.36 47.05
C TYR A 290 51.75 34.24 46.57
N ALA A 291 51.61 34.82 45.38
CA ALA A 291 52.69 35.59 44.79
C ALA A 291 52.55 37.09 45.05
N ASN A 292 51.54 37.53 45.79
CA ASN A 292 51.30 38.96 45.97
C ASN A 292 50.97 39.28 47.43
N ASN A 293 51.78 38.76 48.35
CA ASN A 293 51.61 39.08 49.76
C ASN A 293 52.15 40.48 50.05
N VAL A 294 51.30 41.35 50.60
CA VAL A 294 51.66 42.73 50.91
C VAL A 294 51.68 42.90 52.42
N MET A 295 52.82 43.34 52.95
CA MET A 295 52.98 43.64 54.37
C MET A 295 53.11 45.15 54.54
N SER A 296 52.35 45.71 55.47
CA SER A 296 52.34 47.15 55.67
C SER A 296 52.18 47.47 57.14
N GLY A 297 52.49 48.71 57.48
CA GLY A 297 52.47 49.14 58.87
C GLY A 297 53.84 49.06 59.52
N GLY A 298 53.97 49.75 60.65
CA GLY A 298 55.24 49.79 61.35
C GLY A 298 55.56 48.54 62.14
N THR A 299 54.59 47.66 62.32
CA THR A 299 54.83 46.41 63.03
C THR A 299 55.67 45.46 62.19
N THR A 300 55.59 45.58 60.87
CA THR A 300 56.38 44.75 59.95
C THR A 300 57.76 45.34 59.65
N MET A 301 58.29 46.20 60.52
CA MET A 301 59.60 46.80 60.30
C MET A 301 60.73 46.08 61.03
N TYR A 302 60.44 44.94 61.67
CA TYR A 302 61.50 44.14 62.28
C TYR A 302 62.35 43.49 61.19
N PRO A 303 63.67 43.41 61.36
CA PRO A 303 64.51 42.90 60.27
C PRO A 303 64.68 41.39 60.25
N GLY A 304 63.61 40.63 60.46
CA GLY A 304 63.63 39.21 60.16
C GLY A 304 62.29 38.68 59.71
N ILE A 305 61.33 39.57 59.50
CA ILE A 305 59.93 39.13 59.45
C ILE A 305 59.52 38.64 58.05
N ALA A 306 60.15 39.13 56.99
CA ALA A 306 59.73 38.76 55.63
C ALA A 306 60.19 37.35 55.28
N ASP A 307 61.42 37.01 55.67
CA ASP A 307 61.94 35.67 55.42
C ASP A 307 61.27 34.63 56.29
N ARG A 308 60.94 35.01 57.54
CA ARG A 308 60.19 34.14 58.44
C ARG A 308 58.76 33.93 57.94
N MET A 309 58.15 34.98 57.37
CA MET A 309 56.82 34.89 56.80
C MET A 309 56.80 34.01 55.56
N GLN A 310 57.83 34.14 54.70
CA GLN A 310 57.94 33.30 53.51
C GLN A 310 58.20 31.84 53.87
N LYS A 311 59.02 31.60 54.91
CA LYS A 311 59.31 30.26 55.38
C LYS A 311 58.07 29.59 55.98
N GLU A 312 57.30 30.34 56.76
CA GLU A 312 56.09 29.79 57.37
C GLU A 312 54.98 29.52 56.36
N ILE A 313 54.81 30.41 55.39
CA ILE A 313 53.79 30.20 54.36
C ILE A 313 54.20 29.07 53.42
N THR A 314 55.50 28.99 53.08
CA THR A 314 56.00 27.92 52.22
C THR A 314 55.95 26.56 52.92
N ALA A 315 56.10 26.55 54.25
CA ALA A 315 55.83 25.35 55.01
C ALA A 315 54.33 25.03 55.04
N LEU A 316 53.48 26.06 54.98
CA LEU A 316 52.04 25.84 55.01
C LEU A 316 51.49 25.49 53.62
N ALA A 317 51.87 26.24 52.59
CA ALA A 317 51.34 26.05 51.26
C ALA A 317 51.92 24.81 50.60
N PRO A 318 51.24 24.26 49.58
CA PRO A 318 51.90 23.24 48.74
C PRO A 318 53.06 23.81 47.95
N SER A 319 54.00 22.92 47.62
CA SER A 319 55.34 23.33 47.22
C SER A 319 55.41 23.88 45.81
N THR A 320 54.35 23.69 45.00
CA THR A 320 54.38 24.17 43.63
C THR A 320 54.15 25.67 43.52
N MET A 321 53.69 26.31 44.58
CA MET A 321 53.31 27.71 44.55
C MET A 321 54.49 28.61 44.83
N LYS A 322 54.54 29.74 44.11
CA LYS A 322 55.59 30.74 44.32
C LYS A 322 55.15 31.70 45.41
N ILE A 323 55.71 31.53 46.60
CA ILE A 323 55.45 32.43 47.71
C ILE A 323 56.32 33.66 47.55
N LYS A 324 55.70 34.83 47.48
CA LYS A 324 56.43 36.07 47.21
C LYS A 324 55.95 37.14 48.17
N ILE A 325 56.69 37.33 49.25
CA ILE A 325 56.42 38.42 50.18
C ILE A 325 56.97 39.71 49.58
N ILE A 326 56.16 40.75 49.57
CA ILE A 326 56.59 42.06 49.09
C ILE A 326 56.65 42.99 50.29
N ALA A 327 57.85 43.42 50.64
CA ALA A 327 58.08 44.31 51.78
C ALA A 327 58.96 45.47 51.33
N PRO A 328 58.36 46.55 50.82
CA PRO A 328 59.13 47.78 50.61
C PRO A 328 59.49 48.41 51.94
N PRO A 329 60.61 49.14 52.01
CA PRO A 329 60.98 49.79 53.27
C PRO A 329 60.09 50.98 53.65
N GLU A 330 59.33 51.52 52.71
CA GLU A 330 58.41 52.63 52.95
C GLU A 330 57.03 52.17 53.39
N ARG A 331 56.91 50.97 53.96
CA ARG A 331 55.64 50.37 54.31
C ARG A 331 55.01 50.97 55.57
N LYS A 332 55.75 51.79 56.32
CA LYS A 332 55.18 52.44 57.49
C LYS A 332 54.18 53.52 57.10
N TYR A 333 54.51 54.32 56.08
CA TYR A 333 53.69 55.44 55.67
C TYR A 333 52.82 55.11 54.46
N SER A 334 52.74 53.82 54.11
CA SER A 334 52.15 53.41 52.84
C SER A 334 50.63 53.56 52.81
N VAL A 335 50.01 53.57 53.99
CA VAL A 335 48.58 53.88 54.09
C VAL A 335 48.33 55.32 53.68
N TRP A 336 49.19 56.23 54.16
CA TRP A 336 49.11 57.65 53.78
C TRP A 336 49.47 57.85 52.32
N ILE A 337 50.43 57.06 51.82
CA ILE A 337 50.85 57.17 50.42
C ILE A 337 49.74 56.73 49.48
N GLY A 338 49.07 55.62 49.81
CA GLY A 338 47.94 55.18 49.01
C GLY A 338 46.71 56.06 49.17
N GLY A 339 46.58 56.71 50.33
CA GLY A 339 45.55 57.72 50.48
C GLY A 339 45.80 58.95 49.63
N SER A 340 47.07 59.33 49.48
CA SER A 340 47.41 60.44 48.58
C SER A 340 47.26 60.04 47.13
N ILE A 341 47.46 58.76 46.83
CA ILE A 341 47.25 58.24 45.46
C ILE A 341 45.76 58.26 45.12
N LEU A 342 44.92 57.75 46.04
CA LEU A 342 43.48 57.67 45.80
C LEU A 342 42.83 59.04 45.84
N ALA A 343 43.39 59.96 46.64
CA ALA A 343 42.90 61.33 46.66
C ALA A 343 43.27 62.07 45.38
N SER A 344 44.35 61.66 44.73
CA SER A 344 44.75 62.29 43.47
C SER A 344 43.95 61.77 42.27
N LEU A 345 43.14 60.73 42.45
CA LEU A 345 42.39 60.16 41.34
C LEU A 345 41.21 61.05 40.96
N SER A 346 41.08 61.32 39.66
CA SER A 346 39.99 62.15 39.17
C SER A 346 38.67 61.40 39.13
N THR A 347 38.72 60.06 39.09
CA THR A 347 37.49 59.28 39.16
C THR A 347 36.90 59.29 40.56
N PHE A 348 37.73 59.51 41.58
CA PHE A 348 37.29 59.54 42.96
C PHE A 348 36.53 60.82 43.32
N GLN A 349 36.59 61.86 42.48
CA GLN A 349 36.04 63.17 42.82
C GLN A 349 34.52 63.18 42.89
N GLN A 350 33.86 62.27 42.17
CA GLN A 350 32.43 62.10 42.29
C GLN A 350 32.04 61.21 43.47
N MET A 351 32.98 60.48 44.05
CA MET A 351 32.65 59.52 45.11
C MET A 351 32.62 60.14 46.50
N TRP A 352 32.90 61.43 46.63
CA TRP A 352 32.94 62.07 47.94
C TRP A 352 31.54 62.25 48.50
N ILE A 353 31.47 62.28 49.84
CA ILE A 353 30.24 62.58 50.55
C ILE A 353 30.25 64.07 50.84
N THR A 354 29.40 64.82 50.14
CA THR A 354 29.38 66.26 50.30
C THR A 354 28.59 66.65 51.55
N LYS A 355 28.57 67.95 51.84
CA LYS A 355 27.88 68.45 53.02
C LYS A 355 26.38 68.42 52.84
N GLN A 356 25.92 68.65 51.61
CA GLN A 356 24.49 68.69 51.30
C GLN A 356 23.87 67.31 51.38
N GLU A 357 24.64 66.27 51.02
CA GLU A 357 24.19 64.89 51.17
C GLU A 357 24.08 64.51 52.64
N TYR A 358 25.00 65.02 53.47
CA TYR A 358 24.95 64.81 54.92
C TYR A 358 23.73 65.49 55.52
N ASP A 359 23.43 66.72 55.09
CA ASP A 359 22.25 67.43 55.57
C ASP A 359 20.96 66.80 55.06
N GLU A 360 21.02 66.16 53.89
CA GLU A 360 19.86 65.46 53.36
C GLU A 360 19.59 64.17 54.13
N ALA A 361 20.63 63.40 54.43
CA ALA A 361 20.42 62.03 54.89
C ALA A 361 20.90 61.75 56.31
N GLY A 362 21.31 62.75 57.09
CA GLY A 362 21.89 62.48 58.38
C GLY A 362 23.30 61.94 58.26
N PRO A 363 23.85 61.39 59.34
CA PRO A 363 25.16 60.73 59.25
C PRO A 363 25.08 59.27 58.85
N SER A 364 23.89 58.76 58.54
CA SER A 364 23.73 57.35 58.17
C SER A 364 24.10 57.07 56.72
N ILE A 365 24.41 58.10 55.94
CA ILE A 365 24.80 57.94 54.54
C ILE A 365 26.19 57.33 54.39
N VAL A 366 27.01 57.37 55.45
CA VAL A 366 28.40 56.95 55.34
C VAL A 366 28.51 55.41 55.30
N HIS A 367 27.48 54.70 55.77
CA HIS A 367 27.46 53.25 55.60
C HIS A 367 27.13 52.88 54.16
N ARG A 368 26.29 53.67 53.51
CA ARG A 368 25.91 53.39 52.13
C ARG A 368 26.99 53.82 51.15
N LYS A 369 27.64 54.96 51.39
CA LYS A 369 28.56 55.53 50.42
C LYS A 369 30.00 55.11 50.64
N CYS A 370 30.30 54.38 51.70
CA CYS A 370 31.64 53.84 51.93
C CYS A 370 31.52 52.37 52.27
N PHE A 371 32.53 51.59 51.90
CA PHE A 371 32.55 50.18 52.20
C PHE A 371 32.90 49.97 53.67
N THR B 1 17.22 -8.25 73.56
CA THR B 1 18.36 -7.39 73.29
C THR B 1 17.95 -6.13 72.54
N THR B 2 18.03 -4.98 73.21
CA THR B 2 17.70 -3.72 72.57
C THR B 2 18.81 -3.29 71.62
N ALA B 3 18.48 -2.34 70.76
CA ALA B 3 19.44 -1.76 69.84
C ALA B 3 19.80 -0.35 70.28
N LEU B 4 20.86 0.17 69.69
CA LEU B 4 21.37 1.49 70.04
C LEU B 4 21.23 2.42 68.85
N VAL B 5 20.67 3.60 69.09
CA VAL B 5 20.52 4.63 68.07
C VAL B 5 21.41 5.80 68.47
N CYS B 6 22.40 6.11 67.65
CA CYS B 6 23.38 7.15 67.95
C CYS B 6 23.54 8.03 66.72
N ASP B 7 22.78 9.12 66.67
CA ASP B 7 23.00 10.15 65.67
C ASP B 7 24.26 10.92 66.06
N ASN B 8 25.36 10.65 65.36
CA ASN B 8 26.57 11.45 65.48
C ASN B 8 26.44 12.66 64.56
N GLY B 9 25.71 13.66 65.05
CA GLY B 9 25.47 14.86 64.29
C GLY B 9 26.69 15.75 64.23
N SER B 10 26.55 16.81 63.43
CA SER B 10 27.64 17.77 63.23
C SER B 10 27.89 18.56 64.51
N GLY B 11 26.84 19.12 65.08
CA GLY B 11 26.91 19.75 66.37
C GLY B 11 26.72 18.82 67.55
N LEU B 12 25.58 18.14 67.62
CA LEU B 12 25.16 17.48 68.85
C LEU B 12 24.98 15.98 68.63
N VAL B 13 25.72 15.18 69.42
CA VAL B 13 25.52 13.75 69.42
C VAL B 13 24.28 13.42 70.25
N LYS B 14 23.35 12.68 69.64
CA LYS B 14 22.11 12.28 70.28
C LYS B 14 22.00 10.76 70.22
N ALA B 15 22.15 10.10 71.36
CA ALA B 15 22.19 8.65 71.41
C ALA B 15 21.21 8.12 72.45
N GLY B 16 20.98 6.82 72.37
CA GLY B 16 20.09 6.15 73.31
C GLY B 16 19.70 4.78 72.79
N PHE B 17 18.62 4.26 73.38
CA PHE B 17 18.18 2.90 73.14
C PHE B 17 17.01 2.86 72.16
N ALA B 18 16.87 1.72 71.50
CA ALA B 18 15.79 1.55 70.53
C ALA B 18 14.44 1.39 71.21
N GLY B 19 13.38 1.71 70.47
CA GLY B 19 12.03 1.58 70.97
C GLY B 19 11.64 2.62 72.00
N ASP B 20 12.32 3.76 72.00
CA ASP B 20 12.06 4.82 72.95
C ASP B 20 11.73 6.10 72.19
N ASP B 21 11.08 7.03 72.89
CA ASP B 21 10.65 8.28 72.27
C ASP B 21 11.71 9.36 72.42
N ALA B 22 12.03 9.73 73.65
CA ALA B 22 13.04 10.73 73.88
C ALA B 22 14.44 10.11 73.82
N PRO B 23 15.40 10.81 73.21
CA PRO B 23 16.79 10.32 73.21
C PRO B 23 17.39 10.38 74.61
N ARG B 24 18.16 9.34 74.96
CA ARG B 24 18.61 9.17 76.33
C ARG B 24 19.74 10.14 76.68
N ALA B 25 20.69 10.34 75.77
CA ALA B 25 21.81 11.24 75.99
C ALA B 25 21.93 12.20 74.83
N VAL B 26 21.80 13.49 75.13
CA VAL B 26 22.01 14.55 74.13
C VAL B 26 23.11 15.43 74.64
N PHE B 27 24.21 15.52 73.90
CA PHE B 27 25.35 16.32 74.34
C PHE B 27 26.10 16.78 73.11
N PRO B 28 26.71 17.97 73.14
CA PRO B 28 27.46 18.43 71.96
C PRO B 28 28.78 17.70 71.82
N SER B 29 29.16 17.45 70.56
CA SER B 29 30.40 16.76 70.25
C SER B 29 31.53 17.78 70.23
N ILE B 30 32.06 18.09 71.40
CA ILE B 30 33.23 18.94 71.54
C ILE B 30 34.26 18.18 72.36
N VAL B 31 35.53 18.45 72.10
CA VAL B 31 36.63 17.92 72.91
C VAL B 31 37.37 19.10 73.50
N GLY B 32 37.43 19.15 74.83
CA GLY B 32 38.20 20.19 75.49
C GLY B 32 39.65 19.80 75.70
N ARG B 33 40.54 20.79 75.60
CA ARG B 33 41.95 20.57 75.85
C ARG B 33 42.54 21.80 76.53
N PRO B 34 43.40 21.63 77.53
CA PRO B 34 43.87 22.79 78.30
C PRO B 34 44.87 23.64 77.53
N ARG B 35 44.75 24.94 77.71
CA ARG B 35 45.63 25.92 77.09
C ARG B 35 46.29 26.79 78.14
N HIS B 36 46.31 26.33 79.39
CA HIS B 36 46.78 27.16 80.49
C HIS B 36 47.64 26.33 81.42
N GLN B 37 48.52 27.01 82.13
CA GLN B 37 49.39 26.39 83.11
C GLN B 37 48.58 26.15 84.39
N GLY B 38 47.98 24.97 84.48
CA GLY B 38 47.33 24.56 85.70
C GLY B 38 48.36 24.24 86.76
N VAL B 39 48.48 25.11 87.76
CA VAL B 39 49.61 25.03 88.66
C VAL B 39 49.29 24.15 89.87
N MET B 40 48.03 23.92 90.17
CA MET B 40 47.65 23.17 91.36
C MET B 40 47.81 21.68 91.10
N VAL B 41 48.66 21.03 91.89
CA VAL B 41 48.94 19.61 91.72
C VAL B 41 47.76 18.80 92.27
N GLY B 42 47.53 17.63 91.69
CA GLY B 42 46.41 16.80 92.11
C GLY B 42 45.10 17.30 91.52
N MET B 43 44.07 17.35 92.39
CA MET B 43 42.71 17.92 92.19
C MET B 43 41.96 17.38 90.96
N GLY B 44 42.32 16.18 90.50
CA GLY B 44 41.64 15.55 89.37
C GLY B 44 41.81 16.23 88.04
N GLN B 45 43.03 16.66 87.71
CA GLN B 45 43.28 17.29 86.43
C GLN B 45 43.28 16.25 85.30
N LYS B 46 42.78 16.66 84.13
CA LYS B 46 42.66 15.77 82.99
C LYS B 46 43.26 16.43 81.75
N ASP B 47 43.81 15.61 80.87
CA ASP B 47 44.36 16.12 79.62
C ASP B 47 43.29 16.39 78.58
N SER B 48 42.09 15.86 78.76
CA SER B 48 41.01 16.09 77.81
C SER B 48 39.69 16.10 78.56
N TYR B 49 38.73 16.84 78.00
CA TYR B 49 37.39 16.94 78.57
C TYR B 49 36.37 16.81 77.45
N VAL B 50 35.31 16.06 77.74
CA VAL B 50 34.35 15.64 76.74
C VAL B 50 32.97 16.15 77.11
N GLY B 51 32.33 16.89 76.20
CA GLY B 51 30.90 17.12 76.30
C GLY B 51 30.55 18.22 77.29
N ASP B 52 29.62 17.89 78.19
CA ASP B 52 29.09 18.88 79.12
C ASP B 52 30.08 19.23 80.21
N GLU B 53 31.02 18.31 80.50
CA GLU B 53 32.15 18.66 81.35
C GLU B 53 33.05 19.69 80.66
N ALA B 54 33.23 19.55 79.35
CA ALA B 54 33.97 20.56 78.60
C ALA B 54 33.16 21.83 78.43
N GLN B 55 31.83 21.72 78.44
CA GLN B 55 30.98 22.90 78.42
C GLN B 55 31.04 23.65 79.75
N SER B 56 31.21 22.92 80.85
CA SER B 56 31.26 23.55 82.17
C SER B 56 32.58 24.31 82.38
N LYS B 57 33.68 23.78 81.85
CA LYS B 57 35.00 24.36 82.07
C LYS B 57 35.55 25.03 80.82
N ARG B 58 34.69 25.61 79.98
CA ARG B 58 35.06 26.01 78.63
C ARG B 58 35.94 27.25 78.54
N GLY B 59 36.09 28.00 79.64
CA GLY B 59 36.87 29.23 79.59
C GLY B 59 38.37 28.97 79.50
N ILE B 60 38.82 27.84 80.01
CA ILE B 60 40.23 27.50 80.02
C ILE B 60 40.54 26.33 79.08
N LEU B 61 39.63 26.01 78.18
CA LEU B 61 39.79 24.86 77.30
C LEU B 61 39.59 25.30 75.86
N THR B 62 40.52 24.91 74.99
CA THR B 62 40.27 24.96 73.55
C THR B 62 39.34 23.82 73.19
N LEU B 63 38.24 24.14 72.52
CA LEU B 63 37.23 23.16 72.16
C LEU B 63 37.35 22.81 70.68
N LYS B 64 37.40 21.52 70.40
CA LYS B 64 37.56 21.02 69.04
C LYS B 64 36.31 20.28 68.61
N TYR B 65 35.87 20.55 67.38
CA TYR B 65 34.77 19.83 66.77
C TYR B 65 35.37 18.70 65.94
N PRO B 66 35.12 17.44 66.26
CA PRO B 66 35.69 16.35 65.44
C PRO B 66 35.00 16.18 64.10
N ILE B 67 33.78 16.68 63.92
CA ILE B 67 33.05 16.54 62.67
C ILE B 67 32.87 17.92 62.04
N GLU B 68 33.24 18.03 60.78
CA GLU B 68 33.07 19.27 60.02
C GLU B 68 32.44 18.99 58.67
N GLY B 70 29.88 17.08 58.12
CA GLY B 70 29.62 15.67 58.03
C GLY B 70 30.84 14.80 57.83
N ILE B 71 32.02 15.41 57.94
CA ILE B 71 33.28 14.72 57.74
C ILE B 71 34.01 14.67 59.07
N ILE B 72 34.27 13.46 59.56
CA ILE B 72 35.01 13.28 60.79
C ILE B 72 36.50 13.43 60.47
N THR B 73 37.13 14.47 61.00
CA THR B 73 38.54 14.72 60.74
C THR B 73 39.42 14.01 61.75
N ASN B 74 39.29 14.34 63.03
CA ASN B 74 40.13 13.76 64.07
C ASN B 74 39.44 12.51 64.57
N TRP B 75 39.97 11.36 64.19
CA TRP B 75 39.32 10.10 64.51
C TRP B 75 39.58 9.66 65.95
N ASP B 76 40.68 10.12 66.54
CA ASP B 76 40.95 9.84 67.95
C ASP B 76 39.97 10.58 68.85
N ASP B 77 39.64 11.83 68.48
CA ASP B 77 38.63 12.60 69.19
C ASP B 77 37.26 11.95 69.06
N MET B 78 36.94 11.43 67.88
CA MET B 78 35.67 10.73 67.66
C MET B 78 35.62 9.41 68.42
N GLU B 79 36.78 8.76 68.58
CA GLU B 79 36.88 7.59 69.44
C GLU B 79 36.61 7.95 70.89
N LYS B 80 37.08 9.12 71.33
CA LYS B 80 36.80 9.58 72.69
C LYS B 80 35.33 9.94 72.88
N ILE B 81 34.70 10.52 71.86
CA ILE B 81 33.25 10.77 71.85
C ILE B 81 32.46 9.47 71.96
N TRP B 82 32.87 8.45 71.20
CA TRP B 82 32.16 7.18 71.20
C TRP B 82 32.36 6.41 72.51
N HIS B 83 33.57 6.47 73.07
CA HIS B 83 33.85 5.84 74.35
C HIS B 83 33.12 6.52 75.50
N HIS B 84 33.02 7.85 75.45
CA HIS B 84 32.28 8.59 76.47
C HIS B 84 30.78 8.34 76.35
N THR B 85 30.25 8.25 75.13
CA THR B 85 28.81 8.06 75.00
C THR B 85 28.42 6.60 75.18
N PHE B 86 29.37 5.67 75.14
CA PHE B 86 29.05 4.29 75.49
C PHE B 86 29.18 4.07 76.99
N TYR B 87 30.25 4.57 77.59
CA TYR B 87 30.58 4.14 78.94
C TYR B 87 30.14 5.12 80.02
N ASN B 88 30.10 6.41 79.72
CA ASN B 88 29.69 7.39 80.72
C ASN B 88 28.22 7.78 80.55
N GLU B 89 27.82 8.08 79.32
CA GLU B 89 26.44 8.49 79.06
C GLU B 89 25.48 7.32 79.15
N LEU B 90 25.83 6.20 78.52
CA LEU B 90 24.90 5.08 78.43
C LEU B 90 25.20 3.97 79.43
N ARG B 91 26.50 3.81 79.77
CA ARG B 91 27.03 2.83 80.73
C ARG B 91 26.67 1.39 80.33
N VAL B 92 26.91 1.06 79.07
CA VAL B 92 26.51 -0.21 78.49
C VAL B 92 27.71 -0.86 77.84
N ALA B 93 27.61 -2.17 77.64
CA ALA B 93 28.65 -2.90 76.92
C ALA B 93 28.37 -2.83 75.43
N PRO B 94 29.31 -2.32 74.62
CA PRO B 94 29.06 -2.23 73.17
C PRO B 94 29.13 -3.58 72.44
N GLU B 95 29.65 -4.61 73.10
CA GLU B 95 29.86 -5.92 72.47
C GLU B 95 28.65 -6.83 72.61
N GLU B 96 27.50 -6.32 73.05
CA GLU B 96 26.31 -7.14 73.20
C GLU B 96 25.08 -6.43 72.65
N HIS B 97 25.27 -5.45 71.78
CA HIS B 97 24.15 -4.66 71.31
C HIS B 97 24.34 -4.20 69.88
N PRO B 98 23.32 -4.31 69.02
CA PRO B 98 23.41 -3.72 67.70
C PRO B 98 23.28 -2.21 67.74
N THR B 99 23.93 -1.55 66.77
CA THR B 99 24.02 -0.09 66.78
C THR B 99 23.84 0.43 65.37
N LEU B 100 23.01 1.45 65.20
CA LEU B 100 22.93 2.14 63.92
C LEU B 100 23.46 3.56 64.09
N LEU B 101 24.16 4.03 63.06
CA LEU B 101 24.71 5.36 63.02
C LEU B 101 24.16 6.09 61.80
N THR B 102 24.07 7.41 61.92
CA THR B 102 23.54 8.25 60.85
C THR B 102 24.67 8.84 60.02
N GLU B 103 24.31 9.26 58.81
CA GLU B 103 25.30 9.79 57.89
C GLU B 103 24.61 10.73 56.90
N ALA B 104 25.28 11.83 56.60
CA ALA B 104 24.83 12.77 55.58
C ALA B 104 24.92 12.13 54.20
N PRO B 105 24.04 12.51 53.27
CA PRO B 105 24.18 12.04 51.89
C PRO B 105 25.34 12.72 51.19
N LEU B 106 25.75 12.10 50.06
CA LEU B 106 26.91 12.48 49.23
C LEU B 106 28.21 12.52 50.02
N ASN B 107 28.37 11.60 50.97
CA ASN B 107 29.51 11.60 51.84
C ASN B 107 30.72 11.02 51.11
N PRO B 108 31.94 11.37 51.55
CA PRO B 108 33.10 10.57 51.19
C PRO B 108 32.97 9.15 51.73
N LYS B 109 33.45 8.19 50.94
CA LYS B 109 33.30 6.79 51.31
C LYS B 109 34.21 6.40 52.46
N ALA B 110 35.39 7.05 52.56
CA ALA B 110 36.39 6.70 53.57
C ALA B 110 35.94 7.07 54.99
N ASN B 111 35.04 8.06 55.10
CA ASN B 111 34.34 8.36 56.36
C ASN B 111 33.54 7.15 56.84
N ARG B 112 32.77 6.55 55.94
CA ARG B 112 32.00 5.36 56.25
C ARG B 112 32.89 4.15 56.49
N GLU B 113 34.02 4.08 55.78
CA GLU B 113 34.98 2.99 55.92
C GLU B 113 35.63 3.00 57.30
N LYS B 114 36.07 4.18 57.75
CA LYS B 114 36.70 4.29 59.06
C LYS B 114 35.67 4.15 60.18
N MET B 115 34.41 4.52 59.91
CA MET B 115 33.33 4.27 60.86
C MET B 115 33.10 2.77 61.05
N THR B 116 33.08 2.02 59.93
CA THR B 116 32.88 0.57 59.96
C THR B 116 34.05 -0.14 60.62
N GLN B 117 35.26 0.37 60.36
CA GLN B 117 36.48 -0.19 60.95
C GLN B 117 36.56 0.03 62.46
N ILE B 118 36.23 1.24 62.93
CA ILE B 118 36.23 1.51 64.37
C ILE B 118 35.09 0.75 65.07
N MET B 119 33.92 0.65 64.41
CA MET B 119 32.79 0.03 65.09
C MET B 119 32.87 -1.49 65.11
N PHE B 120 33.56 -2.13 64.15
CA PHE B 120 33.85 -3.55 64.34
C PHE B 120 35.21 -3.85 64.96
N GLU B 121 36.06 -2.87 65.23
CA GLU B 121 37.32 -3.22 65.87
C GLU B 121 37.47 -2.64 67.28
N THR B 122 37.37 -1.32 67.43
CA THR B 122 37.63 -0.70 68.74
C THR B 122 36.45 -0.91 69.69
N PHE B 123 35.23 -0.85 69.17
CA PHE B 123 34.03 -1.04 69.97
C PHE B 123 33.20 -2.15 69.34
N ASN B 124 33.84 -3.30 69.13
CA ASN B 124 33.37 -4.42 68.30
C ASN B 124 31.99 -4.93 68.69
N VAL B 125 31.03 -4.65 67.81
CA VAL B 125 29.60 -4.86 68.04
C VAL B 125 29.23 -6.24 67.54
N PRO B 126 28.11 -6.83 67.99
CA PRO B 126 27.54 -7.95 67.23
C PRO B 126 27.11 -7.56 65.83
N ALA B 127 26.55 -6.35 65.67
CA ALA B 127 26.01 -5.90 64.40
C ALA B 127 25.98 -4.37 64.41
N MET B 128 26.00 -3.78 63.22
CA MET B 128 25.80 -2.35 63.10
C MET B 128 25.13 -2.06 61.76
N TYR B 129 24.72 -0.79 61.61
CA TYR B 129 24.21 -0.30 60.33
C TYR B 129 24.52 1.18 60.21
N VAL B 130 24.69 1.64 58.97
CA VAL B 130 24.87 3.05 58.66
C VAL B 130 23.75 3.46 57.71
N ALA B 131 23.00 4.50 58.09
CA ALA B 131 21.83 4.89 57.32
C ALA B 131 21.83 6.39 57.11
N ILE B 132 20.90 6.84 56.28
CA ILE B 132 20.74 8.24 55.92
C ILE B 132 19.77 8.89 56.90
N GLN B 133 20.06 10.14 57.27
CA GLN B 133 19.29 10.89 58.25
C GLN B 133 17.89 11.23 57.74
N ALA B 134 17.76 11.53 56.45
CA ALA B 134 16.49 11.97 55.89
C ALA B 134 15.49 10.84 55.78
N VAL B 135 15.98 9.60 55.61
CA VAL B 135 15.12 8.42 55.63
C VAL B 135 14.52 8.21 57.01
N LEU B 136 15.33 8.46 58.05
CA LEU B 136 14.83 8.39 59.41
C LEU B 136 13.90 9.55 59.72
N SER B 137 14.11 10.70 59.10
CA SER B 137 13.22 11.83 59.28
C SER B 137 11.86 11.59 58.63
N LEU B 138 11.86 10.91 57.47
CA LEU B 138 10.59 10.53 56.85
C LEU B 138 9.94 9.37 57.60
N TYR B 139 10.73 8.53 58.26
CA TYR B 139 10.18 7.51 59.16
C TYR B 139 9.52 8.15 60.37
N ALA B 140 10.12 9.22 60.90
CA ALA B 140 9.55 9.91 62.04
C ALA B 140 8.33 10.74 61.65
N SER B 141 8.28 11.16 60.38
CA SER B 141 7.07 11.81 59.88
C SER B 141 5.90 10.83 59.79
N GLY B 142 6.19 9.55 59.54
CA GLY B 142 5.18 8.53 59.51
C GLY B 142 4.56 8.29 58.16
N ARG B 143 4.69 9.24 57.23
CA ARG B 143 4.20 9.06 55.88
C ARG B 143 5.24 8.31 55.05
N THR B 144 4.95 8.13 53.77
CA THR B 144 5.80 7.33 52.92
C THR B 144 6.52 8.16 51.85
N THR B 145 5.83 9.13 51.27
CA THR B 145 6.42 10.02 50.28
C THR B 145 6.80 11.35 50.93
N GLY B 146 7.31 12.25 50.11
CA GLY B 146 7.64 13.60 50.51
C GLY B 146 9.10 13.93 50.28
N ILE B 147 9.40 15.22 50.45
CA ILE B 147 10.76 15.73 50.36
C ILE B 147 11.17 16.21 51.75
N VAL B 148 12.35 15.77 52.19
CA VAL B 148 12.85 16.05 53.52
C VAL B 148 14.01 17.02 53.39
N LEU B 149 13.87 18.18 54.00
CA LEU B 149 14.96 19.13 54.19
C LEU B 149 15.49 18.90 55.60
N ASP B 150 16.69 18.35 55.70
CA ASP B 150 17.32 18.16 57.00
C ASP B 150 18.53 19.07 57.09
N SER B 151 18.59 19.84 58.17
CA SER B 151 19.69 20.80 58.36
C SER B 151 20.19 20.68 59.79
N GLY B 152 21.36 20.09 59.95
CA GLY B 152 22.03 20.04 61.24
C GLY B 152 22.91 21.26 61.47
N ASP B 153 24.09 21.06 62.04
CA ASP B 153 24.98 22.19 62.27
C ASP B 153 25.92 22.41 61.10
N GLY B 154 26.17 21.37 60.29
CA GLY B 154 27.06 21.55 59.15
C GLY B 154 26.45 21.30 57.79
N VAL B 155 25.48 20.38 57.70
CA VAL B 155 24.99 19.87 56.43
C VAL B 155 23.54 20.25 56.28
N THR B 156 23.18 20.79 55.11
CA THR B 156 21.77 21.04 54.80
C THR B 156 21.45 20.31 53.50
N HIS B 157 20.63 19.27 53.58
CA HIS B 157 20.36 18.46 52.40
C HIS B 157 18.86 18.24 52.18
N ASN B 158 18.48 18.23 50.91
CA ASN B 158 17.15 17.88 50.45
C ASN B 158 17.18 16.49 49.85
N VAL B 159 16.32 15.61 50.35
CA VAL B 159 16.16 14.26 49.80
C VAL B 159 14.69 14.04 49.45
N PRO B 160 14.35 13.84 48.18
CA PRO B 160 12.98 13.44 47.85
C PRO B 160 12.78 11.93 47.79
N ILE B 161 11.78 11.41 48.49
CA ILE B 161 11.46 9.98 48.47
C ILE B 161 9.97 9.83 48.17
N TYR B 162 9.65 9.07 47.13
CA TYR B 162 8.27 8.80 46.75
C TYR B 162 7.99 7.32 46.91
N GLU B 163 6.96 6.99 47.73
CA GLU B 163 6.48 5.63 48.02
C GLU B 163 7.57 4.72 48.57
N GLY B 164 8.46 5.28 49.39
CA GLY B 164 9.56 4.52 49.93
C GLY B 164 10.74 4.35 48.99
N TYR B 165 10.70 4.94 47.80
CA TYR B 165 11.78 4.82 46.83
C TYR B 165 12.51 6.16 46.77
N ALA B 166 13.80 6.13 47.07
CA ALA B 166 14.62 7.33 46.96
C ALA B 166 14.98 7.58 45.50
N LEU B 167 15.22 8.86 45.18
CA LEU B 167 15.72 9.25 43.87
C LEU B 167 17.14 9.73 44.06
N PRO B 168 18.14 8.91 43.73
CA PRO B 168 19.54 9.26 44.08
C PRO B 168 20.13 10.37 43.23
N HIS B 169 19.60 10.59 42.03
CA HIS B 169 20.11 11.69 41.22
C HIS B 169 19.57 13.04 41.70
N ALA B 170 18.47 13.04 42.45
CA ALA B 170 17.82 14.27 42.86
C ALA B 170 18.21 14.73 44.25
N ILE B 171 19.12 14.01 44.92
CA ILE B 171 19.52 14.39 46.27
C ILE B 171 20.45 15.59 46.21
N MET B 172 20.12 16.65 46.93
CA MET B 172 20.90 17.87 46.88
C MET B 172 21.50 18.19 48.24
N ARG B 173 22.77 18.61 48.23
CA ARG B 173 23.53 18.89 49.44
C ARG B 173 24.07 20.31 49.37
N LEU B 174 24.04 21.00 50.51
CA LEU B 174 24.64 22.32 50.59
C LEU B 174 25.35 22.47 51.94
N ASP B 175 26.57 22.99 51.88
CA ASP B 175 27.40 23.20 53.06
C ASP B 175 27.12 24.59 53.66
N LEU B 176 25.93 24.72 54.21
CA LEU B 176 25.49 25.97 54.83
C LEU B 176 24.47 25.61 55.89
N ALA B 177 24.87 25.71 57.15
CA ALA B 177 23.99 25.37 58.26
C ALA B 177 24.40 26.23 59.46
N GLY B 178 24.00 25.80 60.65
CA GLY B 178 23.97 26.67 61.82
C GLY B 178 25.33 27.08 62.36
N ARG B 179 26.39 26.30 62.06
CA ARG B 179 27.73 26.74 62.45
C ARG B 179 28.19 27.91 61.59
N ASP B 180 27.82 27.91 60.31
CA ASP B 180 28.10 29.06 59.45
C ASP B 180 27.27 30.27 59.85
N LEU B 181 26.05 30.02 60.35
CA LEU B 181 25.22 31.09 60.90
C LEU B 181 25.82 31.66 62.18
N THR B 182 26.42 30.79 63.00
CA THR B 182 27.09 31.23 64.23
C THR B 182 28.35 32.04 63.91
N ASP B 183 29.09 31.63 62.88
CA ASP B 183 30.27 32.37 62.44
C ASP B 183 29.88 33.71 61.80
N TYR B 184 28.76 33.74 61.09
CA TYR B 184 28.27 34.98 60.50
C TYR B 184 27.77 35.93 61.58
N LEU B 185 27.14 35.39 62.63
CA LEU B 185 26.72 36.20 63.76
C LEU B 185 27.91 36.72 64.55
N MET B 186 28.96 35.92 64.66
CA MET B 186 30.22 36.35 65.28
C MET B 186 30.91 37.43 64.46
N LYS B 187 30.72 37.40 63.13
CA LYS B 187 31.21 38.49 62.30
C LYS B 187 30.40 39.76 62.52
N ILE B 188 29.07 39.65 62.49
CA ILE B 188 28.27 40.88 62.48
C ILE B 188 27.99 41.43 63.87
N LEU B 189 28.40 40.74 64.94
CA LEU B 189 28.24 41.29 66.28
C LEU B 189 29.20 42.44 66.57
N THR B 190 30.27 42.58 65.78
CA THR B 190 31.24 43.66 65.99
C THR B 190 30.74 45.01 65.48
N GLU B 191 29.59 45.05 64.79
CA GLU B 191 29.03 46.32 64.34
C GLU B 191 28.54 47.15 65.51
N ARG B 192 28.01 46.51 66.55
CA ARG B 192 27.59 47.19 67.76
C ARG B 192 28.70 47.30 68.80
N GLY B 193 29.87 46.77 68.51
CA GLY B 193 30.98 46.84 69.44
C GLY B 193 31.24 45.61 70.27
N TYR B 194 30.52 44.53 70.04
CA TYR B 194 30.69 43.30 70.80
C TYR B 194 31.63 42.39 70.01
N SER B 195 32.82 42.15 70.56
CA SER B 195 33.84 41.37 69.89
C SER B 195 33.95 39.98 70.54
N PHE B 196 33.92 38.95 69.71
CA PHE B 196 34.03 37.57 70.18
C PHE B 196 34.92 36.82 69.21
N VAL B 197 36.06 36.32 69.68
CA VAL B 197 36.99 35.60 68.81
C VAL B 197 37.31 34.20 69.29
N THR B 198 37.15 33.86 70.56
CA THR B 198 37.59 32.57 71.06
C THR B 198 36.52 31.50 70.84
N THR B 199 36.92 30.24 71.02
CA THR B 199 36.01 29.12 70.84
C THR B 199 35.02 29.01 71.98
N ALA B 200 35.37 29.53 73.16
CA ALA B 200 34.42 29.57 74.27
C ALA B 200 33.30 30.56 74.01
N GLU B 201 33.61 31.64 73.30
CA GLU B 201 32.60 32.63 72.94
C GLU B 201 31.65 32.13 71.85
N ARG B 202 32.07 31.12 71.09
CA ARG B 202 31.24 30.54 70.04
C ARG B 202 30.01 29.86 70.61
N GLU B 203 30.14 29.26 71.80
CA GLU B 203 29.00 28.67 72.49
C GLU B 203 28.03 29.75 72.98
N ILE B 204 28.55 30.91 73.36
CA ILE B 204 27.72 32.02 73.82
C ILE B 204 26.95 32.63 72.65
N VAL B 205 27.61 32.78 71.50
CA VAL B 205 26.96 33.29 70.29
C VAL B 205 25.96 32.26 69.75
N ARG B 206 26.25 30.98 69.91
CA ARG B 206 25.28 29.92 69.58
C ARG B 206 24.08 29.94 70.50
N ASP B 207 24.29 30.27 71.78
CA ASP B 207 23.17 30.43 72.71
C ASP B 207 22.31 31.64 72.38
N ILE B 208 22.95 32.73 71.93
CA ILE B 208 22.23 33.92 71.45
C ILE B 208 21.41 33.59 70.20
N LYS B 209 21.99 32.79 69.31
CA LYS B 209 21.31 32.34 68.10
C LYS B 209 20.12 31.43 68.41
N GLU B 210 20.27 30.55 69.40
CA GLU B 210 19.18 29.67 69.78
C GLU B 210 18.08 30.41 70.52
N LYS B 211 18.44 31.42 71.31
CA LYS B 211 17.44 32.06 72.15
C LYS B 211 16.70 33.19 71.44
N LEU B 212 17.39 33.96 70.60
CA LEU B 212 16.85 35.24 70.17
C LEU B 212 16.56 35.35 68.67
N CYS B 213 17.17 34.51 67.84
CA CYS B 213 17.03 34.68 66.41
C CYS B 213 15.69 34.12 65.93
N TYR B 214 15.22 34.68 64.81
CA TYR B 214 13.95 34.28 64.20
C TYR B 214 13.98 34.65 62.73
N VAL B 215 13.14 34.00 61.95
CA VAL B 215 13.10 34.20 60.51
C VAL B 215 12.03 35.24 60.18
N ALA B 216 12.43 36.30 59.48
CA ALA B 216 11.49 37.30 59.01
C ALA B 216 10.69 36.78 57.83
N LEU B 217 9.41 37.17 57.77
CA LEU B 217 8.58 36.79 56.63
C LEU B 217 8.96 37.59 55.38
N ASP B 218 9.15 38.89 55.53
CA ASP B 218 9.73 39.72 54.48
C ASP B 218 10.98 40.36 55.05
N PHE B 219 12.08 40.25 54.32
CA PHE B 219 13.35 40.76 54.83
C PHE B 219 13.42 42.27 54.75
N GLU B 220 12.89 42.84 53.67
CA GLU B 220 13.07 44.27 53.40
C GLU B 220 12.20 45.13 54.30
N ASN B 221 10.96 44.70 54.53
CA ASN B 221 10.04 45.45 55.40
C ASN B 221 10.47 45.35 56.85
N GLU B 222 11.02 44.19 57.25
CA GLU B 222 11.54 44.05 58.61
C GLU B 222 12.82 44.85 58.80
N MET B 223 13.64 44.96 57.75
CA MET B 223 14.83 45.80 57.82
C MET B 223 14.47 47.28 57.89
N ALA B 224 13.40 47.69 57.17
CA ALA B 224 12.92 49.06 57.27
C ALA B 224 12.27 49.34 58.61
N THR B 225 11.62 48.33 59.19
CA THR B 225 11.04 48.46 60.53
C THR B 225 12.12 48.58 61.60
N ALA B 226 13.20 47.81 61.46
CA ALA B 226 14.31 47.89 62.40
C ALA B 226 15.10 49.19 62.23
N ALA B 227 15.18 49.69 60.99
CA ALA B 227 15.84 50.97 60.76
C ALA B 227 14.99 52.13 61.27
N SER B 228 13.67 51.98 61.26
CA SER B 228 12.79 53.05 61.71
C SER B 228 12.77 53.15 63.23
N SER B 229 12.33 52.09 63.90
CA SER B 229 12.14 52.12 65.34
C SER B 229 12.82 50.92 65.98
N SER B 230 13.12 51.06 67.26
CA SER B 230 13.76 50.00 68.05
C SER B 230 12.74 49.15 68.79
N SER B 231 11.73 48.68 68.06
CA SER B 231 10.73 47.81 68.69
C SER B 231 11.16 46.35 68.69
N LEU B 232 11.97 45.94 67.72
CA LEU B 232 12.42 44.57 67.61
C LEU B 232 13.68 44.27 68.41
N GLU B 233 14.22 45.26 69.11
CA GLU B 233 15.47 45.08 69.85
C GLU B 233 15.25 44.25 71.10
N LYS B 234 16.18 43.35 71.37
CA LYS B 234 16.14 42.52 72.56
C LYS B 234 17.48 42.55 73.26
N SER B 235 17.43 42.44 74.59
CA SER B 235 18.62 42.42 75.41
C SER B 235 18.89 41.00 75.93
N TYR B 236 20.15 40.77 76.27
CA TYR B 236 20.59 39.45 76.74
C TYR B 236 21.80 39.63 77.64
N GLU B 237 21.80 38.94 78.77
CA GLU B 237 22.85 39.10 79.76
C GLU B 237 23.89 38.00 79.60
N LEU B 238 25.16 38.39 79.48
CA LEU B 238 26.28 37.47 79.41
C LEU B 238 26.52 36.88 80.81
N PRO B 239 27.14 35.68 80.89
CA PRO B 239 27.37 35.07 82.22
C PRO B 239 28.33 35.82 83.15
N ASP B 240 29.16 36.72 82.65
CA ASP B 240 29.93 37.56 83.56
C ASP B 240 29.06 38.64 84.20
N GLY B 241 28.03 39.08 83.49
CA GLY B 241 27.14 40.10 84.01
C GLY B 241 26.79 41.19 83.01
N GLN B 242 27.54 41.26 81.91
CA GLN B 242 27.30 42.29 80.91
C GLN B 242 26.05 41.98 80.10
N VAL B 243 25.34 43.04 79.70
CA VAL B 243 24.10 42.91 78.94
C VAL B 243 24.33 43.54 77.57
N ILE B 244 24.11 42.75 76.54
CA ILE B 244 24.14 43.24 75.17
C ILE B 244 22.72 43.46 74.70
N THR B 245 22.56 44.27 73.65
CA THR B 245 21.26 44.52 73.04
C THR B 245 21.44 44.48 71.53
N ILE B 246 20.56 43.78 70.84
CA ILE B 246 20.66 43.63 69.39
C ILE B 246 19.32 43.94 68.74
N GLY B 247 19.38 44.38 67.49
CA GLY B 247 18.20 44.79 66.73
C GLY B 247 17.90 43.90 65.54
N ASN B 248 18.34 44.35 64.36
CA ASN B 248 18.01 43.69 63.09
C ASN B 248 18.72 42.35 62.92
N GLU B 249 19.80 42.12 63.68
CA GLU B 249 20.62 40.93 63.58
C GLU B 249 19.91 39.66 64.05
N ARG B 250 18.79 39.79 64.77
CA ARG B 250 17.93 38.67 65.07
C ARG B 250 17.29 38.05 63.83
N PHE B 251 17.12 38.82 62.74
CA PHE B 251 16.68 38.20 61.49
C PHE B 251 17.72 38.26 60.38
N ARG B 252 18.83 38.98 60.57
CA ARG B 252 19.87 39.00 59.56
C ARG B 252 20.66 37.70 59.55
N CYS B 253 20.76 37.04 60.71
CA CYS B 253 21.46 35.75 60.78
C CYS B 253 20.77 34.61 60.01
N PRO B 254 19.46 34.31 60.17
CA PRO B 254 18.93 33.17 59.39
C PRO B 254 18.53 33.52 57.97
N GLU B 255 18.75 34.77 57.51
CA GLU B 255 18.51 35.12 56.11
C GLU B 255 19.55 34.50 55.18
N THR B 256 20.71 34.09 55.74
CA THR B 256 21.77 33.42 54.98
C THR B 256 21.29 32.05 54.45
N LEU B 257 20.35 31.42 55.16
CA LEU B 257 19.68 30.22 54.66
C LEU B 257 18.88 30.51 53.40
N PHE B 258 18.21 31.65 53.34
CA PHE B 258 17.48 32.05 52.15
C PHE B 258 18.31 32.93 51.23
N GLN B 259 19.52 33.31 51.63
CA GLN B 259 20.36 34.14 50.77
C GLN B 259 21.83 33.86 51.06
N PRO B 260 22.45 32.92 50.35
CA PRO B 260 23.86 32.57 50.64
C PRO B 260 24.90 33.56 50.16
N SER B 261 24.51 34.67 49.54
CA SER B 261 25.49 35.67 49.10
C SER B 261 26.02 36.53 50.25
N PHE B 262 25.42 36.43 51.44
CA PHE B 262 25.91 37.16 52.61
C PHE B 262 27.27 36.65 53.06
N ILE B 263 27.51 35.35 52.96
CA ILE B 263 28.81 34.80 53.31
C ILE B 263 29.59 34.50 52.04
N GLY B 264 29.15 35.08 50.93
CA GLY B 264 29.83 34.93 49.66
C GLY B 264 29.77 33.55 49.04
N MET B 265 28.63 32.89 49.13
CA MET B 265 28.44 31.59 48.50
C MET B 265 27.60 31.76 47.25
N GLU B 266 28.05 31.17 46.14
CA GLU B 266 27.40 31.37 44.85
C GLU B 266 26.11 30.57 44.71
N SER B 267 25.89 29.58 45.58
CA SER B 267 24.69 28.75 45.52
C SER B 267 23.45 29.54 45.93
N ALA B 268 22.29 29.00 45.58
CA ALA B 268 21.03 29.65 45.86
C ALA B 268 20.49 29.19 47.22
N GLY B 269 19.33 29.71 47.59
CA GLY B 269 18.74 29.41 48.89
C GLY B 269 18.15 28.02 48.96
N ILE B 270 17.77 27.65 50.19
CA ILE B 270 17.28 26.30 50.46
C ILE B 270 15.87 26.10 49.90
N HIS B 271 15.10 27.18 49.76
CA HIS B 271 13.83 27.08 49.05
C HIS B 271 14.05 26.87 47.56
N GLU B 272 15.10 27.50 47.00
CA GLU B 272 15.44 27.29 45.60
C GLU B 272 16.05 25.92 45.38
N THR B 273 16.82 25.44 46.37
CA THR B 273 17.38 24.10 46.33
C THR B 273 16.28 23.05 46.41
N THR B 274 15.26 23.31 47.24
CA THR B 274 14.11 22.41 47.35
C THR B 274 13.28 22.41 46.07
N TYR B 275 13.12 23.58 45.45
CA TYR B 275 12.37 23.68 44.19
C TYR B 275 13.11 23.00 43.04
N ASN B 276 14.44 23.13 43.00
CA ASN B 276 15.21 22.45 41.97
C ASN B 276 15.31 20.96 42.23
N SER B 277 15.23 20.56 43.50
CA SER B 277 15.19 19.14 43.83
C SER B 277 13.86 18.52 43.43
N ILE B 278 12.77 19.29 43.56
CA ILE B 278 11.46 18.83 43.11
C ILE B 278 11.41 18.75 41.60
N MET B 279 11.95 19.77 40.92
CA MET B 279 11.88 19.83 39.47
C MET B 279 12.85 18.86 38.80
N LYS B 280 13.86 18.38 39.53
CA LYS B 280 14.73 17.34 38.97
C LYS B 280 14.06 15.97 38.97
N CYS B 281 13.01 15.80 39.78
CA CYS B 281 12.31 14.53 39.83
C CYS B 281 11.40 14.34 38.63
N ASP B 282 10.80 13.15 38.56
CA ASP B 282 9.76 12.91 37.57
C ASP B 282 8.49 13.69 37.91
N ILE B 283 7.69 13.95 36.89
CA ILE B 283 6.67 14.99 36.97
C ILE B 283 5.44 14.51 37.75
N ASP B 284 5.12 13.21 37.66
CA ASP B 284 3.87 12.67 38.19
C ASP B 284 3.87 12.60 39.70
N ILE B 285 5.04 12.65 40.33
CA ILE B 285 5.13 12.67 41.77
C ILE B 285 5.23 14.08 42.34
N ARG B 286 5.34 15.10 41.47
CA ARG B 286 5.76 16.46 41.88
C ARG B 286 4.73 17.13 42.77
N LYS B 287 3.44 16.90 42.50
CA LYS B 287 2.34 17.38 43.33
C LYS B 287 2.41 16.79 44.72
N ASP B 288 2.79 15.51 44.82
CA ASP B 288 2.96 14.88 46.12
C ASP B 288 4.23 15.36 46.80
N LEU B 289 5.19 15.93 46.05
CA LEU B 289 6.29 16.58 46.71
C LEU B 289 5.90 17.96 47.21
N TYR B 290 4.86 18.56 46.62
CA TYR B 290 4.49 19.91 47.03
C TYR B 290 3.71 19.92 48.35
N ALA B 291 3.00 18.83 48.65
CA ALA B 291 2.14 18.81 49.82
C ALA B 291 2.73 18.03 51.00
N ASN B 292 3.96 17.53 50.89
CA ASN B 292 4.52 16.70 51.95
C ASN B 292 5.94 17.13 52.28
N ASN B 293 6.14 18.43 52.49
CA ASN B 293 7.43 18.94 52.91
C ASN B 293 7.68 18.62 54.38
N VAL B 294 8.83 17.99 54.66
CA VAL B 294 9.20 17.61 56.02
C VAL B 294 10.52 18.27 56.35
N MET B 295 10.54 19.14 57.35
CA MET B 295 11.75 19.79 57.80
C MET B 295 12.24 19.13 59.08
N SER B 296 13.56 18.99 59.21
CA SER B 296 14.12 18.38 60.40
C SER B 296 15.49 18.97 60.70
N GLY B 297 15.89 18.85 61.96
CA GLY B 297 17.08 19.47 62.47
C GLY B 297 16.77 20.68 63.33
N GLY B 298 17.76 21.11 64.11
CA GLY B 298 17.58 22.27 64.96
C GLY B 298 17.58 23.58 64.20
N THR B 299 18.18 23.59 63.00
CA THR B 299 18.28 24.79 62.19
C THR B 299 16.91 25.22 61.65
N THR B 300 16.00 24.27 61.50
CA THR B 300 14.62 24.55 61.19
C THR B 300 13.76 24.85 62.42
N MET B 301 14.38 25.19 63.55
CA MET B 301 13.64 25.50 64.77
C MET B 301 13.44 27.00 64.99
N TYR B 302 13.71 27.84 63.98
CA TYR B 302 13.42 29.25 64.11
C TYR B 302 11.92 29.48 64.01
N PRO B 303 11.35 30.40 64.81
CA PRO B 303 9.89 30.58 64.78
C PRO B 303 9.39 31.57 63.74
N GLY B 304 9.92 31.51 62.53
CA GLY B 304 9.32 32.23 61.42
C GLY B 304 9.54 31.52 60.09
N ILE B 305 10.07 30.31 60.15
CA ILE B 305 10.68 29.72 58.96
C ILE B 305 9.67 28.96 58.09
N ALA B 306 8.57 28.49 58.68
CA ALA B 306 7.61 27.69 57.91
C ALA B 306 6.77 28.58 57.01
N ASP B 307 6.38 29.76 57.49
CA ASP B 307 5.60 30.70 56.70
C ASP B 307 6.44 31.32 55.59
N ARG B 308 7.71 31.63 55.88
CA ARG B 308 8.63 32.14 54.87
C ARG B 308 8.93 31.10 53.80
N MET B 309 9.11 29.83 54.22
CA MET B 309 9.36 28.73 53.29
C MET B 309 8.14 28.46 52.41
N GLN B 310 6.94 28.51 53.00
CA GLN B 310 5.71 28.29 52.26
C GLN B 310 5.44 29.43 51.29
N LYS B 311 5.74 30.67 51.70
CA LYS B 311 5.59 31.83 50.83
C LYS B 311 6.55 31.80 49.65
N GLU B 312 7.80 31.39 49.91
CA GLU B 312 8.80 31.33 48.84
C GLU B 312 8.53 30.20 47.86
N ILE B 313 8.09 29.04 48.35
CA ILE B 313 7.76 27.94 47.45
C ILE B 313 6.48 28.24 46.66
N THR B 314 5.49 28.87 47.32
CA THR B 314 4.24 29.26 46.67
C THR B 314 4.48 30.34 45.62
N ALA B 315 5.46 31.22 45.85
CA ALA B 315 5.90 32.13 44.80
C ALA B 315 6.63 31.37 43.68
N LEU B 316 7.38 30.33 44.03
CA LEU B 316 8.16 29.62 43.02
C LEU B 316 7.30 28.65 42.22
N ALA B 317 6.43 27.89 42.89
CA ALA B 317 5.60 26.90 42.23
C ALA B 317 4.45 27.57 41.47
N PRO B 318 3.82 26.86 40.52
CA PRO B 318 2.54 27.33 39.99
C PRO B 318 1.44 27.36 41.05
N SER B 319 0.45 28.21 40.80
CA SER B 319 -0.48 28.63 41.83
C SER B 319 -1.50 27.55 42.20
N THR B 320 -1.67 26.55 41.35
CA THR B 320 -2.65 25.50 41.62
C THR B 320 -2.19 24.53 42.70
N MET B 321 -0.89 24.48 42.99
CA MET B 321 -0.35 23.50 43.92
C MET B 321 -0.61 23.91 45.35
N LYS B 322 -0.79 22.92 46.22
CA LYS B 322 -0.99 23.11 47.64
C LYS B 322 0.35 22.93 48.34
N ILE B 323 0.93 24.03 48.80
CA ILE B 323 2.25 24.02 49.42
C ILE B 323 2.02 23.77 50.91
N LYS B 324 2.20 22.52 51.31
CA LYS B 324 2.02 22.12 52.70
C LYS B 324 3.37 21.75 53.30
N ILE B 325 3.61 22.22 54.52
CA ILE B 325 4.86 21.99 55.23
C ILE B 325 4.53 21.30 56.56
N ILE B 326 5.13 20.14 56.79
CA ILE B 326 5.03 19.46 58.08
C ILE B 326 6.27 19.84 58.88
N ALA B 327 6.06 20.64 59.92
CA ALA B 327 7.14 21.07 60.82
C ALA B 327 6.72 20.69 62.23
N PRO B 328 7.01 19.47 62.67
CA PRO B 328 6.64 19.06 64.03
C PRO B 328 7.52 19.74 65.06
N PRO B 329 7.04 19.88 66.31
CA PRO B 329 7.89 20.48 67.35
C PRO B 329 9.04 19.59 67.79
N GLU B 330 8.98 18.29 67.53
CA GLU B 330 10.03 17.35 67.85
C GLU B 330 10.98 17.10 66.68
N ARG B 331 11.12 18.07 65.77
CA ARG B 331 11.94 17.88 64.58
C ARG B 331 13.44 17.97 64.87
N LYS B 332 13.82 18.50 66.04
CA LYS B 332 15.22 18.50 66.43
C LYS B 332 15.74 17.09 66.71
N TYR B 333 14.91 16.26 67.33
CA TYR B 333 15.30 14.90 67.70
C TYR B 333 14.63 13.86 66.82
N SER B 334 14.13 14.27 65.65
CA SER B 334 13.36 13.38 64.79
C SER B 334 14.22 12.32 64.12
N VAL B 335 15.52 12.59 63.96
CA VAL B 335 16.44 11.62 63.40
C VAL B 335 16.60 10.42 64.35
N TRP B 336 16.72 10.70 65.64
CA TRP B 336 16.81 9.66 66.66
C TRP B 336 15.50 8.90 66.79
N ILE B 337 14.38 9.61 66.65
CA ILE B 337 13.04 8.99 66.76
C ILE B 337 12.81 8.03 65.61
N GLY B 338 13.15 8.45 64.38
CA GLY B 338 13.03 7.56 63.24
C GLY B 338 14.06 6.44 63.23
N GLY B 339 15.20 6.67 63.89
CA GLY B 339 16.14 5.58 64.11
C GLY B 339 15.60 4.53 65.06
N SER B 340 14.89 4.96 66.10
CA SER B 340 14.21 4.03 67.00
C SER B 340 13.06 3.32 66.29
N ILE B 341 12.39 4.02 65.38
CA ILE B 341 11.32 3.44 64.55
C ILE B 341 11.87 2.34 63.65
N LEU B 342 13.02 2.61 63.02
CA LEU B 342 13.64 1.64 62.12
C LEU B 342 14.22 0.45 62.90
N ALA B 343 14.80 0.71 64.07
CA ALA B 343 15.38 -0.36 64.87
C ALA B 343 14.31 -1.19 65.57
N SER B 344 13.10 -0.65 65.73
CA SER B 344 12.03 -1.44 66.35
C SER B 344 11.44 -2.47 65.39
N LEU B 345 11.69 -2.33 64.10
CA LEU B 345 11.06 -3.18 63.10
C LEU B 345 11.66 -4.59 63.08
N SER B 346 10.81 -5.57 62.81
CA SER B 346 11.25 -6.96 62.70
C SER B 346 11.85 -7.25 61.34
N THR B 347 11.46 -6.49 60.31
CA THR B 347 12.00 -6.69 58.97
C THR B 347 13.44 -6.19 58.88
N PHE B 348 13.83 -5.25 59.73
CA PHE B 348 15.18 -4.72 59.76
C PHE B 348 16.16 -5.65 60.48
N GLN B 349 15.66 -6.72 61.13
CA GLN B 349 16.52 -7.61 61.89
C GLN B 349 17.42 -8.45 61.00
N GLN B 350 17.01 -8.69 59.76
CA GLN B 350 17.87 -9.39 58.81
C GLN B 350 18.80 -8.46 58.05
N MET B 351 18.59 -7.16 58.13
CA MET B 351 19.40 -6.21 57.37
C MET B 351 20.67 -5.78 58.07
N TRP B 352 20.97 -6.34 59.24
CA TRP B 352 22.16 -5.94 59.97
C TRP B 352 23.42 -6.54 59.35
N ILE B 353 24.52 -5.82 59.48
CA ILE B 353 25.83 -6.30 59.04
C ILE B 353 26.48 -6.98 60.23
N THR B 354 26.62 -8.30 60.15
CA THR B 354 27.13 -9.06 61.27
C THR B 354 28.65 -9.00 61.34
N LYS B 355 29.19 -9.66 62.37
CA LYS B 355 30.63 -9.77 62.55
C LYS B 355 31.24 -10.63 61.44
N GLN B 356 30.54 -11.69 61.04
CA GLN B 356 31.08 -12.66 60.11
C GLN B 356 31.13 -12.10 58.69
N GLU B 357 30.17 -11.24 58.34
CA GLU B 357 30.21 -10.58 57.03
C GLU B 357 31.35 -9.57 56.95
N TYR B 358 31.67 -8.92 58.07
CA TYR B 358 32.82 -8.03 58.13
C TYR B 358 34.13 -8.82 58.05
N ASP B 359 34.17 -9.99 58.70
CA ASP B 359 35.38 -10.80 58.67
C ASP B 359 35.58 -11.44 57.30
N GLU B 360 34.49 -11.72 56.59
CA GLU B 360 34.60 -12.26 55.24
C GLU B 360 35.00 -11.17 54.24
N ALA B 361 34.29 -10.05 54.24
CA ALA B 361 34.42 -9.09 53.16
C ALA B 361 35.38 -7.95 53.45
N GLY B 362 36.00 -7.92 54.64
CA GLY B 362 36.75 -6.76 55.06
C GLY B 362 35.80 -5.64 55.45
N PRO B 363 36.31 -4.39 55.52
CA PRO B 363 35.44 -3.23 55.67
C PRO B 363 34.96 -2.65 54.34
N SER B 364 34.49 -3.53 53.45
CA SER B 364 34.02 -3.14 52.13
C SER B 364 32.56 -3.46 51.88
N ILE B 365 31.92 -4.21 52.78
CA ILE B 365 30.55 -4.64 52.57
C ILE B 365 29.55 -3.51 52.88
N VAL B 366 30.01 -2.42 53.51
CA VAL B 366 29.12 -1.33 53.88
C VAL B 366 28.72 -0.49 52.67
N HIS B 367 29.50 -0.58 51.58
CA HIS B 367 29.10 0.06 50.34
C HIS B 367 27.99 -0.72 49.65
N ARG B 368 28.03 -2.06 49.75
CA ARG B 368 27.04 -2.86 49.02
C ARG B 368 25.82 -3.16 49.87
N LYS B 369 25.94 -3.19 51.20
CA LYS B 369 24.78 -3.49 52.03
C LYS B 369 23.95 -2.24 52.30
N CYS B 370 24.60 -1.17 52.77
CA CYS B 370 23.89 0.07 53.06
C CYS B 370 23.67 0.87 51.78
N PHE B 371 23.07 2.04 51.95
CA PHE B 371 22.82 2.94 50.82
C PHE B 371 24.12 3.62 50.36
N THR C 1 32.71 37.46 -2.08
CA THR C 1 32.39 37.69 -0.68
C THR C 1 32.59 36.42 0.14
N THR C 2 33.38 36.51 1.19
CA THR C 2 33.65 35.36 2.04
C THR C 2 32.47 35.13 2.97
N ALA C 3 31.89 33.94 2.92
CA ALA C 3 30.82 33.60 3.83
C ALA C 3 31.37 33.29 5.22
N LEU C 4 30.48 33.31 6.20
CA LEU C 4 30.87 33.09 7.60
C LEU C 4 30.22 31.82 8.12
N VAL C 5 31.02 30.99 8.79
CA VAL C 5 30.55 29.77 9.42
C VAL C 5 30.63 29.97 10.92
N CYS C 6 29.49 29.86 11.60
CA CYS C 6 29.41 30.09 13.04
C CYS C 6 28.60 28.95 13.64
N ASP C 7 29.29 27.91 14.10
CA ASP C 7 28.66 26.85 14.86
C ASP C 7 28.47 27.37 16.28
N ASN C 8 27.23 27.75 16.61
CA ASN C 8 26.87 28.08 17.98
C ASN C 8 26.65 26.76 18.72
N GLY C 9 27.76 26.20 19.21
CA GLY C 9 27.70 24.95 19.91
C GLY C 9 27.12 25.10 21.30
N SER C 10 26.80 23.95 21.90
CA SER C 10 26.21 23.93 23.23
C SER C 10 27.22 24.37 24.29
N GLY C 11 28.47 23.94 24.15
CA GLY C 11 29.51 24.39 25.04
C GLY C 11 30.39 25.45 24.44
N LEU C 12 30.82 25.23 23.20
CA LEU C 12 31.87 26.03 22.59
C LEU C 12 31.38 26.57 21.25
N VAL C 13 31.47 27.88 21.07
CA VAL C 13 31.15 28.51 19.80
C VAL C 13 32.41 28.49 18.93
N LYS C 14 32.26 27.97 17.71
CA LYS C 14 33.35 27.88 16.75
C LYS C 14 32.96 28.68 15.51
N ALA C 15 33.64 29.80 15.29
CA ALA C 15 33.31 30.70 14.20
C ALA C 15 34.53 30.93 13.30
N GLY C 16 34.25 31.44 12.11
CA GLY C 16 35.32 31.77 11.19
C GLY C 16 34.80 31.93 9.77
N PHE C 17 35.73 31.91 8.84
CA PHE C 17 35.47 32.18 7.44
C PHE C 17 35.25 30.90 6.65
N ALA C 18 34.47 31.00 5.59
CA ALA C 18 34.20 29.85 4.74
C ALA C 18 35.42 29.49 3.90
N GLY C 19 35.47 28.23 3.50
CA GLY C 19 36.58 27.74 2.68
C GLY C 19 37.89 27.62 3.40
N ASP C 20 37.85 27.40 4.72
CA ASP C 20 39.06 27.27 5.51
C ASP C 20 39.04 25.93 6.23
N ASP C 21 40.23 25.47 6.60
CA ASP C 21 40.34 24.18 7.28
C ASP C 21 40.10 24.31 8.78
N ALA C 22 40.93 25.08 9.46
CA ALA C 22 40.82 25.25 10.90
C ALA C 22 39.83 26.37 11.22
N PRO C 23 39.00 26.19 12.26
CA PRO C 23 38.11 27.28 12.69
C PRO C 23 38.89 28.42 13.33
N ARG C 24 38.46 29.65 13.01
CA ARG C 24 39.27 30.82 13.34
C ARG C 24 39.15 31.21 14.81
N ALA C 25 37.94 31.17 15.36
CA ALA C 25 37.70 31.61 16.73
C ALA C 25 36.89 30.52 17.44
N VAL C 26 37.56 29.77 18.31
CA VAL C 26 36.92 28.76 19.14
C VAL C 26 36.97 29.25 20.59
N PHE C 27 35.80 29.45 21.19
CA PHE C 27 35.76 29.94 22.56
C PHE C 27 34.48 29.45 23.20
N PRO C 28 34.50 29.14 24.50
CA PRO C 28 33.27 28.65 25.15
C PRO C 28 32.27 29.77 25.37
N SER C 29 31.01 29.46 25.10
CA SER C 29 29.93 30.44 25.17
C SER C 29 29.51 30.57 26.62
N ILE C 30 30.22 31.41 27.37
CA ILE C 30 29.90 31.72 28.75
C ILE C 30 29.76 33.23 28.89
N VAL C 31 28.88 33.64 29.80
CA VAL C 31 28.71 35.05 30.13
C VAL C 31 28.99 35.20 31.62
N GLY C 32 30.01 35.98 31.96
CA GLY C 32 30.41 36.18 33.33
C GLY C 32 29.96 37.53 33.87
N ARG C 33 29.45 37.51 35.11
CA ARG C 33 29.04 38.73 35.77
C ARG C 33 29.57 38.72 37.20
N PRO C 34 30.02 39.86 37.72
CA PRO C 34 30.69 39.86 39.04
C PRO C 34 29.70 39.67 40.18
N ARG C 35 30.13 38.87 41.16
CA ARG C 35 29.30 38.53 42.30
C ARG C 35 29.87 39.11 43.61
N HIS C 36 30.82 40.03 43.50
CA HIS C 36 31.48 40.58 44.67
C HIS C 36 31.60 42.09 44.52
N GLN C 37 31.97 42.74 45.61
CA GLN C 37 31.96 44.20 45.68
C GLN C 37 33.24 44.74 45.06
N GLY C 38 33.08 45.53 43.99
CA GLY C 38 34.21 46.22 43.38
C GLY C 38 34.68 47.38 44.20
N VAL C 39 35.86 47.26 44.81
CA VAL C 39 36.33 48.30 45.72
C VAL C 39 37.24 49.31 45.02
N MET C 40 37.90 48.94 43.94
CA MET C 40 38.77 49.86 43.22
C MET C 40 37.97 50.60 42.16
N VAL C 41 38.01 51.93 42.21
CA VAL C 41 37.21 52.74 41.30
C VAL C 41 37.85 52.78 39.92
N GLY C 42 37.00 52.81 38.89
CA GLY C 42 37.46 52.99 37.53
C GLY C 42 38.09 51.73 36.97
N MET C 43 39.34 51.89 36.48
CA MET C 43 40.30 50.85 36.05
C MET C 43 39.75 49.83 35.04
N GLY C 44 38.78 50.26 34.24
CA GLY C 44 38.20 49.44 33.17
C GLY C 44 37.45 48.21 33.62
N GLN C 45 36.78 48.28 34.78
CA GLN C 45 36.06 47.14 35.31
C GLN C 45 34.73 47.04 34.57
N LYS C 46 34.63 46.07 33.66
CA LYS C 46 33.41 45.86 32.90
C LYS C 46 32.34 45.23 33.78
N ASP C 47 31.08 45.55 33.48
CA ASP C 47 29.95 44.96 34.18
C ASP C 47 29.65 43.53 33.73
N SER C 48 30.21 43.09 32.62
CA SER C 48 30.01 41.73 32.14
C SER C 48 31.26 41.27 31.42
N TYR C 49 31.43 39.96 31.34
CA TYR C 49 32.56 39.37 30.65
C TYR C 49 32.09 38.19 29.81
N VAL C 50 32.71 38.04 28.64
CA VAL C 50 32.27 37.09 27.63
C VAL C 50 33.45 36.20 27.24
N GLY C 51 33.28 34.89 27.41
CA GLY C 51 34.19 33.96 26.75
C GLY C 51 35.51 33.77 27.47
N ASP C 52 36.60 33.98 26.73
CA ASP C 52 37.93 33.69 27.23
C ASP C 52 38.39 34.69 28.26
N GLU C 53 37.91 35.94 28.16
CA GLU C 53 38.11 36.91 29.23
C GLU C 53 37.35 36.49 30.48
N ALA C 54 36.14 35.94 30.30
CA ALA C 54 35.41 35.38 31.43
C ALA C 54 36.03 34.08 31.91
N GLN C 55 36.71 33.35 31.00
CA GLN C 55 37.41 32.13 31.39
C GLN C 55 38.64 32.44 32.23
N SER C 56 39.31 33.55 31.93
CA SER C 56 40.50 33.95 32.67
C SER C 56 40.14 34.42 34.07
N LYS C 57 39.11 35.25 34.19
CA LYS C 57 38.74 35.88 35.45
C LYS C 57 37.60 35.17 36.15
N ARG C 58 37.51 33.84 36.01
CA ARG C 58 36.31 33.09 36.40
C ARG C 58 36.16 32.90 37.91
N GLY C 59 37.17 33.29 38.72
CA GLY C 59 37.05 33.14 40.15
C GLY C 59 36.10 34.11 40.81
N ILE C 60 35.82 35.25 40.17
CA ILE C 60 34.98 36.28 40.78
C ILE C 60 33.76 36.54 39.92
N LEU C 61 33.44 35.61 39.04
CA LEU C 61 32.32 35.80 38.11
C LEU C 61 31.38 34.63 38.20
N THR C 62 30.09 34.92 38.35
CA THR C 62 29.05 33.94 38.10
C THR C 62 28.93 33.75 36.60
N LEU C 63 28.99 32.50 36.16
CA LEU C 63 29.02 32.16 34.74
C LEU C 63 27.68 31.58 34.31
N LYS C 64 27.18 32.06 33.18
CA LYS C 64 25.91 31.61 32.64
C LYS C 64 26.11 31.10 31.23
N TYR C 65 25.60 29.90 30.96
CA TYR C 65 25.56 29.36 29.60
C TYR C 65 24.25 29.80 28.97
N PRO C 66 24.28 30.60 27.89
CA PRO C 66 23.02 31.03 27.27
C PRO C 66 22.33 29.93 26.47
N ILE C 67 23.01 28.83 26.15
CA ILE C 67 22.43 27.74 25.39
C ILE C 67 22.25 26.55 26.31
N GLU C 68 21.02 26.05 26.39
CA GLU C 68 20.73 24.89 27.21
C GLU C 68 20.03 23.81 26.38
N GLY C 70 20.70 23.09 23.26
CA GLY C 70 20.40 23.63 21.95
C GLY C 70 19.28 24.65 21.91
N ILE C 71 18.82 25.07 23.09
CA ILE C 71 17.76 26.05 23.21
C ILE C 71 18.34 27.27 23.88
N ILE C 72 18.26 28.42 23.21
CA ILE C 72 18.78 29.65 23.76
C ILE C 72 17.76 30.22 24.73
N THR C 73 18.12 30.26 26.01
CA THR C 73 17.24 30.83 27.02
C THR C 73 17.41 32.34 27.09
N ASN C 74 18.60 32.80 27.46
CA ASN C 74 18.87 34.23 27.63
C ASN C 74 19.32 34.78 26.29
N TRP C 75 18.41 35.49 25.63
CA TRP C 75 18.67 35.96 24.28
C TRP C 75 19.58 37.16 24.25
N ASP C 76 19.58 37.98 25.30
CA ASP C 76 20.51 39.10 25.38
C ASP C 76 21.93 38.63 25.62
N ASP C 77 22.09 37.54 26.39
CA ASP C 77 23.40 36.92 26.56
C ASP C 77 23.91 36.35 25.24
N MET C 78 23.01 35.76 24.44
CA MET C 78 23.37 35.27 23.12
C MET C 78 23.68 36.41 22.16
N GLU C 79 23.03 37.57 22.35
CA GLU C 79 23.39 38.77 21.61
C GLU C 79 24.79 39.26 21.98
N LYS C 80 25.16 39.11 23.26
CA LYS C 80 26.50 39.48 23.69
C LYS C 80 27.56 38.52 23.14
N ILE C 81 27.23 37.21 23.06
CA ILE C 81 28.09 36.22 22.40
C ILE C 81 28.27 36.55 20.93
N TRP C 82 27.17 36.91 20.25
CA TRP C 82 27.24 37.22 18.82
C TRP C 82 27.95 38.53 18.55
N HIS C 83 27.77 39.53 19.43
CA HIS C 83 28.45 40.81 19.29
C HIS C 83 29.94 40.68 19.54
N HIS C 84 30.33 39.85 20.51
CA HIS C 84 31.74 39.61 20.76
C HIS C 84 32.40 38.80 19.65
N THR C 85 31.67 37.82 19.10
CA THR C 85 32.28 37.01 18.05
C THR C 85 32.23 37.70 16.68
N PHE C 86 31.43 38.75 16.54
CA PHE C 86 31.46 39.51 15.29
C PHE C 86 32.47 40.65 15.35
N TYR C 87 32.55 41.34 16.49
CA TYR C 87 33.32 42.58 16.53
C TYR C 87 34.68 42.43 17.17
N ASN C 88 34.86 41.47 18.08
CA ASN C 88 36.12 41.32 18.77
C ASN C 88 36.94 40.14 18.25
N GLU C 89 36.29 38.99 18.03
CA GLU C 89 37.02 37.80 17.61
C GLU C 89 37.38 37.88 16.12
N LEU C 90 36.37 38.08 15.27
CA LEU C 90 36.63 38.13 13.83
C LEU C 90 36.78 39.55 13.31
N ARG C 91 36.20 40.53 14.03
CA ARG C 91 36.30 41.98 13.77
C ARG C 91 35.77 42.34 12.38
N VAL C 92 34.61 41.78 12.03
CA VAL C 92 34.02 41.96 10.71
C VAL C 92 32.63 42.56 10.86
N ALA C 93 32.22 43.32 9.84
CA ALA C 93 30.87 43.86 9.81
C ALA C 93 29.89 42.77 9.38
N PRO C 94 28.81 42.53 10.12
CA PRO C 94 27.84 41.50 9.72
C PRO C 94 26.98 41.88 8.53
N GLU C 95 26.92 43.16 8.16
CA GLU C 95 26.08 43.62 7.05
C GLU C 95 26.80 43.58 5.71
N GLU C 96 27.93 42.88 5.61
CA GLU C 96 28.63 42.75 4.34
C GLU C 96 29.12 41.33 4.12
N HIS C 97 28.59 40.38 4.88
CA HIS C 97 29.04 39.00 4.78
C HIS C 97 27.90 38.04 5.09
N PRO C 98 27.68 37.02 4.27
CA PRO C 98 26.72 35.98 4.62
C PRO C 98 27.23 35.10 5.75
N THR C 99 26.30 34.65 6.58
CA THR C 99 26.64 33.92 7.80
C THR C 99 25.67 32.76 7.96
N LEU C 100 26.18 31.53 7.84
CA LEU C 100 25.36 30.36 8.06
C LEU C 100 25.45 29.94 9.52
N LEU C 101 24.35 29.40 10.03
CA LEU C 101 24.28 28.94 11.41
C LEU C 101 23.90 27.47 11.47
N THR C 102 24.32 26.83 12.56
CA THR C 102 24.07 25.41 12.79
C THR C 102 23.05 25.23 13.89
N GLU C 103 22.34 24.11 13.85
CA GLU C 103 21.32 23.85 14.86
C GLU C 103 21.12 22.35 15.01
N ALA C 104 20.87 21.94 16.25
CA ALA C 104 20.50 20.58 16.59
C ALA C 104 19.10 20.25 16.04
N PRO C 105 18.85 18.99 15.66
CA PRO C 105 17.52 18.62 15.18
C PRO C 105 16.48 18.58 16.28
N LEU C 106 15.21 18.59 15.85
CA LEU C 106 13.99 18.61 16.68
C LEU C 106 13.96 19.79 17.64
N ASN C 107 14.46 20.93 17.20
CA ASN C 107 14.53 22.11 18.04
C ASN C 107 13.15 22.77 18.10
N PRO C 108 12.88 23.58 19.13
CA PRO C 108 11.73 24.48 19.06
C PRO C 108 11.84 25.50 17.93
N LYS C 109 10.70 25.78 17.30
CA LYS C 109 10.69 26.65 16.14
C LYS C 109 10.88 28.12 16.52
N ALA C 110 10.55 28.48 17.76
CA ALA C 110 10.71 29.86 18.24
C ALA C 110 12.18 30.22 18.41
N ASN C 111 13.04 29.22 18.64
CA ASN C 111 14.48 29.42 18.57
C ASN C 111 14.92 29.88 17.19
N ARG C 112 14.38 29.23 16.14
CA ARG C 112 14.67 29.60 14.76
C ARG C 112 14.10 30.97 14.42
N GLU C 113 12.91 31.27 14.96
CA GLU C 113 12.25 32.55 14.78
C GLU C 113 13.06 33.70 15.38
N LYS C 114 13.52 33.53 16.63
CA LYS C 114 14.27 34.60 17.29
C LYS C 114 15.69 34.70 16.76
N MET C 115 16.27 33.58 16.32
CA MET C 115 17.58 33.60 15.66
C MET C 115 17.53 34.34 14.34
N THR C 116 16.47 34.11 13.55
CA THR C 116 16.26 34.81 12.29
C THR C 116 15.99 36.29 12.52
N GLN C 117 15.24 36.62 13.57
CA GLN C 117 14.93 38.00 13.87
C GLN C 117 16.14 38.78 14.38
N ILE C 118 17.00 38.14 15.17
CA ILE C 118 18.24 38.78 15.61
C ILE C 118 19.22 38.91 14.44
N MET C 119 19.32 37.87 13.61
CA MET C 119 20.26 37.92 12.50
C MET C 119 19.74 38.71 11.31
N PHE C 120 18.51 39.23 11.35
CA PHE C 120 18.09 40.17 10.32
C PHE C 120 17.83 41.58 10.84
N GLU C 121 17.50 41.76 12.11
CA GLU C 121 17.15 43.11 12.60
C GLU C 121 18.37 43.81 13.20
N THR C 122 18.93 43.24 14.26
CA THR C 122 20.02 43.89 14.98
C THR C 122 21.37 43.57 14.33
N PHE C 123 21.70 42.29 14.26
CA PHE C 123 22.88 41.83 13.53
C PHE C 123 22.49 41.51 12.10
N ASN C 124 22.14 42.56 11.34
CA ASN C 124 21.61 42.41 9.99
C ASN C 124 22.66 41.88 9.02
N VAL C 125 22.23 41.01 8.12
CA VAL C 125 23.14 40.30 7.22
C VAL C 125 22.69 40.56 5.79
N PRO C 126 23.58 40.38 4.81
CA PRO C 126 23.10 40.21 3.44
C PRO C 126 22.32 38.92 3.24
N ALA C 127 22.80 37.82 3.79
CA ALA C 127 22.15 36.52 3.64
C ALA C 127 22.49 35.66 4.85
N MET C 128 21.65 34.66 5.10
CA MET C 128 21.90 33.70 6.18
C MET C 128 21.19 32.40 5.84
N TYR C 129 21.55 31.36 6.60
CA TYR C 129 20.91 30.06 6.51
C TYR C 129 21.10 29.32 7.82
N VAL C 130 20.10 28.52 8.18
CA VAL C 130 20.15 27.67 9.38
C VAL C 130 20.12 26.23 8.93
N ALA C 131 21.10 25.45 9.38
CA ALA C 131 21.26 24.07 8.92
C ALA C 131 21.34 23.12 10.11
N ILE C 132 21.53 21.86 9.79
CA ILE C 132 21.60 20.76 10.76
C ILE C 132 23.06 20.31 10.85
N GLN C 133 23.51 20.02 12.08
CA GLN C 133 24.91 19.70 12.33
C GLN C 133 25.32 18.34 11.75
N ALA C 134 24.38 17.39 11.66
CA ALA C 134 24.70 16.06 11.14
C ALA C 134 24.95 16.08 9.65
N VAL C 135 24.25 16.97 8.93
CA VAL C 135 24.46 17.14 7.50
C VAL C 135 25.83 17.73 7.22
N LEU C 136 26.26 18.67 8.06
CA LEU C 136 27.60 19.23 7.94
C LEU C 136 28.68 18.24 8.35
N SER C 137 28.37 17.36 9.31
CA SER C 137 29.34 16.34 9.71
C SER C 137 29.51 15.28 8.63
N LEU C 138 28.43 14.95 7.93
CA LEU C 138 28.54 14.05 6.78
C LEU C 138 29.17 14.75 5.58
N TYR C 139 29.02 16.07 5.48
CA TYR C 139 29.74 16.85 4.48
C TYR C 139 31.24 16.84 4.73
N ALA C 140 31.64 16.96 6.00
CA ALA C 140 33.06 16.89 6.35
C ALA C 140 33.59 15.47 6.23
N SER C 141 32.70 14.47 6.38
CA SER C 141 33.06 13.11 6.02
C SER C 141 33.26 12.95 4.52
N GLY C 142 32.53 13.73 3.72
CA GLY C 142 32.65 13.70 2.28
C GLY C 142 31.74 12.74 1.58
N ARG C 143 31.38 11.63 2.24
CA ARG C 143 30.49 10.64 1.65
C ARG C 143 29.05 11.13 1.72
N THR C 144 28.17 10.40 1.05
CA THR C 144 26.78 10.80 0.89
C THR C 144 25.83 10.04 1.80
N THR C 145 25.95 8.72 1.87
CA THR C 145 25.11 7.92 2.73
C THR C 145 25.68 7.82 4.13
N GLY C 146 24.91 7.21 5.03
CA GLY C 146 25.36 6.88 6.37
C GLY C 146 24.52 7.53 7.44
N ILE C 147 24.78 7.12 8.68
CA ILE C 147 24.14 7.68 9.86
C ILE C 147 25.19 8.49 10.61
N VAL C 148 24.79 9.67 11.09
CA VAL C 148 25.67 10.55 11.85
C VAL C 148 25.15 10.61 13.27
N LEU C 149 26.00 10.21 14.22
CA LEU C 149 25.82 10.55 15.61
C LEU C 149 26.63 11.79 15.89
N ASP C 150 25.97 12.86 16.30
CA ASP C 150 26.66 14.06 16.74
C ASP C 150 26.27 14.36 18.17
N SER C 151 27.28 14.50 19.03
CA SER C 151 27.06 14.73 20.46
C SER C 151 27.89 15.92 20.88
N GLY C 152 27.20 17.00 21.28
CA GLY C 152 27.88 18.19 21.73
C GLY C 152 28.01 18.25 23.25
N ASP C 153 27.76 19.43 23.82
CA ASP C 153 27.71 19.55 25.26
C ASP C 153 26.31 19.38 25.81
N GLY C 154 25.28 19.51 24.99
CA GLY C 154 23.92 19.34 25.46
C GLY C 154 23.06 18.35 24.68
N VAL C 155 23.36 18.15 23.40
CA VAL C 155 22.48 17.38 22.52
C VAL C 155 23.27 16.25 21.89
N THR C 156 22.75 15.03 22.03
CA THR C 156 23.27 13.86 21.32
C THR C 156 22.18 13.37 20.37
N HIS C 157 22.43 13.44 19.06
CA HIS C 157 21.41 13.05 18.10
C HIS C 157 21.96 12.10 17.05
N ASN C 158 21.11 11.15 16.66
CA ASN C 158 21.34 10.25 15.55
C ASN C 158 20.46 10.66 14.38
N VAL C 159 21.08 10.92 13.22
CA VAL C 159 20.37 11.30 12.01
C VAL C 159 20.84 10.41 10.86
N PRO C 160 19.98 9.64 10.23
CA PRO C 160 20.37 8.90 9.02
C PRO C 160 20.08 9.64 7.72
N ILE C 161 21.06 9.64 6.81
CA ILE C 161 20.91 10.21 5.48
C ILE C 161 21.34 9.16 4.46
N TYR C 162 20.44 8.83 3.54
CA TYR C 162 20.75 7.91 2.44
C TYR C 162 20.63 8.66 1.13
N GLU C 163 21.76 8.76 0.41
CA GLU C 163 21.89 9.36 -0.92
C GLU C 163 21.42 10.81 -0.95
N GLY C 164 21.73 11.55 0.11
CA GLY C 164 21.30 12.93 0.21
C GLY C 164 19.86 13.13 0.60
N TYR C 165 19.22 12.08 1.12
CA TYR C 165 17.84 12.14 1.58
C TYR C 165 17.83 11.78 3.05
N ALA C 166 17.57 12.76 3.90
CA ALA C 166 17.45 12.52 5.33
C ALA C 166 16.08 11.94 5.62
N LEU C 167 16.04 10.93 6.48
CA LEU C 167 14.75 10.36 6.87
C LEU C 167 14.30 11.08 8.13
N PRO C 168 13.21 11.84 8.06
CA PRO C 168 12.83 12.69 9.21
C PRO C 168 12.21 11.90 10.35
N HIS C 169 11.54 10.78 10.05
CA HIS C 169 10.90 10.00 11.10
C HIS C 169 11.90 9.25 11.95
N ALA C 170 13.07 8.93 11.39
CA ALA C 170 14.07 8.15 12.10
C ALA C 170 15.07 9.00 12.88
N ILE C 171 14.90 10.32 12.91
CA ILE C 171 15.80 11.18 13.66
C ILE C 171 15.55 11.02 15.15
N MET C 172 16.60 10.69 15.90
CA MET C 172 16.48 10.40 17.32
C MET C 172 17.31 11.39 18.11
N ARG C 173 16.67 12.11 19.02
CA ARG C 173 17.29 13.12 19.85
C ARG C 173 17.34 12.66 21.31
N LEU C 174 18.49 12.83 21.93
CA LEU C 174 18.66 12.51 23.34
C LEU C 174 19.39 13.67 24.00
N ASP C 175 18.85 14.16 25.11
CA ASP C 175 19.45 15.26 25.86
C ASP C 175 20.38 14.71 26.93
N LEU C 176 21.46 14.10 26.47
CA LEU C 176 22.46 13.52 27.36
C LEU C 176 23.81 13.70 26.69
N ALA C 177 24.62 14.60 27.23
CA ALA C 177 25.89 14.97 26.64
C ALA C 177 26.78 15.54 27.74
N GLY C 178 27.85 16.24 27.33
CA GLY C 178 29.03 16.43 28.16
C GLY C 178 28.84 17.33 29.37
N ARG C 179 27.83 18.21 29.34
CA ARG C 179 27.51 18.99 30.53
C ARG C 179 26.88 18.12 31.60
N ASP C 180 26.05 17.15 31.21
CA ASP C 180 25.48 16.21 32.16
C ASP C 180 26.53 15.26 32.68
N LEU C 181 27.50 14.91 31.83
CA LEU C 181 28.65 14.11 32.25
C LEU C 181 29.51 14.86 33.25
N THR C 182 29.67 16.18 33.05
CA THR C 182 30.42 17.00 33.97
C THR C 182 29.67 17.17 35.29
N ASP C 183 28.34 17.26 35.23
CA ASP C 183 27.53 17.33 36.44
C ASP C 183 27.58 16.02 37.23
N TYR C 184 27.63 14.88 36.52
CA TYR C 184 27.78 13.59 37.19
C TYR C 184 29.18 13.43 37.78
N LEU C 185 30.19 13.98 37.10
CA LEU C 185 31.55 13.93 37.64
C LEU C 185 31.71 14.82 38.86
N MET C 186 31.04 15.98 38.85
CA MET C 186 30.95 16.86 40.02
C MET C 186 30.19 16.19 41.17
N LYS C 187 29.23 15.33 40.85
CA LYS C 187 28.57 14.53 41.88
C LYS C 187 29.52 13.48 42.46
N ILE C 188 30.29 12.80 41.60
CA ILE C 188 31.01 11.64 42.10
C ILE C 188 32.43 11.94 42.61
N LEU C 189 32.95 13.17 42.43
CA LEU C 189 34.21 13.50 43.10
C LEU C 189 34.08 13.69 44.61
N THR C 190 32.87 13.86 45.14
CA THR C 190 32.70 13.94 46.58
C THR C 190 32.83 12.60 47.27
N GLU C 191 32.78 11.49 46.52
CA GLU C 191 33.04 10.18 47.07
C GLU C 191 34.48 10.03 47.53
N ARG C 192 35.41 10.66 46.81
CA ARG C 192 36.79 10.74 47.24
C ARG C 192 37.06 11.94 48.13
N GLY C 193 36.05 12.74 48.43
CA GLY C 193 36.17 13.85 49.34
C GLY C 193 36.37 15.19 48.68
N TYR C 194 36.69 15.23 47.39
CA TYR C 194 36.93 16.49 46.70
C TYR C 194 35.58 17.12 46.35
N SER C 195 35.21 18.16 47.08
CA SER C 195 33.93 18.81 46.90
C SER C 195 34.08 20.00 45.96
N PHE C 196 33.19 20.09 44.97
CA PHE C 196 33.21 21.17 44.00
C PHE C 196 31.78 21.57 43.71
N VAL C 197 31.40 22.81 44.04
CA VAL C 197 30.01 23.22 43.98
C VAL C 197 29.80 24.45 43.09
N THR C 198 30.84 25.26 42.91
CA THR C 198 30.65 26.51 42.20
C THR C 198 30.72 26.29 40.69
N THR C 199 30.28 27.32 39.96
CA THR C 199 30.36 27.29 38.50
C THR C 199 31.79 27.45 38.01
N ALA C 200 32.66 28.07 38.81
CA ALA C 200 34.07 28.14 38.47
C ALA C 200 34.72 26.76 38.57
N GLU C 201 34.25 25.95 39.52
CA GLU C 201 34.76 24.58 39.67
C GLU C 201 34.23 23.65 38.59
N ARG C 202 33.13 24.03 37.93
CA ARG C 202 32.59 23.25 36.82
C ARG C 202 33.56 23.21 35.64
N GLU C 203 34.27 24.31 35.39
CA GLU C 203 35.30 24.35 34.37
C GLU C 203 36.50 23.49 34.76
N ILE C 204 36.78 23.39 36.06
CA ILE C 204 37.88 22.56 36.54
C ILE C 204 37.55 21.07 36.34
N VAL C 205 36.33 20.67 36.68
CA VAL C 205 35.87 19.30 36.50
C VAL C 205 35.74 18.95 35.02
N ARG C 206 35.35 19.94 34.19
CA ARG C 206 35.33 19.77 32.74
C ARG C 206 36.73 19.59 32.17
N ASP C 207 37.71 20.32 32.73
CA ASP C 207 39.11 20.15 32.33
C ASP C 207 39.65 18.78 32.73
N ILE C 208 39.24 18.29 33.90
CA ILE C 208 39.62 16.95 34.38
C ILE C 208 39.03 15.87 33.48
N LYS C 209 37.77 16.07 33.06
CA LYS C 209 37.10 15.13 32.16
C LYS C 209 37.72 15.15 30.76
N GLU C 210 38.18 16.33 30.31
CA GLU C 210 38.84 16.42 29.02
C GLU C 210 40.23 15.78 29.06
N LYS C 211 40.97 15.96 30.16
CA LYS C 211 42.34 15.47 30.20
C LYS C 211 42.42 13.98 30.51
N LEU C 212 41.64 13.50 31.47
CA LEU C 212 41.92 12.21 32.08
C LEU C 212 40.94 11.11 31.71
N CYS C 213 39.71 11.44 31.35
CA CYS C 213 38.68 10.42 31.17
C CYS C 213 38.84 9.69 29.83
N TYR C 214 38.31 8.47 29.79
CA TYR C 214 38.43 7.58 28.64
C TYR C 214 37.32 6.55 28.72
N VAL C 215 36.91 6.05 27.55
CA VAL C 215 35.85 5.04 27.50
C VAL C 215 36.46 3.66 27.72
N ALA C 216 35.93 2.94 28.70
CA ALA C 216 36.33 1.56 28.94
C ALA C 216 35.77 0.66 27.85
N LEU C 217 36.59 -0.31 27.40
CA LEU C 217 36.12 -1.27 26.41
C LEU C 217 35.15 -2.27 27.02
N ASP C 218 35.44 -2.72 28.24
CA ASP C 218 34.47 -3.48 29.04
C ASP C 218 34.39 -2.79 30.39
N PHE C 219 33.17 -2.52 30.85
CA PHE C 219 32.99 -1.76 32.07
C PHE C 219 33.25 -2.61 33.30
N GLU C 220 32.82 -3.87 33.28
CA GLU C 220 32.86 -4.70 34.48
C GLU C 220 34.27 -5.18 34.80
N ASN C 221 35.03 -5.52 33.77
CA ASN C 221 36.42 -5.94 33.98
C ASN C 221 37.30 -4.76 34.36
N GLU C 222 36.98 -3.56 33.85
CA GLU C 222 37.70 -2.36 34.26
C GLU C 222 37.37 -1.98 35.69
N MET C 223 36.12 -2.19 36.11
CA MET C 223 35.73 -1.97 37.50
C MET C 223 36.39 -2.97 38.44
N ALA C 224 36.50 -4.23 38.01
CA ALA C 224 37.20 -5.24 38.80
C ALA C 224 38.70 -4.99 38.85
N THR C 225 39.26 -4.41 37.78
CA THR C 225 40.67 -4.07 37.74
C THR C 225 40.98 -2.89 38.66
N ALA C 226 40.11 -1.87 38.64
CA ALA C 226 40.32 -0.69 39.49
C ALA C 226 40.01 -1.01 40.95
N ALA C 227 39.10 -1.96 41.21
CA ALA C 227 38.90 -2.44 42.57
C ALA C 227 40.06 -3.30 43.03
N SER C 228 40.68 -4.03 42.10
CA SER C 228 41.81 -4.89 42.45
C SER C 228 43.09 -4.09 42.64
N SER C 229 43.53 -3.40 41.59
CA SER C 229 44.78 -2.67 41.61
C SER C 229 44.53 -1.18 41.38
N SER C 230 45.48 -0.37 41.82
CA SER C 230 45.42 1.08 41.62
C SER C 230 46.26 1.53 40.43
N SER C 231 46.47 0.63 39.45
CA SER C 231 47.27 0.98 38.29
C SER C 231 46.50 1.88 37.33
N LEU C 232 45.17 1.90 37.42
CA LEU C 232 44.36 2.78 36.58
C LEU C 232 44.22 4.18 37.16
N GLU C 233 44.76 4.43 38.34
CA GLU C 233 44.64 5.74 38.97
C GLU C 233 45.52 6.76 38.29
N LYS C 234 45.03 7.99 38.18
CA LYS C 234 45.75 9.08 37.57
C LYS C 234 45.66 10.31 38.47
N SER C 235 46.76 11.05 38.54
CA SER C 235 46.83 12.25 39.36
C SER C 235 46.64 13.50 38.51
N TYR C 236 46.29 14.59 39.18
CA TYR C 236 46.05 15.86 38.51
C TYR C 236 46.32 16.99 39.49
N GLU C 237 47.07 17.99 39.04
CA GLU C 237 47.38 19.15 39.86
C GLU C 237 46.33 20.23 39.62
N LEU C 238 45.72 20.70 40.71
CA LEU C 238 44.77 21.80 40.66
C LEU C 238 45.54 23.11 40.54
N PRO C 239 44.90 24.19 40.05
CA PRO C 239 45.63 25.48 39.93
C PRO C 239 46.06 26.15 41.23
N ASP C 240 45.53 25.73 42.38
CA ASP C 240 46.10 26.19 43.64
C ASP C 240 47.26 25.31 44.11
N GLY C 241 47.61 24.27 43.37
CA GLY C 241 48.72 23.40 43.70
C GLY C 241 48.34 22.08 44.35
N GLN C 242 47.07 21.87 44.66
CA GLN C 242 46.64 20.61 45.24
C GLN C 242 46.61 19.53 44.16
N VAL C 243 46.96 18.30 44.55
CA VAL C 243 46.96 17.17 43.64
C VAL C 243 45.86 16.22 44.06
N ILE C 244 44.94 15.95 43.16
CA ILE C 244 43.94 14.92 43.35
C ILE C 244 44.37 13.69 42.59
N THR C 245 43.80 12.54 42.95
CA THR C 245 44.06 11.29 42.25
C THR C 245 42.75 10.52 42.15
N ILE C 246 42.42 10.06 40.95
CA ILE C 246 41.15 9.40 40.72
C ILE C 246 41.38 8.05 40.07
N GLY C 247 40.47 7.12 40.34
CA GLY C 247 40.57 5.76 39.84
C GLY C 247 39.54 5.43 38.78
N ASN C 248 38.44 4.80 39.21
CA ASN C 248 37.42 4.29 38.29
C ASN C 248 36.60 5.39 37.64
N GLU C 249 36.63 6.60 38.22
CA GLU C 249 35.87 7.74 37.72
C GLU C 249 36.35 8.28 36.38
N ARG C 250 37.55 7.85 35.93
CA ARG C 250 37.97 8.10 34.55
C ARG C 250 37.05 7.41 33.55
N PHE C 251 36.60 6.19 33.85
CA PHE C 251 35.74 5.52 32.89
C PHE C 251 34.28 5.45 33.32
N ARG C 252 33.97 5.78 34.56
CA ARG C 252 32.59 5.75 35.02
C ARG C 252 31.78 6.91 34.43
N CYS C 253 32.42 8.06 34.27
CA CYS C 253 31.74 9.23 33.70
C CYS C 253 31.34 9.09 32.23
N PRO C 254 32.15 8.57 31.28
CA PRO C 254 31.59 8.36 29.93
C PRO C 254 30.70 7.12 29.82
N GLU C 255 30.70 6.25 30.83
CA GLU C 255 29.80 5.09 30.87
C GLU C 255 28.33 5.50 31.03
N THR C 256 28.09 6.73 31.52
CA THR C 256 26.77 7.34 31.51
C THR C 256 26.25 7.53 30.07
N LEU C 257 27.16 7.73 29.10
CA LEU C 257 26.78 7.78 27.69
C LEU C 257 26.22 6.44 27.20
N PHE C 258 26.83 5.33 27.61
CA PHE C 258 26.30 4.03 27.24
C PHE C 258 25.32 3.46 28.26
N GLN C 259 25.21 4.06 29.45
CA GLN C 259 24.23 3.63 30.45
C GLN C 259 23.61 4.86 31.10
N PRO C 260 22.49 5.35 30.55
CA PRO C 260 21.85 6.56 31.10
C PRO C 260 21.12 6.38 32.42
N SER C 261 21.04 5.16 32.96
CA SER C 261 20.41 4.94 34.25
C SER C 261 21.29 5.36 35.42
N PHE C 262 22.54 5.74 35.17
CA PHE C 262 23.41 6.30 36.20
C PHE C 262 22.87 7.64 36.72
N ILE C 263 22.35 8.46 35.82
CA ILE C 263 21.79 9.75 36.24
C ILE C 263 20.27 9.66 36.27
N GLY C 264 19.75 8.43 36.19
CA GLY C 264 18.34 8.20 36.36
C GLY C 264 17.48 8.42 35.12
N MET C 265 18.08 8.73 33.98
CA MET C 265 17.31 8.90 32.75
C MET C 265 16.89 7.53 32.23
N GLU C 266 15.60 7.39 31.95
CA GLU C 266 15.01 6.10 31.62
C GLU C 266 15.30 5.66 30.19
N SER C 267 15.77 6.56 29.33
CA SER C 267 16.11 6.23 27.96
C SER C 267 17.36 5.35 27.90
N ALA C 268 17.49 4.61 26.81
CA ALA C 268 18.58 3.67 26.65
C ALA C 268 19.83 4.39 26.13
N GLY C 269 20.89 3.61 25.92
CA GLY C 269 22.18 4.15 25.53
C GLY C 269 22.23 4.61 24.09
N ILE C 270 23.35 5.27 23.77
CA ILE C 270 23.54 5.83 22.43
C ILE C 270 23.78 4.76 21.39
N HIS C 271 24.32 3.61 21.81
CA HIS C 271 24.43 2.45 20.91
C HIS C 271 23.05 1.89 20.58
N GLU C 272 22.16 1.84 21.58
CA GLU C 272 20.79 1.39 21.35
C GLU C 272 19.99 2.42 20.56
N THR C 273 20.30 3.70 20.77
CA THR C 273 19.68 4.76 19.99
C THR C 273 20.08 4.69 18.52
N THR C 274 21.36 4.41 18.26
CA THR C 274 21.85 4.26 16.89
C THR C 274 21.26 3.01 16.23
N TYR C 275 21.18 1.90 16.99
CA TYR C 275 20.63 0.65 16.47
C TYR C 275 19.14 0.76 16.20
N ASN C 276 18.40 1.47 17.05
CA ASN C 276 16.98 1.66 16.79
C ASN C 276 16.73 2.67 15.69
N SER C 277 17.63 3.64 15.52
CA SER C 277 17.50 4.59 14.41
C SER C 277 17.78 3.90 13.08
N ILE C 278 18.72 2.96 13.05
CA ILE C 278 18.95 2.16 11.85
C ILE C 278 17.79 1.20 11.62
N MET C 279 17.27 0.58 12.68
CA MET C 279 16.19 -0.39 12.52
C MET C 279 14.85 0.27 12.25
N LYS C 280 14.71 1.57 12.55
CA LYS C 280 13.52 2.29 12.11
C LYS C 280 13.56 2.61 10.62
N CYS C 281 14.75 2.61 10.01
CA CYS C 281 14.85 2.93 8.60
C CYS C 281 14.39 1.77 7.73
N ASP C 282 14.32 2.04 6.43
CA ASP C 282 13.93 1.03 5.46
C ASP C 282 15.05 -0.01 5.29
N ILE C 283 14.65 -1.20 4.85
CA ILE C 283 15.45 -2.39 5.12
C ILE C 283 16.61 -2.54 4.13
N ASP C 284 16.55 -1.85 3.00
CA ASP C 284 17.60 -2.01 1.98
C ASP C 284 18.83 -1.19 2.32
N ILE C 285 18.64 -0.01 2.92
CA ILE C 285 19.75 0.92 3.10
C ILE C 285 20.56 0.66 4.36
N ARG C 286 20.19 -0.35 5.14
CA ARG C 286 20.79 -0.56 6.46
C ARG C 286 22.21 -1.09 6.38
N LYS C 287 22.54 -1.76 5.26
CA LYS C 287 23.91 -2.22 5.02
C LYS C 287 24.87 -1.04 4.86
N ASP C 288 24.40 0.04 4.22
CA ASP C 288 25.22 1.24 4.11
C ASP C 288 25.32 1.97 5.44
N LEU C 289 24.29 1.85 6.29
CA LEU C 289 24.34 2.50 7.59
C LEU C 289 25.28 1.77 8.55
N TYR C 290 25.38 0.45 8.42
CA TYR C 290 26.31 -0.30 9.27
C TYR C 290 27.76 -0.04 8.91
N ALA C 291 28.04 0.29 7.65
CA ALA C 291 29.42 0.55 7.25
C ALA C 291 29.82 2.01 7.35
N ASN C 292 28.90 2.90 7.71
CA ASN C 292 29.19 4.34 7.69
C ASN C 292 28.72 5.00 8.97
N ASN C 293 29.09 4.42 10.12
CA ASN C 293 28.77 5.02 11.42
C ASN C 293 29.70 6.20 11.65
N VAL C 294 29.22 7.39 11.34
CA VAL C 294 30.00 8.61 11.49
C VAL C 294 29.74 9.21 12.85
N MET C 295 30.80 9.38 13.64
CA MET C 295 30.71 10.01 14.95
C MET C 295 31.40 11.37 14.89
N SER C 296 30.75 12.38 15.45
CA SER C 296 31.28 13.74 15.43
C SER C 296 30.98 14.40 16.77
N GLY C 297 31.32 15.66 16.87
CA GLY C 297 31.17 16.39 18.11
C GLY C 297 32.36 16.21 19.04
N GLY C 298 32.42 17.04 20.07
CA GLY C 298 33.51 16.96 21.01
C GLY C 298 33.38 15.85 22.03
N THR C 299 32.16 15.31 22.20
CA THR C 299 31.91 14.30 23.23
C THR C 299 32.52 12.96 22.84
N THR C 300 32.66 12.69 21.55
CA THR C 300 33.25 11.45 21.06
C THR C 300 34.77 11.49 20.96
N MET C 301 35.43 12.35 21.72
CA MET C 301 36.88 12.47 21.73
C MET C 301 37.53 11.67 22.87
N TYR C 302 36.77 10.85 23.58
CA TYR C 302 37.37 9.89 24.48
C TYR C 302 38.10 8.84 23.67
N PRO C 303 39.28 8.39 24.10
CA PRO C 303 40.03 7.43 23.30
C PRO C 303 39.69 5.97 23.53
N GLY C 304 38.40 5.64 23.69
CA GLY C 304 37.98 4.26 23.67
C GLY C 304 36.60 4.09 23.06
N ILE C 305 36.05 5.18 22.52
CA ILE C 305 34.62 5.21 22.24
C ILE C 305 34.29 4.51 20.92
N ALA C 306 35.23 4.49 19.97
CA ALA C 306 34.97 3.90 18.67
C ALA C 306 34.95 2.38 18.74
N ASP C 307 35.87 1.80 19.51
CA ASP C 307 35.94 0.35 19.64
C ASP C 307 34.79 -0.19 20.48
N ARG C 308 34.41 0.54 21.54
CA ARG C 308 33.27 0.16 22.35
C ARG C 308 31.97 0.30 21.57
N MET C 309 31.86 1.33 20.74
CA MET C 309 30.69 1.50 19.88
C MET C 309 30.61 0.40 18.82
N GLN C 310 31.75 0.01 18.25
CA GLN C 310 31.79 -1.07 17.28
C GLN C 310 31.45 -2.41 17.90
N LYS C 311 31.93 -2.63 19.13
CA LYS C 311 31.62 -3.85 19.89
C LYS C 311 30.14 -3.95 20.23
N GLU C 312 29.53 -2.83 20.64
CA GLU C 312 28.13 -2.86 21.03
C GLU C 312 27.21 -2.96 19.81
N ILE C 313 27.56 -2.32 18.69
CA ILE C 313 26.75 -2.43 17.48
C ILE C 313 26.87 -3.83 16.88
N THR C 314 28.08 -4.40 16.89
CA THR C 314 28.30 -5.76 16.39
C THR C 314 27.65 -6.80 17.31
N ALA C 315 27.52 -6.48 18.59
CA ALA C 315 26.67 -7.29 19.48
C ALA C 315 25.20 -7.13 19.11
N LEU C 316 24.78 -5.94 18.69
CA LEU C 316 23.36 -5.70 18.46
C LEU C 316 22.93 -6.07 17.04
N ALA C 317 23.78 -5.87 16.04
CA ALA C 317 23.42 -6.14 14.66
C ALA C 317 23.42 -7.65 14.39
N PRO C 318 22.78 -8.08 13.30
CA PRO C 318 23.07 -9.42 12.76
C PRO C 318 24.53 -9.53 12.34
N SER C 319 25.08 -10.74 12.52
CA SER C 319 26.53 -10.93 12.56
C SER C 319 27.16 -10.85 11.17
N THR C 320 26.37 -10.97 10.11
CA THR C 320 26.91 -10.94 8.76
C THR C 320 27.21 -9.52 8.26
N MET C 321 26.82 -8.49 9.01
CA MET C 321 27.00 -7.12 8.57
C MET C 321 28.38 -6.60 8.94
N LYS C 322 28.92 -5.75 8.07
CA LYS C 322 30.22 -5.13 8.30
C LYS C 322 30.03 -3.86 9.11
N ILE C 323 30.40 -3.91 10.38
CA ILE C 323 30.26 -2.74 11.26
C ILE C 323 31.52 -1.90 11.15
N LYS C 324 31.36 -0.65 10.74
CA LYS C 324 32.50 0.25 10.57
C LYS C 324 32.16 1.61 11.16
N ILE C 325 33.06 2.11 12.01
CA ILE C 325 32.89 3.39 12.68
C ILE C 325 33.78 4.38 11.96
N ILE C 326 33.23 5.55 11.63
CA ILE C 326 33.98 6.61 10.97
C ILE C 326 34.25 7.67 12.03
N ALA C 327 35.46 7.67 12.58
CA ALA C 327 35.86 8.62 13.61
C ALA C 327 37.15 9.30 13.18
N PRO C 328 37.07 10.41 12.44
CA PRO C 328 38.28 11.17 12.09
C PRO C 328 38.84 11.90 13.29
N PRO C 329 40.13 12.24 13.28
CA PRO C 329 40.69 13.05 14.39
C PRO C 329 40.22 14.49 14.39
N GLU C 330 39.65 15.00 13.30
CA GLU C 330 39.15 16.37 13.21
C GLU C 330 37.67 16.47 13.54
N ARG C 331 37.12 15.51 14.29
CA ARG C 331 35.68 15.43 14.51
C ARG C 331 35.15 16.43 15.52
N LYS C 332 36.02 17.13 16.24
CA LYS C 332 35.56 18.18 17.15
C LYS C 332 35.07 19.39 16.37
N TYR C 333 35.81 19.81 15.34
CA TYR C 333 35.46 20.99 14.56
C TYR C 333 34.85 20.63 13.21
N SER C 334 34.36 19.40 13.07
CA SER C 334 33.91 18.90 11.77
C SER C 334 32.60 19.54 11.33
N VAL C 335 31.81 20.05 12.28
CA VAL C 335 30.61 20.81 11.95
C VAL C 335 30.97 22.11 11.26
N TRP C 336 32.00 22.80 11.77
CA TRP C 336 32.49 24.03 11.15
C TRP C 336 33.15 23.75 9.80
N ILE C 337 33.83 22.61 9.68
CA ILE C 337 34.49 22.23 8.43
C ILE C 337 33.47 21.93 7.35
N GLY C 338 32.40 21.20 7.70
CA GLY C 338 31.34 20.94 6.75
C GLY C 338 30.48 22.16 6.45
N GLY C 339 30.41 23.09 7.41
CA GLY C 339 29.79 24.38 7.13
C GLY C 339 30.60 25.20 6.13
N SER C 340 31.92 25.13 6.23
CA SER C 340 32.79 25.75 5.23
C SER C 340 32.68 25.08 3.87
N ILE C 341 32.47 23.76 3.87
CA ILE C 341 32.27 22.99 2.64
C ILE C 341 30.96 23.39 1.96
N LEU C 342 29.88 23.50 2.75
CA LEU C 342 28.58 23.84 2.20
C LEU C 342 28.49 25.30 1.78
N ALA C 343 29.16 26.19 2.54
CA ALA C 343 29.21 27.59 2.15
C ALA C 343 30.13 27.82 0.95
N SER C 344 31.10 26.92 0.74
CA SER C 344 31.94 26.99 -0.46
C SER C 344 31.23 26.49 -1.71
N LEU C 345 30.08 25.84 -1.58
CA LEU C 345 29.39 25.27 -2.73
C LEU C 345 28.70 26.37 -3.54
N SER C 346 28.91 26.33 -4.86
CA SER C 346 28.29 27.30 -5.75
C SER C 346 26.81 27.00 -5.95
N THR C 347 26.42 25.73 -5.80
CA THR C 347 25.00 25.36 -5.90
C THR C 347 24.20 25.84 -4.69
N PHE C 348 24.86 26.06 -3.56
CA PHE C 348 24.21 26.58 -2.37
C PHE C 348 23.89 28.06 -2.48
N GLN C 349 24.49 28.77 -3.45
CA GLN C 349 24.35 30.21 -3.57
C GLN C 349 22.95 30.64 -4.03
N GLN C 350 22.17 29.74 -4.61
CA GLN C 350 20.77 30.01 -4.85
C GLN C 350 19.89 29.75 -3.63
N MET C 351 20.42 29.08 -2.61
CA MET C 351 19.62 28.64 -1.47
C MET C 351 19.69 29.60 -0.28
N TRP C 352 20.27 30.78 -0.45
CA TRP C 352 20.38 31.71 0.67
C TRP C 352 19.05 32.39 0.95
N ILE C 353 18.90 32.85 2.19
CA ILE C 353 17.74 33.64 2.60
C ILE C 353 18.15 35.10 2.59
N THR C 354 17.60 35.86 1.66
CA THR C 354 18.02 37.23 1.47
C THR C 354 17.37 38.16 2.49
N LYS C 355 17.83 39.41 2.48
CA LYS C 355 17.16 40.47 3.24
C LYS C 355 15.76 40.74 2.70
N GLN C 356 15.62 40.72 1.37
CA GLN C 356 14.34 41.00 0.72
C GLN C 356 13.33 39.89 0.96
N GLU C 357 13.82 38.64 1.10
CA GLU C 357 12.94 37.53 1.43
C GLU C 357 12.41 37.63 2.85
N TYR C 358 13.24 38.15 3.78
CA TYR C 358 12.78 38.38 5.14
C TYR C 358 11.84 39.57 5.19
N ASP C 359 12.06 40.59 4.34
CA ASP C 359 11.16 41.73 4.31
C ASP C 359 9.81 41.36 3.71
N GLU C 360 9.81 40.47 2.72
CA GLU C 360 8.55 40.06 2.11
C GLU C 360 7.80 39.09 2.99
N ALA C 361 8.48 38.08 3.53
CA ALA C 361 7.80 37.00 4.23
C ALA C 361 7.62 37.26 5.72
N GLY C 362 8.25 38.29 6.27
CA GLY C 362 8.33 38.45 7.70
C GLY C 362 9.25 37.40 8.27
N PRO C 363 9.09 37.09 9.56
CA PRO C 363 9.77 35.89 10.09
C PRO C 363 8.93 34.63 9.89
N SER C 364 8.85 34.18 8.65
CA SER C 364 8.12 32.95 8.33
C SER C 364 8.85 32.04 7.35
N ILE C 365 9.81 32.54 6.57
CA ILE C 365 10.38 31.77 5.48
C ILE C 365 11.39 30.74 5.97
N VAL C 366 11.85 30.85 7.23
CA VAL C 366 12.89 29.95 7.73
C VAL C 366 12.31 28.57 8.03
N HIS C 367 11.00 28.48 8.25
CA HIS C 367 10.35 27.18 8.28
C HIS C 367 10.22 26.62 6.87
N ARG C 368 10.04 27.49 5.88
CA ARG C 368 9.79 27.03 4.52
C ARG C 368 11.07 26.80 3.73
N LYS C 369 12.07 27.66 3.88
CA LYS C 369 13.30 27.54 3.10
C LYS C 369 14.20 26.46 3.67
N CYS C 370 14.51 26.54 4.96
CA CYS C 370 15.39 25.57 5.59
C CYS C 370 14.65 24.26 5.83
N PHE C 371 15.43 23.18 5.95
CA PHE C 371 14.88 21.87 6.26
C PHE C 371 14.47 21.84 7.73
N THR D 1 -23.36 -22.05 33.05
CA THR D 1 -22.36 -21.11 33.53
C THR D 1 -22.24 -19.92 32.57
N THR D 2 -21.96 -18.75 33.13
CA THR D 2 -21.79 -17.55 32.32
C THR D 2 -20.44 -17.57 31.60
N ALA D 3 -20.42 -17.04 30.39
CA ALA D 3 -19.19 -16.96 29.63
C ALA D 3 -18.43 -15.69 29.97
N LEU D 4 -17.14 -15.68 29.62
CA LEU D 4 -16.25 -14.57 29.93
C LEU D 4 -15.80 -13.91 28.63
N VAL D 5 -16.23 -12.67 28.43
CA VAL D 5 -15.85 -11.89 27.27
C VAL D 5 -14.68 -11.00 27.68
N CYS D 6 -13.53 -11.21 27.07
CA CYS D 6 -12.32 -10.48 27.45
C CYS D 6 -11.58 -10.06 26.18
N ASP D 7 -11.77 -8.79 25.79
CA ASP D 7 -10.96 -8.19 24.75
C ASP D 7 -9.59 -7.88 25.34
N ASN D 8 -8.58 -8.63 24.92
CA ASN D 8 -7.19 -8.33 25.25
C ASN D 8 -6.59 -7.43 24.17
N GLY D 9 -7.06 -6.18 24.16
CA GLY D 9 -6.57 -5.21 23.20
C GLY D 9 -5.17 -4.75 23.53
N SER D 10 -4.58 -4.05 22.55
CA SER D 10 -3.19 -3.59 22.66
C SER D 10 -3.04 -2.53 23.73
N GLY D 11 -3.93 -1.54 23.72
CA GLY D 11 -3.97 -0.53 24.77
C GLY D 11 -4.74 -0.97 25.99
N LEU D 12 -6.03 -1.25 25.87
CA LEU D 12 -6.87 -1.46 27.05
C LEU D 12 -7.55 -2.82 27.03
N VAL D 13 -7.35 -3.58 28.10
CA VAL D 13 -8.02 -4.86 28.28
C VAL D 13 -9.39 -4.61 28.90
N LYS D 14 -10.42 -5.14 28.25
CA LYS D 14 -11.81 -4.95 28.66
C LYS D 14 -12.45 -6.33 28.82
N ALA D 15 -12.76 -6.70 30.06
CA ALA D 15 -13.25 -8.04 30.36
C ALA D 15 -14.56 -7.98 31.13
N GLY D 16 -15.23 -9.12 31.20
CA GLY D 16 -16.45 -9.22 31.95
C GLY D 16 -17.24 -10.46 31.56
N PHE D 17 -18.52 -10.44 31.90
CA PHE D 17 -19.39 -11.59 31.77
C PHE D 17 -20.28 -11.48 30.53
N ALA D 18 -20.86 -12.60 30.13
CA ALA D 18 -21.73 -12.64 28.97
C ALA D 18 -23.10 -12.07 29.27
N GLY D 19 -23.67 -11.38 28.28
CA GLY D 19 -25.00 -10.84 28.38
C GLY D 19 -25.08 -9.44 28.94
N ASP D 20 -24.02 -8.96 29.60
CA ASP D 20 -24.02 -7.63 30.17
C ASP D 20 -23.82 -6.58 29.09
N ASP D 21 -24.23 -5.36 29.41
CA ASP D 21 -24.11 -4.26 28.45
C ASP D 21 -22.71 -3.66 28.50
N ALA D 22 -22.33 -3.10 29.64
CA ALA D 22 -21.01 -2.52 29.81
C ALA D 22 -20.01 -3.58 30.22
N PRO D 23 -18.74 -3.47 29.79
CA PRO D 23 -17.71 -4.38 30.28
C PRO D 23 -17.39 -4.15 31.74
N ARG D 24 -17.11 -5.24 32.46
CA ARG D 24 -16.97 -5.18 33.91
C ARG D 24 -15.65 -4.52 34.32
N ALA D 25 -14.55 -4.94 33.69
CA ALA D 25 -13.22 -4.50 34.08
C ALA D 25 -12.51 -3.90 32.88
N VAL D 26 -12.34 -2.59 32.89
CA VAL D 26 -11.63 -1.88 31.84
C VAL D 26 -10.36 -1.30 32.45
N PHE D 27 -9.20 -1.74 31.95
CA PHE D 27 -7.94 -1.26 32.50
C PHE D 27 -6.87 -1.37 31.42
N PRO D 28 -5.90 -0.45 31.37
CA PRO D 28 -4.84 -0.56 30.37
C PRO D 28 -3.86 -1.66 30.70
N SER D 29 -3.30 -2.26 29.65
CA SER D 29 -2.38 -3.40 29.78
C SER D 29 -0.96 -2.87 29.79
N ILE D 30 -0.45 -2.61 30.99
CA ILE D 30 0.93 -2.18 31.19
C ILE D 30 1.50 -2.95 32.37
N VAL D 31 2.78 -3.29 32.26
CA VAL D 31 3.51 -3.89 33.38
C VAL D 31 4.54 -2.88 33.85
N GLY D 32 4.44 -2.47 35.11
CA GLY D 32 5.36 -1.50 35.68
C GLY D 32 6.37 -2.19 36.58
N ARG D 33 7.64 -1.82 36.39
CA ARG D 33 8.71 -2.37 37.19
C ARG D 33 9.54 -1.22 37.76
N PRO D 34 9.93 -1.27 39.03
CA PRO D 34 10.65 -0.13 39.63
C PRO D 34 12.08 -0.04 39.14
N ARG D 35 12.49 1.20 38.83
CA ARG D 35 13.81 1.46 38.29
C ARG D 35 14.73 2.16 39.27
N HIS D 36 14.23 2.71 40.37
CA HIS D 36 15.04 3.33 41.39
C HIS D 36 15.12 2.45 42.62
N GLN D 37 15.99 2.84 43.54
CA GLN D 37 16.31 1.99 44.70
C GLN D 37 15.23 2.15 45.77
N GLY D 38 14.69 1.03 46.23
CA GLY D 38 13.80 1.02 47.38
C GLY D 38 14.58 1.03 48.66
N VAL D 39 14.51 2.13 49.41
CA VAL D 39 15.35 2.32 50.58
C VAL D 39 14.58 1.98 51.85
N MET D 40 13.26 1.94 51.75
CA MET D 40 12.43 1.65 52.91
C MET D 40 12.18 0.15 53.01
N VAL D 41 12.55 -0.44 54.14
CA VAL D 41 12.35 -1.87 54.35
C VAL D 41 10.87 -2.14 54.66
N GLY D 42 10.43 -3.35 54.33
CA GLY D 42 9.06 -3.72 54.62
C GLY D 42 8.10 -3.15 53.59
N MET D 43 6.94 -2.69 54.08
CA MET D 43 5.89 -1.88 53.42
C MET D 43 5.30 -2.50 52.14
N GLY D 44 5.52 -3.80 51.91
CA GLY D 44 4.91 -4.54 50.81
C GLY D 44 5.31 -4.09 49.41
N GLN D 45 6.58 -3.78 49.19
CA GLN D 45 7.03 -3.26 47.92
C GLN D 45 7.15 -4.40 46.91
N LYS D 46 6.25 -4.43 45.93
CA LYS D 46 6.21 -5.53 44.98
C LYS D 46 7.30 -5.36 43.92
N ASP D 47 7.70 -6.49 43.34
CA ASP D 47 8.65 -6.48 42.23
C ASP D 47 8.05 -5.98 40.94
N SER D 48 6.72 -6.06 40.79
CA SER D 48 6.06 -5.58 39.60
C SER D 48 4.67 -5.08 39.96
N TYR D 49 4.13 -4.21 39.11
CA TYR D 49 2.79 -3.67 39.28
C TYR D 49 2.08 -3.72 37.93
N VAL D 50 0.79 -4.06 37.98
CA VAL D 50 0.02 -4.41 36.80
C VAL D 50 -1.20 -3.50 36.70
N GLY D 51 -1.33 -2.81 35.57
CA GLY D 51 -2.59 -2.17 35.25
C GLY D 51 -2.78 -0.86 35.98
N ASP D 52 -3.88 -0.79 36.74
CA ASP D 52 -4.26 0.46 37.40
C ASP D 52 -3.36 0.75 38.59
N GLU D 53 -2.82 -0.29 39.22
CA GLU D 53 -1.78 -0.10 40.23
C GLU D 53 -0.50 0.42 39.59
N ALA D 54 -0.20 -0.04 38.38
CA ALA D 54 0.93 0.51 37.63
C ALA D 54 0.60 1.90 37.10
N GLN D 55 -0.69 2.17 36.84
CA GLN D 55 -1.08 3.49 36.35
C GLN D 55 -1.00 4.53 37.45
N SER D 56 -1.34 4.15 38.68
CA SER D 56 -1.33 5.08 39.81
C SER D 56 0.10 5.41 40.22
N LYS D 57 0.97 4.41 40.29
CA LYS D 57 2.35 4.59 40.72
C LYS D 57 3.30 4.78 39.55
N ARG D 58 2.86 5.40 38.45
CA ARG D 58 3.58 5.36 37.18
C ARG D 58 4.84 6.21 37.16
N GLY D 59 5.03 7.09 38.14
CA GLY D 59 6.18 7.98 38.14
C GLY D 59 7.49 7.30 38.46
N ILE D 60 7.46 6.14 39.12
CA ILE D 60 8.68 5.45 39.49
C ILE D 60 8.69 4.05 38.91
N LEU D 61 7.95 3.84 37.83
CA LEU D 61 7.88 2.53 37.19
C LEU D 61 8.20 2.65 35.71
N THR D 62 9.16 1.86 35.25
CA THR D 62 9.31 1.63 33.83
C THR D 62 8.13 0.79 33.34
N LEU D 63 7.50 1.24 32.27
CA LEU D 63 6.25 0.66 31.79
C LEU D 63 6.50 -0.12 30.51
N LYS D 64 5.95 -1.33 30.46
CA LYS D 64 6.09 -2.20 29.30
C LYS D 64 4.71 -2.57 28.78
N TYR D 65 4.55 -2.46 27.46
CA TYR D 65 3.33 -2.93 26.80
C TYR D 65 3.57 -4.35 26.29
N PRO D 66 2.82 -5.35 26.77
CA PRO D 66 3.05 -6.72 26.29
C PRO D 66 2.53 -6.99 24.90
N ILE D 67 1.62 -6.15 24.38
CA ILE D 67 1.06 -6.35 23.04
C ILE D 67 1.52 -5.22 22.14
N GLU D 68 2.13 -5.58 21.03
CA GLU D 68 2.56 -4.60 20.03
C GLU D 68 1.97 -4.93 18.67
N GLY D 70 -1.11 -6.00 18.01
CA GLY D 70 -1.82 -7.26 18.06
C GLY D 70 -0.96 -8.48 18.26
N ILE D 71 0.33 -8.27 18.50
CA ILE D 71 1.30 -9.34 18.66
C ILE D 71 1.79 -9.31 20.09
N ILE D 72 1.61 -10.41 20.81
CA ILE D 72 2.09 -10.51 22.18
C ILE D 72 3.59 -10.78 22.11
N THR D 73 4.39 -9.80 22.52
CA THR D 73 5.83 -9.98 22.56
C THR D 73 6.25 -10.74 23.82
N ASN D 74 5.95 -10.17 24.99
CA ASN D 74 6.30 -10.79 26.26
C ASN D 74 5.13 -11.67 26.70
N TRP D 75 5.36 -12.98 26.71
CA TRP D 75 4.30 -13.91 27.09
C TRP D 75 4.11 -13.98 28.60
N ASP D 76 5.19 -13.79 29.36
CA ASP D 76 5.10 -13.84 30.82
C ASP D 76 4.38 -12.62 31.37
N ASP D 77 4.60 -11.45 30.74
CA ASP D 77 3.87 -10.25 31.11
C ASP D 77 2.39 -10.36 30.76
N MET D 78 2.08 -11.00 29.63
CA MET D 78 0.68 -11.24 29.27
C MET D 78 0.01 -12.26 30.18
N GLU D 79 0.80 -13.22 30.68
CA GLU D 79 0.30 -14.13 31.71
C GLU D 79 0.02 -13.39 33.01
N LYS D 80 0.83 -12.38 33.31
CA LYS D 80 0.57 -11.54 34.49
C LYS D 80 -0.68 -10.67 34.31
N ILE D 81 -0.91 -10.17 33.08
CA ILE D 81 -2.15 -9.46 32.73
C ILE D 81 -3.36 -10.37 32.91
N TRP D 82 -3.25 -11.61 32.44
CA TRP D 82 -4.36 -12.56 32.52
C TRP D 82 -4.63 -12.99 33.96
N HIS D 83 -3.56 -13.18 34.75
CA HIS D 83 -3.70 -13.56 36.15
C HIS D 83 -4.29 -12.43 36.98
N HIS D 84 -3.92 -11.18 36.65
CA HIS D 84 -4.49 -10.03 37.34
C HIS D 84 -5.95 -9.84 36.98
N THR D 85 -6.31 -10.00 35.70
CA THR D 85 -7.70 -9.76 35.33
C THR D 85 -8.60 -10.93 35.68
N PHE D 86 -8.04 -12.12 35.95
CA PHE D 86 -8.87 -13.19 36.47
C PHE D 86 -9.01 -13.11 37.98
N TYR D 87 -7.90 -12.96 38.68
CA TYR D 87 -7.90 -13.18 40.12
C TYR D 87 -8.07 -11.91 40.94
N ASN D 88 -8.04 -10.75 40.31
CA ASN D 88 -8.24 -9.50 41.04
C ASN D 88 -9.37 -8.65 40.49
N GLU D 89 -9.51 -8.60 39.17
CA GLU D 89 -10.54 -7.75 38.58
C GLU D 89 -11.91 -8.41 38.64
N LEU D 90 -12.05 -9.56 37.98
CA LEU D 90 -13.34 -10.24 37.97
C LEU D 90 -13.52 -11.14 39.20
N ARG D 91 -12.40 -11.55 39.81
CA ARG D 91 -12.31 -12.42 41.00
C ARG D 91 -13.02 -13.76 40.78
N VAL D 92 -12.73 -14.38 39.64
CA VAL D 92 -13.40 -15.60 39.23
C VAL D 92 -12.36 -16.70 39.04
N ALA D 93 -12.78 -17.93 39.28
CA ALA D 93 -11.96 -19.08 38.94
C ALA D 93 -12.09 -19.36 37.45
N PRO D 94 -10.99 -19.41 36.69
CA PRO D 94 -11.11 -19.63 35.23
C PRO D 94 -11.40 -21.06 34.82
N GLU D 95 -11.44 -22.01 35.76
CA GLU D 95 -11.63 -23.42 35.45
C GLU D 95 -13.09 -23.83 35.38
N GLU D 96 -14.02 -22.89 35.41
CA GLU D 96 -15.44 -23.23 35.47
C GLU D 96 -16.28 -22.32 34.58
N HIS D 97 -15.64 -21.62 33.63
CA HIS D 97 -16.37 -20.72 32.75
C HIS D 97 -15.76 -20.72 31.36
N PRO D 98 -16.57 -20.69 30.31
CA PRO D 98 -16.03 -20.51 28.96
C PRO D 98 -15.56 -19.09 28.75
N THR D 99 -14.63 -18.95 27.80
CA THR D 99 -13.91 -17.69 27.61
C THR D 99 -13.84 -17.36 26.13
N LEU D 100 -14.18 -16.13 25.77
CA LEU D 100 -14.01 -15.63 24.42
C LEU D 100 -12.87 -14.63 24.42
N LEU D 101 -12.00 -14.73 23.42
CA LEU D 101 -10.89 -13.81 23.23
C LEU D 101 -10.99 -13.19 21.85
N THR D 102 -10.49 -11.98 21.74
CA THR D 102 -10.57 -11.21 20.51
C THR D 102 -9.20 -11.17 19.83
N GLU D 103 -9.22 -11.06 18.50
CA GLU D 103 -7.99 -11.17 17.74
C GLU D 103 -8.08 -10.31 16.49
N ALA D 104 -6.99 -9.61 16.19
CA ALA D 104 -6.82 -8.89 14.94
C ALA D 104 -6.68 -9.86 13.78
N PRO D 105 -7.17 -9.49 12.58
CA PRO D 105 -6.91 -10.32 11.41
C PRO D 105 -5.46 -10.21 10.96
N LEU D 106 -5.03 -11.25 10.23
CA LEU D 106 -3.67 -11.44 9.71
C LEU D 106 -2.62 -11.44 10.81
N ASN D 107 -3.00 -12.02 11.95
CA ASN D 107 -2.10 -12.28 13.05
C ASN D 107 -1.17 -13.40 12.59
N PRO D 108 0.11 -13.35 12.98
CA PRO D 108 0.92 -14.57 12.97
C PRO D 108 0.29 -15.68 13.81
N LYS D 109 0.38 -16.90 13.29
CA LYS D 109 -0.42 -18.02 13.80
C LYS D 109 0.10 -18.52 15.14
N ALA D 110 1.39 -18.31 15.43
CA ALA D 110 1.96 -18.80 16.69
C ALA D 110 1.49 -17.98 17.88
N ASN D 111 1.05 -16.74 17.65
CA ASN D 111 0.33 -15.96 18.65
C ASN D 111 -0.96 -16.65 19.07
N ARG D 112 -1.72 -17.14 18.09
CA ARG D 112 -2.94 -17.89 18.36
C ARG D 112 -2.66 -19.23 19.01
N GLU D 113 -1.57 -19.89 18.59
CA GLU D 113 -1.15 -21.18 19.14
C GLU D 113 -0.75 -21.07 20.60
N LYS D 114 0.05 -20.05 20.93
CA LYS D 114 0.49 -19.89 22.31
C LYS D 114 -0.61 -19.34 23.20
N MET D 115 -1.54 -18.55 22.64
CA MET D 115 -2.71 -18.11 23.39
C MET D 115 -3.62 -19.29 23.74
N THR D 116 -3.80 -20.21 22.77
CA THR D 116 -4.56 -21.44 22.99
C THR D 116 -3.88 -22.33 24.03
N GLN D 117 -2.55 -22.42 23.97
CA GLN D 117 -1.78 -23.26 24.89
C GLN D 117 -1.80 -22.73 26.31
N ILE D 118 -1.66 -21.41 26.48
CA ILE D 118 -1.69 -20.81 27.81
C ILE D 118 -3.10 -20.84 28.39
N MET D 119 -4.11 -20.57 27.56
CA MET D 119 -5.49 -20.56 28.05
C MET D 119 -6.02 -21.97 28.29
N PHE D 120 -5.40 -22.99 27.68
CA PHE D 120 -5.75 -24.36 27.98
C PHE D 120 -4.80 -25.05 28.93
N GLU D 121 -3.73 -24.38 29.38
CA GLU D 121 -2.85 -25.00 30.37
C GLU D 121 -2.70 -24.16 31.63
N THR D 122 -2.31 -22.88 31.51
CA THR D 122 -2.01 -22.08 32.68
C THR D 122 -3.28 -21.64 33.40
N PHE D 123 -4.26 -21.18 32.64
CA PHE D 123 -5.53 -20.74 33.18
C PHE D 123 -6.62 -21.61 32.58
N ASN D 124 -6.42 -22.94 32.62
CA ASN D 124 -7.15 -23.94 31.84
C ASN D 124 -8.66 -23.94 32.04
N VAL D 125 -9.36 -24.05 30.91
CA VAL D 125 -10.77 -23.70 30.78
C VAL D 125 -11.61 -24.94 30.49
N PRO D 126 -12.91 -24.91 30.76
CA PRO D 126 -13.80 -25.86 30.06
C PRO D 126 -13.83 -25.64 28.56
N ALA D 127 -13.88 -24.39 28.12
CA ALA D 127 -13.97 -24.07 26.69
C ALA D 127 -13.44 -22.65 26.47
N MET D 128 -13.06 -22.38 25.23
CA MET D 128 -12.65 -21.05 24.81
C MET D 128 -12.89 -20.93 23.32
N TYR D 129 -12.90 -19.68 22.86
CA TYR D 129 -13.00 -19.41 21.43
C TYR D 129 -12.28 -18.10 21.14
N VAL D 130 -11.69 -18.01 19.95
CA VAL D 130 -10.98 -16.82 19.50
C VAL D 130 -11.72 -16.28 18.29
N ALA D 131 -12.04 -14.98 18.33
CA ALA D 131 -12.89 -14.38 17.32
C ALA D 131 -12.30 -13.08 16.81
N ILE D 132 -12.62 -12.75 15.56
CA ILE D 132 -12.18 -11.53 14.92
C ILE D 132 -13.01 -10.36 15.43
N GLN D 133 -12.32 -9.24 15.73
CA GLN D 133 -12.94 -8.07 16.34
C GLN D 133 -13.93 -7.35 15.43
N ALA D 134 -13.69 -7.38 14.12
CA ALA D 134 -14.61 -6.75 13.17
C ALA D 134 -15.93 -7.50 13.07
N VAL D 135 -15.89 -8.82 13.28
CA VAL D 135 -17.10 -9.64 13.28
C VAL D 135 -17.95 -9.30 14.49
N LEU D 136 -17.31 -9.11 15.65
CA LEU D 136 -18.03 -8.66 16.85
C LEU D 136 -18.50 -7.22 16.73
N SER D 137 -17.77 -6.39 15.98
CA SER D 137 -18.22 -5.02 15.73
C SER D 137 -19.47 -5.00 14.84
N LEU D 138 -19.52 -5.91 13.88
CA LEU D 138 -20.72 -6.02 13.05
C LEU D 138 -21.86 -6.69 13.82
N TYR D 139 -21.53 -7.54 14.79
CA TYR D 139 -22.54 -8.12 15.66
C TYR D 139 -23.17 -7.07 16.57
N ALA D 140 -22.34 -6.18 17.13
CA ALA D 140 -22.84 -5.13 18.00
C ALA D 140 -23.51 -4.02 17.19
N SER D 141 -23.14 -3.88 15.92
CA SER D 141 -23.87 -2.97 15.05
C SER D 141 -25.25 -3.50 14.72
N GLY D 142 -25.42 -4.82 14.72
CA GLY D 142 -26.70 -5.46 14.52
C GLY D 142 -26.98 -5.82 13.08
N ARG D 143 -26.43 -5.06 12.14
CA ARG D 143 -26.60 -5.34 10.72
C ARG D 143 -25.75 -6.55 10.33
N THR D 144 -26.16 -7.21 9.24
CA THR D 144 -25.51 -8.44 8.82
C THR D 144 -24.45 -8.18 7.77
N THR D 145 -24.71 -7.26 6.85
CA THR D 145 -23.73 -6.84 5.87
C THR D 145 -23.06 -5.53 6.27
N GLY D 146 -21.92 -5.26 5.65
CA GLY D 146 -21.22 -4.01 5.89
C GLY D 146 -19.72 -4.24 5.93
N ILE D 147 -18.99 -3.13 5.91
CA ILE D 147 -17.55 -3.13 6.09
C ILE D 147 -17.24 -2.46 7.42
N VAL D 148 -16.32 -3.05 8.17
CA VAL D 148 -15.92 -2.56 9.49
C VAL D 148 -14.50 -2.05 9.40
N LEU D 149 -14.31 -0.78 9.76
CA LEU D 149 -12.99 -0.23 10.05
C LEU D 149 -12.83 -0.28 11.57
N ASP D 150 -12.05 -1.23 12.06
CA ASP D 150 -11.81 -1.36 13.50
C ASP D 150 -10.36 -1.00 13.80
N SER D 151 -10.18 -0.09 14.74
CA SER D 151 -8.86 0.42 15.09
C SER D 151 -8.75 0.50 16.61
N GLY D 152 -7.90 -0.34 17.18
CA GLY D 152 -7.59 -0.26 18.60
C GLY D 152 -6.41 0.64 18.85
N ASP D 153 -5.40 0.13 19.57
CA ASP D 153 -4.19 0.90 19.79
C ASP D 153 -3.07 0.48 18.85
N GLY D 154 -3.12 -0.72 18.28
CA GLY D 154 -2.07 -1.15 17.39
C GLY D 154 -2.44 -1.45 15.96
N VAL D 155 -3.65 -1.96 15.71
CA VAL D 155 -4.04 -2.45 14.39
C VAL D 155 -5.27 -1.69 13.92
N THR D 156 -5.16 -1.07 12.75
CA THR D 156 -6.32 -0.55 12.03
C THR D 156 -6.60 -1.49 10.87
N HIS D 157 -7.75 -2.16 10.91
CA HIS D 157 -8.06 -3.13 9.87
C HIS D 157 -9.45 -2.90 9.30
N ASN D 158 -9.55 -3.03 7.98
CA ASN D 158 -10.81 -2.99 7.25
C ASN D 158 -11.20 -4.40 6.84
N VAL D 159 -12.38 -4.83 7.28
CA VAL D 159 -12.90 -6.16 6.93
C VAL D 159 -14.31 -6.00 6.36
N PRO D 160 -14.55 -6.40 5.12
CA PRO D 160 -15.92 -6.45 4.61
C PRO D 160 -16.58 -7.82 4.79
N ILE D 161 -17.83 -7.79 5.27
CA ILE D 161 -18.63 -9.00 5.44
C ILE D 161 -19.99 -8.74 4.80
N TYR D 162 -20.36 -9.57 3.83
CA TYR D 162 -21.63 -9.43 3.12
C TYR D 162 -22.51 -10.62 3.46
N GLU D 163 -23.66 -10.32 4.11
CA GLU D 163 -24.69 -11.28 4.53
C GLU D 163 -24.13 -12.38 5.43
N GLY D 164 -23.22 -12.00 6.33
CA GLY D 164 -22.61 -12.97 7.20
C GLY D 164 -21.48 -13.76 6.59
N TYR D 165 -21.04 -13.41 5.38
CA TYR D 165 -19.94 -14.10 4.73
C TYR D 165 -18.75 -13.16 4.67
N ALA D 166 -17.64 -13.57 5.29
CA ALA D 166 -16.44 -12.76 5.26
C ALA D 166 -15.67 -13.02 3.97
N LEU D 167 -15.18 -11.95 3.36
CA LEU D 167 -14.35 -12.09 2.17
C LEU D 167 -12.88 -11.96 2.59
N PRO D 168 -12.14 -13.07 2.63
CA PRO D 168 -10.82 -13.03 3.28
C PRO D 168 -9.74 -12.39 2.44
N HIS D 169 -9.92 -12.31 1.13
CA HIS D 169 -8.92 -11.68 0.28
C HIS D 169 -8.95 -10.17 0.40
N ALA D 170 -10.10 -9.60 0.75
CA ALA D 170 -10.26 -8.15 0.79
C ALA D 170 -9.95 -7.56 2.17
N ILE D 171 -9.49 -8.37 3.11
CA ILE D 171 -9.14 -7.87 4.45
C ILE D 171 -7.85 -7.07 4.36
N MET D 172 -7.90 -5.83 4.84
CA MET D 172 -6.77 -4.91 4.72
C MET D 172 -6.29 -4.52 6.11
N ARG D 173 -5.03 -4.84 6.41
CA ARG D 173 -4.42 -4.55 7.70
C ARG D 173 -3.38 -3.44 7.57
N LEU D 174 -3.45 -2.46 8.47
CA LEU D 174 -2.41 -1.44 8.55
C LEU D 174 -2.07 -1.25 10.02
N ASP D 175 -0.77 -1.28 10.33
CA ASP D 175 -0.29 -1.04 11.69
C ASP D 175 -0.03 0.46 11.86
N LEU D 176 -1.13 1.20 11.96
CA LEU D 176 -1.07 2.64 12.20
C LEU D 176 -2.30 2.97 13.03
N ALA D 177 -2.09 3.19 14.32
CA ALA D 177 -3.19 3.42 15.25
C ALA D 177 -2.68 4.33 16.35
N GLY D 178 -3.39 4.32 17.49
CA GLY D 178 -3.28 5.41 18.46
C GLY D 178 -1.96 5.49 19.22
N ARG D 179 -1.21 4.37 19.28
CA ARG D 179 0.14 4.43 19.85
C ARG D 179 1.08 5.21 18.93
N ASP D 180 0.94 5.04 17.62
CA ASP D 180 1.74 5.78 16.65
C ASP D 180 1.34 7.25 16.64
N LEU D 181 0.06 7.54 16.84
CA LEU D 181 -0.41 8.91 16.94
C LEU D 181 0.09 9.57 18.21
N THR D 182 0.18 8.81 19.30
CA THR D 182 0.73 9.33 20.55
C THR D 182 2.22 9.58 20.45
N ASP D 183 2.94 8.71 19.72
CA ASP D 183 4.37 8.92 19.49
C ASP D 183 4.62 10.11 18.57
N TYR D 184 3.75 10.30 17.57
CA TYR D 184 3.88 11.46 16.69
C TYR D 184 3.52 12.75 17.42
N LEU D 185 2.56 12.68 18.34
CA LEU D 185 2.23 13.84 19.16
C LEU D 185 3.36 14.17 20.14
N MET D 186 4.05 13.13 20.64
CA MET D 186 5.26 13.33 21.43
C MET D 186 6.38 13.95 20.60
N LYS D 187 6.43 13.59 19.32
CA LYS D 187 7.45 14.14 18.43
C LYS D 187 7.19 15.61 18.11
N ILE D 188 5.94 15.98 17.87
CA ILE D 188 5.68 17.35 17.42
C ILE D 188 5.56 18.35 18.56
N LEU D 189 5.54 17.89 19.82
CA LEU D 189 5.44 18.84 20.92
C LEU D 189 6.77 19.52 21.25
N THR D 190 7.88 19.03 20.68
CA THR D 190 9.17 19.70 20.88
C THR D 190 9.29 20.98 20.07
N GLU D 191 8.42 21.20 19.09
CA GLU D 191 8.37 22.46 18.36
C GLU D 191 7.92 23.60 19.27
N ARG D 192 6.99 23.32 20.17
CA ARG D 192 6.60 24.29 21.19
C ARG D 192 7.46 24.20 22.44
N GLY D 193 8.36 23.20 22.51
CA GLY D 193 9.29 23.10 23.61
C GLY D 193 8.91 22.13 24.71
N TYR D 194 7.77 21.46 24.60
CA TYR D 194 7.34 20.53 25.62
C TYR D 194 8.02 19.18 25.37
N SER D 195 8.82 18.73 26.33
CA SER D 195 9.59 17.51 26.17
C SER D 195 8.95 16.36 26.93
N PHE D 196 8.78 15.23 26.24
CA PHE D 196 8.18 14.03 26.85
C PHE D 196 8.93 12.82 26.32
N VAL D 197 9.79 12.23 27.15
CA VAL D 197 10.66 11.15 26.67
C VAL D 197 10.44 9.85 27.43
N THR D 198 9.94 9.93 28.66
CA THR D 198 9.85 8.74 29.49
C THR D 198 8.59 7.95 29.19
N THR D 199 8.53 6.76 29.80
CA THR D 199 7.36 5.90 29.63
C THR D 199 6.15 6.45 30.39
N ALA D 200 6.40 7.17 31.48
CA ALA D 200 5.30 7.76 32.26
C ALA D 200 4.68 8.93 31.51
N GLU D 201 5.47 9.63 30.68
CA GLU D 201 4.96 10.76 29.94
C GLU D 201 4.08 10.35 28.76
N ARG D 202 4.21 9.09 28.31
CA ARG D 202 3.42 8.59 27.18
C ARG D 202 1.94 8.51 27.52
N GLU D 203 1.62 8.14 28.77
CA GLU D 203 0.22 8.12 29.20
C GLU D 203 -0.34 9.53 29.35
N ILE D 204 0.50 10.49 29.69
CA ILE D 204 0.08 11.89 29.79
C ILE D 204 -0.23 12.46 28.42
N VAL D 205 0.63 12.16 27.43
CA VAL D 205 0.41 12.58 26.05
C VAL D 205 -0.81 11.85 25.45
N ARG D 206 -1.03 10.59 25.86
CA ARG D 206 -2.23 9.84 25.49
C ARG D 206 -3.50 10.47 26.06
N ASP D 207 -3.43 10.96 27.30
CA ASP D 207 -4.58 11.63 27.91
C ASP D 207 -4.85 12.98 27.25
N ILE D 208 -3.79 13.67 26.83
CA ILE D 208 -3.90 14.92 26.07
C ILE D 208 -4.56 14.67 24.71
N LYS D 209 -4.16 13.58 24.05
CA LYS D 209 -4.72 13.21 22.75
C LYS D 209 -6.17 12.75 22.87
N GLU D 210 -6.52 12.09 23.98
CA GLU D 210 -7.91 11.68 24.19
C GLU D 210 -8.80 12.86 24.51
N LYS D 211 -8.29 13.84 25.27
CA LYS D 211 -9.15 14.93 25.70
C LYS D 211 -9.27 16.03 24.65
N LEU D 212 -8.14 16.47 24.09
CA LEU D 212 -8.13 17.74 23.37
C LEU D 212 -8.15 17.59 21.85
N CYS D 213 -7.61 16.49 21.31
CA CYS D 213 -7.45 16.36 19.88
C CYS D 213 -8.78 16.05 19.19
N TYR D 214 -8.86 16.44 17.92
CA TYR D 214 -10.07 16.27 17.12
C TYR D 214 -9.67 16.23 15.66
N VAL D 215 -10.57 15.71 14.83
CA VAL D 215 -10.31 15.55 13.41
C VAL D 215 -10.80 16.79 12.67
N ALA D 216 -9.92 17.41 11.89
CA ALA D 216 -10.30 18.53 11.04
C ALA D 216 -11.12 18.04 9.86
N LEU D 217 -12.14 18.83 9.48
CA LEU D 217 -12.94 18.50 8.30
C LEU D 217 -12.14 18.72 7.03
N ASP D 218 -11.49 19.88 6.91
CA ASP D 218 -10.50 20.13 5.88
C ASP D 218 -9.20 20.45 6.59
N PHE D 219 -8.10 19.88 6.12
CA PHE D 219 -6.84 20.09 6.81
C PHE D 219 -6.24 21.45 6.50
N GLU D 220 -6.36 21.89 5.24
CA GLU D 220 -5.65 23.09 4.78
C GLU D 220 -6.28 24.37 5.33
N ASN D 221 -7.61 24.43 5.34
CA ASN D 221 -8.31 25.59 5.86
C ASN D 221 -8.19 25.69 7.37
N GLU D 222 -8.14 24.54 8.05
CA GLU D 222 -7.91 24.53 9.49
C GLU D 222 -6.49 24.95 9.85
N MET D 223 -5.51 24.56 9.01
CA MET D 223 -4.13 25.01 9.22
C MET D 223 -3.99 26.50 8.96
N ALA D 224 -4.69 27.02 7.94
CA ALA D 224 -4.68 28.46 7.68
C ALA D 224 -5.41 29.24 8.76
N THR D 225 -6.45 28.65 9.36
CA THR D 225 -7.17 29.28 10.45
C THR D 225 -6.34 29.30 11.73
N ALA D 226 -5.64 28.19 12.02
CA ALA D 226 -4.82 28.12 13.22
C ALA D 226 -3.57 28.99 13.10
N ALA D 227 -3.01 29.10 11.90
CA ALA D 227 -1.89 30.01 11.69
C ALA D 227 -2.35 31.47 11.67
N SER D 228 -3.59 31.71 11.23
CA SER D 228 -4.10 33.07 11.14
C SER D 228 -4.43 33.65 12.51
N SER D 229 -5.10 32.87 13.35
CA SER D 229 -5.54 33.36 14.65
C SER D 229 -5.44 32.25 15.68
N SER D 230 -5.32 32.65 16.94
CA SER D 230 -5.24 31.70 18.06
C SER D 230 -6.62 31.46 18.69
N SER D 231 -7.61 31.18 17.85
CA SER D 231 -8.94 30.87 18.35
C SER D 231 -9.06 29.39 18.68
N LEU D 232 -8.36 28.55 17.93
CA LEU D 232 -8.40 27.11 18.13
C LEU D 232 -7.46 26.62 19.22
N GLU D 233 -6.67 27.51 19.81
CA GLU D 233 -5.70 27.12 20.82
C GLU D 233 -6.39 26.75 22.12
N LYS D 234 -5.99 25.62 22.69
CA LYS D 234 -6.57 25.11 23.92
C LYS D 234 -5.46 24.84 24.92
N SER D 235 -5.80 24.99 26.19
CA SER D 235 -4.84 24.80 27.26
C SER D 235 -5.14 23.51 28.02
N TYR D 236 -4.13 23.04 28.75
CA TYR D 236 -4.25 21.83 29.54
C TYR D 236 -3.30 21.91 30.72
N GLU D 237 -3.77 21.47 31.88
CA GLU D 237 -2.98 21.49 33.10
C GLU D 237 -2.32 20.14 33.34
N LEU D 238 -1.01 20.15 33.51
CA LEU D 238 -0.23 18.97 33.80
C LEU D 238 -0.32 18.65 35.29
N PRO D 239 -0.01 17.41 35.70
CA PRO D 239 -0.07 17.08 37.15
C PRO D 239 0.89 17.82 38.06
N ASP D 240 1.93 18.48 37.55
CA ASP D 240 2.71 19.37 38.39
C ASP D 240 2.18 20.81 38.38
N GLY D 241 1.08 21.06 37.69
CA GLY D 241 0.51 22.39 37.62
C GLY D 241 1.01 23.25 36.48
N GLN D 242 1.93 22.74 35.66
CA GLN D 242 2.29 23.43 34.44
C GLN D 242 1.14 23.38 33.45
N VAL D 243 0.96 24.47 32.71
CA VAL D 243 -0.14 24.61 31.77
C VAL D 243 0.45 24.74 30.38
N ILE D 244 0.12 23.80 29.51
CA ILE D 244 0.54 23.87 28.13
C ILE D 244 -0.62 24.42 27.29
N THR D 245 -0.28 24.98 26.14
CA THR D 245 -1.28 25.48 25.21
C THR D 245 -0.88 25.06 23.82
N ILE D 246 -1.82 24.48 23.08
CA ILE D 246 -1.56 23.91 21.77
C ILE D 246 -2.53 24.48 20.76
N GLY D 247 -2.10 24.56 19.51
CA GLY D 247 -2.89 25.11 18.43
C GLY D 247 -3.29 24.10 17.39
N ASN D 248 -2.55 24.06 16.27
CA ASN D 248 -2.89 23.23 15.13
C ASN D 248 -2.64 21.74 15.37
N GLU D 249 -1.84 21.41 16.39
CA GLU D 249 -1.47 20.03 16.68
C GLU D 249 -2.62 19.20 17.25
N ARG D 250 -3.74 19.83 17.61
CA ARG D 250 -4.98 19.12 17.90
C ARG D 250 -5.49 18.35 16.69
N PHE D 251 -5.29 18.87 15.47
CA PHE D 251 -5.76 18.14 14.30
C PHE D 251 -4.64 17.62 13.41
N ARG D 252 -3.39 18.01 13.65
CA ARG D 252 -2.28 17.45 12.88
C ARG D 252 -2.01 16.01 13.28
N CYS D 253 -2.23 15.67 14.55
CA CYS D 253 -2.03 14.30 15.02
C CYS D 253 -3.01 13.27 14.44
N PRO D 254 -4.35 13.50 14.35
CA PRO D 254 -5.16 12.48 13.65
C PRO D 254 -5.04 12.52 12.13
N GLU D 255 -4.42 13.56 11.56
CA GLU D 255 -4.21 13.67 10.11
C GLU D 255 -3.23 12.64 9.57
N THR D 256 -2.42 12.04 10.45
CA THR D 256 -1.59 10.88 10.11
C THR D 256 -2.46 9.67 9.75
N LEU D 257 -3.67 9.57 10.30
CA LEU D 257 -4.62 8.51 9.93
C LEU D 257 -5.09 8.66 8.48
N PHE D 258 -5.21 9.90 8.00
CA PHE D 258 -5.56 10.12 6.61
C PHE D 258 -4.35 10.41 5.74
N GLN D 259 -3.18 10.64 6.32
CA GLN D 259 -1.96 10.90 5.55
C GLN D 259 -0.76 10.25 6.25
N PRO D 260 -0.43 9.01 5.88
CA PRO D 260 0.71 8.33 6.53
C PRO D 260 2.09 8.81 6.09
N SER D 261 2.19 9.80 5.20
CA SER D 261 3.47 10.37 4.82
C SER D 261 4.07 11.26 5.91
N PHE D 262 3.28 11.63 6.93
CA PHE D 262 3.82 12.35 8.08
C PHE D 262 4.83 11.50 8.85
N ILE D 263 4.52 10.21 9.01
CA ILE D 263 5.44 9.30 9.69
C ILE D 263 6.18 8.47 8.67
N GLY D 264 6.03 8.82 7.39
CA GLY D 264 6.83 8.24 6.34
C GLY D 264 6.37 6.90 5.81
N MET D 265 5.20 6.42 6.23
CA MET D 265 4.72 5.13 5.75
C MET D 265 4.23 5.23 4.32
N GLU D 266 4.61 4.25 3.49
CA GLU D 266 4.33 4.32 2.06
C GLU D 266 2.87 4.03 1.73
N SER D 267 2.16 3.35 2.64
CA SER D 267 0.76 3.02 2.44
C SER D 267 -0.11 4.27 2.55
N ALA D 268 -1.32 4.17 1.99
CA ALA D 268 -2.22 5.30 1.91
C ALA D 268 -3.07 5.40 3.18
N GLY D 269 -3.97 6.38 3.19
CA GLY D 269 -4.83 6.61 4.34
C GLY D 269 -5.94 5.60 4.46
N ILE D 270 -6.69 5.71 5.56
CA ILE D 270 -7.73 4.75 5.90
C ILE D 270 -8.94 4.88 4.98
N HIS D 271 -9.15 6.07 4.41
CA HIS D 271 -10.23 6.24 3.45
C HIS D 271 -9.94 5.54 2.14
N GLU D 272 -8.70 5.62 1.65
CA GLU D 272 -8.34 4.90 0.44
C GLU D 272 -8.17 3.41 0.71
N THR D 273 -7.81 3.05 1.95
CA THR D 273 -7.78 1.65 2.35
C THR D 273 -9.19 1.05 2.36
N THR D 274 -10.16 1.82 2.84
CA THR D 274 -11.56 1.38 2.85
C THR D 274 -12.12 1.31 1.43
N TYR D 275 -11.75 2.26 0.58
CA TYR D 275 -12.20 2.27 -0.81
C TYR D 275 -11.57 1.15 -1.62
N ASN D 276 -10.31 0.82 -1.35
CA ASN D 276 -9.66 -0.30 -2.03
C ASN D 276 -10.17 -1.63 -1.49
N SER D 277 -10.59 -1.67 -0.23
CA SER D 277 -11.24 -2.88 0.28
C SER D 277 -12.62 -3.08 -0.32
N ILE D 278 -13.32 -1.97 -0.60
CA ILE D 278 -14.61 -2.06 -1.29
C ILE D 278 -14.42 -2.49 -2.75
N MET D 279 -13.44 -1.91 -3.44
CA MET D 279 -13.25 -2.21 -4.85
C MET D 279 -12.61 -3.58 -5.07
N LYS D 280 -11.99 -4.16 -4.04
CA LYS D 280 -11.49 -5.53 -4.15
C LYS D 280 -12.64 -6.54 -4.11
N CYS D 281 -13.77 -6.17 -3.52
CA CYS D 281 -14.91 -7.07 -3.44
C CYS D 281 -15.62 -7.17 -4.79
N ASP D 282 -16.58 -8.09 -4.84
CA ASP D 282 -17.37 -8.29 -6.05
C ASP D 282 -18.33 -7.13 -6.26
N ILE D 283 -18.74 -6.97 -7.51
CA ILE D 283 -19.23 -5.67 -7.97
C ILE D 283 -20.72 -5.51 -7.64
N ASP D 284 -21.41 -6.60 -7.32
CA ASP D 284 -22.81 -6.50 -6.95
C ASP D 284 -22.98 -5.97 -5.52
N ILE D 285 -22.07 -6.33 -4.62
CA ILE D 285 -22.32 -6.15 -3.20
C ILE D 285 -21.81 -4.82 -2.67
N ARG D 286 -21.24 -3.98 -3.52
CA ARG D 286 -20.59 -2.75 -3.06
C ARG D 286 -21.57 -1.66 -2.65
N LYS D 287 -22.84 -1.78 -3.06
CA LYS D 287 -23.87 -0.81 -2.67
C LYS D 287 -24.16 -0.89 -1.18
N ASP D 288 -24.22 -2.10 -0.63
CA ASP D 288 -24.42 -2.28 0.81
C ASP D 288 -23.19 -1.84 1.59
N LEU D 289 -21.99 -2.08 1.05
CA LEU D 289 -20.77 -1.70 1.74
C LEU D 289 -20.58 -0.19 1.72
N TYR D 290 -21.07 0.47 0.68
CA TYR D 290 -21.19 1.93 0.73
C TYR D 290 -22.26 2.36 1.73
N ALA D 291 -23.32 1.58 1.86
CA ALA D 291 -24.42 1.98 2.73
C ALA D 291 -24.20 1.63 4.19
N ASN D 292 -23.21 0.80 4.52
CA ASN D 292 -23.09 0.28 5.88
C ASN D 292 -21.64 0.37 6.38
N ASN D 293 -21.05 1.55 6.25
CA ASN D 293 -19.71 1.78 6.82
C ASN D 293 -19.82 1.86 8.33
N VAL D 294 -19.15 0.94 9.03
CA VAL D 294 -19.22 0.85 10.48
C VAL D 294 -17.85 1.15 11.05
N MET D 295 -17.78 2.15 11.93
CA MET D 295 -16.56 2.49 12.65
C MET D 295 -16.65 1.97 14.07
N SER D 296 -15.52 1.51 14.60
CA SER D 296 -15.47 0.96 15.94
C SER D 296 -14.08 1.15 16.50
N GLY D 297 -13.89 0.73 17.75
CA GLY D 297 -12.62 0.90 18.42
C GLY D 297 -12.51 2.24 19.12
N GLY D 298 -11.55 2.36 20.04
CA GLY D 298 -11.35 3.61 20.74
C GLY D 298 -10.69 4.69 19.91
N THR D 299 -10.04 4.32 18.81
CA THR D 299 -9.35 5.28 17.96
C THR D 299 -10.34 6.16 17.19
N THR D 300 -11.52 5.62 16.90
CA THR D 300 -12.55 6.34 16.16
C THR D 300 -13.43 7.21 17.05
N MET D 301 -12.98 7.54 18.26
CA MET D 301 -13.73 8.35 19.21
C MET D 301 -13.41 9.84 19.08
N TYR D 302 -12.67 10.24 18.05
CA TYR D 302 -12.50 11.66 17.75
C TYR D 302 -13.82 12.26 17.30
N PRO D 303 -14.14 13.49 17.72
CA PRO D 303 -15.41 14.09 17.30
C PRO D 303 -15.35 14.86 16.00
N GLY D 304 -14.63 14.35 15.00
CA GLY D 304 -14.73 14.88 13.67
C GLY D 304 -14.53 13.82 12.61
N ILE D 305 -14.41 12.56 13.05
CA ILE D 305 -13.89 11.51 12.18
C ILE D 305 -14.97 11.00 11.22
N ALA D 306 -16.25 11.09 11.59
CA ALA D 306 -17.31 10.56 10.75
C ALA D 306 -17.59 11.47 9.56
N ASP D 307 -17.50 12.78 9.76
CA ASP D 307 -17.74 13.74 8.69
C ASP D 307 -16.61 13.74 7.67
N ARG D 308 -15.37 13.65 8.14
CA ARG D 308 -14.20 13.55 7.26
C ARG D 308 -14.19 12.21 6.53
N MET D 309 -14.60 11.13 7.20
CA MET D 309 -14.70 9.82 6.58
C MET D 309 -15.78 9.79 5.50
N GLN D 310 -16.94 10.41 5.77
CA GLN D 310 -18.03 10.46 4.80
C GLN D 310 -17.67 11.34 3.62
N LYS D 311 -16.99 12.47 3.87
CA LYS D 311 -16.53 13.36 2.81
C LYS D 311 -15.49 12.71 1.91
N GLU D 312 -14.56 11.95 2.52
CA GLU D 312 -13.50 11.33 1.74
C GLU D 312 -13.99 10.12 0.95
N ILE D 313 -14.91 9.33 1.52
CA ILE D 313 -15.47 8.19 0.78
C ILE D 313 -16.39 8.68 -0.34
N THR D 314 -17.20 9.71 -0.07
CA THR D 314 -18.11 10.27 -1.07
C THR D 314 -17.33 11.00 -2.17
N ALA D 315 -16.14 11.53 -1.85
CA ALA D 315 -15.22 11.95 -2.89
C ALA D 315 -14.67 10.75 -3.67
N LEU D 316 -14.36 9.66 -2.98
CA LEU D 316 -13.75 8.51 -3.63
C LEU D 316 -14.74 7.71 -4.47
N ALA D 317 -15.95 7.49 -3.95
CA ALA D 317 -16.93 6.62 -4.57
C ALA D 317 -17.57 7.29 -5.79
N PRO D 318 -18.21 6.52 -6.68
CA PRO D 318 -19.14 7.14 -7.64
C PRO D 318 -20.31 7.79 -6.93
N SER D 319 -20.78 8.90 -7.51
CA SER D 319 -21.68 9.82 -6.81
C SER D 319 -23.11 9.30 -6.72
N THR D 320 -23.45 8.24 -7.45
CA THR D 320 -24.81 7.69 -7.44
C THR D 320 -25.00 6.62 -6.38
N MET D 321 -24.14 6.57 -5.36
CA MET D 321 -24.25 5.59 -4.30
C MET D 321 -24.24 6.29 -2.96
N LYS D 322 -25.10 5.84 -2.05
CA LYS D 322 -25.22 6.46 -0.74
C LYS D 322 -24.10 6.02 0.18
N ILE D 323 -23.47 6.98 0.83
CA ILE D 323 -22.44 6.72 1.81
C ILE D 323 -23.02 6.97 3.20
N LYS D 324 -22.91 5.99 4.08
CA LYS D 324 -23.46 6.12 5.42
C LYS D 324 -22.48 5.55 6.42
N ILE D 325 -21.96 6.41 7.30
CA ILE D 325 -21.02 6.02 8.33
C ILE D 325 -21.82 5.71 9.58
N ILE D 326 -21.76 4.47 10.05
CA ILE D 326 -22.40 4.12 11.31
C ILE D 326 -21.42 4.41 12.44
N ALA D 327 -21.78 5.37 13.29
CA ALA D 327 -20.92 5.79 14.40
C ALA D 327 -21.74 5.80 15.68
N PRO D 328 -21.84 4.67 16.37
CA PRO D 328 -22.52 4.65 17.67
C PRO D 328 -21.68 5.32 18.73
N PRO D 329 -22.30 5.83 19.80
CA PRO D 329 -21.51 6.31 20.95
C PRO D 329 -20.81 5.19 21.70
N GLU D 330 -21.31 3.96 21.62
CA GLU D 330 -20.73 2.80 22.29
C GLU D 330 -19.73 2.06 21.42
N ARG D 331 -19.10 2.74 20.45
CA ARG D 331 -18.18 2.09 19.53
C ARG D 331 -16.84 1.76 20.17
N LYS D 332 -16.52 2.36 21.32
CA LYS D 332 -15.30 2.02 22.04
C LYS D 332 -15.38 0.62 22.63
N TYR D 333 -16.49 0.29 23.28
CA TYR D 333 -16.66 -1.00 23.92
C TYR D 333 -17.42 -1.99 23.06
N SER D 334 -17.58 -1.68 21.76
CA SER D 334 -18.47 -2.45 20.89
C SER D 334 -17.93 -3.83 20.57
N VAL D 335 -16.61 -4.01 20.68
CA VAL D 335 -16.00 -5.34 20.52
C VAL D 335 -16.44 -6.27 21.64
N TRP D 336 -16.43 -5.76 22.87
CA TRP D 336 -16.90 -6.51 24.03
C TRP D 336 -18.42 -6.71 23.98
N ILE D 337 -19.15 -5.73 23.42
CA ILE D 337 -20.60 -5.82 23.33
C ILE D 337 -21.01 -6.90 22.33
N GLY D 338 -20.34 -6.93 21.17
CA GLY D 338 -20.60 -8.00 20.21
C GLY D 338 -20.09 -9.35 20.67
N GLY D 339 -19.05 -9.35 21.51
CA GLY D 339 -18.62 -10.60 22.14
C GLY D 339 -19.64 -11.13 23.12
N SER D 340 -20.29 -10.25 23.88
CA SER D 340 -21.36 -10.65 24.78
C SER D 340 -22.59 -11.09 24.00
N ILE D 341 -22.83 -10.47 22.85
CA ILE D 341 -23.92 -10.88 21.95
C ILE D 341 -23.68 -12.28 21.40
N LEU D 342 -22.45 -12.55 20.97
CA LEU D 342 -22.09 -13.85 20.42
C LEU D 342 -22.07 -14.93 21.50
N ALA D 343 -21.63 -14.56 22.71
CA ALA D 343 -21.66 -15.51 23.82
C ALA D 343 -23.09 -15.76 24.30
N SER D 344 -23.99 -14.79 24.08
CA SER D 344 -25.38 -14.97 24.42
C SER D 344 -26.11 -15.91 23.46
N LEU D 345 -25.55 -16.18 22.29
CA LEU D 345 -26.24 -16.99 21.29
C LEU D 345 -26.18 -18.48 21.64
N SER D 346 -27.34 -19.13 21.57
CA SER D 346 -27.41 -20.57 21.84
C SER D 346 -26.85 -21.38 20.68
N THR D 347 -26.85 -20.82 19.47
CA THR D 347 -26.26 -21.52 18.33
C THR D 347 -24.74 -21.52 18.40
N PHE D 348 -24.15 -20.55 19.12
CA PHE D 348 -22.71 -20.47 19.29
C PHE D 348 -22.17 -21.55 20.23
N GLN D 349 -23.04 -22.18 21.03
CA GLN D 349 -22.61 -23.11 22.06
C GLN D 349 -22.09 -24.43 21.50
N GLN D 350 -22.41 -24.75 20.25
CA GLN D 350 -21.82 -25.88 19.56
C GLN D 350 -20.44 -25.58 18.99
N MET D 351 -20.03 -24.31 18.95
CA MET D 351 -18.78 -23.90 18.33
C MET D 351 -17.64 -23.77 19.32
N TRP D 352 -17.82 -24.19 20.57
CA TRP D 352 -16.78 -24.07 21.58
C TRP D 352 -15.67 -25.09 21.35
N ILE D 353 -14.43 -24.66 21.58
CA ILE D 353 -13.28 -25.55 21.56
C ILE D 353 -13.18 -26.21 22.92
N THR D 354 -13.52 -27.48 23.00
CA THR D 354 -13.55 -28.16 24.28
C THR D 354 -12.14 -28.55 24.71
N LYS D 355 -12.02 -28.92 25.99
CA LYS D 355 -10.74 -29.38 26.51
C LYS D 355 -10.37 -30.76 25.98
N GLN D 356 -11.38 -31.57 25.67
CA GLN D 356 -11.17 -32.87 25.02
C GLN D 356 -10.58 -32.69 23.62
N GLU D 357 -11.01 -31.65 22.91
CA GLU D 357 -10.45 -31.34 21.60
C GLU D 357 -9.01 -30.86 21.71
N TYR D 358 -8.68 -30.15 22.79
CA TYR D 358 -7.31 -29.72 23.02
C TYR D 358 -6.43 -30.90 23.38
N ASP D 359 -6.96 -31.86 24.15
CA ASP D 359 -6.19 -33.04 24.50
C ASP D 359 -6.03 -33.97 23.31
N GLU D 360 -7.00 -33.98 22.41
CA GLU D 360 -6.93 -34.88 21.26
C GLU D 360 -6.02 -34.32 20.18
N ALA D 361 -6.27 -33.07 19.74
CA ALA D 361 -5.61 -32.53 18.56
C ALA D 361 -4.42 -31.64 18.90
N GLY D 362 -4.04 -31.52 20.16
CA GLY D 362 -3.05 -30.56 20.56
C GLY D 362 -3.64 -29.17 20.51
N PRO D 363 -2.79 -28.14 20.36
CA PRO D 363 -3.31 -26.81 20.04
C PRO D 363 -3.45 -26.55 18.55
N SER D 364 -3.94 -27.53 17.79
CA SER D 364 -3.95 -27.41 16.34
C SER D 364 -5.35 -27.29 15.77
N ILE D 365 -6.39 -27.49 16.59
CA ILE D 365 -7.76 -27.37 16.13
C ILE D 365 -8.20 -25.90 16.03
N VAL D 366 -7.40 -24.97 16.58
CA VAL D 366 -7.78 -23.56 16.61
C VAL D 366 -7.65 -22.92 15.22
N HIS D 367 -6.84 -23.52 14.35
CA HIS D 367 -6.80 -23.06 12.97
C HIS D 367 -8.01 -23.54 12.19
N ARG D 368 -8.60 -24.67 12.58
CA ARG D 368 -9.73 -25.21 11.84
C ARG D 368 -11.07 -24.94 12.51
N LYS D 369 -11.09 -24.58 13.80
CA LYS D 369 -12.36 -24.25 14.43
C LYS D 369 -12.68 -22.77 14.31
N CYS D 370 -11.67 -21.91 14.51
CA CYS D 370 -11.86 -20.48 14.38
C CYS D 370 -11.68 -20.05 12.92
N PHE D 371 -11.66 -18.73 12.71
CA PHE D 371 -11.53 -18.19 11.36
C PHE D 371 -10.09 -18.31 10.85
N THR E 1 17.77 -0.89 -42.23
CA THR E 1 18.74 -1.10 -41.17
C THR E 1 18.34 -2.25 -40.27
N THR E 2 18.97 -2.33 -39.10
CA THR E 2 18.68 -3.41 -38.17
C THR E 2 17.37 -3.15 -37.44
N ALA E 3 16.51 -4.16 -37.40
CA ALA E 3 15.27 -4.03 -36.64
C ALA E 3 15.55 -4.23 -35.15
N LEU E 4 14.62 -3.71 -34.33
CA LEU E 4 14.75 -3.78 -32.89
C LEU E 4 13.58 -4.57 -32.31
N VAL E 5 13.91 -5.55 -31.48
CA VAL E 5 12.93 -6.39 -30.80
C VAL E 5 12.91 -5.93 -29.35
N CYS E 6 11.77 -5.39 -28.91
CA CYS E 6 11.61 -4.86 -27.55
C CYS E 6 10.32 -5.42 -26.97
N ASP E 7 10.43 -6.52 -26.23
CA ASP E 7 9.29 -7.06 -25.49
C ASP E 7 9.03 -6.15 -24.30
N ASN E 8 7.92 -5.41 -24.38
CA ASN E 8 7.41 -4.63 -23.26
C ASN E 8 6.48 -5.51 -22.43
N GLY E 9 7.09 -6.43 -21.70
CA GLY E 9 6.34 -7.30 -20.82
C GLY E 9 5.85 -6.57 -19.58
N SER E 10 5.00 -7.26 -18.82
CA SER E 10 4.30 -6.64 -17.69
C SER E 10 5.24 -6.33 -16.54
N GLY E 11 6.20 -7.21 -16.27
CA GLY E 11 7.17 -6.95 -15.23
C GLY E 11 8.50 -6.48 -15.77
N LEU E 12 9.02 -7.18 -16.77
CA LEU E 12 10.35 -6.93 -17.29
C LEU E 12 10.28 -6.59 -18.77
N VAL E 13 11.20 -5.72 -19.20
CA VAL E 13 11.32 -5.29 -20.58
C VAL E 13 12.63 -5.86 -21.11
N LYS E 14 12.54 -6.58 -22.24
CA LYS E 14 13.69 -7.21 -22.87
C LYS E 14 13.88 -6.62 -24.26
N ALA E 15 14.95 -5.85 -24.44
CA ALA E 15 15.21 -5.16 -25.70
C ALA E 15 16.48 -5.69 -26.33
N GLY E 16 16.57 -5.54 -27.65
CA GLY E 16 17.77 -5.94 -28.36
C GLY E 16 17.55 -5.89 -29.85
N PHE E 17 18.50 -6.48 -30.58
CA PHE E 17 18.56 -6.38 -32.03
C PHE E 17 18.00 -7.63 -32.69
N ALA E 18 17.46 -7.46 -33.89
CA ALA E 18 16.94 -8.58 -34.66
C ALA E 18 18.07 -9.43 -35.19
N GLY E 19 17.89 -10.75 -35.14
CA GLY E 19 18.92 -11.69 -35.53
C GLY E 19 19.89 -12.06 -34.43
N ASP E 20 19.82 -11.40 -33.28
CA ASP E 20 20.68 -11.75 -32.17
C ASP E 20 20.05 -12.86 -31.35
N ASP E 21 20.87 -13.52 -30.53
CA ASP E 21 20.40 -14.67 -29.77
C ASP E 21 19.91 -14.29 -28.38
N ALA E 22 20.70 -13.55 -27.63
CA ALA E 22 20.29 -13.10 -26.31
C ALA E 22 19.83 -11.65 -26.36
N PRO E 23 18.79 -11.30 -25.59
CA PRO E 23 18.35 -9.89 -25.56
C PRO E 23 19.35 -8.98 -24.89
N ARG E 24 19.50 -7.79 -25.46
CA ARG E 24 20.62 -6.92 -25.10
C ARG E 24 20.40 -6.24 -23.75
N ALA E 25 19.18 -5.79 -23.47
CA ALA E 25 18.88 -5.05 -22.26
C ALA E 25 17.65 -5.69 -21.61
N VAL E 26 17.86 -6.44 -20.54
CA VAL E 26 16.80 -7.03 -19.76
C VAL E 26 16.72 -6.29 -18.44
N PHE E 27 15.60 -5.62 -18.19
CA PHE E 27 15.51 -4.80 -16.98
C PHE E 27 14.05 -4.71 -16.57
N PRO E 28 13.77 -4.67 -15.26
CA PRO E 28 12.36 -4.59 -14.83
C PRO E 28 11.76 -3.22 -15.08
N SER E 29 10.47 -3.22 -15.44
CA SER E 29 9.76 -2.01 -15.79
C SER E 29 9.13 -1.43 -14.53
N ILE E 30 9.86 -0.55 -13.85
CA ILE E 30 9.35 0.14 -12.68
C ILE E 30 9.75 1.61 -12.80
N VAL E 31 8.97 2.47 -12.16
CA VAL E 31 9.24 3.90 -12.11
C VAL E 31 9.43 4.27 -10.64
N GLY E 32 10.61 4.81 -10.32
CA GLY E 32 10.92 5.13 -8.93
C GLY E 32 10.96 6.61 -8.63
N ARG E 33 9.97 7.08 -7.87
CA ARG E 33 9.98 8.49 -7.50
C ARG E 33 10.43 8.65 -6.05
N PRO E 34 11.14 9.72 -5.70
CA PRO E 34 11.56 9.90 -4.30
C PRO E 34 10.39 10.27 -3.40
N ARG E 35 10.30 9.57 -2.27
CA ARG E 35 9.21 9.73 -1.33
C ARG E 35 9.61 10.47 -0.06
N HIS E 36 10.91 10.57 0.20
CA HIS E 36 11.39 11.37 1.32
C HIS E 36 12.03 12.66 0.81
N GLN E 37 12.32 13.57 1.72
CA GLN E 37 12.81 14.89 1.35
C GLN E 37 14.32 14.85 1.11
N GLY E 38 14.75 15.53 0.04
CA GLY E 38 16.18 15.67 -0.21
C GLY E 38 16.75 16.90 0.48
N VAL E 39 17.91 16.72 1.09
CA VAL E 39 18.55 17.78 1.87
C VAL E 39 19.89 18.21 1.30
N MET E 40 20.55 17.41 0.47
CA MET E 40 21.82 17.81 -0.12
C MET E 40 21.57 18.60 -1.40
N VAL E 41 22.26 19.74 -1.53
CA VAL E 41 22.10 20.57 -2.71
C VAL E 41 22.83 19.93 -3.89
N GLY E 42 22.21 20.00 -5.07
CA GLY E 42 22.86 19.56 -6.29
C GLY E 42 22.87 18.04 -6.44
N MET E 43 24.07 17.53 -6.79
CA MET E 43 24.47 16.10 -6.91
C MET E 43 23.56 15.25 -7.80
N GLY E 44 22.88 15.88 -8.76
CA GLY E 44 22.07 15.19 -9.75
C GLY E 44 20.84 14.48 -9.22
N GLN E 45 20.10 15.16 -8.33
CA GLN E 45 18.94 14.54 -7.68
C GLN E 45 17.77 14.54 -8.67
N LYS E 46 17.56 13.41 -9.31
CA LYS E 46 16.46 13.27 -10.26
C LYS E 46 15.14 13.12 -9.52
N ASP E 47 14.06 13.45 -10.23
CA ASP E 47 12.71 13.29 -9.71
C ASP E 47 12.08 11.96 -10.09
N SER E 48 12.76 11.14 -10.90
CA SER E 48 12.22 9.86 -11.32
C SER E 48 13.38 8.97 -11.71
N TYR E 49 13.44 7.77 -11.16
CA TYR E 49 14.44 6.78 -11.51
C TYR E 49 13.76 5.61 -12.20
N VAL E 50 14.42 5.07 -13.22
CA VAL E 50 13.82 4.12 -14.13
C VAL E 50 14.65 2.83 -14.13
N GLY E 51 14.00 1.71 -13.82
CA GLY E 51 14.60 0.42 -14.12
C GLY E 51 15.62 -0.01 -13.09
N ASP E 52 16.84 -0.28 -13.58
CA ASP E 52 17.90 -0.81 -12.71
C ASP E 52 18.43 0.25 -11.75
N GLU E 53 18.39 1.52 -12.15
CA GLU E 53 18.74 2.58 -11.22
C GLU E 53 17.66 2.76 -10.16
N ALA E 54 16.40 2.55 -10.53
CA ALA E 54 15.31 2.48 -9.55
C ALA E 54 15.38 1.21 -8.72
N GLN E 55 15.93 0.14 -9.30
CA GLN E 55 16.14 -1.10 -8.56
C GLN E 55 17.24 -0.92 -7.50
N SER E 56 18.25 -0.13 -7.83
CA SER E 56 19.39 0.08 -6.94
C SER E 56 19.01 0.95 -5.74
N LYS E 57 18.38 2.09 -6.00
CA LYS E 57 18.03 3.04 -4.96
C LYS E 57 16.64 2.83 -4.40
N ARG E 58 16.16 1.59 -4.38
CA ARG E 58 14.73 1.30 -4.17
C ARG E 58 14.26 1.53 -2.74
N GLY E 59 15.16 1.75 -1.78
CA GLY E 59 14.74 2.00 -0.42
C GLY E 59 14.13 3.37 -0.18
N ILE E 60 14.37 4.34 -1.06
CA ILE E 60 13.85 5.69 -0.87
C ILE E 60 12.95 6.08 -2.04
N LEU E 61 12.46 5.09 -2.77
CA LEU E 61 11.66 5.37 -3.95
C LEU E 61 10.33 4.62 -3.85
N THR E 62 9.26 5.35 -4.10
CA THR E 62 7.96 4.74 -4.39
C THR E 62 8.01 4.18 -5.80
N LEU E 63 7.70 2.90 -5.94
CA LEU E 63 7.83 2.19 -7.19
C LEU E 63 6.46 1.99 -7.82
N LYS E 64 6.36 2.30 -9.12
CA LYS E 64 5.11 2.21 -9.86
C LYS E 64 5.30 1.33 -11.08
N TYR E 65 4.39 0.37 -11.26
CA TYR E 65 4.39 -0.45 -12.46
C TYR E 65 3.51 0.21 -13.51
N PRO E 66 4.05 0.55 -14.69
CA PRO E 66 3.20 1.17 -15.72
C PRO E 66 2.25 0.20 -16.39
N ILE E 67 2.58 -1.09 -16.42
CA ILE E 67 1.74 -2.10 -17.05
C ILE E 67 1.08 -2.93 -15.97
N GLU E 68 -0.25 -2.97 -15.99
CA GLU E 68 -1.00 -3.78 -15.05
C GLU E 68 -1.93 -4.73 -15.79
N GLY E 70 -1.17 -6.57 -18.46
CA GLY E 70 -1.05 -6.41 -19.90
C GLY E 70 -1.62 -5.12 -20.46
N ILE E 71 -1.97 -4.20 -19.57
CA ILE E 71 -2.59 -2.93 -19.93
C ILE E 71 -1.69 -1.83 -19.42
N ILE E 72 -1.25 -0.95 -20.32
CA ILE E 72 -0.44 0.19 -19.91
C ILE E 72 -1.35 1.18 -19.20
N THR E 73 -1.11 1.37 -17.90
CA THR E 73 -1.92 2.29 -17.12
C THR E 73 -1.46 3.72 -17.29
N ASN E 74 -0.23 4.02 -16.88
CA ASN E 74 0.31 5.36 -16.97
C ASN E 74 1.12 5.46 -18.26
N TRP E 75 0.63 6.26 -19.20
CA TRP E 75 1.29 6.36 -20.50
C TRP E 75 2.54 7.22 -20.43
N ASP E 76 2.61 8.15 -19.48
CA ASP E 76 3.81 8.96 -19.30
C ASP E 76 4.95 8.12 -18.72
N ASP E 77 4.59 7.17 -17.83
CA ASP E 77 5.55 6.23 -17.30
C ASP E 77 6.10 5.31 -18.38
N MET E 78 5.23 4.83 -19.27
CA MET E 78 5.66 4.00 -20.39
C MET E 78 6.47 4.78 -21.42
N GLU E 79 6.19 6.09 -21.54
CA GLU E 79 7.03 6.97 -22.35
C GLU E 79 8.42 7.08 -21.76
N LYS E 80 8.51 7.13 -20.43
CA LYS E 80 9.82 7.16 -19.78
C LYS E 80 10.56 5.82 -19.90
N ILE E 81 9.82 4.70 -19.87
CA ILE E 81 10.40 3.37 -20.12
C ILE E 81 10.95 3.27 -21.53
N TRP E 82 10.18 3.77 -22.52
CA TRP E 82 10.61 3.69 -23.91
C TRP E 82 11.77 4.63 -24.21
N HIS E 83 11.77 5.81 -23.57
CA HIS E 83 12.88 6.75 -23.74
C HIS E 83 14.14 6.23 -23.07
N HIS E 84 14.00 5.53 -21.94
CA HIS E 84 15.14 4.95 -21.26
C HIS E 84 15.73 3.78 -22.04
N THR E 85 14.87 2.91 -22.58
CA THR E 85 15.40 1.78 -23.33
C THR E 85 15.81 2.17 -24.76
N PHE E 86 15.41 3.34 -25.24
CA PHE E 86 15.86 3.78 -26.55
C PHE E 86 17.15 4.58 -26.45
N TYR E 87 17.27 5.43 -25.44
CA TYR E 87 18.34 6.40 -25.42
C TYR E 87 19.40 6.11 -24.38
N ASN E 88 19.05 5.43 -23.29
CA ASN E 88 20.03 5.13 -22.26
C ASN E 88 20.52 3.69 -22.35
N GLU E 89 19.60 2.74 -22.53
CA GLU E 89 19.99 1.34 -22.56
C GLU E 89 20.59 0.95 -23.90
N LEU E 90 19.80 1.04 -24.97
CA LEU E 90 20.28 0.57 -26.26
C LEU E 90 21.07 1.63 -27.01
N ARG E 91 20.75 2.90 -26.76
CA ARG E 91 21.40 4.11 -27.29
C ARG E 91 21.35 4.14 -28.82
N VAL E 92 20.13 4.12 -29.34
CA VAL E 92 19.90 4.08 -30.78
C VAL E 92 18.96 5.21 -31.17
N ALA E 93 19.02 5.57 -32.45
CA ALA E 93 18.08 6.55 -32.98
C ALA E 93 16.83 5.84 -33.47
N PRO E 94 15.63 6.19 -32.94
CA PRO E 94 14.41 5.47 -33.35
C PRO E 94 13.91 5.80 -34.75
N GLU E 95 14.43 6.84 -35.38
CA GLU E 95 14.00 7.23 -36.72
C GLU E 95 14.73 6.50 -37.83
N GLU E 96 15.62 5.56 -37.49
CA GLU E 96 16.35 4.80 -38.50
C GLU E 96 16.30 3.32 -38.17
N HIS E 97 15.29 2.89 -37.44
CA HIS E 97 15.23 1.50 -37.03
C HIS E 97 13.79 1.01 -36.99
N PRO E 98 13.47 -0.08 -37.69
CA PRO E 98 12.18 -0.72 -37.49
C PRO E 98 12.07 -1.38 -36.12
N THR E 99 10.83 -1.50 -35.64
CA THR E 99 10.59 -1.88 -34.26
C THR E 99 9.46 -2.90 -34.19
N LEU E 100 9.73 -4.03 -33.54
CA LEU E 100 8.70 -5.00 -33.22
C LEU E 100 8.30 -4.81 -31.76
N LEU E 101 6.99 -4.93 -31.50
CA LEU E 101 6.42 -4.82 -30.17
C LEU E 101 5.49 -6.00 -29.94
N THR E 102 5.36 -6.40 -28.68
CA THR E 102 4.61 -7.59 -28.33
C THR E 102 3.35 -7.20 -27.57
N GLU E 103 2.30 -8.00 -27.73
CA GLU E 103 1.04 -7.67 -27.08
C GLU E 103 0.34 -8.94 -26.65
N ALA E 104 -0.34 -8.86 -25.51
CA ALA E 104 -1.19 -9.93 -25.02
C ALA E 104 -2.48 -10.03 -25.83
N PRO E 105 -3.06 -11.22 -25.97
CA PRO E 105 -4.38 -11.34 -26.62
C PRO E 105 -5.51 -10.88 -25.70
N LEU E 106 -6.65 -10.58 -26.36
CA LEU E 106 -7.91 -10.09 -25.76
C LEU E 106 -7.70 -8.78 -24.98
N ASN E 107 -6.77 -7.97 -25.47
CA ASN E 107 -6.36 -6.73 -24.85
C ASN E 107 -7.26 -5.63 -25.41
N PRO E 108 -7.66 -4.64 -24.58
CA PRO E 108 -8.36 -3.46 -25.11
C PRO E 108 -7.64 -2.70 -26.21
N LYS E 109 -8.44 -2.28 -27.19
CA LYS E 109 -7.93 -1.82 -28.48
C LYS E 109 -7.23 -0.48 -28.38
N ALA E 110 -7.67 0.38 -27.46
CA ALA E 110 -7.14 1.73 -27.32
C ALA E 110 -5.72 1.74 -26.77
N ASN E 111 -5.33 0.67 -26.08
CA ASN E 111 -3.95 0.46 -25.70
C ASN E 111 -3.06 0.29 -26.93
N ARG E 112 -3.51 -0.52 -27.89
CA ARG E 112 -2.81 -0.69 -29.17
C ARG E 112 -2.82 0.59 -29.99
N GLU E 113 -3.93 1.34 -29.91
CA GLU E 113 -4.06 2.63 -30.60
C GLU E 113 -3.07 3.66 -30.09
N LYS E 114 -2.97 3.78 -28.76
CA LYS E 114 -2.03 4.73 -28.17
C LYS E 114 -0.59 4.26 -28.30
N MET E 115 -0.36 2.94 -28.36
CA MET E 115 0.97 2.42 -28.67
C MET E 115 1.40 2.78 -30.08
N THR E 116 0.45 2.71 -31.03
CA THR E 116 0.71 3.12 -32.41
C THR E 116 0.94 4.63 -32.49
N GLN E 117 0.19 5.41 -31.70
CA GLN E 117 0.32 6.86 -31.70
C GLN E 117 1.65 7.32 -31.10
N ILE E 118 2.07 6.70 -30.00
CA ILE E 118 3.36 7.04 -29.41
C ILE E 118 4.51 6.55 -30.29
N MET E 119 4.38 5.34 -30.85
CA MET E 119 5.46 4.82 -31.66
C MET E 119 5.45 5.32 -33.09
N PHE E 120 4.50 6.17 -33.48
CA PHE E 120 4.62 6.88 -34.74
C PHE E 120 4.80 8.39 -34.58
N GLU E 121 4.44 8.95 -33.43
CA GLU E 121 4.49 10.39 -33.23
C GLU E 121 5.57 10.81 -32.25
N THR E 122 5.62 10.21 -31.06
CA THR E 122 6.63 10.58 -30.07
C THR E 122 8.00 10.04 -30.47
N PHE E 123 8.13 8.72 -30.56
CA PHE E 123 9.29 8.08 -31.15
C PHE E 123 8.89 7.65 -32.55
N ASN E 124 9.12 8.54 -33.52
CA ASN E 124 8.79 8.22 -34.90
C ASN E 124 9.76 7.18 -35.47
N VAL E 125 9.21 6.23 -36.20
CA VAL E 125 9.95 5.07 -36.69
C VAL E 125 9.83 5.03 -38.21
N PRO E 126 10.75 4.36 -38.90
CA PRO E 126 10.45 4.00 -40.29
C PRO E 126 9.33 2.98 -40.41
N ALA E 127 9.33 1.98 -39.55
CA ALA E 127 8.31 0.93 -39.59
C ALA E 127 8.16 0.35 -38.19
N MET E 128 7.02 -0.29 -37.97
CA MET E 128 6.79 -0.97 -36.70
C MET E 128 5.81 -2.12 -36.94
N TYR E 129 5.76 -3.02 -35.97
CA TYR E 129 4.81 -4.12 -36.01
C TYR E 129 4.45 -4.47 -34.58
N VAL E 130 3.21 -4.94 -34.40
CA VAL E 130 2.72 -5.43 -33.12
C VAL E 130 2.31 -6.88 -33.30
N ALA E 131 2.90 -7.77 -32.49
CA ALA E 131 2.71 -9.20 -32.66
C ALA E 131 2.20 -9.83 -31.38
N ILE E 132 1.44 -10.91 -31.54
CA ILE E 132 0.94 -11.69 -30.43
C ILE E 132 2.08 -12.53 -29.86
N GLN E 133 2.17 -12.56 -28.52
CA GLN E 133 3.30 -13.17 -27.80
C GLN E 133 3.37 -14.68 -27.97
N ALA E 134 2.21 -15.34 -28.08
CA ALA E 134 2.18 -16.79 -28.23
C ALA E 134 2.68 -17.24 -29.59
N VAL E 135 2.46 -16.40 -30.61
CA VAL E 135 2.97 -16.65 -31.96
C VAL E 135 4.50 -16.57 -31.96
N LEU E 136 5.05 -15.61 -31.22
CA LEU E 136 6.49 -15.50 -31.08
C LEU E 136 7.08 -16.64 -30.25
N SER E 137 6.32 -17.12 -29.26
CA SER E 137 6.79 -18.25 -28.47
C SER E 137 6.78 -19.54 -29.28
N LEU E 138 5.81 -19.70 -30.17
CA LEU E 138 5.79 -20.86 -31.05
C LEU E 138 6.87 -20.76 -32.13
N TYR E 139 7.19 -19.53 -32.56
CA TYR E 139 8.30 -19.34 -33.50
C TYR E 139 9.64 -19.59 -32.85
N ALA E 140 9.78 -19.26 -31.56
CA ALA E 140 10.98 -19.64 -30.82
C ALA E 140 11.03 -21.13 -30.57
N SER E 141 9.87 -21.77 -30.44
CA SER E 141 9.84 -23.23 -30.44
C SER E 141 10.20 -23.81 -31.80
N GLY E 142 9.93 -23.09 -32.89
CA GLY E 142 10.31 -23.52 -34.21
C GLY E 142 9.32 -24.43 -34.89
N ARG E 143 8.35 -24.96 -34.17
CA ARG E 143 7.35 -25.84 -34.75
C ARG E 143 6.16 -25.04 -35.25
N THR E 144 5.51 -25.57 -36.29
CA THR E 144 4.47 -24.82 -36.98
C THR E 144 3.16 -24.82 -36.18
N THR E 145 2.86 -25.93 -35.50
CA THR E 145 1.64 -26.06 -34.71
C THR E 145 2.00 -26.24 -33.24
N GLY E 146 0.98 -26.14 -32.40
CA GLY E 146 1.13 -26.34 -30.98
C GLY E 146 0.12 -25.50 -30.22
N ILE E 147 0.28 -25.49 -28.90
CA ILE E 147 -0.49 -24.61 -28.04
C ILE E 147 0.47 -23.97 -27.05
N VAL E 148 0.33 -22.65 -26.86
CA VAL E 148 1.21 -21.88 -26.01
C VAL E 148 0.44 -21.43 -24.79
N LEU E 149 0.91 -21.86 -23.62
CA LEU E 149 0.48 -21.34 -22.33
C LEU E 149 1.51 -20.28 -21.98
N ASP E 150 1.21 -19.02 -22.30
CA ASP E 150 2.15 -17.94 -22.01
C ASP E 150 1.69 -17.20 -20.78
N SER E 151 2.50 -17.22 -19.73
CA SER E 151 2.18 -16.61 -18.45
C SER E 151 3.33 -15.68 -18.10
N GLY E 152 3.08 -14.38 -18.23
CA GLY E 152 4.09 -13.41 -17.90
C GLY E 152 4.03 -12.94 -16.46
N ASP E 153 4.04 -11.63 -16.26
CA ASP E 153 3.87 -11.06 -14.95
C ASP E 153 2.44 -10.57 -14.71
N GLY E 154 1.69 -10.30 -15.77
CA GLY E 154 0.30 -9.90 -15.60
C GLY E 154 -0.75 -10.80 -16.22
N VAL E 155 -0.46 -11.42 -17.36
CA VAL E 155 -1.46 -12.17 -18.12
C VAL E 155 -0.99 -13.61 -18.29
N THR E 156 -1.87 -14.56 -17.98
CA THR E 156 -1.71 -15.95 -18.35
C THR E 156 -2.74 -16.25 -19.44
N HIS E 157 -2.29 -16.55 -20.66
CA HIS E 157 -3.24 -16.85 -21.71
C HIS E 157 -2.87 -18.15 -22.40
N ASN E 158 -3.89 -18.89 -22.80
CA ASN E 158 -3.77 -20.11 -23.58
C ASN E 158 -4.18 -19.79 -25.01
N VAL E 159 -3.25 -19.97 -25.94
CA VAL E 159 -3.53 -19.76 -27.37
C VAL E 159 -3.07 -21.00 -28.14
N PRO E 160 -3.98 -21.73 -28.80
CA PRO E 160 -3.54 -22.79 -29.73
C PRO E 160 -3.42 -22.28 -31.16
N ILE E 161 -2.34 -22.70 -31.82
CA ILE E 161 -2.08 -22.35 -33.21
C ILE E 161 -1.84 -23.63 -33.99
N TYR E 162 -2.67 -23.88 -35.00
CA TYR E 162 -2.58 -25.10 -35.79
C TYR E 162 -2.19 -24.75 -37.21
N GLU E 163 -1.06 -25.32 -37.67
CA GLU E 163 -0.44 -25.12 -39.00
C GLU E 163 -0.16 -23.65 -39.30
N GLY E 164 0.23 -22.90 -38.27
CA GLY E 164 0.46 -21.48 -38.41
C GLY E 164 -0.77 -20.63 -38.28
N TYR E 165 -1.96 -21.21 -38.15
CA TYR E 165 -3.20 -20.46 -38.11
C TYR E 165 -3.69 -20.35 -36.68
N ALA E 166 -4.05 -19.13 -36.28
CA ALA E 166 -4.55 -18.90 -34.93
C ALA E 166 -6.04 -19.16 -34.86
N LEU E 167 -6.48 -19.76 -33.76
CA LEU E 167 -7.89 -20.02 -33.53
C LEU E 167 -8.36 -19.09 -32.43
N PRO E 168 -9.06 -18.00 -32.77
CA PRO E 168 -9.33 -16.96 -31.77
C PRO E 168 -10.45 -17.31 -30.81
N HIS E 169 -11.31 -18.28 -31.16
CA HIS E 169 -12.41 -18.63 -30.26
C HIS E 169 -11.93 -19.41 -29.05
N ALA E 170 -10.81 -20.10 -29.17
CA ALA E 170 -10.27 -20.89 -28.07
C ALA E 170 -9.20 -20.15 -27.27
N ILE E 171 -8.97 -18.88 -27.56
CA ILE E 171 -8.00 -18.10 -26.81
C ILE E 171 -8.58 -17.77 -25.43
N MET E 172 -7.89 -18.20 -24.39
CA MET E 172 -8.41 -18.09 -23.03
C MET E 172 -7.48 -17.25 -22.19
N ARG E 173 -7.96 -16.11 -21.72
CA ARG E 173 -7.20 -15.14 -20.96
C ARG E 173 -7.60 -15.17 -19.49
N LEU E 174 -6.59 -15.21 -18.62
CA LEU E 174 -6.83 -15.11 -17.18
C LEU E 174 -5.73 -14.24 -16.59
N ASP E 175 -6.11 -13.19 -15.87
CA ASP E 175 -5.16 -12.24 -15.30
C ASP E 175 -4.73 -12.71 -13.91
N LEU E 176 -3.93 -13.78 -13.89
CA LEU E 176 -3.39 -14.34 -12.67
C LEU E 176 -1.97 -14.78 -12.98
N ALA E 177 -0.99 -14.03 -12.47
CA ALA E 177 0.40 -14.30 -12.77
C ALA E 177 1.25 -13.84 -11.59
N GLY E 178 2.55 -13.63 -11.83
CA GLY E 178 3.54 -13.67 -10.76
C GLY E 178 3.51 -12.49 -9.82
N ARG E 179 2.95 -11.36 -10.27
CA ARG E 179 2.75 -10.24 -9.36
C ARG E 179 1.66 -10.54 -8.34
N ASP E 180 0.61 -11.23 -8.77
CA ASP E 180 -0.45 -11.65 -7.85
C ASP E 180 0.03 -12.78 -6.94
N LEU E 181 0.94 -13.62 -7.45
CA LEU E 181 1.58 -14.63 -6.62
C LEU E 181 2.49 -13.98 -5.58
N THR E 182 3.13 -12.87 -5.95
CA THR E 182 3.96 -12.10 -5.01
C THR E 182 3.09 -11.45 -3.93
N ASP E 183 1.93 -10.95 -4.31
CA ASP E 183 1.02 -10.35 -3.34
C ASP E 183 0.40 -11.39 -2.42
N TYR E 184 0.15 -12.60 -2.95
CA TYR E 184 -0.32 -13.69 -2.10
C TYR E 184 0.78 -14.20 -1.18
N LEU E 185 2.03 -14.15 -1.65
CA LEU E 185 3.16 -14.54 -0.80
C LEU E 185 3.39 -13.50 0.29
N MET E 186 3.18 -12.22 -0.02
CA MET E 186 3.23 -11.16 0.99
C MET E 186 2.10 -11.28 1.99
N LYS E 187 0.96 -11.82 1.56
CA LYS E 187 -0.10 -12.13 2.51
C LYS E 187 0.28 -13.29 3.42
N ILE E 188 0.87 -14.35 2.87
CA ILE E 188 1.05 -15.55 3.69
C ILE E 188 2.35 -15.57 4.49
N LEU E 189 3.31 -14.67 4.22
CA LEU E 189 4.49 -14.60 5.09
C LEU E 189 4.24 -13.87 6.40
N THR E 190 3.06 -13.27 6.56
CA THR E 190 2.69 -12.70 7.84
C THR E 190 2.25 -13.76 8.86
N GLU E 191 2.08 -15.02 8.44
CA GLU E 191 1.79 -16.09 9.38
C GLU E 191 3.00 -16.45 10.22
N ARG E 192 4.20 -16.34 9.66
CA ARG E 192 5.42 -16.58 10.45
C ARG E 192 5.95 -15.32 11.10
N GLY E 193 5.27 -14.19 10.94
CA GLY E 193 5.69 -12.95 11.57
C GLY E 193 6.44 -12.00 10.68
N TYR E 194 6.76 -12.38 9.45
CA TYR E 194 7.55 -11.54 8.56
C TYR E 194 6.60 -10.63 7.81
N SER E 195 6.50 -9.37 8.24
CA SER E 195 5.61 -8.41 7.60
C SER E 195 6.33 -7.72 6.45
N PHE E 196 5.60 -7.53 5.35
CA PHE E 196 6.14 -6.86 4.17
C PHE E 196 5.03 -5.99 3.58
N VAL E 197 5.23 -4.68 3.56
CA VAL E 197 4.18 -3.76 3.14
C VAL E 197 4.62 -2.88 1.97
N THR E 198 5.93 -2.69 1.80
CA THR E 198 6.37 -1.69 0.83
C THR E 198 6.66 -2.33 -0.54
N THR E 199 6.85 -1.45 -1.53
CA THR E 199 7.16 -1.89 -2.89
C THR E 199 8.57 -2.47 -2.98
N ALA E 200 9.50 -1.92 -2.19
CA ALA E 200 10.82 -2.52 -2.05
C ALA E 200 10.73 -3.88 -1.38
N GLU E 201 9.84 -4.02 -0.39
CA GLU E 201 9.57 -5.31 0.22
C GLU E 201 8.86 -6.25 -0.75
N ARG E 202 8.05 -5.68 -1.66
CA ARG E 202 7.44 -6.49 -2.72
C ARG E 202 8.47 -7.05 -3.68
N GLU E 203 9.50 -6.25 -4.01
CA GLU E 203 10.58 -6.78 -4.84
C GLU E 203 11.45 -7.78 -4.09
N ILE E 204 11.58 -7.63 -2.77
CA ILE E 204 12.30 -8.61 -1.96
C ILE E 204 11.55 -9.94 -1.91
N VAL E 205 10.24 -9.90 -1.72
CA VAL E 205 9.39 -11.09 -1.72
C VAL E 205 9.33 -11.72 -3.11
N ARG E 206 9.39 -10.90 -4.17
CA ARG E 206 9.52 -11.38 -5.55
C ARG E 206 10.84 -12.12 -5.77
N ASP E 207 11.94 -11.60 -5.20
CA ASP E 207 13.23 -12.27 -5.27
C ASP E 207 13.23 -13.58 -4.49
N ILE E 208 12.53 -13.60 -3.35
CA ILE E 208 12.34 -14.82 -2.55
C ILE E 208 11.55 -15.86 -3.33
N LYS E 209 10.51 -15.41 -4.03
CA LYS E 209 9.67 -16.29 -4.83
C LYS E 209 10.42 -16.84 -6.04
N GLU E 210 11.29 -16.03 -6.63
CA GLU E 210 12.10 -16.49 -7.75
C GLU E 210 13.19 -17.46 -7.29
N LYS E 211 13.74 -17.24 -6.11
CA LYS E 211 14.87 -18.06 -5.68
C LYS E 211 14.47 -19.36 -4.98
N LEU E 212 13.37 -19.36 -4.22
CA LEU E 212 13.09 -20.45 -3.31
C LEU E 212 11.83 -21.25 -3.62
N CYS E 213 10.85 -20.65 -4.29
CA CYS E 213 9.57 -21.32 -4.48
C CYS E 213 9.63 -22.31 -5.64
N TYR E 214 8.77 -23.33 -5.59
CA TYR E 214 8.77 -24.41 -6.56
C TYR E 214 7.40 -25.06 -6.60
N VAL E 215 7.06 -25.65 -7.74
CA VAL E 215 5.77 -26.32 -7.91
C VAL E 215 5.86 -27.74 -7.38
N ALA E 216 4.96 -28.09 -6.46
CA ALA E 216 4.82 -29.45 -5.97
C ALA E 216 4.12 -30.33 -7.00
N LEU E 217 4.56 -31.58 -7.10
CA LEU E 217 3.89 -32.54 -7.97
C LEU E 217 2.56 -32.99 -7.37
N ASP E 218 2.54 -33.25 -6.07
CA ASP E 218 1.30 -33.47 -5.33
C ASP E 218 1.26 -32.42 -4.23
N PHE E 219 0.13 -31.72 -4.12
CA PHE E 219 0.02 -30.68 -3.11
C PHE E 219 -0.21 -31.27 -1.73
N GLU E 220 -0.99 -32.34 -1.65
CA GLU E 220 -1.46 -32.86 -0.36
C GLU E 220 -0.35 -33.59 0.38
N ASN E 221 0.43 -34.40 -0.34
CA ASN E 221 1.51 -35.15 0.29
C ASN E 221 2.67 -34.23 0.67
N GLU E 222 2.92 -33.19 -0.13
CA GLU E 222 3.92 -32.20 0.22
C GLU E 222 3.50 -31.37 1.42
N MET E 223 2.20 -31.05 1.52
CA MET E 223 1.69 -30.34 2.69
C MET E 223 1.74 -31.21 3.94
N ALA E 224 1.47 -32.51 3.79
CA ALA E 224 1.58 -33.43 4.92
C ALA E 224 3.02 -33.65 5.35
N THR E 225 3.95 -33.63 4.39
CA THR E 225 5.37 -33.77 4.71
C THR E 225 5.92 -32.50 5.37
N ALA E 226 5.47 -31.33 4.90
CA ALA E 226 5.91 -30.07 5.49
C ALA E 226 5.31 -29.85 6.86
N ALA E 227 4.08 -30.32 7.08
CA ALA E 227 3.51 -30.30 8.42
C ALA E 227 4.15 -31.35 9.31
N SER E 228 4.63 -32.45 8.71
CA SER E 228 5.25 -33.52 9.48
C SER E 228 6.66 -33.14 9.90
N SER E 229 7.54 -32.90 8.94
CA SER E 229 8.95 -32.65 9.21
C SER E 229 9.38 -31.33 8.59
N SER E 230 10.39 -30.72 9.19
CA SER E 230 10.98 -29.49 8.67
C SER E 230 12.17 -29.76 7.75
N SER E 231 11.97 -30.65 6.78
CA SER E 231 13.01 -30.96 5.82
C SER E 231 12.99 -30.03 4.62
N LEU E 232 11.80 -29.55 4.25
CA LEU E 232 11.64 -28.66 3.11
C LEU E 232 11.88 -27.20 3.47
N GLU E 233 12.12 -26.89 4.73
CA GLU E 233 12.33 -25.52 5.16
C GLU E 233 13.68 -25.00 4.67
N LYS E 234 13.67 -23.78 4.18
CA LYS E 234 14.85 -23.14 3.64
C LYS E 234 14.98 -21.74 4.21
N SER E 235 16.21 -21.28 4.37
CA SER E 235 16.48 -19.98 4.96
C SER E 235 16.99 -19.01 3.91
N TYR E 236 16.63 -17.75 4.08
CA TYR E 236 17.00 -16.69 3.15
C TYR E 236 17.54 -15.51 3.95
N GLU E 237 18.61 -14.91 3.47
CA GLU E 237 19.17 -13.73 4.11
C GLU E 237 18.68 -12.47 3.43
N LEU E 238 18.06 -11.60 4.21
CA LEU E 238 17.57 -10.30 3.75
C LEU E 238 18.75 -9.34 3.62
N PRO E 239 18.61 -8.25 2.83
CA PRO E 239 19.73 -7.31 2.67
C PRO E 239 20.14 -6.53 3.92
N ASP E 240 19.36 -6.52 4.99
CA ASP E 240 19.89 -6.02 6.26
C ASP E 240 20.62 -7.09 7.06
N GLY E 241 20.64 -8.34 6.58
CA GLY E 241 21.28 -9.43 7.28
C GLY E 241 20.35 -10.31 8.08
N GLN E 242 19.06 -9.99 8.12
CA GLN E 242 18.10 -10.85 8.79
C GLN E 242 17.84 -12.11 7.97
N VAL E 243 17.67 -13.23 8.65
CA VAL E 243 17.50 -14.53 8.02
C VAL E 243 16.11 -15.05 8.37
N ILE E 244 15.32 -15.32 7.34
CA ILE E 244 14.00 -15.90 7.49
C ILE E 244 14.07 -17.37 7.11
N THR E 245 13.08 -18.13 7.58
CA THR E 245 13.03 -19.56 7.34
C THR E 245 11.60 -19.94 6.98
N ILE E 246 11.41 -20.53 5.80
CA ILE E 246 10.08 -20.82 5.29
C ILE E 246 9.96 -22.30 4.99
N GLY E 247 8.73 -22.80 5.08
CA GLY E 247 8.44 -24.21 4.87
C GLY E 247 7.57 -24.48 3.65
N ASN E 248 6.27 -24.69 3.91
CA ASN E 248 5.32 -25.12 2.88
C ASN E 248 4.99 -24.04 1.87
N GLU E 249 5.28 -22.77 2.19
CA GLU E 249 4.94 -21.63 1.34
C GLU E 249 5.76 -21.58 0.06
N ARG E 250 6.84 -22.37 -0.04
CA ARG E 250 7.54 -22.58 -1.30
C ARG E 250 6.64 -23.26 -2.34
N PHE E 251 5.70 -24.11 -1.92
CA PHE E 251 4.78 -24.69 -2.88
C PHE E 251 3.34 -24.25 -2.72
N ARG E 252 2.99 -23.60 -1.60
CA ARG E 252 1.64 -23.07 -1.47
C ARG E 252 1.45 -21.85 -2.36
N CYS E 253 2.50 -21.07 -2.55
CA CYS E 253 2.43 -19.88 -3.42
C CYS E 253 2.22 -20.18 -4.90
N PRO E 254 2.90 -21.15 -5.57
CA PRO E 254 2.51 -21.42 -6.97
C PRO E 254 1.25 -22.26 -7.11
N GLU E 255 0.71 -22.81 -6.02
CA GLU E 255 -0.51 -23.61 -6.07
C GLU E 255 -1.75 -22.75 -6.34
N THR E 256 -1.65 -21.43 -6.17
CA THR E 256 -2.65 -20.48 -6.64
C THR E 256 -2.80 -20.53 -8.17
N LEU E 257 -1.71 -20.85 -8.88
CA LEU E 257 -1.80 -21.09 -10.33
C LEU E 257 -2.63 -22.33 -10.66
N PHE E 258 -2.61 -23.33 -9.80
CA PHE E 258 -3.47 -24.48 -9.99
C PHE E 258 -4.76 -24.43 -9.19
N GLN E 259 -4.88 -23.51 -8.24
CA GLN E 259 -6.13 -23.33 -7.49
C GLN E 259 -6.36 -21.83 -7.26
N PRO E 260 -7.11 -21.18 -8.14
CA PRO E 260 -7.37 -19.73 -7.97
C PRO E 260 -8.35 -19.38 -6.85
N SER E 261 -8.95 -20.36 -6.17
CA SER E 261 -9.82 -20.08 -5.03
C SER E 261 -9.08 -19.66 -3.78
N PHE E 262 -7.74 -19.80 -3.76
CA PHE E 262 -6.92 -19.31 -2.65
C PHE E 262 -6.98 -17.79 -2.56
N ILE E 263 -6.99 -17.11 -3.71
CA ILE E 263 -7.14 -15.66 -3.73
C ILE E 263 -8.59 -15.32 -4.04
N GLY E 264 -9.47 -16.33 -4.01
CA GLY E 264 -10.89 -16.12 -4.16
C GLY E 264 -11.40 -16.05 -5.58
N MET E 265 -10.54 -16.28 -6.58
CA MET E 265 -10.99 -16.20 -7.96
C MET E 265 -11.82 -17.41 -8.33
N GLU E 266 -12.95 -17.17 -9.00
CA GLU E 266 -13.94 -18.20 -9.26
C GLU E 266 -13.51 -19.15 -10.38
N SER E 267 -12.61 -18.71 -11.25
CA SER E 267 -12.16 -19.52 -12.38
C SER E 267 -11.28 -20.68 -11.92
N ALA E 268 -11.20 -21.70 -12.77
CA ALA E 268 -10.44 -22.90 -12.45
C ALA E 268 -8.96 -22.70 -12.79
N GLY E 269 -8.18 -23.78 -12.65
CA GLY E 269 -6.75 -23.71 -12.86
C GLY E 269 -6.36 -23.61 -14.32
N ILE E 270 -5.06 -23.38 -14.52
CA ILE E 270 -4.53 -23.16 -15.87
C ILE E 270 -4.49 -24.45 -16.67
N HIS E 271 -4.39 -25.60 -15.99
CA HIS E 271 -4.52 -26.88 -16.66
C HIS E 271 -5.96 -27.12 -17.14
N GLU E 272 -6.93 -26.72 -16.32
CA GLU E 272 -8.33 -26.80 -16.72
C GLU E 272 -8.66 -25.80 -17.81
N THR E 273 -8.01 -24.63 -17.75
CA THR E 273 -8.11 -23.62 -18.79
C THR E 273 -7.53 -24.12 -20.12
N THR E 274 -6.42 -24.85 -20.04
CA THR E 274 -5.79 -25.44 -21.22
C THR E 274 -6.65 -26.55 -21.80
N TYR E 275 -7.29 -27.35 -20.93
CA TYR E 275 -8.18 -28.41 -21.38
C TYR E 275 -9.45 -27.85 -22.02
N ASN E 276 -9.95 -26.73 -21.50
CA ASN E 276 -11.09 -26.07 -22.13
C ASN E 276 -10.71 -25.40 -23.44
N SER E 277 -9.47 -24.92 -23.54
CA SER E 277 -9.01 -24.33 -24.80
C SER E 277 -8.80 -25.40 -25.86
N ILE E 278 -8.35 -26.59 -25.45
CA ILE E 278 -8.22 -27.71 -26.38
C ILE E 278 -9.58 -28.22 -26.81
N MET E 279 -10.52 -28.32 -25.85
CA MET E 279 -11.85 -28.86 -26.16
C MET E 279 -12.71 -27.86 -26.92
N LYS E 280 -12.35 -26.58 -26.90
CA LYS E 280 -13.02 -25.61 -27.77
C LYS E 280 -12.59 -25.72 -29.22
N CYS E 281 -11.46 -26.37 -29.49
CA CYS E 281 -11.02 -26.56 -30.86
C CYS E 281 -11.73 -27.75 -31.49
N ASP E 282 -11.44 -27.97 -32.77
CA ASP E 282 -12.06 -29.05 -33.52
C ASP E 282 -11.47 -30.40 -33.11
N ILE E 283 -12.21 -31.46 -33.43
CA ILE E 283 -11.87 -32.79 -32.95
C ILE E 283 -10.69 -33.39 -33.73
N ASP E 284 -10.36 -32.84 -34.90
CA ASP E 284 -9.25 -33.38 -35.69
C ASP E 284 -7.90 -32.99 -35.11
N ILE E 285 -7.77 -31.75 -34.64
CA ILE E 285 -6.46 -31.14 -34.45
C ILE E 285 -5.98 -31.32 -33.03
N ARG E 286 -6.75 -32.03 -32.20
CA ARG E 286 -6.47 -32.11 -30.77
C ARG E 286 -5.27 -32.99 -30.45
N LYS E 287 -5.00 -33.99 -31.31
CA LYS E 287 -3.90 -34.92 -31.08
C LYS E 287 -2.55 -34.23 -31.22
N ASP E 288 -2.45 -33.26 -32.13
CA ASP E 288 -1.24 -32.46 -32.22
C ASP E 288 -1.14 -31.46 -31.09
N LEU E 289 -2.29 -31.01 -30.56
CA LEU E 289 -2.27 -30.09 -29.43
C LEU E 289 -1.88 -30.77 -28.13
N TYR E 290 -2.14 -32.07 -28.01
CA TYR E 290 -1.81 -32.78 -26.78
C TYR E 290 -0.31 -32.97 -26.60
N ALA E 291 0.41 -33.15 -27.70
CA ALA E 291 1.83 -33.45 -27.63
C ALA E 291 2.71 -32.25 -27.92
N ASN E 292 2.15 -31.05 -28.02
CA ASN E 292 2.94 -29.86 -28.35
C ASN E 292 2.57 -28.70 -27.43
N ASN E 293 2.56 -28.97 -26.13
CA ASN E 293 2.33 -27.92 -25.15
C ASN E 293 3.61 -27.13 -24.96
N VAL E 294 3.57 -25.86 -25.33
CA VAL E 294 4.74 -24.99 -25.28
C VAL E 294 4.55 -24.05 -24.10
N MET E 295 5.27 -24.29 -23.02
CA MET E 295 5.19 -23.43 -21.85
C MET E 295 6.27 -22.36 -21.93
N SER E 296 5.85 -21.11 -22.00
CA SER E 296 6.76 -19.97 -22.06
C SER E 296 6.46 -19.03 -20.89
N GLY E 297 7.20 -17.93 -20.83
CA GLY E 297 7.03 -16.97 -19.76
C GLY E 297 7.84 -17.30 -18.53
N GLY E 298 8.10 -16.28 -17.69
CA GLY E 298 8.88 -16.50 -16.49
C GLY E 298 8.13 -17.25 -15.41
N THR E 299 6.79 -17.23 -15.46
CA THR E 299 5.96 -17.89 -14.46
C THR E 299 6.06 -19.41 -14.59
N THR E 300 6.39 -19.90 -15.78
CA THR E 300 6.71 -21.31 -15.97
C THR E 300 8.15 -21.66 -15.61
N MET E 301 8.89 -20.79 -14.92
CA MET E 301 10.26 -21.09 -14.55
C MET E 301 10.38 -21.79 -13.19
N TYR E 302 9.28 -22.22 -12.59
CA TYR E 302 9.38 -23.04 -11.39
C TYR E 302 9.87 -24.43 -11.76
N PRO E 303 10.70 -25.06 -10.92
CA PRO E 303 11.22 -26.39 -11.28
C PRO E 303 10.35 -27.55 -10.84
N GLY E 304 9.03 -27.44 -10.97
CA GLY E 304 8.16 -28.59 -10.84
C GLY E 304 6.94 -28.50 -11.72
N ILE E 305 6.90 -27.48 -12.57
CA ILE E 305 5.65 -27.10 -13.21
C ILE E 305 5.34 -27.98 -14.44
N ALA E 306 6.35 -28.56 -15.07
CA ALA E 306 6.12 -29.36 -16.27
C ALA E 306 5.57 -30.74 -15.92
N ASP E 307 6.06 -31.34 -14.84
CA ASP E 307 5.60 -32.66 -14.41
C ASP E 307 4.19 -32.59 -13.84
N ARG E 308 3.91 -31.53 -13.07
CA ARG E 308 2.58 -31.28 -12.56
C ARG E 308 1.60 -30.96 -13.68
N MET E 309 2.07 -30.21 -14.69
CA MET E 309 1.22 -29.86 -15.83
C MET E 309 0.90 -31.08 -16.69
N GLN E 310 1.89 -31.95 -16.89
CA GLN E 310 1.69 -33.21 -17.61
C GLN E 310 0.75 -34.13 -16.85
N LYS E 311 0.89 -34.19 -15.53
CA LYS E 311 0.03 -35.00 -14.67
C LYS E 311 -1.41 -34.53 -14.69
N GLU E 312 -1.62 -33.20 -14.64
CA GLU E 312 -2.98 -32.65 -14.63
C GLU E 312 -3.64 -32.76 -15.99
N ILE E 313 -2.89 -32.56 -17.08
CA ILE E 313 -3.47 -32.69 -18.41
C ILE E 313 -3.76 -34.16 -18.73
N THR E 314 -2.86 -35.06 -18.30
CA THR E 314 -3.06 -36.50 -18.50
C THR E 314 -4.22 -37.02 -17.67
N ALA E 315 -4.47 -36.41 -16.50
CA ALA E 315 -5.71 -36.66 -15.78
C ALA E 315 -6.92 -36.09 -16.53
N LEU E 316 -6.75 -34.93 -17.17
CA LEU E 316 -7.89 -34.28 -17.82
C LEU E 316 -8.23 -34.90 -19.17
N ALA E 317 -7.23 -35.23 -19.97
CA ALA E 317 -7.42 -35.73 -21.32
C ALA E 317 -7.91 -37.18 -21.30
N PRO E 318 -8.47 -37.67 -22.42
CA PRO E 318 -8.57 -39.13 -22.61
C PRO E 318 -7.20 -39.79 -22.63
N SER E 319 -7.14 -40.99 -22.06
CA SER E 319 -5.87 -41.60 -21.68
C SER E 319 -5.07 -42.15 -22.85
N THR E 320 -5.67 -42.27 -24.03
CA THR E 320 -4.98 -42.80 -25.20
C THR E 320 -4.32 -41.71 -26.05
N MET E 321 -3.98 -40.58 -25.44
CA MET E 321 -3.35 -39.47 -26.14
C MET E 321 -1.98 -39.21 -25.53
N LYS E 322 -1.02 -38.85 -26.38
CA LYS E 322 0.33 -38.55 -25.91
C LYS E 322 0.39 -37.12 -25.41
N ILE E 323 0.65 -36.96 -24.12
CA ILE E 323 0.79 -35.65 -23.50
C ILE E 323 2.28 -35.33 -23.41
N LYS E 324 2.70 -34.26 -24.07
CA LYS E 324 4.09 -33.83 -24.03
C LYS E 324 4.14 -32.34 -23.76
N ILE E 325 4.87 -31.95 -22.73
CA ILE E 325 5.02 -30.56 -22.33
C ILE E 325 6.42 -30.14 -22.73
N ILE E 326 6.51 -29.17 -23.63
CA ILE E 326 7.80 -28.68 -24.10
C ILE E 326 8.21 -27.50 -23.24
N ALA E 327 9.26 -27.69 -22.45
CA ALA E 327 9.75 -26.68 -21.52
C ALA E 327 11.22 -26.43 -21.83
N PRO E 328 11.52 -25.49 -22.73
CA PRO E 328 12.92 -25.15 -23.01
C PRO E 328 13.53 -24.38 -21.87
N PRO E 329 14.85 -24.43 -21.70
CA PRO E 329 15.48 -23.61 -20.65
C PRO E 329 15.48 -22.12 -20.95
N GLU E 330 15.40 -21.73 -22.22
CA GLU E 330 15.37 -20.33 -22.62
C GLU E 330 13.96 -19.83 -22.86
N ARG E 331 12.97 -20.38 -22.13
CA ARG E 331 11.58 -19.97 -22.30
C ARG E 331 11.27 -18.61 -21.69
N LYS E 332 12.17 -18.10 -20.83
CA LYS E 332 11.99 -16.77 -20.27
C LYS E 332 12.14 -15.69 -21.34
N TYR E 333 13.10 -15.86 -22.25
CA TYR E 333 13.39 -14.88 -23.28
C TYR E 333 12.83 -15.29 -24.64
N SER E 334 11.91 -16.25 -24.67
CA SER E 334 11.45 -16.84 -25.92
C SER E 334 10.59 -15.89 -26.74
N VAL E 335 9.97 -14.91 -26.08
CA VAL E 335 9.20 -13.89 -26.80
C VAL E 335 10.13 -13.00 -27.63
N TRP E 336 11.25 -12.61 -27.03
CA TRP E 336 12.27 -11.82 -27.73
C TRP E 336 12.96 -12.66 -28.79
N ILE E 337 13.17 -13.96 -28.52
CA ILE E 337 13.86 -14.86 -29.45
C ILE E 337 13.00 -15.07 -30.69
N GLY E 338 11.70 -15.28 -30.50
CA GLY E 338 10.80 -15.42 -31.65
C GLY E 338 10.57 -14.10 -32.37
N GLY E 339 10.66 -12.98 -31.66
CA GLY E 339 10.64 -11.69 -32.33
C GLY E 339 11.86 -11.45 -33.20
N SER E 340 13.03 -11.89 -32.74
CA SER E 340 14.23 -11.79 -33.56
C SER E 340 14.21 -12.79 -34.71
N ILE E 341 13.50 -13.92 -34.53
CA ILE E 341 13.32 -14.88 -35.61
C ILE E 341 12.41 -14.30 -36.69
N LEU E 342 11.28 -13.73 -36.28
CA LEU E 342 10.30 -13.22 -37.23
C LEU E 342 10.75 -11.93 -37.90
N ALA E 343 11.53 -11.12 -37.19
CA ALA E 343 11.98 -9.85 -37.75
C ALA E 343 13.09 -10.03 -38.78
N SER E 344 13.81 -11.16 -38.75
CA SER E 344 14.95 -11.39 -39.61
C SER E 344 14.59 -12.13 -40.90
N LEU E 345 13.36 -11.99 -41.38
CA LEU E 345 12.91 -12.68 -42.59
C LEU E 345 12.62 -11.67 -43.68
N SER E 346 12.98 -12.03 -44.92
CA SER E 346 12.71 -11.16 -46.06
C SER E 346 11.23 -11.14 -46.41
N THR E 347 10.50 -12.22 -46.07
CA THR E 347 9.06 -12.26 -46.29
C THR E 347 8.30 -11.34 -45.35
N PHE E 348 8.87 -11.04 -44.18
CA PHE E 348 8.20 -10.19 -43.20
C PHE E 348 8.30 -8.72 -43.56
N GLN E 349 9.18 -8.35 -44.50
CA GLN E 349 9.45 -6.95 -44.82
C GLN E 349 8.31 -6.27 -45.56
N GLN E 350 7.42 -7.03 -46.20
CA GLN E 350 6.22 -6.43 -46.76
C GLN E 350 5.13 -6.23 -45.71
N MET E 351 5.26 -6.85 -44.54
CA MET E 351 4.21 -6.87 -43.54
C MET E 351 4.35 -5.76 -42.51
N TRP E 352 5.21 -4.78 -42.77
CA TRP E 352 5.43 -3.68 -41.83
C TRP E 352 4.26 -2.70 -41.85
N ILE E 353 4.18 -1.89 -40.80
CA ILE E 353 3.28 -0.75 -40.75
C ILE E 353 4.12 0.50 -40.95
N THR E 354 3.86 1.21 -42.05
CA THR E 354 4.71 2.32 -42.45
C THR E 354 4.09 3.65 -42.05
N LYS E 355 4.85 4.72 -42.29
CA LYS E 355 4.40 6.05 -41.92
C LYS E 355 3.32 6.55 -42.87
N GLN E 356 3.39 6.13 -44.14
CA GLN E 356 2.38 6.52 -45.13
C GLN E 356 1.04 5.87 -44.83
N GLU E 357 1.07 4.61 -44.37
CA GLU E 357 -0.14 3.91 -43.94
C GLU E 357 -0.74 4.55 -42.69
N TYR E 358 0.13 5.04 -41.79
CA TYR E 358 -0.34 5.71 -40.58
C TYR E 358 -0.97 7.06 -40.90
N ASP E 359 -0.33 7.84 -41.79
CA ASP E 359 -0.89 9.13 -42.20
C ASP E 359 -2.14 8.97 -43.06
N GLU E 360 -2.27 7.84 -43.75
CA GLU E 360 -3.48 7.57 -44.49
C GLU E 360 -4.63 7.19 -43.57
N ALA E 361 -4.42 6.20 -42.70
CA ALA E 361 -5.52 5.56 -42.01
C ALA E 361 -5.68 6.00 -40.56
N GLY E 362 -4.92 6.98 -40.08
CA GLY E 362 -4.90 7.30 -38.68
C GLY E 362 -4.15 6.21 -37.93
N PRO E 363 -4.41 6.06 -36.63
CA PRO E 363 -3.94 4.85 -35.95
C PRO E 363 -4.94 3.70 -36.00
N SER E 364 -5.56 3.46 -37.15
CA SER E 364 -6.55 2.41 -37.30
C SER E 364 -6.09 1.32 -38.25
N ILE E 365 -4.90 1.46 -38.84
CA ILE E 365 -4.32 0.43 -39.68
C ILE E 365 -3.93 -0.80 -38.86
N VAL E 366 -3.61 -0.61 -37.56
CA VAL E 366 -3.10 -1.67 -36.71
C VAL E 366 -4.19 -2.68 -36.34
N HIS E 367 -5.46 -2.31 -36.47
CA HIS E 367 -6.52 -3.28 -36.25
C HIS E 367 -6.72 -4.17 -37.48
N ARG E 368 -6.55 -3.60 -38.67
CA ARG E 368 -6.80 -4.38 -39.88
C ARG E 368 -5.53 -5.07 -40.39
N LYS E 369 -4.35 -4.52 -40.11
CA LYS E 369 -3.12 -5.18 -40.54
C LYS E 369 -2.75 -6.29 -39.56
N CYS E 370 -2.55 -5.94 -38.29
CA CYS E 370 -2.20 -6.93 -37.29
C CYS E 370 -3.42 -7.72 -36.86
N PHE E 371 -3.21 -8.98 -36.51
CA PHE E 371 -4.30 -9.87 -36.13
C PHE E 371 -4.75 -9.56 -34.71
N THR F 1 -60.31 -29.92 -11.30
CA THR F 1 -58.88 -30.04 -11.04
C THR F 1 -58.06 -29.20 -12.01
N THR F 2 -57.29 -28.26 -11.48
CA THR F 2 -56.50 -27.36 -12.29
C THR F 2 -55.14 -27.98 -12.56
N ALA F 3 -54.79 -28.10 -13.84
CA ALA F 3 -53.50 -28.66 -14.22
C ALA F 3 -52.39 -27.64 -13.99
N LEU F 4 -51.15 -28.12 -14.07
CA LEU F 4 -49.98 -27.28 -13.90
C LEU F 4 -49.20 -27.26 -15.21
N VAL F 5 -49.00 -26.05 -15.74
CA VAL F 5 -48.21 -25.86 -16.95
C VAL F 5 -46.84 -25.33 -16.51
N CYS F 6 -45.79 -26.06 -16.86
CA CYS F 6 -44.43 -25.74 -16.41
C CYS F 6 -43.46 -25.99 -17.56
N ASP F 7 -43.03 -24.91 -18.21
CA ASP F 7 -41.92 -24.96 -19.13
C ASP F 7 -40.63 -24.88 -18.31
N ASN F 8 -39.93 -26.00 -18.21
CA ASN F 8 -38.59 -26.03 -17.63
C ASN F 8 -37.60 -25.64 -18.71
N GLY F 9 -37.46 -24.33 -18.88
CA GLY F 9 -36.63 -23.83 -19.96
C GLY F 9 -35.15 -23.95 -19.66
N SER F 10 -34.35 -23.85 -20.73
CA SER F 10 -32.90 -23.74 -20.59
C SER F 10 -32.53 -22.44 -19.89
N GLY F 11 -33.13 -21.33 -20.30
CA GLY F 11 -32.83 -20.07 -19.65
C GLY F 11 -33.69 -19.76 -18.46
N LEU F 12 -35.00 -19.73 -18.67
CA LEU F 12 -35.96 -19.32 -17.66
C LEU F 12 -37.04 -20.38 -17.52
N VAL F 13 -37.33 -20.78 -16.30
CA VAL F 13 -38.45 -21.66 -16.00
C VAL F 13 -39.70 -20.81 -15.81
N LYS F 14 -40.75 -21.18 -16.52
CA LYS F 14 -42.04 -20.47 -16.46
C LYS F 14 -43.11 -21.47 -16.06
N ALA F 15 -43.80 -21.20 -14.95
CA ALA F 15 -44.75 -22.13 -14.38
C ALA F 15 -46.02 -21.43 -13.97
N GLY F 16 -47.08 -22.22 -13.82
CA GLY F 16 -48.33 -21.71 -13.31
C GLY F 16 -49.45 -22.72 -13.52
N PHE F 17 -50.67 -22.24 -13.32
CA PHE F 17 -51.83 -23.12 -13.40
C PHE F 17 -52.35 -23.23 -14.84
N ALA F 18 -53.37 -24.08 -14.98
CA ALA F 18 -54.00 -24.32 -16.26
C ALA F 18 -54.88 -23.14 -16.68
N GLY F 19 -54.86 -22.84 -17.97
CA GLY F 19 -55.78 -21.90 -18.55
C GLY F 19 -55.51 -20.44 -18.27
N ASP F 20 -54.39 -20.10 -17.67
CA ASP F 20 -54.09 -18.71 -17.35
C ASP F 20 -53.42 -18.05 -18.54
N ASP F 21 -53.55 -16.72 -18.60
CA ASP F 21 -52.88 -15.97 -19.66
C ASP F 21 -51.39 -15.79 -19.34
N ALA F 22 -51.08 -15.46 -18.10
CA ALA F 22 -49.68 -15.27 -17.74
C ALA F 22 -49.19 -16.40 -16.85
N PRO F 23 -47.93 -16.82 -17.02
CA PRO F 23 -47.34 -17.78 -16.08
C PRO F 23 -47.12 -17.16 -14.71
N ARG F 24 -47.34 -17.98 -13.68
CA ARG F 24 -47.33 -17.48 -12.31
C ARG F 24 -45.92 -17.21 -11.82
N ALA F 25 -45.01 -18.15 -12.04
CA ALA F 25 -43.65 -18.05 -11.54
C ALA F 25 -42.69 -18.10 -12.71
N VAL F 26 -42.03 -16.98 -12.99
CA VAL F 26 -41.01 -16.90 -14.03
C VAL F 26 -39.69 -16.59 -13.33
N PHE F 27 -38.74 -17.52 -13.44
CA PHE F 27 -37.49 -17.38 -12.69
C PHE F 27 -36.39 -18.10 -13.44
N PRO F 28 -35.15 -17.60 -13.41
CA PRO F 28 -34.07 -18.26 -14.14
C PRO F 28 -33.62 -19.55 -13.49
N SER F 29 -33.13 -20.48 -14.33
CA SER F 29 -32.74 -21.81 -13.89
C SER F 29 -31.26 -21.78 -13.49
N ILE F 30 -31.00 -21.39 -12.25
CA ILE F 30 -29.64 -21.36 -11.71
C ILE F 30 -29.65 -21.99 -10.33
N VAL F 31 -28.50 -22.49 -9.92
CA VAL F 31 -28.29 -23.01 -8.57
C VAL F 31 -27.06 -22.31 -8.01
N GLY F 32 -27.24 -21.62 -6.88
CA GLY F 32 -26.15 -20.86 -6.29
C GLY F 32 -25.51 -21.54 -5.09
N ARG F 33 -24.25 -21.89 -5.22
CA ARG F 33 -23.55 -22.47 -4.07
C ARG F 33 -22.57 -21.46 -3.49
N PRO F 34 -22.38 -21.41 -2.17
CA PRO F 34 -21.43 -20.46 -1.59
C PRO F 34 -20.00 -20.87 -1.86
N ARG F 35 -19.19 -19.89 -2.26
CA ARG F 35 -17.79 -20.10 -2.59
C ARG F 35 -16.83 -19.46 -1.61
N HIS F 36 -17.30 -18.54 -0.77
CA HIS F 36 -16.49 -17.98 0.29
C HIS F 36 -16.85 -18.64 1.61
N GLN F 37 -16.22 -18.17 2.69
CA GLN F 37 -16.35 -18.81 3.99
C GLN F 37 -17.50 -18.18 4.77
N GLY F 38 -18.44 -19.01 5.22
CA GLY F 38 -19.46 -18.57 6.14
C GLY F 38 -18.92 -18.54 7.55
N VAL F 39 -18.99 -17.38 8.21
CA VAL F 39 -18.38 -17.19 9.51
C VAL F 39 -19.43 -16.96 10.59
N MET F 40 -20.61 -16.46 10.22
CA MET F 40 -21.64 -16.16 11.21
C MET F 40 -22.39 -17.43 11.59
N VAL F 41 -22.72 -17.54 12.86
CA VAL F 41 -23.38 -18.72 13.40
C VAL F 41 -24.89 -18.52 13.30
N GLY F 42 -25.63 -19.63 13.18
CA GLY F 42 -27.08 -19.63 13.14
C GLY F 42 -27.63 -19.06 11.85
N MET F 43 -28.79 -18.37 12.00
CA MET F 43 -29.49 -17.47 11.05
C MET F 43 -29.83 -18.10 9.67
N GLY F 44 -29.77 -19.43 9.55
CA GLY F 44 -30.18 -20.13 8.34
C GLY F 44 -29.32 -19.90 7.12
N GLN F 45 -28.05 -20.31 7.17
CA GLN F 45 -27.14 -20.16 6.04
C GLN F 45 -27.25 -21.43 5.21
N LYS F 46 -27.89 -21.32 4.04
CA LYS F 46 -28.15 -22.49 3.21
C LYS F 46 -26.90 -22.91 2.43
N ASP F 47 -26.78 -24.21 2.20
CA ASP F 47 -25.68 -24.75 1.41
C ASP F 47 -25.91 -24.62 -0.08
N SER F 48 -27.12 -24.27 -0.52
CA SER F 48 -27.43 -24.04 -1.92
C SER F 48 -28.62 -23.10 -2.00
N TYR F 49 -28.57 -22.18 -2.97
CA TYR F 49 -29.65 -21.23 -3.21
C TYR F 49 -30.17 -21.43 -4.62
N VAL F 50 -31.50 -21.44 -4.76
CA VAL F 50 -32.17 -21.88 -5.97
C VAL F 50 -33.05 -20.75 -6.49
N GLY F 51 -32.86 -20.39 -7.76
CA GLY F 51 -33.76 -19.46 -8.41
C GLY F 51 -33.44 -18.00 -8.18
N ASP F 52 -34.45 -17.23 -7.80
CA ASP F 52 -34.26 -15.81 -7.53
C ASP F 52 -33.52 -15.55 -6.22
N GLU F 53 -33.51 -16.53 -5.31
CA GLU F 53 -32.68 -16.45 -4.12
C GLU F 53 -31.20 -16.49 -4.49
N ALA F 54 -30.84 -17.28 -5.50
CA ALA F 54 -29.49 -17.24 -6.03
C ALA F 54 -29.25 -15.98 -6.85
N GLN F 55 -30.29 -15.42 -7.46
CA GLN F 55 -30.13 -14.23 -8.28
C GLN F 55 -29.88 -12.99 -7.43
N SER F 56 -30.52 -12.91 -6.27
CA SER F 56 -30.35 -11.76 -5.39
C SER F 56 -28.98 -11.75 -4.72
N LYS F 57 -28.53 -12.93 -4.27
CA LYS F 57 -27.27 -13.06 -3.56
C LYS F 57 -26.14 -13.50 -4.47
N ARG F 58 -26.18 -13.10 -5.74
CA ARG F 58 -25.31 -13.67 -6.77
C ARG F 58 -23.86 -13.23 -6.67
N GLY F 59 -23.56 -12.22 -5.85
CA GLY F 59 -22.19 -11.78 -5.67
C GLY F 59 -21.32 -12.71 -4.87
N ILE F 60 -21.90 -13.68 -4.16
CA ILE F 60 -21.11 -14.59 -3.33
C ILE F 60 -21.44 -16.03 -3.65
N LEU F 61 -22.03 -16.28 -4.82
CA LEU F 61 -22.47 -17.62 -5.17
C LEU F 61 -21.95 -18.02 -6.53
N THR F 62 -21.39 -19.23 -6.61
CA THR F 62 -21.11 -19.87 -7.88
C THR F 62 -22.44 -20.33 -8.46
N LEU F 63 -22.71 -19.91 -9.70
CA LEU F 63 -24.00 -20.16 -10.34
C LEU F 63 -23.86 -21.32 -11.32
N LYS F 64 -24.81 -22.26 -11.24
CA LYS F 64 -24.79 -23.46 -12.06
C LYS F 64 -26.07 -23.53 -12.88
N TYR F 65 -25.92 -23.64 -14.20
CA TYR F 65 -27.06 -23.91 -15.07
C TYR F 65 -27.22 -25.41 -15.24
N PRO F 66 -28.35 -26.00 -14.83
CA PRO F 66 -28.50 -27.46 -14.96
C PRO F 66 -28.76 -27.92 -16.38
N ILE F 67 -29.28 -27.07 -17.25
CA ILE F 67 -29.59 -27.45 -18.63
C ILE F 67 -28.61 -26.78 -19.57
N GLU F 68 -27.93 -27.58 -20.39
CA GLU F 68 -27.12 -27.05 -21.47
C GLU F 68 -27.62 -27.56 -22.81
N GLY F 70 -30.54 -27.45 -24.19
CA GLY F 70 -31.80 -28.17 -24.13
C GLY F 70 -31.70 -29.56 -23.55
N ILE F 71 -30.53 -29.88 -22.99
CA ILE F 71 -30.27 -31.19 -22.41
C ILE F 71 -30.01 -30.99 -20.93
N ILE F 72 -30.75 -31.70 -20.08
CA ILE F 72 -30.63 -31.59 -18.64
C ILE F 72 -29.34 -32.28 -18.21
N THR F 73 -28.33 -31.49 -17.85
CA THR F 73 -27.04 -32.04 -17.48
C THR F 73 -27.03 -32.48 -16.02
N ASN F 74 -27.20 -31.53 -15.10
CA ASN F 74 -27.16 -31.81 -13.67
C ASN F 74 -28.57 -32.20 -13.24
N TRP F 75 -28.75 -33.45 -12.87
CA TRP F 75 -30.08 -33.94 -12.52
C TRP F 75 -30.51 -33.52 -11.13
N ASP F 76 -29.57 -33.45 -10.19
CA ASP F 76 -29.89 -33.06 -8.81
C ASP F 76 -30.22 -31.58 -8.71
N ASP F 77 -29.51 -30.76 -9.50
CA ASP F 77 -29.83 -29.34 -9.60
C ASP F 77 -31.20 -29.12 -10.23
N MET F 78 -31.55 -29.94 -11.22
CA MET F 78 -32.86 -29.88 -11.84
C MET F 78 -33.96 -30.34 -10.89
N GLU F 79 -33.64 -31.30 -10.01
CA GLU F 79 -34.57 -31.69 -8.95
C GLU F 79 -34.77 -30.56 -7.95
N LYS F 80 -33.72 -29.79 -7.68
CA LYS F 80 -33.87 -28.61 -6.83
C LYS F 80 -34.72 -27.52 -7.47
N ILE F 81 -34.56 -27.32 -8.79
CA ILE F 81 -35.45 -26.43 -9.57
C ILE F 81 -36.90 -26.90 -9.51
N TRP F 82 -37.13 -28.22 -9.65
CA TRP F 82 -38.47 -28.78 -9.66
C TRP F 82 -39.13 -28.70 -8.29
N HIS F 83 -38.38 -28.99 -7.23
CA HIS F 83 -38.92 -28.94 -5.88
C HIS F 83 -39.17 -27.50 -5.44
N HIS F 84 -38.33 -26.57 -5.89
CA HIS F 84 -38.55 -25.16 -5.61
C HIS F 84 -39.77 -24.61 -6.36
N THR F 85 -39.94 -25.00 -7.63
CA THR F 85 -41.07 -24.47 -8.37
C THR F 85 -42.38 -25.19 -8.04
N PHE F 86 -42.32 -26.35 -7.38
CA PHE F 86 -43.54 -26.95 -6.88
C PHE F 86 -43.91 -26.39 -5.51
N TYR F 87 -42.95 -26.33 -4.59
CA TYR F 87 -43.30 -26.13 -3.19
C TYR F 87 -43.12 -24.70 -2.73
N ASN F 88 -42.14 -23.98 -3.28
CA ASN F 88 -41.90 -22.61 -2.86
C ASN F 88 -42.62 -21.60 -3.75
N GLU F 89 -42.70 -21.87 -5.05
CA GLU F 89 -43.26 -20.92 -6.00
C GLU F 89 -44.77 -21.08 -6.13
N LEU F 90 -45.23 -22.26 -6.53
CA LEU F 90 -46.66 -22.47 -6.73
C LEU F 90 -47.35 -22.97 -5.47
N ARG F 91 -46.58 -23.60 -4.57
CA ARG F 91 -47.01 -24.12 -3.25
C ARG F 91 -48.16 -25.14 -3.39
N VAL F 92 -48.00 -26.06 -4.32
CA VAL F 92 -49.03 -27.04 -4.62
C VAL F 92 -48.45 -28.45 -4.49
N ALA F 93 -49.28 -29.38 -4.04
CA ALA F 93 -48.89 -30.77 -3.99
C ALA F 93 -48.87 -31.35 -5.40
N PRO F 94 -47.84 -32.11 -5.78
CA PRO F 94 -47.85 -32.74 -7.11
C PRO F 94 -48.84 -33.89 -7.24
N GLU F 95 -49.31 -34.46 -6.13
CA GLU F 95 -50.15 -35.64 -6.15
C GLU F 95 -51.63 -35.34 -6.42
N GLU F 96 -51.99 -34.07 -6.56
CA GLU F 96 -53.38 -33.69 -6.76
C GLU F 96 -53.58 -32.82 -8.00
N HIS F 97 -52.55 -32.70 -8.85
CA HIS F 97 -52.65 -31.89 -10.05
C HIS F 97 -51.82 -32.52 -11.17
N PRO F 98 -52.36 -32.65 -12.37
CA PRO F 98 -51.56 -33.14 -13.49
C PRO F 98 -50.61 -32.05 -14.00
N THR F 99 -49.60 -32.50 -14.73
CA THR F 99 -48.50 -31.61 -15.10
C THR F 99 -48.16 -31.77 -16.57
N LEU F 100 -48.05 -30.64 -17.26
CA LEU F 100 -47.55 -30.62 -18.62
C LEU F 100 -46.12 -30.09 -18.62
N LEU F 101 -45.28 -30.71 -19.44
CA LEU F 101 -43.87 -30.38 -19.52
C LEU F 101 -43.48 -30.21 -20.99
N THR F 102 -42.38 -29.51 -21.22
CA THR F 102 -41.90 -29.20 -22.55
C THR F 102 -40.60 -29.95 -22.84
N GLU F 103 -40.36 -30.21 -24.12
CA GLU F 103 -39.14 -30.87 -24.53
C GLU F 103 -38.68 -30.33 -25.88
N ALA F 104 -37.37 -30.17 -26.02
CA ALA F 104 -36.77 -29.75 -27.27
C ALA F 104 -36.86 -30.87 -28.30
N PRO F 105 -37.02 -30.53 -29.58
CA PRO F 105 -36.94 -31.56 -30.63
C PRO F 105 -35.52 -32.06 -30.81
N LEU F 106 -35.44 -33.30 -31.33
CA LEU F 106 -34.21 -34.11 -31.47
C LEU F 106 -33.49 -34.28 -30.13
N ASN F 107 -34.28 -34.50 -29.08
CA ASN F 107 -33.78 -34.74 -27.75
C ASN F 107 -33.29 -36.18 -27.63
N PRO F 108 -32.35 -36.45 -26.72
CA PRO F 108 -32.07 -37.85 -26.35
C PRO F 108 -33.27 -38.50 -25.67
N LYS F 109 -33.41 -39.80 -25.91
CA LYS F 109 -34.57 -40.53 -25.41
C LYS F 109 -34.47 -40.78 -23.92
N ALA F 110 -33.25 -40.97 -23.41
CA ALA F 110 -33.03 -41.23 -21.99
C ALA F 110 -33.28 -39.99 -21.13
N ASN F 111 -33.17 -38.81 -21.74
CA ASN F 111 -33.64 -37.57 -21.12
C ASN F 111 -35.14 -37.61 -20.83
N ARG F 112 -35.92 -38.11 -21.81
CA ARG F 112 -37.35 -38.28 -21.63
C ARG F 112 -37.66 -39.39 -20.63
N GLU F 113 -36.84 -40.46 -20.64
CA GLU F 113 -36.97 -41.57 -19.68
C GLU F 113 -36.75 -41.10 -18.25
N LYS F 114 -35.69 -40.32 -18.01
CA LYS F 114 -35.41 -39.81 -16.68
C LYS F 114 -36.38 -38.73 -16.25
N MET F 115 -36.88 -37.93 -17.21
CA MET F 115 -37.91 -36.92 -16.90
C MET F 115 -39.22 -37.57 -16.47
N THR F 116 -39.61 -38.63 -17.18
CA THR F 116 -40.82 -39.39 -16.84
C THR F 116 -40.66 -40.13 -15.52
N GLN F 117 -39.46 -40.67 -15.27
CA GLN F 117 -39.17 -41.39 -14.04
C GLN F 117 -39.14 -40.49 -12.82
N ILE F 118 -38.54 -39.30 -12.95
CA ILE F 118 -38.50 -38.34 -11.85
C ILE F 118 -39.89 -37.75 -11.60
N MET F 119 -40.62 -37.42 -12.67
CA MET F 119 -41.95 -36.84 -12.51
C MET F 119 -43.02 -37.87 -12.18
N PHE F 120 -42.70 -39.16 -12.16
CA PHE F 120 -43.62 -40.14 -11.62
C PHE F 120 -43.19 -40.76 -10.30
N GLU F 121 -41.91 -40.67 -9.93
CA GLU F 121 -41.41 -41.36 -8.75
C GLU F 121 -41.01 -40.41 -7.62
N THR F 122 -40.28 -39.35 -7.93
CA THR F 122 -39.87 -38.40 -6.88
C THR F 122 -41.04 -37.54 -6.46
N PHE F 123 -41.59 -36.77 -7.39
CA PHE F 123 -42.86 -36.09 -7.21
C PHE F 123 -43.90 -36.96 -7.91
N ASN F 124 -44.71 -37.66 -7.12
CA ASN F 124 -45.78 -38.47 -7.70
C ASN F 124 -46.88 -37.58 -8.25
N VAL F 125 -47.38 -37.91 -9.43
CA VAL F 125 -48.43 -37.14 -10.07
C VAL F 125 -49.60 -38.07 -10.37
N PRO F 126 -50.81 -37.53 -10.50
CA PRO F 126 -51.87 -38.35 -11.14
C PRO F 126 -51.60 -38.61 -12.60
N ALA F 127 -51.13 -37.61 -13.34
CA ALA F 127 -50.84 -37.75 -14.75
C ALA F 127 -49.81 -36.68 -15.13
N MET F 128 -49.19 -36.88 -16.29
CA MET F 128 -48.30 -35.88 -16.86
C MET F 128 -48.34 -36.04 -18.38
N TYR F 129 -47.84 -35.01 -19.06
CA TYR F 129 -47.69 -35.06 -20.51
C TYR F 129 -46.45 -34.26 -20.89
N VAL F 130 -45.78 -34.71 -21.95
CA VAL F 130 -44.61 -34.02 -22.50
C VAL F 130 -44.93 -33.57 -23.91
N ALA F 131 -44.70 -32.29 -24.20
CA ALA F 131 -45.05 -31.73 -25.49
C ALA F 131 -43.86 -30.99 -26.09
N ILE F 132 -43.86 -30.90 -27.41
CA ILE F 132 -42.84 -30.18 -28.15
C ILE F 132 -43.12 -28.69 -28.04
N GLN F 133 -42.05 -27.90 -27.84
CA GLN F 133 -42.19 -26.46 -27.60
C GLN F 133 -42.67 -25.72 -28.85
N ALA F 134 -42.28 -26.20 -30.04
CA ALA F 134 -42.71 -25.56 -31.28
C ALA F 134 -44.19 -25.79 -31.55
N VAL F 135 -44.70 -26.95 -31.13
CA VAL F 135 -46.14 -27.26 -31.24
C VAL F 135 -46.95 -26.33 -30.33
N LEU F 136 -46.44 -26.06 -29.14
CA LEU F 136 -47.11 -25.14 -28.22
C LEU F 136 -46.98 -23.69 -28.68
N SER F 137 -45.89 -23.36 -29.38
CA SER F 137 -45.75 -22.02 -29.95
C SER F 137 -46.73 -21.80 -31.11
N LEU F 138 -46.92 -22.83 -31.94
CA LEU F 138 -47.89 -22.75 -33.03
C LEU F 138 -49.32 -22.76 -32.49
N TYR F 139 -49.55 -23.45 -31.37
CA TYR F 139 -50.87 -23.40 -30.74
C TYR F 139 -51.12 -22.06 -30.07
N ALA F 140 -50.04 -21.43 -29.58
CA ALA F 140 -50.15 -20.07 -29.04
C ALA F 140 -50.43 -19.07 -30.14
N SER F 141 -49.92 -19.33 -31.35
CA SER F 141 -50.33 -18.54 -32.50
C SER F 141 -51.77 -18.85 -32.89
N GLY F 142 -52.25 -20.05 -32.58
CA GLY F 142 -53.61 -20.44 -32.88
C GLY F 142 -53.80 -21.08 -34.23
N ARG F 143 -52.74 -21.28 -34.99
CA ARG F 143 -52.82 -21.91 -36.29
C ARG F 143 -52.35 -23.36 -36.18
N THR F 144 -52.95 -24.20 -37.01
CA THR F 144 -52.66 -25.62 -36.96
C THR F 144 -51.41 -25.96 -37.77
N THR F 145 -51.15 -25.22 -38.85
CA THR F 145 -49.95 -25.37 -39.66
C THR F 145 -49.07 -24.14 -39.56
N GLY F 146 -47.80 -24.32 -39.88
CA GLY F 146 -46.83 -23.25 -39.81
C GLY F 146 -45.49 -23.77 -39.35
N ILE F 147 -44.48 -22.92 -39.48
CA ILE F 147 -43.11 -23.26 -39.11
C ILE F 147 -42.70 -22.35 -37.96
N VAL F 148 -42.16 -22.96 -36.90
CA VAL F 148 -41.76 -22.26 -35.69
C VAL F 148 -40.25 -22.26 -35.62
N LEU F 149 -39.67 -21.06 -35.53
CA LEU F 149 -38.26 -20.88 -35.22
C LEU F 149 -38.18 -20.66 -33.72
N ASP F 150 -37.90 -21.71 -32.97
CA ASP F 150 -37.87 -21.64 -31.51
C ASP F 150 -36.43 -21.46 -31.06
N SER F 151 -36.17 -20.37 -30.35
CA SER F 151 -34.82 -19.98 -29.96
C SER F 151 -34.80 -19.72 -28.47
N GLY F 152 -34.22 -20.64 -27.71
CA GLY F 152 -34.11 -20.49 -26.28
C GLY F 152 -32.77 -19.92 -25.84
N ASP F 153 -32.15 -20.54 -24.84
CA ASP F 153 -30.86 -20.10 -24.33
C ASP F 153 -29.71 -20.97 -24.81
N GLY F 154 -29.95 -22.25 -25.06
CA GLY F 154 -28.89 -23.12 -25.52
C GLY F 154 -29.07 -23.68 -26.91
N VAL F 155 -30.31 -23.73 -27.39
CA VAL F 155 -30.63 -24.40 -28.66
C VAL F 155 -31.53 -23.49 -29.48
N THR F 156 -31.43 -23.61 -30.80
CA THR F 156 -32.29 -22.88 -31.74
C THR F 156 -32.69 -23.84 -32.85
N HIS F 157 -33.99 -24.08 -33.02
CA HIS F 157 -34.43 -25.07 -33.98
C HIS F 157 -35.59 -24.56 -34.81
N ASN F 158 -35.55 -24.91 -36.09
CA ASN F 158 -36.61 -24.64 -37.05
C ASN F 158 -37.43 -25.90 -37.23
N VAL F 159 -38.71 -25.83 -36.85
CA VAL F 159 -39.62 -26.98 -36.92
C VAL F 159 -40.83 -26.60 -37.76
N PRO F 160 -41.02 -27.18 -38.94
CA PRO F 160 -42.28 -26.99 -39.66
C PRO F 160 -43.31 -28.06 -39.31
N ILE F 161 -44.53 -27.63 -38.96
CA ILE F 161 -45.61 -28.53 -38.58
C ILE F 161 -46.75 -28.27 -39.54
N TYR F 162 -47.08 -29.25 -40.37
CA TYR F 162 -48.16 -29.12 -41.35
C TYR F 162 -49.38 -29.86 -40.84
N GLU F 163 -50.44 -29.10 -40.56
CA GLU F 163 -51.78 -29.57 -40.13
C GLU F 163 -51.71 -30.40 -38.84
N GLY F 164 -50.87 -29.96 -37.90
CA GLY F 164 -50.70 -30.67 -36.66
C GLY F 164 -49.69 -31.79 -36.71
N TYR F 165 -49.08 -32.05 -37.85
CA TYR F 165 -48.10 -33.12 -38.01
C TYR F 165 -46.72 -32.49 -38.08
N ALA F 166 -45.89 -32.75 -37.07
CA ALA F 166 -44.52 -32.27 -37.07
C ALA F 166 -43.67 -33.17 -37.96
N LEU F 167 -43.07 -32.60 -38.99
CA LEU F 167 -42.25 -33.38 -39.90
C LEU F 167 -40.92 -33.69 -39.24
N PRO F 168 -40.54 -34.98 -39.09
CA PRO F 168 -39.34 -35.32 -38.33
C PRO F 168 -38.05 -35.00 -39.06
N HIS F 169 -38.04 -35.26 -40.37
CA HIS F 169 -36.83 -35.05 -41.16
C HIS F 169 -36.56 -33.58 -41.42
N ALA F 170 -37.61 -32.75 -41.46
CA ALA F 170 -37.45 -31.34 -41.76
C ALA F 170 -37.11 -30.51 -40.54
N ILE F 171 -37.01 -31.12 -39.36
CA ILE F 171 -36.57 -30.40 -38.17
C ILE F 171 -35.07 -30.13 -38.27
N MET F 172 -34.69 -28.85 -38.14
CA MET F 172 -33.28 -28.49 -38.19
C MET F 172 -32.88 -27.82 -36.89
N ARG F 173 -31.76 -28.25 -36.33
CA ARG F 173 -31.35 -27.87 -34.98
C ARG F 173 -29.92 -27.33 -35.01
N LEU F 174 -29.73 -26.15 -34.42
CA LEU F 174 -28.41 -25.54 -34.31
C LEU F 174 -28.25 -25.06 -32.88
N ASP F 175 -27.15 -25.43 -32.24
CA ASP F 175 -26.92 -25.08 -30.83
C ASP F 175 -26.21 -23.73 -30.75
N LEU F 176 -26.94 -22.69 -31.13
CA LEU F 176 -26.46 -21.32 -31.07
C LEU F 176 -27.61 -20.45 -30.63
N ALA F 177 -27.55 -19.95 -29.41
CA ALA F 177 -28.65 -19.19 -28.83
C ALA F 177 -28.06 -18.19 -27.84
N GLY F 178 -28.91 -17.68 -26.94
CA GLY F 178 -28.63 -16.44 -26.22
C GLY F 178 -27.53 -16.53 -25.18
N ARG F 179 -27.25 -17.74 -24.66
CA ARG F 179 -26.11 -17.90 -23.76
C ARG F 179 -24.79 -17.77 -24.53
N ASP F 180 -24.77 -18.27 -25.75
CA ASP F 180 -23.60 -18.12 -26.61
C ASP F 180 -23.41 -16.67 -27.03
N LEU F 181 -24.53 -15.96 -27.24
CA LEU F 181 -24.49 -14.52 -27.49
C LEU F 181 -24.00 -13.75 -26.27
N THR F 182 -24.36 -14.24 -25.07
CA THR F 182 -23.90 -13.63 -23.83
C THR F 182 -22.39 -13.82 -23.64
N ASP F 183 -21.90 -15.01 -23.96
CA ASP F 183 -20.46 -15.28 -23.87
C ASP F 183 -19.68 -14.52 -24.93
N TYR F 184 -20.26 -14.37 -26.13
CA TYR F 184 -19.61 -13.57 -27.17
C TYR F 184 -19.62 -12.09 -26.82
N LEU F 185 -20.68 -11.62 -26.14
CA LEU F 185 -20.72 -10.25 -25.68
C LEU F 185 -19.74 -10.01 -24.55
N MET F 186 -19.55 -11.02 -23.69
CA MET F 186 -18.52 -10.97 -22.64
C MET F 186 -17.11 -10.97 -23.25
N LYS F 187 -16.95 -11.62 -24.40
CA LYS F 187 -15.68 -11.56 -25.10
C LYS F 187 -15.44 -10.18 -25.71
N ILE F 188 -16.44 -9.62 -26.38
CA ILE F 188 -16.20 -8.37 -27.10
C ILE F 188 -16.35 -7.13 -26.22
N LEU F 189 -16.81 -7.28 -24.97
CA LEU F 189 -16.82 -6.15 -24.05
C LEU F 189 -15.44 -5.80 -23.50
N THR F 190 -14.45 -6.68 -23.69
CA THR F 190 -13.08 -6.37 -23.33
C THR F 190 -12.36 -5.54 -24.37
N GLU F 191 -13.00 -5.21 -25.49
CA GLU F 191 -12.44 -4.25 -26.44
C GLU F 191 -12.39 -2.86 -25.84
N ARG F 192 -13.44 -2.46 -25.13
CA ARG F 192 -13.45 -1.18 -24.44
C ARG F 192 -12.83 -1.26 -23.05
N GLY F 193 -12.56 -2.45 -22.55
CA GLY F 193 -11.91 -2.61 -21.28
C GLY F 193 -12.77 -3.02 -20.11
N TYR F 194 -13.98 -3.52 -20.35
CA TYR F 194 -14.87 -3.95 -19.29
C TYR F 194 -14.72 -5.46 -19.14
N SER F 195 -13.89 -5.89 -18.20
CA SER F 195 -13.63 -7.31 -18.01
C SER F 195 -14.78 -7.97 -17.25
N PHE F 196 -15.15 -9.16 -17.68
CA PHE F 196 -16.21 -9.93 -17.04
C PHE F 196 -15.77 -11.38 -17.02
N VAL F 197 -15.48 -11.92 -15.84
CA VAL F 197 -14.98 -13.29 -15.74
C VAL F 197 -15.88 -14.16 -14.87
N THR F 198 -16.72 -13.56 -14.04
CA THR F 198 -17.48 -14.34 -13.09
C THR F 198 -18.87 -14.68 -13.61
N THR F 199 -19.55 -15.55 -12.86
CA THR F 199 -20.89 -15.99 -13.25
C THR F 199 -21.92 -14.90 -12.98
N ALA F 200 -21.69 -14.05 -11.97
CA ALA F 200 -22.58 -12.92 -11.73
C ALA F 200 -22.43 -11.86 -12.79
N GLU F 201 -21.21 -11.72 -13.33
CA GLU F 201 -20.96 -10.82 -14.45
C GLU F 201 -21.63 -11.31 -15.73
N ARG F 202 -21.80 -12.64 -15.86
CA ARG F 202 -22.59 -13.20 -16.95
C ARG F 202 -24.06 -12.78 -16.85
N GLU F 203 -24.59 -12.72 -15.63
CA GLU F 203 -25.97 -12.26 -15.43
C GLU F 203 -26.10 -10.77 -15.70
N ILE F 204 -25.05 -9.99 -15.36
CA ILE F 204 -25.04 -8.56 -15.63
C ILE F 204 -25.00 -8.28 -17.13
N VAL F 205 -24.13 -8.99 -17.87
CA VAL F 205 -24.04 -8.85 -19.32
C VAL F 205 -25.28 -9.42 -20.00
N ARG F 206 -25.94 -10.41 -19.39
CA ARG F 206 -27.23 -10.91 -19.87
C ARG F 206 -28.33 -9.86 -19.72
N ASP F 207 -28.30 -9.11 -18.62
CA ASP F 207 -29.22 -7.99 -18.44
C ASP F 207 -28.93 -6.87 -19.44
N ILE F 208 -27.65 -6.64 -19.74
CA ILE F 208 -27.23 -5.66 -20.75
C ILE F 208 -27.73 -6.08 -22.14
N LYS F 209 -27.64 -7.38 -22.45
CA LYS F 209 -28.11 -7.92 -23.71
C LYS F 209 -29.63 -7.87 -23.82
N GLU F 210 -30.33 -8.08 -22.70
CA GLU F 210 -31.78 -7.97 -22.69
C GLU F 210 -32.24 -6.51 -22.83
N LYS F 211 -31.48 -5.57 -22.27
CA LYS F 211 -31.92 -4.18 -22.28
C LYS F 211 -31.50 -3.41 -23.53
N LEU F 212 -30.23 -3.49 -23.92
CA LEU F 212 -29.65 -2.55 -24.86
C LEU F 212 -29.51 -3.10 -26.27
N CYS F 213 -29.35 -4.41 -26.43
CA CYS F 213 -29.01 -4.98 -27.73
C CYS F 213 -30.22 -5.05 -28.65
N TYR F 214 -29.95 -4.98 -29.95
CA TYR F 214 -30.99 -4.94 -30.96
C TYR F 214 -30.43 -5.45 -32.29
N VAL F 215 -31.31 -5.99 -33.13
CA VAL F 215 -30.93 -6.53 -34.43
C VAL F 215 -30.86 -5.40 -35.45
N ALA F 216 -29.72 -5.31 -36.13
CA ALA F 216 -29.54 -4.36 -37.22
C ALA F 216 -30.22 -4.85 -38.49
N LEU F 217 -30.79 -3.91 -39.25
CA LEU F 217 -31.40 -4.25 -40.54
C LEU F 217 -30.34 -4.45 -41.61
N ASP F 218 -29.25 -3.69 -41.57
CA ASP F 218 -28.12 -3.89 -42.46
C ASP F 218 -26.87 -3.72 -41.62
N PHE F 219 -26.03 -4.76 -41.56
CA PHE F 219 -24.91 -4.76 -40.64
C PHE F 219 -23.79 -3.84 -41.10
N GLU F 220 -23.57 -3.76 -42.41
CA GLU F 220 -22.47 -2.94 -42.94
C GLU F 220 -22.77 -1.46 -42.84
N ASN F 221 -24.02 -1.07 -43.09
CA ASN F 221 -24.42 0.33 -42.96
C ASN F 221 -24.45 0.77 -41.51
N GLU F 222 -24.88 -0.12 -40.61
CA GLU F 222 -24.87 0.18 -39.18
C GLU F 222 -23.45 0.26 -38.63
N MET F 223 -22.55 -0.60 -39.13
CA MET F 223 -21.15 -0.53 -38.73
C MET F 223 -20.47 0.73 -39.26
N ALA F 224 -20.81 1.13 -40.48
CA ALA F 224 -20.27 2.38 -41.04
C ALA F 224 -20.83 3.60 -40.32
N THR F 225 -22.08 3.53 -39.89
CA THR F 225 -22.68 4.64 -39.15
C THR F 225 -22.11 4.74 -37.74
N ALA F 226 -21.89 3.59 -37.08
CA ALA F 226 -21.32 3.59 -35.74
C ALA F 226 -19.84 3.98 -35.78
N ALA F 227 -19.15 3.65 -36.87
CA ALA F 227 -17.78 4.14 -37.06
C ALA F 227 -17.78 5.63 -37.36
N SER F 228 -18.80 6.12 -38.07
CA SER F 228 -18.84 7.52 -38.46
C SER F 228 -19.24 8.41 -37.29
N SER F 229 -20.43 8.19 -36.75
CA SER F 229 -20.98 9.02 -35.70
C SER F 229 -21.27 8.20 -34.45
N SER F 230 -21.17 8.83 -33.30
CA SER F 230 -21.44 8.17 -32.02
C SER F 230 -22.89 8.36 -31.58
N SER F 231 -23.83 8.06 -32.47
CA SER F 231 -25.25 8.18 -32.15
C SER F 231 -25.78 6.92 -31.48
N LEU F 232 -25.25 5.76 -31.86
CA LEU F 232 -25.69 4.49 -31.31
C LEU F 232 -25.04 4.14 -29.99
N GLU F 233 -24.10 4.97 -29.52
CA GLU F 233 -23.44 4.72 -28.24
C GLU F 233 -24.40 4.99 -27.10
N LYS F 234 -24.58 3.99 -26.24
CA LYS F 234 -25.54 4.03 -25.16
C LYS F 234 -24.81 3.73 -23.86
N SER F 235 -25.20 4.43 -22.80
CA SER F 235 -24.59 4.26 -21.49
C SER F 235 -25.48 3.40 -20.60
N TYR F 236 -24.84 2.47 -19.89
CA TYR F 236 -25.50 1.60 -18.94
C TYR F 236 -24.88 1.82 -17.57
N GLU F 237 -25.71 1.84 -16.54
CA GLU F 237 -25.24 2.01 -15.18
C GLU F 237 -25.22 0.66 -14.48
N LEU F 238 -24.06 0.32 -13.95
CA LEU F 238 -23.85 -0.95 -13.28
C LEU F 238 -24.37 -0.85 -11.85
N PRO F 239 -24.65 -1.99 -11.18
CA PRO F 239 -25.11 -1.92 -9.78
C PRO F 239 -24.10 -1.37 -8.77
N ASP F 240 -22.80 -1.33 -9.07
CA ASP F 240 -21.88 -0.66 -8.14
C ASP F 240 -21.89 0.85 -8.26
N GLY F 241 -22.46 1.39 -9.35
CA GLY F 241 -22.45 2.81 -9.59
C GLY F 241 -21.62 3.24 -10.78
N GLN F 242 -20.81 2.35 -11.35
CA GLN F 242 -20.04 2.69 -12.53
C GLN F 242 -20.92 2.70 -13.77
N VAL F 243 -20.56 3.56 -14.72
CA VAL F 243 -21.32 3.74 -15.96
C VAL F 243 -20.42 3.36 -17.12
N ILE F 244 -20.88 2.42 -17.94
CA ILE F 244 -20.16 2.02 -19.14
C ILE F 244 -20.91 2.58 -20.35
N THR F 245 -20.24 2.60 -21.50
CA THR F 245 -20.84 3.03 -22.74
C THR F 245 -20.43 2.07 -23.85
N ILE F 246 -21.40 1.63 -24.65
CA ILE F 246 -21.14 0.71 -25.75
C ILE F 246 -21.68 1.30 -27.04
N GLY F 247 -21.03 0.97 -28.15
CA GLY F 247 -21.37 1.53 -29.44
C GLY F 247 -21.99 0.53 -30.39
N ASN F 248 -21.15 0.00 -31.29
CA ASN F 248 -21.58 -0.94 -32.32
C ASN F 248 -21.94 -2.32 -31.77
N GLU F 249 -21.51 -2.63 -30.53
CA GLU F 249 -21.73 -3.93 -29.90
C GLU F 249 -23.19 -4.19 -29.54
N ARG F 250 -24.05 -3.18 -29.60
CA ARG F 250 -25.49 -3.37 -29.50
C ARG F 250 -26.04 -4.20 -30.66
N PHE F 251 -25.42 -4.13 -31.85
CA PHE F 251 -25.88 -4.97 -32.94
C PHE F 251 -24.88 -6.04 -33.36
N ARG F 252 -23.65 -5.99 -32.88
CA ARG F 252 -22.67 -7.01 -33.24
C ARG F 252 -22.94 -8.33 -32.52
N CYS F 253 -23.52 -8.26 -31.32
CA CYS F 253 -23.90 -9.47 -30.60
C CYS F 253 -25.04 -10.28 -31.24
N PRO F 254 -26.18 -9.71 -31.70
CA PRO F 254 -27.15 -10.59 -32.38
C PRO F 254 -26.80 -10.90 -33.83
N GLU F 255 -25.77 -10.25 -34.40
CA GLU F 255 -25.30 -10.54 -35.76
C GLU F 255 -24.68 -11.92 -35.87
N THR F 256 -24.23 -12.49 -34.74
CA THR F 256 -23.81 -13.88 -34.65
C THR F 256 -24.96 -14.85 -34.92
N LEU F 257 -26.20 -14.43 -34.68
CA LEU F 257 -27.37 -15.21 -35.10
C LEU F 257 -27.46 -15.29 -36.62
N PHE F 258 -27.11 -14.21 -37.31
CA PHE F 258 -27.12 -14.25 -38.77
C PHE F 258 -25.79 -14.69 -39.35
N GLN F 259 -24.69 -14.42 -38.66
CA GLN F 259 -23.35 -14.78 -39.12
C GLN F 259 -22.69 -15.62 -38.05
N PRO F 260 -22.88 -16.94 -38.09
CA PRO F 260 -22.41 -17.80 -36.98
C PRO F 260 -20.91 -18.04 -36.94
N SER F 261 -20.15 -17.58 -37.94
CA SER F 261 -18.70 -17.71 -37.98
C SER F 261 -17.97 -16.72 -37.08
N PHE F 262 -18.69 -15.83 -36.39
CA PHE F 262 -18.09 -14.91 -35.42
C PHE F 262 -17.48 -15.67 -34.24
N ILE F 263 -18.16 -16.71 -33.77
CA ILE F 263 -17.67 -17.49 -32.64
C ILE F 263 -16.99 -18.75 -33.14
N GLY F 264 -16.86 -18.88 -34.46
CA GLY F 264 -16.29 -20.08 -35.03
C GLY F 264 -17.24 -21.23 -35.18
N MET F 265 -18.51 -21.06 -34.85
CA MET F 265 -19.53 -22.08 -35.08
C MET F 265 -19.82 -22.08 -36.57
N GLU F 266 -19.10 -22.91 -37.31
CA GLU F 266 -19.19 -22.89 -38.77
C GLU F 266 -20.44 -23.64 -39.20
N SER F 267 -21.49 -22.89 -39.49
CA SER F 267 -22.77 -23.41 -39.94
C SER F 267 -23.51 -22.27 -40.63
N ALA F 268 -24.68 -22.59 -41.17
CA ALA F 268 -25.47 -21.59 -41.86
C ALA F 268 -26.18 -20.68 -40.87
N GLY F 269 -26.68 -19.56 -41.38
CA GLY F 269 -27.50 -18.68 -40.59
C GLY F 269 -28.88 -19.26 -40.33
N ILE F 270 -29.58 -18.65 -39.36
CA ILE F 270 -30.87 -19.18 -38.92
C ILE F 270 -31.95 -18.93 -39.96
N HIS F 271 -31.81 -17.87 -40.76
CA HIS F 271 -32.66 -17.71 -41.94
C HIS F 271 -32.33 -18.76 -42.99
N GLU F 272 -31.05 -19.10 -43.13
CA GLU F 272 -30.64 -20.16 -44.05
C GLU F 272 -31.05 -21.52 -43.54
N THR F 273 -31.02 -21.70 -42.21
CA THR F 273 -31.52 -22.91 -41.56
C THR F 273 -33.02 -23.06 -41.77
N THR F 274 -33.75 -21.93 -41.69
CA THR F 274 -35.20 -21.91 -41.93
C THR F 274 -35.52 -22.23 -43.38
N TYR F 275 -34.74 -21.68 -44.32
CA TYR F 275 -34.98 -21.91 -45.73
C TYR F 275 -34.63 -23.34 -46.14
N ASN F 276 -33.61 -23.93 -45.52
CA ASN F 276 -33.29 -25.32 -45.80
C ASN F 276 -34.28 -26.27 -45.14
N SER F 277 -34.86 -25.87 -44.01
CA SER F 277 -35.92 -26.67 -43.40
C SER F 277 -37.21 -26.59 -44.21
N ILE F 278 -37.47 -25.44 -44.84
CA ILE F 278 -38.60 -25.29 -45.75
C ILE F 278 -38.39 -26.12 -47.01
N MET F 279 -37.16 -26.10 -47.56
CA MET F 279 -36.87 -26.86 -48.77
C MET F 279 -36.76 -28.36 -48.51
N LYS F 280 -36.64 -28.78 -47.25
CA LYS F 280 -36.78 -30.18 -46.91
C LYS F 280 -38.21 -30.69 -47.03
N CYS F 281 -39.20 -29.79 -46.98
CA CYS F 281 -40.59 -30.18 -47.06
C CYS F 281 -41.01 -30.38 -48.52
N ASP F 282 -42.27 -30.77 -48.70
CA ASP F 282 -42.84 -30.88 -50.04
C ASP F 282 -43.09 -29.51 -50.64
N ILE F 283 -43.17 -29.48 -51.97
CA ILE F 283 -43.39 -28.22 -52.69
C ILE F 283 -44.85 -27.77 -52.55
N ASP F 284 -45.75 -28.71 -52.24
CA ASP F 284 -47.18 -28.41 -52.11
C ASP F 284 -47.46 -27.62 -50.83
N ILE F 285 -46.67 -27.86 -49.78
CA ILE F 285 -46.90 -27.26 -48.48
C ILE F 285 -45.95 -26.10 -48.22
N ARG F 286 -45.13 -25.71 -49.20
CA ARG F 286 -44.13 -24.66 -48.98
C ARG F 286 -44.77 -23.28 -48.93
N LYS F 287 -45.84 -23.07 -49.71
CA LYS F 287 -46.54 -21.79 -49.76
C LYS F 287 -47.25 -21.51 -48.43
N ASP F 288 -47.71 -22.55 -47.75
CA ASP F 288 -48.27 -22.41 -46.42
C ASP F 288 -47.21 -22.02 -45.40
N LEU F 289 -46.02 -22.61 -45.51
CA LEU F 289 -44.98 -22.34 -44.52
C LEU F 289 -44.28 -21.01 -44.77
N TYR F 290 -44.37 -20.47 -45.99
CA TYR F 290 -43.73 -19.19 -46.27
C TYR F 290 -44.45 -18.02 -45.60
N ALA F 291 -45.78 -18.13 -45.48
CA ALA F 291 -46.57 -17.07 -44.88
C ALA F 291 -46.91 -17.33 -43.41
N ASN F 292 -46.31 -18.35 -42.79
CA ASN F 292 -46.66 -18.72 -41.42
C ASN F 292 -45.39 -18.92 -40.60
N ASN F 293 -44.47 -17.97 -40.69
CA ASN F 293 -43.19 -18.06 -40.00
C ASN F 293 -43.34 -17.49 -38.60
N VAL F 294 -43.53 -18.38 -37.63
CA VAL F 294 -43.70 -18.01 -36.24
C VAL F 294 -42.33 -17.98 -35.58
N MET F 295 -42.04 -16.92 -34.83
CA MET F 295 -40.79 -16.83 -34.06
C MET F 295 -41.14 -16.75 -32.59
N SER F 296 -40.69 -17.73 -31.82
CA SER F 296 -40.95 -17.81 -30.38
C SER F 296 -39.64 -17.65 -29.63
N GLY F 297 -39.74 -17.66 -28.30
CA GLY F 297 -38.57 -17.53 -27.46
C GLY F 297 -38.21 -16.10 -27.15
N GLY F 298 -37.58 -15.88 -26.00
CA GLY F 298 -37.16 -14.53 -25.63
C GLY F 298 -35.94 -14.05 -26.38
N THR F 299 -35.17 -15.00 -26.97
CA THR F 299 -34.00 -14.68 -27.78
C THR F 299 -34.38 -13.92 -29.04
N THR F 300 -35.59 -14.17 -29.56
CA THR F 300 -36.15 -13.41 -30.66
C THR F 300 -36.86 -12.12 -30.22
N MET F 301 -36.59 -11.64 -29.00
CA MET F 301 -37.20 -10.41 -28.52
C MET F 301 -36.35 -9.17 -28.77
N TYR F 302 -35.37 -9.24 -29.67
CA TYR F 302 -34.71 -8.02 -30.11
C TYR F 302 -35.66 -7.21 -30.99
N PRO F 303 -35.64 -5.87 -30.89
CA PRO F 303 -36.58 -5.08 -31.69
C PRO F 303 -36.07 -4.70 -33.08
N GLY F 304 -35.45 -5.65 -33.79
CA GLY F 304 -35.14 -5.43 -35.19
C GLY F 304 -35.22 -6.71 -36.00
N ILE F 305 -35.69 -7.78 -35.36
CA ILE F 305 -35.46 -9.12 -35.89
C ILE F 305 -36.44 -9.48 -37.02
N ALA F 306 -37.63 -8.88 -37.03
CA ALA F 306 -38.68 -9.32 -37.95
C ALA F 306 -38.45 -8.82 -39.37
N ASP F 307 -38.03 -7.56 -39.51
CA ASP F 307 -37.79 -6.98 -40.83
C ASP F 307 -36.54 -7.54 -41.47
N ARG F 308 -35.49 -7.75 -40.67
CA ARG F 308 -34.28 -8.41 -41.15
C ARG F 308 -34.53 -9.86 -41.51
N MET F 309 -35.36 -10.56 -40.72
CA MET F 309 -35.67 -11.96 -41.00
C MET F 309 -36.53 -12.10 -42.26
N GLN F 310 -37.49 -11.18 -42.46
CA GLN F 310 -38.29 -11.17 -43.67
C GLN F 310 -37.46 -10.80 -44.89
N LYS F 311 -36.49 -9.88 -44.72
CA LYS F 311 -35.56 -9.50 -45.78
C LYS F 311 -34.65 -10.66 -46.18
N GLU F 312 -34.14 -11.40 -45.19
CA GLU F 312 -33.25 -12.51 -45.48
C GLU F 312 -33.99 -13.70 -46.09
N ILE F 313 -35.22 -13.97 -45.62
CA ILE F 313 -36.01 -15.06 -46.19
C ILE F 313 -36.47 -14.71 -47.61
N THR F 314 -36.85 -13.44 -47.82
CA THR F 314 -37.28 -12.95 -49.13
C THR F 314 -36.12 -12.94 -50.12
N ALA F 315 -34.89 -12.70 -49.62
CA ALA F 315 -33.71 -12.91 -50.44
C ALA F 315 -33.47 -14.39 -50.74
N LEU F 316 -33.70 -15.26 -49.74
CA LEU F 316 -33.43 -16.69 -49.93
C LEU F 316 -34.52 -17.36 -50.76
N ALA F 317 -35.78 -17.13 -50.41
CA ALA F 317 -36.88 -17.68 -51.19
C ALA F 317 -37.00 -16.93 -52.52
N PRO F 318 -37.56 -17.56 -53.55
CA PRO F 318 -37.94 -16.80 -54.75
C PRO F 318 -39.12 -15.90 -54.47
N SER F 319 -39.36 -14.98 -55.40
CA SER F 319 -40.41 -13.98 -55.28
C SER F 319 -41.81 -14.49 -55.62
N THR F 320 -42.00 -15.80 -55.75
CA THR F 320 -43.29 -16.43 -55.97
C THR F 320 -44.26 -16.21 -54.82
N MET F 321 -43.89 -16.66 -53.62
CA MET F 321 -44.84 -16.86 -52.53
C MET F 321 -44.71 -15.79 -51.46
N LYS F 322 -45.79 -15.61 -50.71
CA LYS F 322 -45.89 -14.56 -49.71
C LYS F 322 -45.05 -14.89 -48.49
N ILE F 323 -44.21 -13.95 -48.07
CA ILE F 323 -43.39 -14.08 -46.87
C ILE F 323 -44.04 -13.28 -45.76
N LYS F 324 -44.35 -13.95 -44.65
CA LYS F 324 -45.00 -13.31 -43.52
C LYS F 324 -44.42 -13.87 -42.23
N ILE F 325 -43.83 -13.00 -41.42
CA ILE F 325 -43.21 -13.39 -40.16
C ILE F 325 -44.21 -13.12 -39.04
N ILE F 326 -44.53 -14.16 -38.28
CA ILE F 326 -45.46 -14.05 -37.17
C ILE F 326 -44.67 -13.77 -35.91
N ALA F 327 -44.82 -12.56 -35.36
CA ALA F 327 -44.09 -12.12 -34.18
C ALA F 327 -45.07 -11.54 -33.16
N PRO F 328 -45.63 -12.39 -32.30
CA PRO F 328 -46.49 -11.86 -31.24
C PRO F 328 -45.65 -11.19 -30.15
N PRO F 329 -46.22 -10.20 -29.45
CA PRO F 329 -45.48 -9.59 -28.34
C PRO F 329 -45.33 -10.49 -27.12
N GLU F 330 -46.23 -11.46 -26.95
CA GLU F 330 -46.21 -12.37 -25.81
C GLU F 330 -45.46 -13.67 -26.12
N ARG F 331 -44.47 -13.62 -27.01
CA ARG F 331 -43.83 -14.83 -27.53
C ARG F 331 -42.94 -15.52 -26.50
N LYS F 332 -42.41 -14.74 -25.55
CA LYS F 332 -41.44 -15.24 -24.56
C LYS F 332 -42.04 -16.27 -23.62
N TYR F 333 -43.33 -16.15 -23.32
CA TYR F 333 -44.04 -17.12 -22.50
C TYR F 333 -44.92 -18.03 -23.32
N SER F 334 -44.81 -17.99 -24.67
CA SER F 334 -45.85 -18.49 -25.57
C SER F 334 -45.99 -20.00 -25.50
N VAL F 335 -44.87 -20.69 -25.29
CA VAL F 335 -44.84 -22.14 -25.11
C VAL F 335 -45.66 -22.55 -23.89
N TRP F 336 -45.48 -21.82 -22.78
CA TRP F 336 -46.31 -21.98 -21.58
C TRP F 336 -47.77 -21.67 -21.89
N ILE F 337 -47.98 -20.61 -22.68
CA ILE F 337 -49.31 -20.19 -23.11
C ILE F 337 -49.95 -21.27 -23.95
N GLY F 338 -49.14 -21.90 -24.83
CA GLY F 338 -49.63 -23.01 -25.62
C GLY F 338 -49.89 -24.24 -24.79
N GLY F 339 -49.09 -24.42 -23.73
CA GLY F 339 -49.34 -25.48 -22.78
C GLY F 339 -50.63 -25.26 -22.01
N SER F 340 -50.93 -23.99 -21.69
CA SER F 340 -52.20 -23.64 -21.08
C SER F 340 -53.34 -23.84 -22.06
N ILE F 341 -53.08 -23.61 -23.35
CA ILE F 341 -54.04 -23.92 -24.41
C ILE F 341 -54.24 -25.42 -24.50
N LEU F 342 -53.16 -26.18 -24.29
CA LEU F 342 -53.33 -27.62 -24.29
C LEU F 342 -53.78 -28.15 -22.94
N ALA F 343 -53.93 -27.29 -21.92
CA ALA F 343 -54.24 -27.80 -20.60
C ALA F 343 -55.73 -28.05 -20.41
N SER F 344 -56.57 -27.10 -20.80
CA SER F 344 -57.97 -27.11 -20.44
C SER F 344 -58.86 -27.82 -21.45
N LEU F 345 -58.30 -28.49 -22.45
CA LEU F 345 -59.11 -29.04 -23.52
C LEU F 345 -59.75 -30.36 -23.12
N SER F 346 -60.89 -30.64 -23.74
CA SER F 346 -61.72 -31.78 -23.33
C SER F 346 -61.14 -33.10 -23.83
N THR F 347 -60.52 -33.11 -25.01
CA THR F 347 -60.01 -34.35 -25.58
C THR F 347 -58.62 -34.70 -25.09
N PHE F 348 -58.04 -33.88 -24.21
CA PHE F 348 -56.73 -34.14 -23.63
C PHE F 348 -56.79 -35.17 -22.50
N GLN F 349 -57.99 -35.54 -22.04
CA GLN F 349 -58.13 -36.44 -20.90
C GLN F 349 -57.75 -37.87 -21.26
N GLN F 350 -58.00 -38.28 -22.50
CA GLN F 350 -57.53 -39.59 -22.94
C GLN F 350 -56.04 -39.58 -23.21
N MET F 351 -55.46 -38.40 -23.48
CA MET F 351 -54.05 -38.31 -23.83
C MET F 351 -53.14 -38.18 -22.62
N TRP F 352 -53.70 -38.14 -21.40
CA TRP F 352 -52.88 -38.05 -20.20
C TRP F 352 -52.19 -39.38 -19.93
N ILE F 353 -50.88 -39.32 -19.70
CA ILE F 353 -50.10 -40.50 -19.35
C ILE F 353 -50.28 -40.74 -17.86
N THR F 354 -51.00 -41.80 -17.51
CA THR F 354 -51.38 -42.04 -16.13
C THR F 354 -50.27 -42.74 -15.36
N LYS F 355 -50.51 -42.89 -14.05
CA LYS F 355 -49.61 -43.65 -13.19
C LYS F 355 -49.65 -45.13 -13.54
N GLN F 356 -50.84 -45.64 -13.91
CA GLN F 356 -51.01 -47.05 -14.25
C GLN F 356 -50.30 -47.41 -15.54
N GLU F 357 -50.32 -46.49 -16.52
CA GLU F 357 -49.58 -46.70 -17.77
C GLU F 357 -48.08 -46.62 -17.54
N TYR F 358 -47.65 -45.81 -16.57
CA TYR F 358 -46.25 -45.74 -16.19
C TYR F 358 -45.80 -47.04 -15.52
N ASP F 359 -46.66 -47.62 -14.69
CA ASP F 359 -46.31 -48.88 -14.04
C ASP F 359 -46.38 -50.04 -15.03
N GLU F 360 -47.25 -49.94 -16.03
CA GLU F 360 -47.37 -50.99 -17.03
C GLU F 360 -46.20 -50.98 -18.00
N ALA F 361 -45.80 -49.79 -18.48
CA ALA F 361 -44.88 -49.72 -19.62
C ALA F 361 -43.55 -49.05 -19.27
N GLY F 362 -43.24 -48.87 -17.99
CA GLY F 362 -42.04 -48.17 -17.59
C GLY F 362 -42.16 -46.68 -17.85
N PRO F 363 -41.04 -45.97 -17.89
CA PRO F 363 -41.04 -44.61 -18.46
C PRO F 363 -40.82 -44.58 -19.96
N SER F 364 -41.46 -45.48 -20.70
CA SER F 364 -41.22 -45.65 -22.12
C SER F 364 -42.47 -45.54 -22.98
N ILE F 365 -43.64 -45.35 -22.36
CA ILE F 365 -44.87 -45.10 -23.10
C ILE F 365 -44.93 -43.65 -23.58
N VAL F 366 -44.06 -42.78 -23.07
CA VAL F 366 -43.98 -41.39 -23.53
C VAL F 366 -43.38 -41.32 -24.94
N HIS F 367 -42.57 -42.32 -25.31
CA HIS F 367 -42.01 -42.36 -26.66
C HIS F 367 -43.06 -42.76 -27.69
N ARG F 368 -43.91 -43.73 -27.34
CA ARG F 368 -44.95 -44.18 -28.26
C ARG F 368 -46.22 -43.35 -28.18
N LYS F 369 -46.38 -42.55 -27.13
CA LYS F 369 -47.56 -41.72 -26.97
C LYS F 369 -47.32 -40.30 -27.49
N CYS F 370 -46.34 -39.62 -26.93
CA CYS F 370 -45.94 -38.32 -27.42
C CYS F 370 -44.99 -38.49 -28.59
N PHE F 371 -45.01 -37.56 -29.52
CA PHE F 371 -44.17 -37.63 -30.70
C PHE F 371 -42.72 -37.28 -30.35
N VAL G 1 -17.26 -1.90 -97.65
CA VAL G 1 -17.66 -0.51 -97.39
C VAL G 1 -18.05 -0.06 -95.90
N PRO G 2 -18.59 -0.88 -94.98
CA PRO G 2 -18.83 -0.33 -93.62
C PRO G 2 -17.55 -0.22 -92.81
N SER G 3 -17.66 0.53 -91.70
CA SER G 3 -16.49 0.85 -90.88
C SER G 3 -16.05 -0.34 -90.05
N HIS G 4 -16.99 -1.19 -89.61
CA HIS G 4 -16.65 -2.28 -88.70
C HIS G 4 -15.95 -3.43 -89.44
N ARG G 5 -16.19 -3.57 -90.74
CA ARG G 5 -15.50 -4.61 -91.50
C ARG G 5 -14.07 -4.24 -91.85
N ARG G 6 -13.71 -2.96 -91.76
CA ARG G 6 -12.36 -2.51 -92.07
C ARG G 6 -11.44 -2.85 -90.89
N VAL G 7 -10.98 -4.10 -90.89
CA VAL G 7 -10.11 -4.61 -89.84
C VAL G 7 -8.74 -4.86 -90.46
N ASN G 8 -7.70 -4.30 -89.84
CA ASN G 8 -6.34 -4.60 -90.22
C ASN G 8 -5.98 -6.03 -89.84
N PRO G 9 -5.24 -6.74 -90.69
CA PRO G 9 -4.92 -8.15 -90.40
C PRO G 9 -3.84 -8.27 -89.32
N PRO G 10 -4.02 -9.16 -88.35
CA PRO G 10 -3.03 -9.30 -87.29
C PRO G 10 -1.80 -10.06 -87.74
N THR G 11 -0.63 -9.62 -87.24
CA THR G 11 0.63 -10.28 -87.55
C THR G 11 0.73 -11.61 -86.81
N LEU G 12 0.38 -11.62 -85.53
CA LEU G 12 0.43 -12.84 -84.72
C LEU G 12 -0.91 -13.55 -84.75
N ARG G 13 -0.90 -14.80 -84.27
CA ARG G 13 -2.11 -15.60 -84.20
C ARG G 13 -2.98 -15.15 -83.03
N MET G 14 -4.26 -14.96 -83.28
CA MET G 14 -5.20 -14.45 -82.29
C MET G 14 -6.14 -15.56 -81.83
N LYS G 15 -6.58 -15.44 -80.58
CA LYS G 15 -7.51 -16.43 -80.01
C LYS G 15 -8.91 -16.23 -80.58
N LYS G 16 -9.64 -17.34 -80.69
CA LYS G 16 -10.93 -17.35 -81.38
C LYS G 16 -12.08 -17.28 -80.37
N LEU G 17 -12.98 -16.32 -80.58
CA LEU G 17 -14.22 -16.22 -79.83
C LEU G 17 -15.26 -17.15 -80.47
N ASN G 18 -16.29 -17.51 -79.69
CA ASN G 18 -17.35 -18.38 -80.18
C ASN G 18 -18.67 -17.63 -80.10
N TRP G 19 -19.24 -17.32 -81.27
CA TRP G 19 -20.61 -16.84 -81.35
C TRP G 19 -21.20 -17.33 -82.66
N GLN G 20 -22.53 -17.37 -82.71
CA GLN G 20 -23.26 -17.83 -83.89
C GLN G 20 -23.45 -16.66 -84.85
N LYS G 21 -22.97 -16.82 -86.08
CA LYS G 21 -22.90 -15.72 -87.04
C LYS G 21 -24.28 -15.40 -87.59
N LEU G 22 -24.74 -14.17 -87.34
CA LEU G 22 -25.96 -13.67 -87.95
C LEU G 22 -25.75 -13.41 -89.43
N PRO G 23 -26.80 -13.56 -90.24
CA PRO G 23 -26.69 -13.14 -91.65
C PRO G 23 -26.59 -11.63 -91.77
N SER G 24 -25.95 -11.19 -92.86
CA SER G 24 -25.70 -9.77 -93.07
C SER G 24 -26.98 -9.03 -93.45
N ASN G 25 -27.89 -9.71 -94.16
CA ASN G 25 -29.14 -9.07 -94.56
C ASN G 25 -30.11 -8.93 -93.38
N VAL G 26 -30.08 -9.89 -92.46
CA VAL G 26 -30.92 -9.82 -91.26
C VAL G 26 -30.42 -8.73 -90.31
N ALA G 27 -29.09 -8.62 -90.17
CA ALA G 27 -28.52 -7.63 -89.26
C ALA G 27 -28.62 -6.21 -89.83
N ARG G 28 -28.65 -6.06 -91.14
CA ARG G 28 -28.84 -4.75 -91.77
C ARG G 28 -30.30 -4.42 -92.06
N GLU G 29 -31.23 -5.03 -91.34
CA GLU G 29 -32.63 -4.65 -91.48
C GLU G 29 -32.89 -3.30 -90.83
N HIS G 30 -33.96 -2.63 -91.29
CA HIS G 30 -34.30 -1.31 -90.78
C HIS G 30 -34.85 -1.36 -89.36
N ASN G 31 -35.44 -2.49 -88.96
CA ASN G 31 -35.82 -2.72 -87.58
C ASN G 31 -34.70 -3.31 -86.74
N SER G 32 -33.59 -3.69 -87.37
CA SER G 32 -32.50 -4.35 -86.66
C SER G 32 -31.60 -3.33 -85.98
N MET G 33 -30.75 -3.84 -85.08
CA MET G 33 -29.89 -2.99 -84.27
C MET G 33 -28.69 -2.47 -85.06
N TRP G 34 -28.23 -3.21 -86.05
CA TRP G 34 -26.89 -3.07 -86.60
C TRP G 34 -26.82 -2.22 -87.87
N ALA G 35 -27.96 -1.90 -88.49
CA ALA G 35 -27.95 -1.08 -89.70
C ALA G 35 -27.61 0.37 -89.38
N SER G 36 -28.06 0.86 -88.22
CA SER G 36 -27.66 2.19 -87.77
C SER G 36 -26.20 2.21 -87.33
N LEU G 37 -25.71 1.07 -86.82
CA LEU G 37 -24.30 0.97 -86.44
C LEU G 37 -23.39 0.88 -87.66
N SER G 38 -23.90 0.36 -88.77
CA SER G 38 -23.13 0.32 -90.01
C SER G 38 -23.06 1.68 -90.70
N SER G 39 -23.90 2.63 -90.30
CA SER G 39 -23.83 3.99 -90.83
C SER G 39 -22.57 4.69 -90.32
N PRO G 40 -21.95 5.54 -91.15
CA PRO G 40 -20.72 6.21 -90.70
C PRO G 40 -20.95 7.33 -89.71
N ASP G 41 -22.18 7.84 -89.57
CA ASP G 41 -22.46 8.88 -88.59
C ASP G 41 -22.53 8.34 -87.17
N ALA G 42 -22.69 7.02 -87.00
CA ALA G 42 -22.65 6.42 -85.68
C ALA G 42 -21.24 6.42 -85.12
N GLU G 43 -21.14 6.34 -83.80
CA GLU G 43 -19.86 6.40 -83.10
C GLU G 43 -19.12 5.08 -83.28
N ALA G 44 -18.15 5.06 -84.18
CA ALA G 44 -17.33 3.88 -84.44
C ALA G 44 -16.16 3.89 -83.45
N VAL G 45 -16.29 3.12 -82.38
CA VAL G 45 -15.22 3.02 -81.39
C VAL G 45 -14.12 2.14 -81.97
N GLU G 46 -12.97 2.75 -82.25
CA GLU G 46 -11.85 2.02 -82.83
C GLU G 46 -11.15 1.22 -81.74
N PRO G 47 -11.05 -0.11 -81.87
CA PRO G 47 -10.34 -0.90 -80.86
C PRO G 47 -8.83 -0.72 -80.97
N ASP G 48 -8.17 -0.67 -79.82
CA ASP G 48 -6.72 -0.60 -79.75
C ASP G 48 -6.19 -1.99 -80.09
N PHE G 49 -5.84 -2.19 -81.36
CA PHE G 49 -5.42 -3.50 -81.85
C PHE G 49 -4.03 -3.88 -81.35
N SER G 50 -3.21 -2.88 -81.00
CA SER G 50 -1.88 -3.14 -80.47
C SER G 50 -1.95 -3.78 -79.08
N SER G 51 -2.92 -3.35 -78.26
CA SER G 51 -3.08 -3.91 -76.92
C SER G 51 -3.61 -5.33 -76.95
N ILE G 52 -4.54 -5.63 -77.87
CA ILE G 52 -5.08 -6.98 -78.00
C ILE G 52 -4.05 -7.91 -78.62
N GLU G 53 -3.24 -7.39 -79.56
CA GLU G 53 -2.14 -8.18 -80.12
C GLU G 53 -1.04 -8.41 -79.09
N ARG G 54 -0.86 -7.47 -78.17
CA ARG G 54 0.12 -7.64 -77.09
C ARG G 54 -0.37 -8.63 -76.04
N LEU G 55 -1.67 -8.63 -75.75
CA LEU G 55 -2.21 -9.40 -74.63
C LEU G 55 -2.76 -10.75 -75.07
N PHE G 56 -3.72 -10.75 -75.98
CA PHE G 56 -4.55 -11.92 -76.26
C PHE G 56 -4.01 -12.80 -77.37
N SER G 57 -2.80 -12.56 -77.86
CA SER G 57 -2.23 -13.39 -78.91
C SER G 57 -1.76 -14.73 -78.35
N PHE G 58 -1.50 -15.66 -79.26
CA PHE G 58 -1.05 -16.99 -78.85
C PHE G 58 0.43 -16.95 -78.45
N PRO G 59 0.78 -17.48 -77.28
CA PRO G 59 2.21 -17.61 -76.93
C PRO G 59 2.87 -18.77 -77.67
N ALA G 60 4.12 -18.55 -78.05
CA ALA G 60 4.87 -19.56 -78.80
C ALA G 60 5.45 -20.61 -77.86
N LYS H 1 -70.67 -31.69 -12.68
CA LYS H 1 -69.67 -32.19 -13.61
C LYS H 1 -70.07 -31.91 -15.06
N GLU H 2 -71.20 -32.50 -15.44
CA GLU H 2 -71.88 -32.47 -16.75
C GLU H 2 -70.91 -32.90 -17.87
N PRO H 3 -70.64 -34.20 -18.02
CA PRO H 3 -69.79 -34.62 -19.16
C PRO H 3 -70.56 -34.81 -20.45
N LYS H 4 -71.90 -34.84 -20.41
CA LYS H 4 -72.71 -35.09 -21.59
C LYS H 4 -72.82 -33.80 -22.39
N GLU H 5 -71.79 -33.56 -23.20
CA GLU H 5 -71.71 -32.32 -23.97
C GLU H 5 -72.61 -32.31 -25.20
N ILE H 6 -73.22 -33.46 -25.54
CA ILE H 6 -74.08 -33.83 -26.68
C ILE H 6 -73.44 -33.32 -27.98
N THR H 7 -72.14 -33.59 -28.08
CA THR H 7 -71.36 -33.15 -29.23
C THR H 7 -71.48 -34.19 -30.34
N PHE H 8 -71.99 -33.77 -31.49
CA PHE H 8 -72.18 -34.69 -32.61
C PHE H 8 -70.89 -34.95 -33.37
N LEU H 9 -69.84 -34.18 -33.13
CA LEU H 9 -68.55 -34.38 -33.77
C LEU H 9 -67.77 -35.49 -33.07
N ASP H 10 -66.64 -35.84 -33.68
CA ASP H 10 -65.66 -36.69 -33.03
C ASP H 10 -64.71 -35.85 -32.18
N ALA H 11 -63.67 -36.50 -31.64
CA ALA H 11 -62.75 -35.82 -30.73
C ALA H 11 -61.78 -34.92 -31.48
N LYS H 12 -61.28 -35.36 -32.65
CA LYS H 12 -60.19 -34.66 -33.33
C LYS H 12 -60.68 -33.38 -33.99
N LYS H 13 -61.85 -33.41 -34.63
CA LYS H 13 -62.36 -32.22 -35.30
C LYS H 13 -62.85 -31.18 -34.29
N SER H 14 -63.45 -31.64 -33.18
CA SER H 14 -63.81 -30.72 -32.11
C SER H 14 -62.59 -30.17 -31.39
N LEU H 15 -61.52 -30.97 -31.32
CA LEU H 15 -60.23 -30.52 -30.82
C LEU H 15 -59.62 -29.42 -31.69
N ASN H 16 -59.66 -29.61 -33.00
CA ASN H 16 -59.10 -28.62 -33.92
C ASN H 16 -59.97 -27.37 -33.98
N LEU H 17 -61.29 -27.51 -33.83
CA LEU H 17 -62.14 -26.33 -33.74
C LEU H 17 -61.97 -25.60 -32.41
N ASN H 18 -61.65 -26.33 -31.34
CA ASN H 18 -61.37 -25.65 -30.08
C ASN H 18 -59.99 -25.00 -30.08
N ILE H 19 -59.05 -25.54 -30.86
CA ILE H 19 -57.80 -24.83 -31.16
C ILE H 19 -58.08 -23.56 -31.97
N PHE H 20 -58.94 -23.69 -32.99
CA PHE H 20 -59.21 -22.62 -33.93
C PHE H 20 -60.01 -21.48 -33.30
N LEU H 21 -60.93 -21.83 -32.39
CA LEU H 21 -61.84 -20.84 -31.82
C LEU H 21 -61.15 -19.97 -30.77
N LYS H 22 -60.17 -20.53 -30.07
CA LYS H 22 -59.58 -19.87 -28.92
C LYS H 22 -58.60 -18.76 -29.31
N GLN H 23 -58.16 -18.73 -30.57
CA GLN H 23 -57.24 -17.69 -31.02
C GLN H 23 -57.95 -16.36 -31.26
N PHE H 24 -59.28 -16.35 -31.34
CA PHE H 24 -60.02 -15.11 -31.55
C PHE H 24 -60.15 -14.29 -30.28
N LYS H 25 -59.96 -14.94 -29.12
CA LYS H 25 -59.97 -14.34 -27.78
C LYS H 25 -61.29 -13.64 -27.45
N CYS H 26 -62.39 -14.22 -27.94
CA CYS H 26 -63.71 -13.65 -27.77
C CYS H 26 -64.73 -14.77 -27.93
N SER H 27 -66.00 -14.41 -27.72
CA SER H 27 -67.09 -15.37 -27.84
C SER H 27 -67.36 -15.71 -29.31
N ASN H 28 -68.05 -16.83 -29.52
CA ASN H 28 -68.38 -17.26 -30.88
C ASN H 28 -69.53 -16.45 -31.48
N GLU H 29 -70.27 -15.70 -30.67
CA GLU H 29 -71.30 -14.80 -31.20
C GLU H 29 -70.66 -13.63 -31.96
N GLU H 30 -69.51 -13.15 -31.48
CA GLU H 30 -68.74 -12.13 -32.21
C GLU H 30 -68.17 -12.70 -33.50
N VAL H 31 -67.80 -13.98 -33.48
CA VAL H 31 -67.30 -14.67 -34.68
C VAL H 31 -68.42 -14.81 -35.71
N ALA H 32 -69.62 -15.17 -35.26
CA ALA H 32 -70.77 -15.29 -36.16
C ALA H 32 -71.22 -13.92 -36.68
N ALA H 33 -71.08 -12.88 -35.85
CA ALA H 33 -71.36 -11.52 -36.29
C ALA H 33 -70.35 -11.04 -37.33
N MET H 34 -69.06 -11.39 -37.15
CA MET H 34 -68.04 -11.01 -38.12
C MET H 34 -68.15 -11.81 -39.42
N ILE H 35 -68.67 -13.03 -39.34
CA ILE H 35 -69.02 -13.78 -40.56
C ILE H 35 -70.19 -13.10 -41.27
N ARG H 36 -71.21 -12.70 -40.49
CA ARG H 36 -72.41 -12.12 -41.08
C ARG H 36 -72.17 -10.70 -41.58
N ALA H 37 -71.31 -9.92 -40.89
CA ALA H 37 -71.00 -8.59 -41.39
C ALA H 37 -69.96 -8.61 -42.50
N GLY H 38 -69.26 -9.73 -42.71
CA GLY H 38 -68.23 -9.78 -43.73
C GLY H 38 -66.96 -9.03 -43.38
N ASP H 39 -66.67 -8.87 -42.10
CA ASP H 39 -65.48 -8.14 -41.66
C ASP H 39 -64.24 -8.99 -41.89
N THR H 40 -63.31 -8.47 -42.69
CA THR H 40 -62.11 -9.19 -43.07
C THR H 40 -60.86 -8.72 -42.35
N THR H 41 -61.01 -7.98 -41.24
CA THR H 41 -59.85 -7.49 -40.51
C THR H 41 -59.15 -8.61 -39.76
N LYS H 42 -59.90 -9.45 -39.05
CA LYS H 42 -59.34 -10.57 -38.31
C LYS H 42 -59.28 -11.85 -39.13
N PHE H 43 -59.68 -11.81 -40.40
CA PHE H 43 -59.85 -13.01 -41.21
C PHE H 43 -58.90 -12.92 -42.41
N ASP H 44 -57.71 -13.49 -42.24
CA ASP H 44 -56.75 -13.63 -43.34
C ASP H 44 -57.03 -14.94 -44.09
N VAL H 45 -56.06 -15.34 -44.92
CA VAL H 45 -56.21 -16.53 -45.76
C VAL H 45 -56.18 -17.81 -44.92
N GLU H 46 -55.34 -17.84 -43.88
CA GLU H 46 -55.11 -19.06 -43.11
C GLU H 46 -56.29 -19.37 -42.19
N VAL H 47 -56.90 -18.34 -41.61
CA VAL H 47 -58.04 -18.51 -40.71
C VAL H 47 -59.26 -19.00 -41.48
N LEU H 48 -59.51 -18.43 -42.65
CA LEU H 48 -60.62 -18.88 -43.47
C LEU H 48 -60.34 -20.23 -44.12
N LYS H 49 -59.06 -20.56 -44.36
CA LYS H 49 -58.68 -21.89 -44.82
C LYS H 49 -58.94 -22.95 -43.75
N GLN H 50 -58.63 -22.62 -42.49
CA GLN H 50 -58.92 -23.54 -41.39
C GLN H 50 -60.41 -23.64 -41.12
N LEU H 51 -61.15 -22.56 -41.36
CA LEU H 51 -62.59 -22.56 -41.16
C LEU H 51 -63.28 -23.40 -42.24
N LEU H 52 -62.81 -23.31 -43.49
CA LEU H 52 -63.35 -24.16 -44.54
C LEU H 52 -62.87 -25.60 -44.40
N LYS H 53 -61.72 -25.82 -43.79
CA LYS H 53 -61.27 -27.18 -43.50
C LYS H 53 -61.95 -27.79 -42.28
N LEU H 54 -62.66 -26.99 -41.50
CA LEU H 54 -63.46 -27.48 -40.38
C LEU H 54 -64.94 -27.14 -40.58
N LEU H 55 -65.43 -27.36 -41.80
CA LEU H 55 -66.83 -27.15 -42.11
C LEU H 55 -67.70 -28.21 -41.45
N PRO H 56 -68.94 -27.87 -41.07
CA PRO H 56 -69.87 -28.90 -40.59
C PRO H 56 -70.31 -29.82 -41.72
N GLU H 57 -70.55 -31.07 -41.36
CA GLU H 57 -70.93 -32.11 -42.31
C GLU H 57 -72.45 -32.26 -42.34
N LYS H 58 -72.91 -33.18 -43.21
CA LYS H 58 -74.33 -33.33 -43.48
C LYS H 58 -75.07 -33.96 -42.30
N HIS H 59 -74.51 -35.03 -41.73
CA HIS H 59 -75.10 -35.64 -40.54
C HIS H 59 -74.94 -34.76 -39.31
N GLU H 60 -73.88 -33.94 -39.27
CA GLU H 60 -73.70 -33.00 -38.17
C GLU H 60 -74.75 -31.89 -38.20
N ILE H 61 -75.03 -31.34 -39.38
CA ILE H 61 -76.07 -30.32 -39.57
C ILE H 61 -77.45 -30.92 -39.30
N GLU H 62 -77.66 -32.17 -39.72
CA GLU H 62 -78.93 -32.86 -39.46
C GLU H 62 -79.13 -33.16 -37.97
N ASN H 63 -78.06 -33.50 -37.25
CA ASN H 63 -78.17 -33.74 -35.82
C ASN H 63 -78.33 -32.44 -35.03
N LEU H 64 -77.74 -31.35 -35.53
CA LEU H 64 -77.95 -30.04 -34.90
C LEU H 64 -79.38 -29.55 -35.10
N ARG H 65 -79.93 -29.78 -36.29
CA ARG H 65 -81.32 -29.37 -36.54
C ARG H 65 -82.31 -30.31 -35.87
N ALA H 66 -81.91 -31.54 -35.55
CA ALA H 66 -82.77 -32.44 -34.79
C ALA H 66 -82.58 -32.32 -33.28
N PHE H 67 -81.68 -31.46 -32.82
CA PHE H 67 -81.47 -31.27 -31.39
C PHE H 67 -82.58 -30.40 -30.84
N THR H 68 -83.42 -30.99 -29.97
CA THR H 68 -84.59 -30.30 -29.43
C THR H 68 -84.46 -29.92 -27.97
N GLU H 69 -83.35 -30.26 -27.32
CA GLU H 69 -83.17 -29.94 -25.90
C GLU H 69 -82.57 -28.54 -25.77
N GLU H 70 -82.09 -28.21 -24.57
CA GLU H 70 -81.58 -26.88 -24.27
C GLU H 70 -80.22 -26.67 -24.92
N ARG H 71 -80.03 -25.51 -25.54
CA ARG H 71 -78.83 -25.23 -26.31
C ARG H 71 -77.62 -24.91 -25.43
N ALA H 72 -77.84 -24.66 -24.13
CA ALA H 72 -76.72 -24.50 -23.21
C ALA H 72 -76.07 -25.85 -22.88
N LYS H 73 -76.78 -26.96 -23.09
CA LYS H 73 -76.22 -28.28 -22.88
C LYS H 73 -75.19 -28.66 -23.94
N LEU H 74 -75.21 -28.01 -25.10
CA LEU H 74 -74.23 -28.27 -26.14
C LEU H 74 -72.87 -27.72 -25.76
N ALA H 75 -71.84 -28.18 -26.48
CA ALA H 75 -70.50 -27.63 -26.32
C ALA H 75 -70.39 -26.31 -27.07
N SER H 76 -69.20 -25.70 -26.96
CA SER H 76 -68.95 -24.45 -27.68
C SER H 76 -68.81 -24.66 -29.18
N ALA H 77 -68.38 -25.87 -29.56
CA ALA H 77 -68.28 -26.22 -30.98
C ALA H 77 -69.65 -26.35 -31.63
N ASP H 78 -70.58 -27.03 -30.96
CA ASP H 78 -71.92 -27.21 -31.50
C ASP H 78 -72.74 -25.94 -31.41
N HIS H 79 -72.48 -25.11 -30.39
CA HIS H 79 -73.13 -23.80 -30.31
C HIS H 79 -72.58 -22.85 -31.38
N PHE H 80 -71.29 -22.98 -31.70
CA PHE H 80 -70.70 -22.19 -32.78
C PHE H 80 -71.23 -22.63 -34.14
N TYR H 81 -71.44 -23.94 -34.34
CA TYR H 81 -72.11 -24.39 -35.56
C TYR H 81 -73.59 -24.03 -35.61
N LEU H 82 -74.27 -23.91 -34.47
CA LEU H 82 -75.64 -23.42 -34.51
C LEU H 82 -75.69 -21.93 -34.84
N LEU H 83 -74.74 -21.15 -34.34
CA LEU H 83 -74.60 -19.76 -34.74
C LEU H 83 -74.19 -19.64 -36.20
N LEU H 84 -73.40 -20.59 -36.69
CA LEU H 84 -72.99 -20.63 -38.09
C LEU H 84 -74.16 -21.01 -39.01
N LEU H 85 -75.02 -21.93 -38.54
CA LEU H 85 -76.21 -22.31 -39.29
C LEU H 85 -77.28 -21.23 -39.24
N ALA H 86 -77.23 -20.35 -38.23
CA ALA H 86 -78.16 -19.23 -38.17
C ALA H 86 -77.89 -18.19 -39.25
N ILE H 87 -76.66 -18.10 -39.73
CA ILE H 87 -76.31 -17.15 -40.80
C ILE H 87 -76.77 -17.70 -42.14
N PRO H 88 -77.60 -16.95 -42.89
CA PRO H 88 -77.98 -17.42 -44.22
C PRO H 88 -76.85 -17.23 -45.22
N CYS H 89 -76.63 -18.28 -46.03
CA CYS H 89 -75.55 -18.39 -47.02
C CYS H 89 -74.16 -18.16 -46.41
N TYR H 90 -73.91 -18.85 -45.29
CA TYR H 90 -72.72 -18.63 -44.48
C TYR H 90 -71.45 -19.07 -45.20
N GLN H 91 -71.52 -20.19 -45.93
CA GLN H 91 -70.37 -20.69 -46.68
C GLN H 91 -70.06 -19.79 -47.87
N LEU H 92 -71.11 -19.20 -48.45
CA LEU H 92 -70.95 -18.19 -49.48
C LEU H 92 -70.27 -16.94 -48.95
N ARG H 93 -70.62 -16.50 -47.73
CA ARG H 93 -70.00 -15.32 -47.12
C ARG H 93 -68.54 -15.58 -46.78
N ILE H 94 -68.23 -16.78 -46.30
CA ILE H 94 -66.85 -17.17 -46.00
C ILE H 94 -66.01 -17.23 -47.27
N GLU H 95 -66.61 -17.76 -48.35
CA GLU H 95 -65.93 -17.80 -49.64
C GLU H 95 -65.75 -16.43 -50.27
N CYS H 96 -66.70 -15.50 -50.05
CA CYS H 96 -66.51 -14.11 -50.50
C CYS H 96 -65.39 -13.40 -49.74
N MET H 97 -65.33 -13.59 -48.42
CA MET H 97 -64.27 -12.96 -47.62
C MET H 97 -62.89 -13.53 -47.96
N LEU H 98 -62.82 -14.86 -48.14
CA LEU H 98 -61.57 -15.52 -48.51
C LEU H 98 -61.12 -15.15 -49.92
N LEU H 99 -62.06 -15.06 -50.87
CA LEU H 99 -61.70 -14.72 -52.23
C LEU H 99 -61.37 -13.25 -52.38
N CYS H 100 -61.99 -12.38 -51.58
CA CYS H 100 -61.66 -10.96 -51.62
C CYS H 100 -60.28 -10.68 -51.03
N GLU H 101 -59.96 -11.33 -49.90
CA GLU H 101 -58.63 -11.17 -49.29
C GLU H 101 -57.55 -11.83 -50.13
N GLY H 102 -57.84 -13.00 -50.71
CA GLY H 102 -56.91 -13.65 -51.61
C GLY H 102 -56.72 -12.92 -52.91
N ALA H 103 -57.79 -12.26 -53.41
CA ALA H 103 -57.69 -11.49 -54.63
C ALA H 103 -56.88 -10.22 -54.42
N ALA H 104 -57.04 -9.59 -53.25
CA ALA H 104 -56.21 -8.44 -52.89
C ALA H 104 -54.74 -8.83 -52.72
N ALA H 105 -54.50 -10.02 -52.13
CA ALA H 105 -53.13 -10.52 -51.94
C ALA H 105 -52.46 -10.86 -53.27
N VAL H 106 -53.17 -11.54 -54.17
CA VAL H 106 -52.59 -11.92 -55.47
C VAL H 106 -52.45 -10.69 -56.37
N LEU H 107 -53.33 -9.69 -56.25
CA LEU H 107 -53.19 -8.47 -57.04
C LEU H 107 -52.00 -7.62 -56.59
N ASP H 108 -51.82 -7.46 -55.27
CA ASP H 108 -50.63 -6.76 -54.77
C ASP H 108 -49.36 -7.57 -54.95
N MET H 109 -49.48 -8.90 -55.09
CA MET H 109 -48.33 -9.72 -55.44
C MET H 109 -47.93 -9.52 -56.90
N VAL H 110 -48.87 -9.70 -57.82
CA VAL H 110 -48.56 -9.86 -59.23
C VAL H 110 -48.35 -8.51 -59.92
N ARG H 111 -49.23 -7.53 -59.65
CA ARG H 111 -49.27 -6.28 -60.41
C ARG H 111 -48.01 -5.40 -60.37
N PRO H 112 -47.29 -5.18 -59.23
CA PRO H 112 -45.98 -4.50 -59.37
C PRO H 112 -44.93 -5.32 -60.10
N LYS H 113 -44.97 -6.66 -59.98
CA LYS H 113 -44.06 -7.51 -60.76
C LYS H 113 -44.40 -7.47 -62.24
N ALA H 114 -45.69 -7.40 -62.57
CA ALA H 114 -46.11 -7.30 -63.97
C ALA H 114 -45.76 -5.94 -64.57
N GLN H 115 -45.85 -4.89 -63.76
CA GLN H 115 -45.40 -3.56 -64.20
C GLN H 115 -43.88 -3.52 -64.36
N LEU H 116 -43.15 -4.25 -63.51
CA LEU H 116 -41.71 -4.39 -63.65
C LEU H 116 -41.33 -5.15 -64.91
N VAL H 117 -42.08 -6.19 -65.26
CA VAL H 117 -41.84 -6.98 -66.46
C VAL H 117 -42.16 -6.18 -67.73
N LEU H 118 -43.25 -5.38 -67.68
CA LEU H 118 -43.59 -4.51 -68.81
C LEU H 118 -42.58 -3.38 -69.00
N ALA H 119 -42.10 -2.80 -67.89
CA ALA H 119 -41.06 -1.79 -67.96
C ALA H 119 -39.72 -2.38 -68.39
N ALA H 120 -39.49 -3.66 -68.03
CA ALA H 120 -38.31 -4.39 -68.49
C ALA H 120 -38.33 -4.61 -70.00
N CYS H 121 -39.51 -4.96 -70.53
CA CYS H 121 -39.65 -5.14 -71.98
C CYS H 121 -39.54 -3.82 -72.73
N GLU H 122 -40.08 -2.74 -72.14
CA GLU H 122 -39.99 -1.42 -72.76
C GLU H 122 -38.57 -0.87 -72.75
N SER H 123 -37.79 -1.18 -71.70
CA SER H 123 -36.40 -0.77 -71.70
C SER H 123 -35.48 -1.73 -72.47
N LEU H 124 -35.93 -2.96 -72.73
CA LEU H 124 -35.13 -3.85 -73.57
C LEU H 124 -35.36 -3.59 -75.04
N LEU H 125 -36.55 -3.14 -75.43
CA LEU H 125 -36.77 -2.70 -76.80
C LEU H 125 -36.03 -1.40 -77.08
N THR H 126 -36.04 -0.47 -76.13
CA THR H 126 -35.41 0.83 -76.29
C THR H 126 -34.31 0.96 -75.24
N SER H 127 -33.07 0.70 -75.66
CA SER H 127 -31.91 0.84 -74.80
C SER H 127 -30.87 1.72 -75.51
N ARG H 128 -30.27 2.64 -74.77
CA ARG H 128 -29.43 3.66 -75.38
C ARG H 128 -28.02 3.14 -75.68
N GLN H 129 -27.31 2.69 -74.65
CA GLN H 129 -25.91 2.29 -74.81
C GLN H 129 -25.74 0.85 -75.26
N LEU H 130 -26.82 0.09 -75.32
CA LEU H 130 -26.74 -1.30 -75.81
C LEU H 130 -26.31 -1.47 -77.28
N PRO H 131 -26.77 -0.67 -78.28
CA PRO H 131 -26.16 -0.83 -79.63
C PRO H 131 -24.69 -0.43 -79.74
N ILE H 132 -24.24 0.57 -78.98
CA ILE H 132 -22.83 0.98 -79.02
C ILE H 132 -21.94 -0.08 -78.38
N PHE H 133 -22.41 -0.66 -77.26
CA PHE H 133 -21.68 -1.74 -76.59
C PHE H 133 -21.68 -3.02 -77.43
N CYS H 134 -22.80 -3.32 -78.09
CA CYS H 134 -22.84 -4.47 -78.99
C CYS H 134 -22.00 -4.26 -80.24
N GLN H 135 -21.88 -3.01 -80.72
CA GLN H 135 -21.00 -2.71 -81.83
C GLN H 135 -19.54 -2.85 -81.43
N LEU H 136 -19.20 -2.47 -80.20
CA LEU H 136 -17.84 -2.65 -79.68
C LEU H 136 -17.48 -4.13 -79.51
N ILE H 137 -18.43 -4.93 -79.00
CA ILE H 137 -18.25 -6.36 -78.84
C ILE H 137 -18.14 -7.05 -80.21
N LEU H 138 -18.93 -6.57 -81.19
CA LEU H 138 -18.88 -7.07 -82.56
C LEU H 138 -17.54 -6.75 -83.25
N ARG H 139 -17.02 -5.54 -83.04
CA ARG H 139 -15.74 -5.15 -83.64
C ARG H 139 -14.57 -5.89 -83.02
N ILE H 140 -14.61 -6.07 -81.70
CA ILE H 140 -13.57 -6.82 -80.98
C ILE H 140 -13.61 -8.31 -81.36
N GLY H 141 -14.81 -8.86 -81.53
CA GLY H 141 -14.93 -10.25 -81.96
C GLY H 141 -14.57 -10.47 -83.41
N ASN H 142 -14.81 -9.47 -84.27
CA ASN H 142 -14.39 -9.57 -85.67
C ASN H 142 -12.88 -9.43 -85.81
N PHE H 143 -12.25 -8.67 -84.90
CA PHE H 143 -10.79 -8.70 -84.84
C PHE H 143 -10.27 -10.02 -84.31
N LEU H 144 -10.96 -10.60 -83.31
CA LEU H 144 -10.49 -11.84 -82.68
C LEU H 144 -10.69 -13.05 -83.58
N ASN H 145 -11.81 -13.10 -84.29
CA ASN H 145 -12.10 -14.21 -85.19
C ASN H 145 -11.70 -13.93 -86.63
N TYR H 146 -10.66 -13.13 -86.84
CA TYR H 146 -10.20 -12.84 -88.20
C TYR H 146 -9.46 -14.05 -88.74
N GLY H 147 -10.00 -14.65 -89.81
CA GLY H 147 -9.49 -15.89 -90.34
C GLY H 147 -10.30 -17.12 -90.01
N SER H 148 -11.48 -16.97 -89.41
CA SER H 148 -12.36 -18.08 -89.09
C SER H 148 -13.72 -17.85 -89.72
N HIS H 149 -14.56 -18.90 -89.69
CA HIS H 149 -15.88 -18.80 -90.28
C HIS H 149 -16.85 -17.96 -89.44
N THR H 150 -16.60 -17.85 -88.14
CA THR H 150 -17.47 -17.04 -87.28
C THR H 150 -17.22 -15.55 -87.44
N GLY H 151 -16.04 -15.16 -87.93
CA GLY H 151 -15.71 -13.75 -88.04
C GLY H 151 -16.24 -13.10 -89.30
N ASP H 152 -15.99 -11.77 -89.34
CA ASP H 152 -16.51 -10.82 -90.34
C ASP H 152 -18.04 -10.93 -90.40
N ALA H 153 -18.66 -10.72 -89.25
CA ALA H 153 -20.11 -10.77 -89.10
C ALA H 153 -20.66 -9.39 -88.77
N ASP H 154 -21.95 -9.20 -89.06
CA ASP H 154 -22.61 -7.93 -88.78
C ASP H 154 -23.45 -7.97 -87.50
N GLY H 155 -23.46 -9.07 -86.76
CA GLY H 155 -24.24 -9.09 -85.53
C GLY H 155 -24.10 -10.40 -84.80
N PHE H 156 -24.76 -10.45 -83.63
CA PHE H 156 -24.81 -11.65 -82.81
C PHE H 156 -26.13 -11.70 -82.05
N LYS H 157 -26.40 -12.85 -81.45
CA LYS H 157 -27.60 -13.04 -80.65
C LYS H 157 -27.40 -12.54 -79.23
N ILE H 158 -28.47 -12.64 -78.43
CA ILE H 158 -28.43 -12.16 -77.05
C ILE H 158 -27.76 -13.19 -76.13
N SER H 159 -27.56 -14.42 -76.61
CA SER H 159 -26.83 -15.43 -75.84
C SER H 159 -25.32 -15.22 -75.86
N THR H 160 -24.83 -14.33 -76.74
CA THR H 160 -23.41 -14.00 -76.82
C THR H 160 -22.96 -13.25 -75.55
N LEU H 161 -23.87 -12.49 -74.93
CA LEU H 161 -23.57 -11.74 -73.70
C LEU H 161 -23.33 -12.68 -72.52
N LEU H 162 -23.99 -13.84 -72.51
CA LEU H 162 -23.65 -14.87 -71.53
C LEU H 162 -22.30 -15.52 -71.84
N LYS H 163 -21.93 -15.57 -73.11
CA LYS H 163 -20.67 -16.18 -73.54
C LYS H 163 -19.49 -15.23 -73.51
N LEU H 164 -19.69 -13.99 -73.04
CA LEU H 164 -18.60 -13.04 -72.96
C LEU H 164 -17.62 -13.40 -71.86
N THR H 165 -18.11 -13.92 -70.74
CA THR H 165 -17.25 -14.30 -69.62
C THR H 165 -16.61 -15.67 -69.83
N GLU H 166 -17.03 -16.42 -70.86
CA GLU H 166 -16.44 -17.72 -71.11
C GLU H 166 -15.02 -17.60 -71.69
N THR H 167 -14.77 -16.56 -72.48
CA THR H 167 -13.46 -16.37 -73.08
C THR H 167 -12.54 -15.60 -72.14
N LYS H 168 -11.36 -16.13 -71.89
CA LYS H 168 -10.42 -15.56 -70.93
C LYS H 168 -9.06 -15.37 -71.58
N SER H 169 -8.20 -14.61 -70.91
CA SER H 169 -6.88 -14.26 -71.42
C SER H 169 -5.87 -15.36 -71.13
N GLN H 170 -4.58 -15.04 -71.31
CA GLN H 170 -3.51 -15.97 -70.98
C GLN H 170 -3.37 -16.17 -69.47
N GLN H 171 -3.66 -15.13 -68.70
CA GLN H 171 -3.60 -15.21 -67.24
C GLN H 171 -4.77 -15.98 -66.64
N ASN H 172 -5.85 -16.15 -67.43
CA ASN H 172 -7.11 -16.82 -67.06
C ASN H 172 -7.80 -16.16 -65.86
N ARG H 173 -7.61 -14.85 -65.71
CA ARG H 173 -8.23 -14.03 -64.67
C ARG H 173 -8.97 -12.83 -65.24
N VAL H 174 -8.42 -12.19 -66.26
CA VAL H 174 -9.09 -11.11 -66.98
C VAL H 174 -9.83 -11.76 -68.14
N THR H 175 -11.15 -11.66 -68.14
CA THR H 175 -11.95 -12.26 -69.19
C THR H 175 -12.03 -11.33 -70.39
N LEU H 176 -12.88 -11.70 -71.35
CA LEU H 176 -13.17 -10.78 -72.46
C LEU H 176 -13.96 -9.58 -71.97
N LEU H 177 -14.98 -9.82 -71.13
CA LEU H 177 -15.83 -8.76 -70.60
C LEU H 177 -15.06 -7.83 -69.67
N HIS H 178 -14.12 -8.39 -68.89
CA HIS H 178 -13.29 -7.60 -68.00
C HIS H 178 -12.34 -6.68 -68.77
N HIS H 179 -11.80 -7.17 -69.88
CA HIS H 179 -10.91 -6.35 -70.71
C HIS H 179 -11.68 -5.26 -71.45
N VAL H 180 -12.88 -5.58 -71.94
CA VAL H 180 -13.74 -4.58 -72.59
C VAL H 180 -14.17 -3.50 -71.60
N LEU H 181 -14.46 -3.89 -70.35
CA LEU H 181 -14.83 -2.87 -69.37
C LEU H 181 -13.63 -2.08 -68.86
N GLU H 182 -12.44 -2.68 -68.85
CA GLU H 182 -11.24 -1.91 -68.52
C GLU H 182 -10.89 -0.92 -69.64
N GLU H 183 -11.20 -1.28 -70.88
CA GLU H 183 -11.03 -0.32 -71.98
C GLU H 183 -12.14 0.74 -71.97
N ALA H 184 -13.36 0.36 -71.61
CA ALA H 184 -14.49 1.30 -71.64
C ALA H 184 -14.48 2.23 -70.43
N GLU H 185 -13.76 1.87 -69.37
CA GLU H 185 -13.57 2.79 -68.26
C GLU H 185 -12.66 3.95 -68.64
N LYS H 186 -11.77 3.74 -69.62
CA LYS H 186 -10.84 4.78 -70.04
C LYS H 186 -11.38 5.59 -71.22
N SER H 187 -12.10 4.96 -72.14
CA SER H 187 -12.48 5.60 -73.40
C SER H 187 -13.92 6.12 -73.41
N HIS H 188 -14.88 5.23 -73.18
CA HIS H 188 -16.31 5.55 -73.34
C HIS H 188 -17.06 5.21 -72.06
N PRO H 189 -17.13 6.14 -71.09
CA PRO H 189 -17.75 5.81 -69.79
C PRO H 189 -19.27 5.76 -69.81
N ASP H 190 -19.92 6.20 -70.90
CA ASP H 190 -21.39 6.22 -70.98
C ASP H 190 -21.98 4.81 -71.02
N LEU H 191 -21.21 3.84 -71.54
CA LEU H 191 -21.56 2.43 -71.48
C LEU H 191 -21.61 1.90 -70.05
N LEU H 192 -20.88 2.53 -69.10
CA LEU H 192 -21.02 2.21 -67.68
C LEU H 192 -22.36 2.67 -67.10
N GLN H 193 -23.08 3.55 -67.79
CA GLN H 193 -24.47 3.86 -67.48
C GLN H 193 -25.45 2.94 -68.19
N LEU H 194 -24.97 1.85 -68.77
CA LEU H 194 -25.84 0.79 -69.27
C LEU H 194 -26.81 0.15 -68.24
N PRO H 195 -26.47 -0.12 -66.95
CA PRO H 195 -27.49 -0.69 -66.05
C PRO H 195 -28.58 0.26 -65.63
N ARG H 196 -28.40 1.57 -65.81
CA ARG H 196 -29.44 2.53 -65.47
C ARG H 196 -30.62 2.39 -66.44
N ASP H 197 -30.33 2.05 -67.70
CA ASP H 197 -31.41 1.61 -68.58
C ASP H 197 -31.86 0.18 -68.26
N LEU H 198 -30.96 -0.67 -67.77
CA LEU H 198 -31.29 -2.06 -67.49
C LEU H 198 -31.77 -2.31 -66.06
N GLU H 199 -32.06 -1.26 -65.29
CA GLU H 199 -32.47 -1.43 -63.90
C GLU H 199 -33.92 -1.91 -63.79
N GLN H 200 -34.74 -1.58 -64.75
CA GLN H 200 -36.06 -2.20 -64.83
C GLN H 200 -35.97 -3.61 -65.45
N PRO H 201 -35.07 -3.91 -66.41
CA PRO H 201 -34.69 -5.32 -66.61
C PRO H 201 -33.95 -6.00 -65.45
N SER H 202 -33.42 -5.26 -64.48
CA SER H 202 -32.83 -5.91 -63.32
C SER H 202 -33.89 -6.57 -62.45
N GLN H 203 -33.46 -7.63 -61.74
CA GLN H 203 -34.19 -8.63 -60.93
C GLN H 203 -35.11 -9.55 -61.73
N ALA H 204 -35.15 -9.39 -63.06
CA ALA H 204 -35.93 -10.13 -64.04
C ALA H 204 -37.42 -10.18 -63.70
N ALA H 205 -38.12 -11.22 -64.15
CA ALA H 205 -39.35 -11.59 -63.48
C ALA H 205 -39.04 -12.25 -62.14
N GLY H 206 -38.11 -13.20 -62.13
CA GLY H 206 -37.81 -14.01 -60.96
C GLY H 206 -38.81 -15.10 -60.68
N ILE H 207 -39.80 -15.28 -61.54
CA ILE H 207 -40.99 -16.10 -61.34
C ILE H 207 -41.39 -16.63 -62.71
N ASN H 208 -42.34 -17.56 -62.72
CA ASN H 208 -42.96 -17.99 -63.98
C ASN H 208 -44.22 -17.16 -64.19
N LEU H 209 -44.29 -16.49 -65.34
CA LEU H 209 -45.43 -15.62 -65.61
C LEU H 209 -46.68 -16.43 -65.95
N GLU H 210 -46.51 -17.67 -66.41
CA GLU H 210 -47.64 -18.54 -66.69
C GLU H 210 -48.31 -18.99 -65.40
N ILE H 211 -47.53 -19.16 -64.32
CA ILE H 211 -48.08 -19.58 -63.03
C ILE H 211 -48.96 -18.47 -62.44
N ILE H 212 -48.45 -17.23 -62.45
CA ILE H 212 -49.22 -16.11 -61.91
C ILE H 212 -50.36 -15.74 -62.87
N ARG H 213 -50.22 -16.03 -64.16
CA ARG H 213 -51.28 -15.73 -65.10
C ARG H 213 -52.42 -16.73 -65.00
N SER H 214 -52.09 -18.01 -64.79
CA SER H 214 -53.10 -19.01 -64.54
C SER H 214 -53.76 -18.83 -63.18
N GLU H 215 -53.00 -18.37 -62.18
CA GLU H 215 -53.57 -18.06 -60.87
C GLU H 215 -54.49 -16.85 -60.94
N ALA H 216 -54.11 -15.84 -61.74
CA ALA H 216 -54.94 -14.65 -61.95
C ALA H 216 -56.20 -14.97 -62.72
N SER H 217 -56.10 -15.84 -63.73
CA SER H 217 -57.26 -16.25 -64.52
C SER H 217 -58.20 -17.14 -63.71
N SER H 218 -57.63 -18.02 -62.89
CA SER H 218 -58.44 -18.87 -62.01
C SER H 218 -59.11 -18.06 -60.91
N ASN H 219 -58.42 -17.05 -60.39
CA ASN H 219 -59.00 -16.14 -59.40
C ASN H 219 -60.10 -15.29 -60.01
N LEU H 220 -59.91 -14.84 -61.26
CA LEU H 220 -60.93 -14.08 -61.96
C LEU H 220 -62.15 -14.94 -62.28
N LYS H 221 -61.92 -16.20 -62.64
CA LYS H 221 -63.02 -17.16 -62.88
C LYS H 221 -63.77 -17.46 -61.59
N LYS H 222 -63.06 -17.60 -60.47
CA LYS H 222 -63.69 -17.80 -59.18
C LYS H 222 -64.47 -16.57 -58.73
N LEU H 223 -63.97 -15.37 -59.06
CA LEU H 223 -64.69 -14.14 -58.75
C LEU H 223 -65.95 -13.99 -59.59
N LEU H 224 -65.90 -14.43 -60.85
CA LEU H 224 -67.09 -14.40 -61.70
C LEU H 224 -68.15 -15.41 -61.24
N GLU H 225 -67.71 -16.62 -60.85
CA GLU H 225 -68.62 -17.61 -60.30
C GLU H 225 -69.21 -17.18 -58.96
N THR H 226 -68.39 -16.51 -58.13
CA THR H 226 -68.84 -15.99 -56.85
C THR H 226 -69.82 -14.85 -57.03
N GLU H 227 -69.58 -13.97 -58.01
CA GLU H 227 -70.50 -12.86 -58.28
C GLU H 227 -71.80 -13.37 -58.89
N ARG H 228 -71.75 -14.48 -59.63
CA ARG H 228 -72.97 -15.12 -60.10
C ARG H 228 -73.74 -15.77 -58.95
N LYS H 229 -73.05 -16.34 -57.96
CA LYS H 229 -73.75 -16.95 -56.84
C LYS H 229 -74.32 -15.89 -55.88
N VAL H 230 -73.62 -14.77 -55.72
CA VAL H 230 -74.16 -13.62 -54.97
C VAL H 230 -75.33 -12.99 -55.71
N SER H 231 -75.27 -12.96 -57.04
CA SER H 231 -76.41 -12.48 -57.83
C SER H 231 -77.60 -13.43 -57.77
N ALA H 232 -77.37 -14.71 -57.47
CA ALA H 232 -78.44 -15.63 -57.13
C ALA H 232 -78.82 -15.57 -55.65
N SER H 233 -78.02 -14.92 -54.82
CA SER H 233 -78.27 -14.88 -53.38
C SER H 233 -79.17 -13.70 -53.01
N VAL H 234 -79.25 -13.40 -51.72
CA VAL H 234 -80.10 -12.33 -51.22
C VAL H 234 -79.42 -10.98 -51.41
N ALA H 235 -80.17 -9.89 -51.21
CA ALA H 235 -79.67 -8.56 -51.51
C ALA H 235 -78.73 -8.03 -50.44
N GLU H 236 -78.77 -8.61 -49.24
CA GLU H 236 -77.83 -8.22 -48.18
C GLU H 236 -76.41 -8.65 -48.52
N VAL H 237 -76.26 -9.86 -49.06
CA VAL H 237 -74.97 -10.36 -49.55
C VAL H 237 -74.53 -9.56 -50.77
N GLN H 238 -75.50 -9.11 -51.58
CA GLN H 238 -75.23 -8.30 -52.76
C GLN H 238 -74.69 -6.92 -52.39
N GLU H 239 -75.33 -6.24 -51.44
CA GLU H 239 -74.85 -4.95 -50.98
C GLU H 239 -73.59 -5.07 -50.12
N GLN H 240 -73.34 -6.25 -49.55
CA GLN H 240 -72.09 -6.47 -48.84
C GLN H 240 -70.92 -6.64 -49.81
N TYR H 241 -71.11 -7.41 -50.89
CA TYR H 241 -69.97 -7.94 -51.62
C TYR H 241 -69.84 -7.54 -53.09
N THR H 242 -70.89 -6.97 -53.72
CA THR H 242 -70.90 -6.83 -55.18
C THR H 242 -69.93 -5.75 -55.66
N GLU H 243 -69.76 -4.68 -54.89
CA GLU H 243 -68.81 -3.62 -55.22
C GLU H 243 -67.36 -4.12 -55.11
N ARG H 244 -67.09 -4.96 -54.09
CA ARG H 244 -65.76 -5.57 -53.94
C ARG H 244 -65.48 -6.58 -55.05
N LEU H 245 -66.50 -7.36 -55.43
CA LEU H 245 -66.39 -8.28 -56.56
C LEU H 245 -66.16 -7.54 -57.88
N GLN H 246 -66.86 -6.41 -58.08
CA GLN H 246 -66.71 -5.62 -59.30
C GLN H 246 -65.36 -4.95 -59.39
N ALA H 247 -64.84 -4.47 -58.25
CA ALA H 247 -63.49 -3.90 -58.22
C ALA H 247 -62.42 -4.97 -58.44
N SER H 248 -62.65 -6.18 -57.92
CA SER H 248 -61.70 -7.27 -58.10
C SER H 248 -61.66 -7.78 -59.54
N ILE H 249 -62.84 -7.94 -60.16
CA ILE H 249 -62.93 -8.32 -61.57
C ILE H 249 -62.39 -7.21 -62.48
N SER H 250 -62.59 -5.94 -62.12
CA SER H 250 -62.04 -4.82 -62.90
C SER H 250 -60.52 -4.75 -62.80
N ALA H 251 -59.96 -4.99 -61.61
CA ALA H 251 -58.52 -4.98 -61.44
C ALA H 251 -57.87 -6.20 -62.10
N PHE H 252 -58.54 -7.35 -62.08
CA PHE H 252 -58.01 -8.51 -62.78
C PHE H 252 -58.16 -8.40 -64.29
N ARG H 253 -59.18 -7.66 -64.76
CA ARG H 253 -59.28 -7.37 -66.19
C ARG H 253 -58.19 -6.42 -66.65
N ALA H 254 -57.85 -5.45 -65.79
CA ALA H 254 -56.68 -4.59 -66.05
C ALA H 254 -55.38 -5.40 -66.02
N LEU H 255 -55.32 -6.41 -65.16
CA LEU H 255 -54.18 -7.32 -65.13
C LEU H 255 -54.10 -8.19 -66.38
N ASP H 256 -55.25 -8.60 -66.93
CA ASP H 256 -55.25 -9.38 -68.16
C ASP H 256 -54.90 -8.53 -69.38
N GLU H 257 -55.32 -7.25 -69.37
CA GLU H 257 -54.84 -6.28 -70.36
C GLU H 257 -53.34 -6.07 -70.25
N LEU H 258 -52.82 -6.07 -69.02
CA LEU H 258 -51.38 -5.95 -68.80
C LEU H 258 -50.65 -7.21 -69.28
N PHE H 259 -51.26 -8.39 -69.10
CA PHE H 259 -50.67 -9.63 -69.60
C PHE H 259 -50.67 -9.71 -71.13
N GLU H 260 -51.71 -9.18 -71.76
CA GLU H 260 -51.74 -9.08 -73.21
C GLU H 260 -50.71 -8.07 -73.72
N ALA H 261 -50.46 -7.01 -72.94
CA ALA H 261 -49.40 -6.07 -73.26
C ALA H 261 -48.02 -6.71 -73.15
N ILE H 262 -47.83 -7.59 -72.15
CA ILE H 262 -46.58 -8.36 -72.02
C ILE H 262 -46.42 -9.36 -73.17
N GLU H 263 -47.53 -9.94 -73.66
CA GLU H 263 -47.46 -10.80 -74.85
C GLU H 263 -47.09 -10.04 -76.12
N GLN H 264 -47.64 -8.84 -76.29
CA GLN H 264 -47.30 -7.99 -77.43
C GLN H 264 -45.85 -7.51 -77.37
N LYS H 265 -45.38 -7.15 -76.18
CA LYS H 265 -43.98 -6.77 -76.01
C LYS H 265 -43.05 -7.97 -76.10
N GLN H 266 -43.55 -9.17 -75.79
CA GLN H 266 -42.77 -10.40 -75.97
C GLN H 266 -42.56 -10.70 -77.45
N ARG H 267 -43.61 -10.50 -78.26
CA ARG H 267 -43.49 -10.65 -79.71
C ARG H 267 -42.59 -9.56 -80.30
N GLU H 268 -42.66 -8.35 -79.76
CA GLU H 268 -41.78 -7.27 -80.20
C GLU H 268 -40.33 -7.50 -79.80
N LEU H 269 -40.09 -8.13 -78.65
CA LEU H 269 -38.73 -8.47 -78.24
C LEU H 269 -38.19 -9.66 -79.02
N ALA H 270 -39.06 -10.58 -79.42
CA ALA H 270 -38.66 -11.66 -80.32
C ALA H 270 -38.29 -11.13 -81.70
N ASP H 271 -39.04 -10.14 -82.20
CA ASP H 271 -38.66 -9.49 -83.45
C ASP H 271 -37.45 -8.58 -83.28
N TYR H 272 -37.19 -8.11 -82.06
CA TYR H 272 -36.03 -7.26 -81.80
C TYR H 272 -34.73 -8.06 -81.88
N LEU H 273 -34.74 -9.28 -81.36
CA LEU H 273 -33.55 -10.12 -81.33
C LEU H 273 -33.39 -11.01 -82.55
N CYS H 274 -34.28 -10.83 -83.55
CA CYS H 274 -34.34 -11.60 -84.82
C CYS H 274 -34.49 -13.10 -84.57
N GLU H 275 -35.33 -13.45 -83.61
CA GLU H 275 -35.57 -14.83 -83.22
C GLU H 275 -37.04 -15.17 -83.38
N ASP H 276 -37.34 -16.45 -83.59
CA ASP H 276 -38.72 -16.89 -83.69
C ASP H 276 -39.39 -16.84 -82.32
N ALA H 277 -40.72 -16.67 -82.33
CA ALA H 277 -41.48 -16.52 -81.09
C ALA H 277 -41.93 -17.84 -80.50
N GLN H 278 -41.72 -18.96 -81.20
CA GLN H 278 -42.16 -20.25 -80.70
C GLN H 278 -41.26 -20.75 -79.57
N GLN H 279 -39.98 -20.37 -79.59
CA GLN H 279 -39.12 -20.63 -78.45
C GLN H 279 -39.38 -19.61 -77.34
N LEU H 280 -38.87 -19.91 -76.15
CA LEU H 280 -39.07 -19.05 -74.99
C LEU H 280 -38.19 -17.81 -75.14
N SER H 281 -38.79 -16.72 -75.60
CA SER H 281 -38.12 -15.43 -75.72
C SER H 281 -38.54 -14.46 -74.63
N LEU H 282 -39.11 -14.97 -73.54
CA LEU H 282 -39.57 -14.13 -72.45
C LEU H 282 -38.78 -14.35 -71.18
N GLU H 283 -38.80 -15.57 -70.62
CA GLU H 283 -38.14 -15.82 -69.34
C GLU H 283 -36.65 -16.05 -69.53
N ASP H 284 -36.26 -16.65 -70.65
CA ASP H 284 -34.85 -16.85 -70.96
C ASP H 284 -34.16 -15.52 -71.23
N THR H 285 -34.86 -14.57 -71.86
CA THR H 285 -34.31 -13.25 -72.10
C THR H 285 -34.17 -12.45 -70.81
N PHE H 286 -35.14 -12.58 -69.90
CA PHE H 286 -35.05 -11.93 -68.59
C PHE H 286 -33.91 -12.51 -67.75
N SER H 287 -33.75 -13.85 -67.76
CA SER H 287 -32.67 -14.49 -67.01
C SER H 287 -31.31 -14.17 -67.63
N THR H 288 -31.26 -14.09 -68.97
CA THR H 288 -30.03 -13.75 -69.69
C THR H 288 -29.60 -12.32 -69.41
N MET H 289 -30.55 -11.38 -69.42
CA MET H 289 -30.20 -9.98 -69.17
C MET H 289 -29.92 -9.72 -67.68
N LYS H 290 -30.58 -10.47 -66.78
CA LYS H 290 -30.27 -10.39 -65.36
C LYS H 290 -28.87 -10.91 -65.06
N ALA H 291 -28.49 -12.04 -65.67
CA ALA H 291 -27.15 -12.59 -65.49
C ALA H 291 -26.10 -11.73 -66.18
N PHE H 292 -26.44 -11.10 -67.31
CA PHE H 292 -25.57 -10.15 -67.98
C PHE H 292 -25.32 -8.90 -67.13
N ARG H 293 -26.37 -8.40 -66.46
CA ARG H 293 -26.20 -7.23 -65.61
C ARG H 293 -25.42 -7.56 -64.34
N ASP H 294 -25.63 -8.77 -63.81
CA ASP H 294 -24.87 -9.21 -62.63
C ASP H 294 -23.39 -9.45 -62.95
N LEU H 295 -23.11 -10.05 -64.13
CA LEU H 295 -21.73 -10.21 -64.56
C LEU H 295 -21.09 -8.88 -64.93
N PHE H 296 -21.90 -7.93 -65.41
CA PHE H 296 -21.42 -6.60 -65.77
C PHE H 296 -20.96 -5.86 -64.51
N LEU H 297 -21.81 -5.88 -63.47
CA LEU H 297 -21.47 -5.23 -62.20
C LEU H 297 -20.34 -5.97 -61.48
N ARG H 298 -20.27 -7.29 -61.63
CA ARG H 298 -19.17 -8.04 -61.03
C ARG H 298 -17.86 -7.77 -61.76
N ALA H 299 -17.91 -7.53 -63.08
CA ALA H 299 -16.72 -7.13 -63.83
C ALA H 299 -16.28 -5.72 -63.45
N LEU H 300 -17.25 -4.82 -63.20
CA LEU H 300 -16.95 -3.49 -62.68
C LEU H 300 -16.30 -3.55 -61.31
N LYS H 301 -16.81 -4.41 -60.43
CA LYS H 301 -16.26 -4.53 -59.07
C LYS H 301 -14.90 -5.21 -59.06
N GLU H 302 -14.70 -6.20 -59.95
CA GLU H 302 -13.41 -6.89 -60.01
C GLU H 302 -12.35 -6.03 -60.70
N ASN H 303 -12.74 -5.21 -61.68
CA ASN H 303 -11.80 -4.25 -62.27
C ASN H 303 -11.47 -3.12 -61.31
N LYS H 304 -12.45 -2.72 -60.48
CA LYS H 304 -12.21 -1.74 -59.43
C LYS H 304 -11.25 -2.27 -58.37
N ASP H 305 -11.42 -3.54 -57.98
CA ASP H 305 -10.50 -4.17 -57.02
C ASP H 305 -9.12 -4.39 -57.64
N ARG H 306 -9.07 -4.68 -58.94
CA ARG H 306 -7.80 -4.84 -59.65
C ARG H 306 -7.02 -3.53 -59.74
N LYS H 307 -7.73 -2.43 -60.02
CA LYS H 307 -7.07 -1.12 -60.10
C LYS H 307 -6.68 -0.62 -58.70
N GLU H 308 -7.49 -0.90 -57.68
CA GLU H 308 -7.14 -0.54 -56.31
C GLU H 308 -5.97 -1.35 -55.78
N GLN H 309 -5.90 -2.64 -56.14
CA GLN H 309 -4.78 -3.48 -55.74
C GLN H 309 -3.51 -3.10 -56.48
N ALA H 310 -3.62 -2.67 -57.74
CA ALA H 310 -2.46 -2.19 -58.48
C ALA H 310 -1.95 -0.85 -57.93
N ALA H 311 -2.87 0.04 -57.53
CA ALA H 311 -2.47 1.31 -56.91
C ALA H 311 -1.87 1.10 -55.53
N LYS H 312 -2.41 0.15 -54.76
CA LYS H 312 -1.85 -0.16 -53.44
C LYS H 312 -0.50 -0.86 -53.56
N ALA H 313 -0.32 -1.67 -54.61
CA ALA H 313 0.98 -2.29 -54.88
C ALA H 313 2.00 -1.26 -55.33
N GLU H 314 1.57 -0.26 -56.09
CA GLU H 314 2.46 0.83 -56.48
C GLU H 314 2.83 1.71 -55.28
N ARG H 315 1.89 1.94 -54.37
CA ARG H 315 2.18 2.70 -53.15
C ARG H 315 3.11 1.92 -52.22
N ARG H 316 2.93 0.60 -52.13
CA ARG H 316 3.82 -0.23 -51.31
C ARG H 316 5.20 -0.33 -51.92
N LYS H 317 5.31 -0.37 -53.26
CA LYS H 317 6.60 -0.38 -53.92
C LYS H 317 7.33 0.96 -53.78
N GLN H 318 6.57 2.07 -53.83
CA GLN H 318 7.17 3.39 -53.60
C GLN H 318 7.60 3.58 -52.15
N GLN H 319 6.85 3.03 -51.20
CA GLN H 319 7.22 3.13 -49.79
C GLN H 319 8.40 2.22 -49.47
N LEU H 320 8.51 1.07 -50.13
CA LEU H 320 9.70 0.22 -49.98
C LEU H 320 10.91 0.83 -50.65
N ALA H 321 10.71 1.55 -51.76
CA ALA H 321 11.83 2.21 -52.42
C ALA H 321 12.31 3.44 -51.63
N GLU H 322 11.38 4.11 -50.94
CA GLU H 322 11.76 5.27 -50.14
C GLU H 322 12.50 4.85 -48.87
N GLU H 323 12.12 3.73 -48.27
CA GLU H 323 12.77 3.25 -47.05
C GLU H 323 14.14 2.65 -47.35
N THR I 1 1.04 -44.30 -78.40
CA THR I 1 0.58 -43.29 -77.45
C THR I 1 -0.35 -43.93 -76.42
N THR I 2 -0.04 -43.72 -75.15
CA THR I 2 -0.82 -44.31 -74.06
C THR I 2 -2.03 -43.44 -73.76
N ALA I 3 -3.22 -44.00 -73.92
CA ALA I 3 -4.44 -43.26 -73.63
C ALA I 3 -4.65 -43.13 -72.13
N LEU I 4 -5.47 -42.16 -71.74
CA LEU I 4 -5.77 -41.90 -70.34
C LEU I 4 -7.22 -42.22 -70.05
N VAL I 5 -7.46 -42.82 -68.88
CA VAL I 5 -8.80 -43.07 -68.36
C VAL I 5 -8.93 -42.30 -67.05
N CYS I 6 -9.84 -41.33 -67.01
CA CYS I 6 -10.02 -40.47 -65.85
C CYS I 6 -11.49 -40.51 -65.45
N ASP I 7 -11.86 -41.46 -64.60
CA ASP I 7 -13.20 -41.58 -64.05
C ASP I 7 -13.36 -40.49 -62.99
N ASN I 8 -14.09 -39.45 -63.34
CA ASN I 8 -14.33 -38.31 -62.45
C ASN I 8 -15.71 -38.45 -61.80
N GLY I 9 -15.79 -39.34 -60.82
CA GLY I 9 -17.00 -39.50 -60.07
C GLY I 9 -17.20 -38.40 -59.05
N SER I 10 -18.39 -38.42 -58.43
CA SER I 10 -18.85 -37.31 -57.61
C SER I 10 -18.07 -37.19 -56.31
N GLY I 11 -17.67 -38.32 -55.73
CA GLY I 11 -16.96 -38.30 -54.47
C GLY I 11 -15.47 -38.51 -54.65
N LEU I 12 -15.12 -39.44 -55.54
CA LEU I 12 -13.74 -39.80 -55.77
C LEU I 12 -13.40 -39.65 -57.25
N VAL I 13 -12.11 -39.56 -57.52
CA VAL I 13 -11.57 -39.54 -58.88
C VAL I 13 -10.59 -40.71 -58.98
N LYS I 14 -10.81 -41.58 -59.96
CA LYS I 14 -9.93 -42.69 -60.27
C LYS I 14 -9.36 -42.45 -61.66
N ALA I 15 -8.08 -42.10 -61.74
CA ALA I 15 -7.45 -41.73 -63.00
C ALA I 15 -6.20 -42.57 -63.21
N GLY I 16 -5.82 -42.73 -64.48
CA GLY I 16 -4.63 -43.47 -64.80
C GLY I 16 -4.51 -43.70 -66.30
N PHE I 17 -3.65 -44.64 -66.64
CA PHE I 17 -3.36 -44.97 -68.03
C PHE I 17 -4.25 -46.11 -68.50
N ALA I 18 -4.58 -46.08 -69.78
CA ALA I 18 -5.40 -47.13 -70.36
C ALA I 18 -4.59 -48.40 -70.55
N GLY I 19 -5.29 -49.52 -70.71
CA GLY I 19 -4.65 -50.81 -70.82
C GLY I 19 -4.09 -51.32 -69.51
N ASP I 20 -4.61 -50.84 -68.38
CA ASP I 20 -4.17 -51.26 -67.06
C ASP I 20 -5.37 -51.75 -66.28
N ASP I 21 -5.10 -52.55 -65.25
CA ASP I 21 -6.17 -53.10 -64.41
C ASP I 21 -6.43 -52.24 -63.19
N ALA I 22 -5.41 -52.05 -62.35
CA ALA I 22 -5.59 -51.23 -61.15
C ALA I 22 -5.56 -49.75 -61.51
N PRO I 23 -6.50 -48.96 -60.99
CA PRO I 23 -6.44 -47.50 -61.21
C PRO I 23 -5.28 -46.88 -60.44
N ARG I 24 -4.49 -46.08 -61.16
CA ARG I 24 -3.18 -45.65 -60.65
C ARG I 24 -3.32 -44.56 -59.60
N ALA I 25 -4.30 -43.66 -59.77
CA ALA I 25 -4.50 -42.53 -58.87
C ALA I 25 -5.95 -42.53 -58.40
N VAL I 26 -6.18 -42.98 -57.18
CA VAL I 26 -7.50 -42.97 -56.56
C VAL I 26 -7.46 -41.97 -55.41
N PHE I 27 -8.26 -40.92 -55.50
CA PHE I 27 -8.22 -39.89 -54.47
C PHE I 27 -9.59 -39.23 -54.41
N PRO I 28 -10.04 -38.76 -53.24
CA PRO I 28 -11.36 -38.12 -53.16
C PRO I 28 -11.41 -36.76 -53.85
N SER I 29 -12.57 -36.46 -54.42
CA SER I 29 -12.77 -35.25 -55.20
C SER I 29 -13.30 -34.16 -54.27
N ILE I 30 -12.42 -33.67 -53.40
CA ILE I 30 -12.73 -32.57 -52.49
C ILE I 30 -11.73 -31.46 -52.73
N VAL I 31 -12.19 -30.23 -52.53
CA VAL I 31 -11.35 -29.04 -52.62
C VAL I 31 -11.35 -28.35 -51.27
N GLY I 32 -10.19 -28.27 -50.64
CA GLY I 32 -10.07 -27.67 -49.34
C GLY I 32 -9.53 -26.24 -49.40
N ARG I 33 -10.38 -25.29 -49.03
CA ARG I 33 -10.07 -23.88 -48.85
C ARG I 33 -9.79 -23.63 -47.38
N PRO I 34 -8.95 -22.65 -47.01
CA PRO I 34 -8.76 -22.32 -45.59
C PRO I 34 -10.01 -21.71 -44.97
N ARG I 35 -10.49 -22.35 -43.91
CA ARG I 35 -11.71 -21.94 -43.24
C ARG I 35 -11.51 -20.61 -42.49
N HIS I 36 -10.43 -20.52 -41.73
CA HIS I 36 -10.15 -19.30 -40.98
C HIS I 36 -9.10 -18.46 -41.69
N GLN I 37 -9.28 -17.14 -41.60
CA GLN I 37 -8.37 -16.19 -42.22
C GLN I 37 -7.08 -16.11 -41.42
N GLY I 38 -5.95 -16.27 -42.10
CA GLY I 38 -4.63 -16.06 -41.53
C GLY I 38 -3.61 -16.09 -42.64
N VAL I 39 -2.73 -15.09 -42.70
CA VAL I 39 -1.79 -15.02 -43.82
C VAL I 39 -0.50 -15.73 -43.45
N MET I 40 0.21 -15.18 -42.47
CA MET I 40 1.50 -15.62 -41.89
C MET I 40 2.54 -15.72 -43.01
N VAL I 41 3.49 -16.65 -42.90
CA VAL I 41 4.35 -16.99 -44.03
C VAL I 41 4.13 -18.45 -44.37
N GLY I 42 4.49 -19.35 -43.45
CA GLY I 42 4.25 -20.77 -43.62
C GLY I 42 5.12 -21.48 -44.63
N MET I 43 6.17 -20.82 -45.14
CA MET I 43 7.06 -21.28 -46.23
C MET I 43 6.28 -21.69 -47.48
N GLY I 44 5.49 -20.75 -47.98
CA GLY I 44 4.71 -20.96 -49.19
C GLY I 44 3.53 -21.91 -49.02
N GLN I 45 2.54 -21.49 -48.25
CA GLN I 45 1.36 -22.31 -48.04
C GLN I 45 0.46 -22.27 -49.27
N LYS I 46 -0.19 -23.40 -49.55
CA LYS I 46 -1.05 -23.48 -50.73
C LYS I 46 -2.42 -22.88 -50.43
N ASP I 47 -2.95 -22.16 -51.41
CA ASP I 47 -4.24 -21.50 -51.23
C ASP I 47 -5.40 -22.47 -51.31
N SER I 48 -5.20 -23.65 -51.90
CA SER I 48 -6.21 -24.69 -51.88
C SER I 48 -5.51 -26.04 -51.89
N TYR I 49 -6.23 -27.07 -51.46
CA TYR I 49 -5.68 -28.40 -51.31
C TYR I 49 -6.60 -29.40 -51.98
N VAL I 50 -6.01 -30.38 -52.66
CA VAL I 50 -6.76 -31.31 -53.49
C VAL I 50 -6.61 -32.71 -52.92
N GLY I 51 -7.74 -33.33 -52.57
CA GLY I 51 -7.78 -34.75 -52.29
C GLY I 51 -7.14 -35.17 -50.98
N ASP I 52 -6.00 -35.86 -51.10
CA ASP I 52 -5.33 -36.44 -49.93
C ASP I 52 -4.66 -35.36 -49.09
N GLU I 53 -4.19 -34.29 -49.71
CA GLU I 53 -3.68 -33.15 -48.96
C GLU I 53 -4.81 -32.39 -48.27
N ALA I 54 -5.98 -32.33 -48.91
CA ALA I 54 -7.15 -31.74 -48.27
C ALA I 54 -7.69 -32.67 -47.18
N GLN I 55 -7.52 -33.99 -47.36
CA GLN I 55 -7.92 -34.94 -46.33
C GLN I 55 -6.98 -34.88 -45.13
N SER I 56 -5.71 -34.56 -45.38
CA SER I 56 -4.71 -34.52 -44.31
C SER I 56 -4.94 -33.34 -43.37
N LYS I 57 -5.25 -32.17 -43.92
CA LYS I 57 -5.40 -30.96 -43.13
C LYS I 57 -6.85 -30.58 -42.92
N ARG I 58 -7.76 -31.57 -42.88
CA ARG I 58 -9.19 -31.33 -43.01
C ARG I 58 -9.84 -30.68 -41.80
N GLY I 59 -9.15 -30.60 -40.67
CA GLY I 59 -9.71 -29.97 -39.49
C GLY I 59 -9.83 -28.46 -39.59
N ILE I 60 -9.02 -27.83 -40.43
CA ILE I 60 -9.02 -26.38 -40.57
C ILE I 60 -9.37 -25.93 -41.98
N LEU I 61 -9.91 -26.83 -42.80
CA LEU I 61 -10.24 -26.52 -44.18
C LEU I 61 -11.73 -26.70 -44.41
N THR I 62 -12.31 -25.74 -45.12
CA THR I 62 -13.64 -25.89 -45.68
C THR I 62 -13.53 -26.79 -46.91
N LEU I 63 -14.21 -27.93 -46.87
CA LEU I 63 -14.19 -28.89 -47.96
C LEU I 63 -15.38 -28.67 -48.88
N LYS I 64 -15.12 -28.55 -50.17
CA LYS I 64 -16.15 -28.34 -51.18
C LYS I 64 -16.07 -29.44 -52.21
N TYR I 65 -17.20 -30.12 -52.41
CA TYR I 65 -17.32 -31.06 -53.52
C TYR I 65 -17.66 -30.29 -54.79
N PRO I 66 -16.84 -30.35 -55.84
CA PRO I 66 -17.21 -29.69 -57.10
C PRO I 66 -18.35 -30.39 -57.82
N ILE I 67 -18.54 -31.68 -57.60
CA ILE I 67 -19.55 -32.45 -58.30
C ILE I 67 -20.67 -32.81 -57.32
N GLU I 68 -21.90 -32.49 -57.69
CA GLU I 68 -23.05 -32.89 -56.90
C GLU I 68 -24.06 -33.62 -57.78
N GLY I 70 -23.44 -36.13 -59.85
CA GLY I 70 -22.90 -36.30 -61.18
C GLY I 70 -22.78 -35.04 -62.01
N ILE I 71 -23.09 -33.90 -61.41
CA ILE I 71 -23.14 -32.61 -62.09
C ILE I 71 -22.12 -31.70 -61.43
N ILE I 72 -21.23 -31.15 -62.25
CA ILE I 72 -20.16 -30.28 -61.76
C ILE I 72 -20.75 -28.93 -61.41
N THR I 73 -20.68 -28.56 -60.13
CA THR I 73 -21.19 -27.28 -59.67
C THR I 73 -20.16 -26.17 -59.87
N ASN I 74 -19.01 -26.29 -59.20
CA ASN I 74 -17.95 -25.30 -59.32
C ASN I 74 -16.95 -25.78 -60.35
N TRP I 75 -16.92 -25.10 -61.50
CA TRP I 75 -16.10 -25.54 -62.62
C TRP I 75 -14.62 -25.21 -62.43
N ASP I 76 -14.32 -24.14 -61.68
CA ASP I 76 -12.93 -23.81 -61.40
C ASP I 76 -12.31 -24.78 -60.41
N ASP I 77 -13.12 -25.26 -59.46
CA ASP I 77 -12.68 -26.31 -58.54
C ASP I 77 -12.45 -27.62 -59.28
N MET I 78 -13.30 -27.91 -60.27
CA MET I 78 -13.09 -29.06 -61.14
C MET I 78 -11.86 -28.92 -62.02
N GLU I 79 -11.55 -27.69 -62.42
CA GLU I 79 -10.31 -27.43 -63.16
C GLU I 79 -9.08 -27.62 -62.28
N LYS I 80 -9.20 -27.29 -60.99
CA LYS I 80 -8.12 -27.56 -60.05
C LYS I 80 -7.96 -29.06 -59.78
N ILE I 81 -9.09 -29.79 -59.75
CA ILE I 81 -9.09 -31.26 -59.66
C ILE I 81 -8.38 -31.86 -60.88
N TRP I 82 -8.70 -31.34 -62.07
CA TRP I 82 -8.09 -31.81 -63.32
C TRP I 82 -6.61 -31.48 -63.40
N HIS I 83 -6.22 -30.29 -62.91
CA HIS I 83 -4.82 -29.88 -62.92
C HIS I 83 -4.00 -30.71 -61.95
N HIS I 84 -4.57 -31.07 -60.80
CA HIS I 84 -3.86 -31.91 -59.85
C HIS I 84 -3.77 -33.35 -60.35
N THR I 85 -4.84 -33.86 -60.97
CA THR I 85 -4.78 -35.24 -61.44
C THR I 85 -4.04 -35.39 -62.77
N PHE I 86 -3.74 -34.28 -63.47
CA PHE I 86 -2.89 -34.36 -64.64
C PHE I 86 -1.42 -34.12 -64.27
N TYR I 87 -1.14 -33.08 -63.50
CA TYR I 87 0.23 -32.61 -63.35
C TYR I 87 0.91 -33.15 -62.09
N ASN I 88 0.15 -33.48 -61.05
CA ASN I 88 0.74 -33.88 -59.79
C ASN I 88 0.62 -35.39 -59.55
N GLU I 89 -0.55 -35.97 -59.80
CA GLU I 89 -0.75 -37.39 -59.57
C GLU I 89 -0.10 -38.22 -60.67
N LEU I 90 -0.52 -38.01 -61.92
CA LEU I 90 0.00 -38.79 -63.03
C LEU I 90 1.27 -38.17 -63.62
N ARG I 91 1.41 -36.85 -63.50
CA ARG I 91 2.52 -36.03 -64.03
C ARG I 91 2.69 -36.20 -65.54
N VAL I 92 1.58 -36.06 -66.27
CA VAL I 92 1.58 -36.17 -67.72
C VAL I 92 0.98 -34.89 -68.32
N ALA I 93 1.43 -34.52 -69.50
CA ALA I 93 0.83 -33.40 -70.20
C ALA I 93 -0.50 -33.83 -70.81
N PRO I 94 -1.52 -32.95 -70.83
CA PRO I 94 -2.78 -33.32 -71.49
C PRO I 94 -2.69 -33.33 -73.00
N GLU I 95 -1.74 -32.59 -73.59
CA GLU I 95 -1.67 -32.43 -75.04
C GLU I 95 -0.82 -33.49 -75.73
N GLU I 96 -0.48 -34.59 -75.04
CA GLU I 96 0.28 -35.67 -75.65
C GLU I 96 -0.34 -37.02 -75.36
N HIS I 97 -1.58 -37.04 -74.86
CA HIS I 97 -2.25 -38.28 -74.50
C HIS I 97 -3.75 -38.11 -74.72
N PRO I 98 -4.41 -39.05 -75.40
CA PRO I 98 -5.88 -39.05 -75.41
C PRO I 98 -6.43 -39.43 -74.05
N THR I 99 -7.60 -38.88 -73.73
CA THR I 99 -8.16 -38.99 -72.39
C THR I 99 -9.63 -39.35 -72.47
N LEU I 100 -9.96 -40.58 -72.12
CA LEU I 100 -11.36 -40.99 -72.04
C LEU I 100 -11.95 -40.49 -70.72
N LEU I 101 -13.18 -40.00 -70.80
CA LEU I 101 -13.90 -39.52 -69.63
C LEU I 101 -15.24 -40.23 -69.50
N THR I 102 -15.73 -40.29 -68.28
CA THR I 102 -16.99 -40.96 -67.95
C THR I 102 -18.07 -39.94 -67.64
N GLU I 103 -19.31 -40.38 -67.75
CA GLU I 103 -20.45 -39.52 -67.49
C GLU I 103 -21.64 -40.38 -67.08
N ALA I 104 -22.40 -39.88 -66.11
CA ALA I 104 -23.67 -40.49 -65.75
C ALA I 104 -24.67 -40.29 -66.88
N PRO I 105 -25.60 -41.25 -67.07
CA PRO I 105 -26.70 -41.03 -68.02
C PRO I 105 -27.66 -39.97 -67.52
N LEU I 106 -28.42 -39.40 -68.48
CA LEU I 106 -29.38 -38.30 -68.28
C LEU I 106 -28.73 -37.06 -67.67
N ASN I 107 -27.48 -36.80 -68.05
CA ASN I 107 -26.83 -35.56 -67.69
C ASN I 107 -27.45 -34.41 -68.48
N PRO I 108 -27.71 -33.26 -67.84
CA PRO I 108 -27.91 -32.02 -68.61
C PRO I 108 -26.70 -31.68 -69.45
N LYS I 109 -26.95 -31.19 -70.66
CA LYS I 109 -25.95 -31.19 -71.72
C LYS I 109 -24.91 -30.10 -71.54
N ALA I 110 -25.21 -29.07 -70.73
CA ALA I 110 -24.26 -27.97 -70.53
C ALA I 110 -23.05 -28.39 -69.71
N ASN I 111 -23.20 -29.41 -68.87
CA ASN I 111 -22.08 -30.06 -68.21
C ASN I 111 -21.14 -30.69 -69.22
N ARG I 112 -21.71 -31.37 -70.24
CA ARG I 112 -20.92 -31.98 -71.30
C ARG I 112 -20.28 -30.91 -72.19
N GLU I 113 -20.99 -29.79 -72.39
CA GLU I 113 -20.49 -28.63 -73.14
C GLU I 113 -19.26 -27.99 -72.48
N LYS I 114 -19.37 -27.71 -71.17
CA LYS I 114 -18.26 -27.09 -70.47
C LYS I 114 -17.12 -28.07 -70.23
N MET I 115 -17.43 -29.38 -70.13
CA MET I 115 -16.38 -30.39 -70.05
C MET I 115 -15.58 -30.48 -71.34
N THR I 116 -16.28 -30.40 -72.49
CA THR I 116 -15.61 -30.39 -73.79
C THR I 116 -14.81 -29.10 -73.99
N GLN I 117 -15.36 -27.96 -73.53
CA GLN I 117 -14.67 -26.68 -73.65
C GLN I 117 -13.42 -26.61 -72.79
N ILE I 118 -13.46 -27.16 -71.57
CA ILE I 118 -12.28 -27.18 -70.73
C ILE I 118 -11.26 -28.21 -71.24
N MET I 119 -11.73 -29.37 -71.70
CA MET I 119 -10.84 -30.41 -72.22
C MET I 119 -10.27 -30.10 -73.60
N PHE I 120 -10.75 -29.07 -74.30
CA PHE I 120 -10.12 -28.68 -75.55
C PHE I 120 -9.47 -27.30 -75.52
N GLU I 121 -9.89 -26.40 -74.64
CA GLU I 121 -9.31 -25.06 -74.61
C GLU I 121 -8.15 -24.93 -73.64
N THR I 122 -8.41 -25.15 -72.35
CA THR I 122 -7.37 -24.90 -71.34
C THR I 122 -6.61 -26.17 -70.94
N PHE I 123 -7.26 -27.32 -70.82
CA PHE I 123 -6.56 -28.60 -70.71
C PHE I 123 -6.68 -29.37 -72.02
N ASN I 124 -6.03 -28.84 -73.06
CA ASN I 124 -6.22 -29.31 -74.44
C ASN I 124 -5.65 -30.71 -74.65
N VAL I 125 -6.37 -31.51 -75.44
CA VAL I 125 -6.04 -32.92 -75.66
C VAL I 125 -5.89 -33.16 -77.16
N PRO I 126 -5.15 -34.20 -77.55
CA PRO I 126 -5.28 -34.68 -78.94
C PRO I 126 -6.63 -35.28 -79.24
N ALA I 127 -7.22 -36.02 -78.29
CA ALA I 127 -8.52 -36.64 -78.47
C ALA I 127 -9.14 -36.86 -77.10
N MET I 128 -10.47 -36.91 -77.07
CA MET I 128 -11.18 -37.26 -75.85
C MET I 128 -12.51 -37.90 -76.23
N TYR I 129 -13.09 -38.62 -75.26
CA TYR I 129 -14.40 -39.22 -75.45
C TYR I 129 -15.14 -39.17 -74.14
N VAL I 130 -16.45 -38.94 -74.23
CA VAL I 130 -17.35 -38.91 -73.09
C VAL I 130 -18.25 -40.14 -73.18
N ALA I 131 -18.19 -40.99 -72.16
CA ALA I 131 -18.83 -42.30 -72.21
C ALA I 131 -19.81 -42.47 -71.04
N ILE I 132 -20.44 -43.63 -71.01
CA ILE I 132 -21.43 -43.99 -70.00
C ILE I 132 -20.80 -45.01 -69.05
N GLN I 133 -20.98 -44.79 -67.73
CA GLN I 133 -20.32 -45.60 -66.72
C GLN I 133 -20.87 -47.02 -66.66
N ALA I 134 -22.15 -47.20 -66.98
CA ALA I 134 -22.75 -48.53 -66.96
C ALA I 134 -22.28 -49.38 -68.12
N VAL I 135 -21.96 -48.73 -69.26
CA VAL I 135 -21.40 -49.43 -70.42
C VAL I 135 -19.99 -49.93 -70.10
N LEU I 136 -19.20 -49.11 -69.39
CA LEU I 136 -17.87 -49.53 -68.97
C LEU I 136 -17.94 -50.58 -67.87
N SER I 137 -18.99 -50.54 -67.04
CA SER I 137 -19.18 -51.56 -66.02
C SER I 137 -19.57 -52.90 -66.65
N LEU I 138 -20.35 -52.86 -67.73
CA LEU I 138 -20.64 -54.09 -68.47
C LEU I 138 -19.43 -54.56 -69.27
N TYR I 139 -18.56 -53.64 -69.68
CA TYR I 139 -17.29 -54.02 -70.30
C TYR I 139 -16.37 -54.73 -69.32
N ALA I 140 -16.35 -54.27 -68.08
CA ALA I 140 -15.62 -54.97 -67.03
C ALA I 140 -16.31 -56.26 -66.62
N SER I 141 -17.63 -56.34 -66.82
CA SER I 141 -18.33 -57.61 -66.65
C SER I 141 -17.95 -58.62 -67.74
N GLY I 142 -17.62 -58.13 -68.94
CA GLY I 142 -17.15 -58.98 -70.01
C GLY I 142 -18.23 -59.46 -70.96
N ARG I 143 -19.48 -59.45 -70.54
CA ARG I 143 -20.60 -59.86 -71.38
C ARG I 143 -21.10 -58.68 -72.20
N THR I 144 -22.13 -58.93 -73.00
CA THR I 144 -22.67 -57.93 -73.92
C THR I 144 -24.07 -57.50 -73.53
N THR I 145 -24.93 -58.44 -73.15
CA THR I 145 -26.26 -58.12 -72.65
C THR I 145 -26.22 -57.86 -71.16
N GLY I 146 -27.39 -57.58 -70.58
CA GLY I 146 -27.55 -57.41 -69.16
C GLY I 146 -27.88 -55.98 -68.79
N ILE I 147 -28.35 -55.82 -67.55
CA ILE I 147 -28.67 -54.52 -66.98
C ILE I 147 -27.66 -54.23 -65.88
N VAL I 148 -27.20 -52.98 -65.83
CA VAL I 148 -26.17 -52.54 -64.90
C VAL I 148 -26.79 -51.54 -63.94
N LEU I 149 -26.68 -51.83 -62.63
CA LEU I 149 -26.96 -50.86 -61.58
C LEU I 149 -25.62 -50.29 -61.15
N ASP I 150 -25.34 -49.06 -61.59
CA ASP I 150 -24.11 -48.37 -61.21
C ASP I 150 -24.47 -47.30 -60.18
N SER I 151 -23.87 -47.41 -59.00
CA SER I 151 -24.18 -46.52 -57.89
C SER I 151 -22.88 -45.88 -57.41
N GLY I 152 -22.68 -44.62 -57.77
CA GLY I 152 -21.47 -43.91 -57.37
C GLY I 152 -21.64 -43.18 -56.06
N ASP I 153 -21.39 -41.87 -56.07
CA ASP I 153 -21.52 -41.06 -54.86
C ASP I 153 -22.78 -40.20 -54.86
N GLY I 154 -23.31 -39.87 -56.04
CA GLY I 154 -24.56 -39.13 -56.09
C GLY I 154 -25.63 -39.79 -56.93
N VAL I 155 -25.25 -40.64 -57.87
CA VAL I 155 -26.17 -41.17 -58.88
C VAL I 155 -26.19 -42.70 -58.79
N THR I 156 -27.38 -43.26 -58.65
CA THR I 156 -27.62 -44.69 -58.83
C THR I 156 -28.49 -44.87 -60.06
N HIS I 157 -27.94 -45.45 -61.12
CA HIS I 157 -28.67 -45.58 -62.38
C HIS I 157 -28.68 -47.02 -62.86
N ASN I 158 -29.82 -47.42 -63.41
CA ASN I 158 -30.03 -48.73 -64.02
C ASN I 158 -30.10 -48.55 -65.53
N VAL I 159 -29.18 -49.21 -66.24
CA VAL I 159 -29.10 -49.13 -67.69
C VAL I 159 -29.14 -50.54 -68.27
N PRO I 160 -30.14 -50.91 -69.07
CA PRO I 160 -30.10 -52.19 -69.77
C PRO I 160 -29.48 -52.10 -71.16
N ILE I 161 -28.61 -53.07 -71.47
CA ILE I 161 -27.93 -53.16 -72.75
C ILE I 161 -28.13 -54.57 -73.29
N TYR I 162 -28.70 -54.68 -74.49
CA TYR I 162 -28.88 -55.97 -75.14
C TYR I 162 -28.13 -55.94 -76.46
N GLU I 163 -27.15 -56.84 -76.59
CA GLU I 163 -26.27 -57.02 -77.76
C GLU I 163 -25.52 -55.74 -78.15
N GLY I 164 -25.13 -54.95 -77.16
CA GLY I 164 -24.47 -53.69 -77.42
C GLY I 164 -25.40 -52.54 -77.74
N TYR I 165 -26.71 -52.75 -77.69
CA TYR I 165 -27.69 -51.72 -78.00
C TYR I 165 -28.35 -51.31 -76.69
N ALA I 166 -27.92 -50.17 -76.15
CA ALA I 166 -28.56 -49.63 -74.95
C ALA I 166 -29.92 -49.03 -75.30
N LEU I 167 -30.90 -49.32 -74.46
CA LEU I 167 -32.24 -48.77 -74.66
C LEU I 167 -32.35 -47.49 -73.85
N PRO I 168 -32.52 -46.32 -74.51
CA PRO I 168 -32.47 -45.05 -73.77
C PRO I 168 -33.72 -44.76 -72.97
N HIS I 169 -34.89 -45.29 -73.39
CA HIS I 169 -36.11 -45.03 -72.64
C HIS I 169 -36.18 -45.83 -71.35
N ALA I 170 -35.48 -46.97 -71.30
CA ALA I 170 -35.49 -47.81 -70.11
C ALA I 170 -34.39 -47.49 -69.11
N ILE I 171 -33.55 -46.48 -69.41
CA ILE I 171 -32.55 -46.03 -68.45
C ILE I 171 -33.22 -45.27 -67.32
N MET I 172 -32.99 -45.70 -66.08
CA MET I 172 -33.68 -45.15 -64.92
C MET I 172 -32.65 -44.62 -63.93
N ARG I 173 -32.68 -43.32 -63.67
CA ARG I 173 -31.72 -42.66 -62.80
C ARG I 173 -32.39 -42.19 -61.51
N LEU I 174 -31.77 -42.51 -60.38
CA LEU I 174 -32.22 -42.04 -59.09
C LEU I 174 -31.03 -41.41 -58.37
N ASP I 175 -31.21 -40.17 -57.89
CA ASP I 175 -30.14 -39.43 -57.22
C ASP I 175 -30.11 -39.80 -55.73
N LEU I 176 -29.66 -41.02 -55.47
CA LEU I 176 -29.56 -41.51 -54.09
C LEU I 176 -28.41 -42.50 -54.07
N ALA I 177 -27.31 -42.12 -53.44
CA ALA I 177 -26.10 -42.92 -53.36
C ALA I 177 -25.40 -42.58 -52.06
N GLY I 178 -24.08 -42.87 -52.00
CA GLY I 178 -23.36 -42.96 -50.74
C GLY I 178 -23.17 -41.64 -49.99
N ARG I 179 -23.23 -40.50 -50.69
CA ARG I 179 -23.21 -39.21 -49.99
C ARG I 179 -24.50 -39.00 -49.23
N ASP I 180 -25.64 -39.41 -49.80
CA ASP I 180 -26.92 -39.30 -49.12
C ASP I 180 -27.01 -40.30 -47.97
N LEU I 181 -26.38 -41.47 -48.13
CA LEU I 181 -26.26 -42.43 -47.04
C LEU I 181 -25.39 -41.88 -45.92
N THR I 182 -24.33 -41.14 -46.26
CA THR I 182 -23.48 -40.50 -45.26
C THR I 182 -24.23 -39.39 -44.52
N ASP I 183 -25.04 -38.61 -45.25
CA ASP I 183 -25.85 -37.56 -44.62
C ASP I 183 -26.94 -38.15 -43.73
N TYR I 184 -27.53 -39.29 -44.13
CA TYR I 184 -28.49 -39.97 -43.28
C TYR I 184 -27.82 -40.60 -42.06
N LEU I 185 -26.59 -41.07 -42.20
CA LEU I 185 -25.87 -41.63 -41.06
C LEU I 185 -25.48 -40.53 -40.08
N MET I 186 -25.11 -39.35 -40.60
CA MET I 186 -24.89 -38.16 -39.76
C MET I 186 -26.17 -37.71 -39.07
N LYS I 187 -27.32 -37.92 -39.71
CA LYS I 187 -28.59 -37.62 -39.07
C LYS I 187 -28.93 -38.63 -37.97
N ILE I 188 -28.57 -39.90 -38.16
CA ILE I 188 -29.01 -40.90 -37.18
C ILE I 188 -27.98 -41.24 -36.09
N LEU I 189 -26.74 -40.76 -36.18
CA LEU I 189 -25.83 -40.93 -35.03
C LEU I 189 -26.13 -40.00 -33.86
N THR I 190 -26.97 -38.99 -34.05
CA THR I 190 -27.35 -38.09 -32.96
C THR I 190 -28.35 -38.72 -31.98
N GLU I 191 -28.93 -39.89 -32.32
CA GLU I 191 -29.80 -40.59 -31.38
C GLU I 191 -29.01 -41.14 -30.20
N ARG I 192 -27.79 -41.60 -30.44
CA ARG I 192 -26.92 -42.12 -29.40
C ARG I 192 -26.11 -41.04 -28.70
N GLY I 193 -26.27 -39.77 -29.08
CA GLY I 193 -25.64 -38.66 -28.40
C GLY I 193 -24.40 -38.12 -29.06
N TYR I 194 -23.91 -38.76 -30.12
CA TYR I 194 -22.71 -38.31 -30.81
C TYR I 194 -23.08 -37.26 -31.86
N SER I 195 -22.41 -36.11 -31.81
CA SER I 195 -22.73 -34.98 -32.65
C SER I 195 -21.66 -34.82 -33.74
N PHE I 196 -22.12 -34.63 -34.98
CA PHE I 196 -21.23 -34.43 -36.13
C PHE I 196 -21.88 -33.38 -37.03
N VAL I 197 -21.34 -32.16 -37.01
CA VAL I 197 -21.99 -31.04 -37.67
C VAL I 197 -21.12 -30.44 -38.79
N THR I 198 -19.82 -30.74 -38.78
CA THR I 198 -18.92 -30.14 -39.74
C THR I 198 -18.64 -31.09 -40.90
N THR I 199 -18.02 -30.53 -41.96
CA THR I 199 -17.68 -31.31 -43.13
C THR I 199 -16.48 -32.22 -42.89
N ALA I 200 -15.63 -31.88 -41.91
CA ALA I 200 -14.55 -32.77 -41.53
C ALA I 200 -15.09 -34.00 -40.81
N GLU I 201 -16.18 -33.83 -40.07
CA GLU I 201 -16.85 -34.96 -39.42
C GLU I 201 -17.59 -35.84 -40.41
N ARG I 202 -17.92 -35.30 -41.59
CA ARG I 202 -18.54 -36.10 -42.66
C ARG I 202 -17.58 -37.17 -43.17
N GLU I 203 -16.29 -36.88 -43.16
CA GLU I 203 -15.28 -37.87 -43.52
C GLU I 203 -15.19 -38.99 -42.48
N ILE I 204 -15.37 -38.64 -41.20
CA ILE I 204 -15.33 -39.64 -40.12
C ILE I 204 -16.56 -40.54 -40.19
N VAL I 205 -17.74 -39.94 -40.40
CA VAL I 205 -18.99 -40.70 -40.54
C VAL I 205 -19.00 -41.51 -41.83
N ARG I 206 -18.35 -41.01 -42.89
CA ARG I 206 -18.19 -41.77 -44.13
C ARG I 206 -17.24 -42.94 -43.96
N ASP I 207 -16.20 -42.79 -43.11
CA ASP I 207 -15.33 -43.91 -42.80
C ASP I 207 -16.04 -44.95 -41.94
N ILE I 208 -16.92 -44.50 -41.04
CA ILE I 208 -17.79 -45.39 -40.26
C ILE I 208 -18.74 -46.16 -41.19
N LYS I 209 -19.26 -45.47 -42.20
CA LYS I 209 -20.15 -46.08 -43.20
C LYS I 209 -19.40 -47.09 -44.07
N GLU I 210 -18.15 -46.80 -44.41
CA GLU I 210 -17.37 -47.70 -45.25
C GLU I 210 -16.89 -48.93 -44.48
N LYS I 211 -16.55 -48.76 -43.21
CA LYS I 211 -16.01 -49.89 -42.46
C LYS I 211 -17.11 -50.74 -41.82
N LEU I 212 -18.03 -50.12 -41.09
CA LEU I 212 -18.89 -50.81 -40.15
C LEU I 212 -20.27 -51.14 -40.70
N CYS I 213 -20.79 -50.35 -41.65
CA CYS I 213 -22.15 -50.57 -42.13
C CYS I 213 -22.22 -51.74 -43.09
N TYR I 214 -23.39 -52.38 -43.12
CA TYR I 214 -23.62 -53.57 -43.94
C TYR I 214 -25.11 -53.67 -44.24
N VAL I 215 -25.42 -54.37 -45.34
CA VAL I 215 -26.80 -54.54 -45.79
C VAL I 215 -27.40 -55.73 -45.05
N ALA I 216 -28.55 -55.50 -44.39
CA ALA I 216 -29.30 -56.58 -43.77
C ALA I 216 -29.97 -57.44 -44.82
N LEU I 217 -29.94 -58.76 -44.62
CA LEU I 217 -30.68 -59.67 -45.48
C LEU I 217 -32.19 -59.53 -45.26
N ASP I 218 -32.60 -59.38 -44.01
CA ASP I 218 -33.98 -59.04 -43.68
C ASP I 218 -33.92 -57.86 -42.72
N PHE I 219 -34.66 -56.80 -43.02
CA PHE I 219 -34.59 -55.59 -42.23
C PHE I 219 -35.30 -55.75 -40.89
N GLU I 220 -36.46 -56.40 -40.88
CA GLU I 220 -37.27 -56.47 -39.68
C GLU I 220 -36.71 -57.47 -38.67
N ASN I 221 -36.16 -58.59 -39.16
CA ASN I 221 -35.52 -59.58 -38.29
C ASN I 221 -34.25 -59.03 -37.67
N GLU I 222 -33.47 -58.25 -38.45
CA GLU I 222 -32.27 -57.62 -37.91
C GLU I 222 -32.63 -56.51 -36.93
N MET I 223 -33.73 -55.78 -37.19
CA MET I 223 -34.20 -54.76 -36.26
C MET I 223 -34.68 -55.36 -34.94
N ALA I 224 -35.37 -56.51 -35.02
CA ALA I 224 -35.81 -57.21 -33.81
C ALA I 224 -34.63 -57.82 -33.06
N THR I 225 -33.60 -58.27 -33.80
CA THR I 225 -32.39 -58.81 -33.17
C THR I 225 -31.58 -57.72 -32.49
N ALA I 226 -31.50 -56.53 -33.10
CA ALA I 226 -30.79 -55.42 -32.50
C ALA I 226 -31.56 -54.83 -31.32
N ALA I 227 -32.90 -54.86 -31.38
CA ALA I 227 -33.71 -54.42 -30.25
C ALA I 227 -33.62 -55.42 -29.11
N SER I 228 -33.50 -56.71 -29.42
CA SER I 228 -33.42 -57.72 -28.38
C SER I 228 -32.03 -57.75 -27.74
N SER I 229 -30.99 -57.97 -28.55
CA SER I 229 -29.64 -58.14 -28.05
C SER I 229 -28.70 -57.11 -28.67
N SER I 230 -27.59 -56.87 -27.97
CA SER I 230 -26.56 -55.95 -28.42
C SER I 230 -25.38 -56.67 -29.06
N SER I 231 -25.62 -57.85 -29.64
CA SER I 231 -24.54 -58.60 -30.27
C SER I 231 -24.14 -58.00 -31.62
N LEU I 232 -25.04 -57.24 -32.24
CA LEU I 232 -24.73 -56.56 -33.49
C LEU I 232 -24.01 -55.23 -33.28
N GLU I 233 -23.81 -54.83 -32.03
CA GLU I 233 -23.11 -53.57 -31.73
C GLU I 233 -21.63 -53.69 -32.04
N LYS I 234 -21.09 -52.67 -32.69
CA LYS I 234 -19.69 -52.61 -33.06
C LYS I 234 -19.10 -51.29 -32.60
N SER I 235 -17.86 -51.34 -32.11
CA SER I 235 -17.18 -50.14 -31.62
C SER I 235 -16.27 -49.56 -32.69
N TYR I 236 -15.92 -48.29 -32.49
CA TYR I 236 -15.11 -47.54 -33.44
C TYR I 236 -14.36 -46.48 -32.67
N GLU I 237 -13.06 -46.39 -32.89
CA GLU I 237 -12.23 -45.42 -32.19
C GLU I 237 -12.16 -44.13 -32.99
N LEU I 238 -12.54 -43.02 -32.36
CA LEU I 238 -12.45 -41.70 -32.96
C LEU I 238 -10.98 -41.25 -32.98
N PRO I 239 -10.62 -40.31 -33.88
CA PRO I 239 -9.21 -39.83 -33.89
C PRO I 239 -8.74 -39.07 -32.66
N ASP I 240 -9.64 -38.59 -31.80
CA ASP I 240 -9.22 -38.02 -30.53
C ASP I 240 -9.19 -39.05 -29.40
N GLY I 241 -9.21 -40.35 -29.73
CA GLY I 241 -9.10 -41.40 -28.76
C GLY I 241 -10.41 -41.88 -28.17
N GLN I 242 -11.51 -41.21 -28.47
CA GLN I 242 -12.82 -41.63 -27.98
C GLN I 242 -13.31 -42.85 -28.74
N VAL I 243 -14.06 -43.70 -28.04
CA VAL I 243 -14.63 -44.91 -28.62
C VAL I 243 -16.15 -44.77 -28.61
N ILE I 244 -16.77 -45.00 -29.77
CA ILE I 244 -18.20 -45.07 -29.88
C ILE I 244 -18.60 -46.51 -30.13
N THR I 245 -19.88 -46.83 -29.87
CA THR I 245 -20.41 -48.16 -30.12
C THR I 245 -21.81 -48.02 -30.70
N ILE I 246 -22.06 -48.67 -31.83
CA ILE I 246 -23.30 -48.49 -32.58
C ILE I 246 -23.97 -49.83 -32.81
N GLY I 247 -25.29 -49.82 -32.83
CA GLY I 247 -26.09 -51.03 -32.96
C GLY I 247 -26.78 -51.16 -34.30
N ASN I 248 -28.06 -50.79 -34.33
CA ASN I 248 -28.92 -50.97 -35.50
C ASN I 248 -28.56 -50.05 -36.65
N GLU I 249 -27.82 -48.97 -36.37
CA GLU I 249 -27.43 -47.98 -37.38
C GLU I 249 -26.42 -48.51 -38.40
N ARG I 250 -25.83 -49.68 -38.15
CA ARG I 250 -25.06 -50.39 -39.16
C ARG I 250 -25.92 -50.78 -40.35
N PHE I 251 -27.15 -51.25 -40.10
CA PHE I 251 -27.99 -51.67 -41.21
C PHE I 251 -29.16 -50.72 -41.49
N ARG I 252 -29.38 -49.73 -40.65
CA ARG I 252 -30.37 -48.70 -40.94
C ARG I 252 -29.90 -47.74 -42.01
N CYS I 253 -28.58 -47.54 -42.11
CA CYS I 253 -28.01 -46.70 -43.17
C CYS I 253 -28.20 -47.22 -44.60
N PRO I 254 -27.97 -48.50 -44.96
CA PRO I 254 -28.21 -48.87 -46.38
C PRO I 254 -29.67 -49.15 -46.71
N GLU I 255 -30.58 -49.18 -45.72
CA GLU I 255 -31.98 -49.46 -45.99
C GLU I 255 -32.69 -48.27 -46.63
N THR I 256 -32.06 -47.08 -46.63
CA THR I 256 -32.46 -45.96 -47.46
C THR I 256 -32.37 -46.30 -48.95
N LEU I 257 -31.42 -47.17 -49.33
CA LEU I 257 -31.30 -47.63 -50.72
C LEU I 257 -32.50 -48.46 -51.15
N PHE I 258 -33.01 -49.31 -50.26
CA PHE I 258 -34.19 -50.11 -50.58
C PHE I 258 -35.49 -49.45 -50.17
N GLN I 259 -35.44 -48.45 -49.28
CA GLN I 259 -36.64 -47.73 -48.83
C GLN I 259 -36.30 -46.25 -48.71
N PRO I 260 -36.54 -45.47 -49.77
CA PRO I 260 -36.23 -44.03 -49.70
C PRO I 260 -37.22 -43.19 -48.91
N SER I 261 -38.24 -43.78 -48.29
CA SER I 261 -39.18 -43.02 -47.46
C SER I 261 -38.61 -42.66 -46.09
N PHE I 262 -37.43 -43.20 -45.73
CA PHE I 262 -36.75 -42.81 -44.50
C PHE I 262 -36.30 -41.36 -44.55
N ILE I 263 -35.82 -40.91 -45.70
CA ILE I 263 -35.36 -39.53 -45.89
C ILE I 263 -36.44 -38.70 -46.53
N GLY I 264 -37.65 -39.27 -46.66
CA GLY I 264 -38.77 -38.56 -47.22
C GLY I 264 -38.86 -38.55 -48.73
N MET I 265 -37.96 -39.25 -49.43
CA MET I 265 -38.06 -39.37 -50.87
C MET I 265 -39.18 -40.32 -51.24
N GLU I 266 -40.04 -39.90 -52.16
CA GLU I 266 -41.26 -40.63 -52.48
C GLU I 266 -41.02 -41.80 -53.43
N SER I 267 -39.83 -41.89 -54.03
CA SER I 267 -39.54 -42.96 -54.97
C SER I 267 -39.34 -44.30 -54.25
N ALA I 268 -39.44 -45.37 -55.02
CA ALA I 268 -39.27 -46.71 -54.48
C ALA I 268 -37.81 -47.09 -54.42
N GLY I 269 -37.55 -48.32 -53.98
CA GLY I 269 -36.19 -48.81 -53.86
C GLY I 269 -35.55 -49.13 -55.19
N ILE I 270 -34.25 -49.39 -55.14
CA ILE I 270 -33.47 -49.67 -56.34
C ILE I 270 -33.79 -51.03 -56.93
N HIS I 271 -34.30 -51.95 -56.11
CA HIS I 271 -34.82 -53.21 -56.63
C HIS I 271 -36.07 -53.01 -57.46
N GLU I 272 -36.95 -52.10 -57.04
CA GLU I 272 -38.16 -51.79 -57.80
C GLU I 272 -37.82 -50.99 -59.05
N THR I 273 -36.79 -50.14 -58.96
CA THR I 273 -36.28 -49.42 -60.12
C THR I 273 -35.67 -50.36 -61.14
N THR I 274 -34.94 -51.39 -60.65
CA THR I 274 -34.37 -52.41 -61.52
C THR I 274 -35.44 -53.25 -62.19
N TYR I 275 -36.48 -53.62 -61.43
CA TYR I 275 -37.59 -54.41 -61.99
C TYR I 275 -38.41 -53.60 -62.98
N ASN I 276 -38.59 -52.30 -62.73
CA ASN I 276 -39.32 -51.45 -63.67
C ASN I 276 -38.49 -51.17 -64.92
N SER I 277 -37.17 -51.09 -64.80
CA SER I 277 -36.33 -50.88 -65.98
C SER I 277 -36.23 -52.14 -66.82
N ILE I 278 -36.26 -53.31 -66.18
CA ILE I 278 -36.31 -54.57 -66.94
C ILE I 278 -37.67 -54.74 -67.60
N MET I 279 -38.76 -54.40 -66.89
CA MET I 279 -40.10 -54.55 -67.46
C MET I 279 -40.42 -53.45 -68.47
N LYS I 280 -39.64 -52.37 -68.51
CA LYS I 280 -39.79 -51.38 -69.57
C LYS I 280 -39.21 -51.86 -70.90
N CYS I 281 -38.36 -52.89 -70.88
CA CYS I 281 -37.79 -53.43 -72.10
C CYS I 281 -38.77 -54.35 -72.82
N ASP I 282 -38.30 -54.93 -73.92
CA ASP I 282 -39.08 -55.94 -74.62
C ASP I 282 -39.12 -57.24 -73.82
N ILE I 283 -40.17 -58.03 -74.06
CA ILE I 283 -40.43 -59.22 -73.24
C ILE I 283 -39.47 -60.35 -73.59
N ASP I 284 -38.87 -60.33 -74.79
CA ASP I 284 -38.00 -61.41 -75.23
C ASP I 284 -36.65 -61.35 -74.53
N ILE I 285 -36.18 -60.15 -74.19
CA ILE I 285 -34.82 -59.98 -73.69
C ILE I 285 -34.72 -59.92 -72.17
N ARG I 286 -35.85 -60.07 -71.45
CA ARG I 286 -35.86 -59.89 -70.00
C ARG I 286 -35.19 -61.05 -69.27
N LYS I 287 -35.14 -62.22 -69.89
CA LYS I 287 -34.51 -63.39 -69.30
C LYS I 287 -33.00 -63.22 -69.22
N ASP I 288 -32.41 -62.55 -70.21
CA ASP I 288 -30.98 -62.23 -70.15
C ASP I 288 -30.70 -61.14 -69.14
N LEU I 289 -31.67 -60.22 -68.92
CA LEU I 289 -31.47 -59.17 -67.92
C LEU I 289 -31.59 -59.71 -66.51
N TYR I 290 -32.42 -60.72 -66.29
CA TYR I 290 -32.50 -61.34 -64.96
C TYR I 290 -31.25 -62.15 -64.65
N ALA I 291 -30.65 -62.76 -65.66
CA ALA I 291 -29.47 -63.58 -65.46
C ALA I 291 -28.17 -62.77 -65.42
N ASN I 292 -28.21 -61.49 -65.78
CA ASN I 292 -26.98 -60.70 -65.87
C ASN I 292 -27.17 -59.36 -65.18
N ASN I 293 -27.69 -59.40 -63.96
CA ASN I 293 -27.83 -58.20 -63.12
C ASN I 293 -26.45 -57.84 -62.59
N VAL I 294 -25.85 -56.79 -63.17
CA VAL I 294 -24.49 -56.39 -62.85
C VAL I 294 -24.54 -55.23 -61.86
N MET I 295 -23.87 -55.38 -60.72
CA MET I 295 -23.75 -54.32 -59.72
C MET I 295 -22.33 -53.77 -59.75
N SER I 296 -22.22 -52.46 -59.85
CA SER I 296 -20.93 -51.78 -59.86
C SER I 296 -20.99 -50.53 -58.98
N GLY I 297 -19.88 -49.82 -58.91
CA GLY I 297 -19.76 -48.67 -58.03
C GLY I 297 -19.34 -49.06 -56.64
N GLY I 298 -18.77 -48.11 -55.90
CA GLY I 298 -18.36 -48.42 -54.54
C GLY I 298 -19.46 -48.42 -53.51
N THR I 299 -20.64 -47.91 -53.86
CA THR I 299 -21.77 -47.90 -52.93
C THR I 299 -22.33 -49.32 -52.75
N THR I 300 -22.17 -50.17 -53.77
CA THR I 300 -22.59 -51.57 -53.70
C THR I 300 -21.53 -52.50 -53.11
N MET I 301 -20.59 -51.97 -52.31
CA MET I 301 -19.54 -52.77 -51.70
C MET I 301 -19.88 -53.24 -50.29
N TYR I 302 -21.11 -53.04 -49.83
CA TYR I 302 -21.53 -53.60 -48.55
C TYR I 302 -21.69 -55.11 -48.69
N PRO I 303 -21.31 -55.90 -47.67
CA PRO I 303 -21.31 -57.36 -47.84
C PRO I 303 -22.64 -58.05 -47.54
N GLY I 304 -23.76 -57.47 -47.97
CA GLY I 304 -25.02 -58.17 -47.93
C GLY I 304 -25.94 -57.78 -49.07
N ILE I 305 -25.43 -56.97 -50.00
CA ILE I 305 -26.29 -56.28 -50.94
C ILE I 305 -26.70 -57.19 -52.10
N ALA I 306 -25.88 -58.19 -52.44
CA ALA I 306 -26.20 -59.09 -53.54
C ALA I 306 -27.29 -60.08 -53.14
N ASP I 307 -27.24 -60.55 -51.89
CA ASP I 307 -28.25 -61.48 -51.39
C ASP I 307 -29.60 -60.81 -51.21
N ARG I 308 -29.60 -59.59 -50.68
CA ARG I 308 -30.83 -58.80 -50.54
C ARG I 308 -31.39 -58.39 -51.89
N MET I 309 -30.52 -58.06 -52.84
CA MET I 309 -30.95 -57.72 -54.19
C MET I 309 -31.55 -58.93 -54.91
N GLN I 310 -30.95 -60.11 -54.74
CA GLN I 310 -31.48 -61.34 -55.33
C GLN I 310 -32.81 -61.73 -54.69
N LYS I 311 -32.93 -61.53 -53.37
CA LYS I 311 -34.17 -61.81 -52.65
C LYS I 311 -35.30 -60.88 -53.08
N GLU I 312 -35.01 -59.59 -53.26
CA GLU I 312 -36.04 -58.64 -53.65
C GLU I 312 -36.44 -58.80 -55.11
N ILE I 313 -35.48 -59.11 -56.00
CA ILE I 313 -35.81 -59.33 -57.41
C ILE I 313 -36.58 -60.64 -57.59
N THR I 314 -36.18 -61.70 -56.87
CA THR I 314 -36.89 -62.98 -56.94
C THR I 314 -38.28 -62.90 -56.28
N ALA I 315 -38.45 -62.00 -55.31
CA ALA I 315 -39.78 -61.66 -54.84
C ALA I 315 -40.58 -60.90 -55.89
N LEU I 316 -39.92 -60.03 -56.66
CA LEU I 316 -40.64 -59.20 -57.62
C LEU I 316 -40.89 -59.92 -58.95
N ALA I 317 -39.89 -60.63 -59.47
CA ALA I 317 -40.01 -61.29 -60.76
C ALA I 317 -40.88 -62.55 -60.65
N PRO I 318 -41.40 -63.05 -61.79
CA PRO I 318 -41.92 -64.42 -61.80
C PRO I 318 -40.84 -65.44 -61.48
N SER I 319 -41.26 -66.51 -60.79
CA SER I 319 -40.32 -67.41 -60.13
C SER I 319 -39.63 -68.36 -61.11
N THR I 320 -40.15 -68.51 -62.32
CA THR I 320 -39.52 -69.38 -63.31
C THR I 320 -38.24 -68.80 -63.89
N MET I 321 -38.07 -67.48 -63.80
CA MET I 321 -36.86 -66.84 -64.32
C MET I 321 -35.70 -67.04 -63.36
N LYS I 322 -34.51 -67.26 -63.93
CA LYS I 322 -33.31 -67.45 -63.13
C LYS I 322 -32.74 -66.10 -62.73
N ILE I 323 -32.71 -65.83 -61.43
CA ILE I 323 -32.22 -64.56 -60.90
C ILE I 323 -30.76 -64.72 -60.52
N LYS I 324 -29.91 -63.90 -61.13
CA LYS I 324 -28.47 -63.96 -60.89
C LYS I 324 -27.93 -62.54 -60.76
N ILE I 325 -27.22 -62.27 -59.67
CA ILE I 325 -26.64 -60.97 -59.40
C ILE I 325 -25.14 -61.09 -59.64
N ILE I 326 -24.64 -60.32 -60.61
CA ILE I 326 -23.21 -60.28 -60.90
C ILE I 326 -22.59 -59.25 -59.96
N ALA I 327 -21.85 -59.73 -58.96
CA ALA I 327 -21.22 -58.86 -57.95
C ALA I 327 -19.74 -59.21 -57.84
N PRO I 328 -18.90 -58.61 -58.68
CA PRO I 328 -17.46 -58.85 -58.57
C PRO I 328 -16.87 -58.13 -57.38
N PRO I 329 -15.73 -58.59 -56.84
CA PRO I 329 -15.05 -57.81 -55.79
C PRO I 329 -14.43 -56.52 -56.31
N GLU I 330 -14.12 -56.45 -57.59
CA GLU I 330 -13.55 -55.27 -58.23
C GLU I 330 -14.62 -54.37 -58.85
N ARG I 331 -15.85 -54.38 -58.32
CA ARG I 331 -16.93 -53.55 -58.85
C ARG I 331 -16.76 -52.08 -58.50
N LYS I 332 -15.92 -51.78 -57.51
CA LYS I 332 -15.56 -50.39 -57.20
C LYS I 332 -14.75 -49.77 -58.32
N TYR I 333 -13.78 -50.51 -58.85
CA TYR I 333 -12.86 -50.00 -59.86
C TYR I 333 -13.28 -50.37 -61.28
N SER I 334 -14.48 -50.92 -61.45
CA SER I 334 -14.88 -51.56 -62.70
C SER I 334 -15.14 -50.55 -63.81
N VAL I 335 -15.51 -49.31 -63.46
CA VAL I 335 -15.75 -48.28 -64.45
C VAL I 335 -14.43 -47.86 -65.11
N TRP I 336 -13.37 -47.75 -64.30
CA TRP I 336 -12.05 -47.45 -64.83
C TRP I 336 -11.45 -48.61 -65.61
N ILE I 337 -11.77 -49.85 -65.19
CA ILE I 337 -11.34 -51.05 -65.91
C ILE I 337 -11.99 -51.12 -67.29
N GLY I 338 -13.29 -50.84 -67.35
CA GLY I 338 -13.97 -50.83 -68.64
C GLY I 338 -13.61 -49.63 -69.50
N GLY I 339 -13.20 -48.52 -68.86
CA GLY I 339 -12.64 -47.41 -69.62
C GLY I 339 -11.31 -47.74 -70.27
N SER I 340 -10.47 -48.51 -69.55
CA SER I 340 -9.22 -49.00 -70.14
C SER I 340 -9.49 -50.03 -71.24
N ILE I 341 -10.55 -50.83 -71.07
CA ILE I 341 -10.98 -51.80 -72.07
C ILE I 341 -11.45 -51.11 -73.34
N LEU I 342 -12.24 -50.04 -73.18
CA LEU I 342 -12.76 -49.29 -74.32
C LEU I 342 -11.67 -48.47 -75.01
N ALA I 343 -10.78 -47.85 -74.24
CA ALA I 343 -9.70 -47.06 -74.83
C ALA I 343 -8.61 -47.95 -75.42
N SER I 344 -8.53 -49.22 -75.01
CA SER I 344 -7.60 -50.15 -75.62
C SER I 344 -8.13 -50.78 -76.90
N LEU I 345 -9.39 -50.54 -77.25
CA LEU I 345 -9.98 -51.15 -78.44
C LEU I 345 -9.48 -50.47 -79.70
N SER I 346 -9.09 -51.28 -80.70
CA SER I 346 -8.67 -50.74 -81.98
C SER I 346 -9.85 -50.24 -82.79
N THR I 347 -11.05 -50.82 -82.56
CA THR I 347 -12.25 -50.35 -83.24
C THR I 347 -12.73 -49.02 -82.69
N PHE I 348 -12.34 -48.69 -81.45
CA PHE I 348 -12.72 -47.44 -80.82
C PHE I 348 -11.88 -46.26 -81.32
N GLN I 349 -10.76 -46.54 -82.02
CA GLN I 349 -9.84 -45.50 -82.46
C GLN I 349 -10.41 -44.62 -83.57
N GLN I 350 -11.45 -45.08 -84.27
CA GLN I 350 -12.17 -44.23 -85.20
C GLN I 350 -13.22 -43.36 -84.51
N MET I 351 -13.52 -43.62 -83.24
CA MET I 351 -14.63 -42.95 -82.55
C MET I 351 -14.17 -41.76 -81.70
N TRP I 352 -12.88 -41.42 -81.72
CA TRP I 352 -12.39 -40.30 -80.93
C TRP I 352 -12.80 -38.97 -81.55
N ILE I 353 -12.84 -37.93 -80.71
CA ILE I 353 -13.17 -36.58 -81.15
C ILE I 353 -11.85 -35.80 -81.24
N THR I 354 -11.53 -35.36 -82.45
CA THR I 354 -10.25 -34.71 -82.70
C THR I 354 -10.33 -33.21 -82.38
N LYS I 355 -9.16 -32.58 -82.37
CA LYS I 355 -9.08 -31.13 -82.19
C LYS I 355 -9.64 -30.40 -83.41
N GLN I 356 -9.43 -30.96 -84.61
CA GLN I 356 -9.95 -30.35 -85.84
C GLN I 356 -11.46 -30.46 -85.92
N GLU I 357 -12.03 -31.54 -85.36
CA GLU I 357 -13.48 -31.67 -85.27
C GLU I 357 -14.07 -30.66 -84.29
N TYR I 358 -13.34 -30.36 -83.21
CA TYR I 358 -13.76 -29.33 -82.26
C TYR I 358 -13.66 -27.95 -82.88
N ASP I 359 -12.64 -27.72 -83.72
CA ASP I 359 -12.50 -26.42 -84.36
C ASP I 359 -13.53 -26.22 -85.47
N GLU I 360 -13.87 -27.28 -86.19
CA GLU I 360 -14.82 -27.15 -87.30
C GLU I 360 -16.25 -27.07 -86.79
N ALA I 361 -16.64 -27.96 -85.87
CA ALA I 361 -18.03 -28.05 -85.45
C ALA I 361 -18.33 -27.23 -84.20
N GLY I 362 -17.37 -26.52 -83.65
CA GLY I 362 -17.55 -25.83 -82.39
C GLY I 362 -17.55 -26.83 -81.24
N PRO I 363 -18.12 -26.43 -80.08
CA PRO I 363 -18.33 -27.38 -78.99
C PRO I 363 -19.68 -28.10 -79.05
N SER I 364 -20.02 -28.63 -80.23
CA SER I 364 -21.32 -29.24 -80.45
C SER I 364 -21.27 -30.62 -81.09
N ILE I 365 -20.09 -31.14 -81.44
CA ILE I 365 -20.01 -32.45 -82.07
C ILE I 365 -20.13 -33.57 -81.03
N VAL I 366 -19.98 -33.25 -79.74
CA VAL I 366 -19.95 -34.27 -78.70
C VAL I 366 -21.36 -34.82 -78.43
N HIS I 367 -22.40 -34.07 -78.78
CA HIS I 367 -23.75 -34.62 -78.72
C HIS I 367 -23.99 -35.59 -79.86
N ARG I 368 -23.48 -35.27 -81.05
CA ARG I 368 -23.66 -36.14 -82.20
C ARG I 368 -22.75 -37.36 -82.15
N LYS I 369 -21.51 -37.19 -81.67
CA LYS I 369 -20.57 -38.30 -81.67
C LYS I 369 -20.84 -39.25 -80.50
N CYS I 370 -20.75 -38.73 -79.28
CA CYS I 370 -21.00 -39.54 -78.10
C CYS I 370 -22.50 -39.74 -77.89
N PHE I 371 -22.84 -40.85 -77.24
CA PHE I 371 -24.22 -41.13 -76.91
C PHE I 371 -24.65 -40.27 -75.72
#